data_7SQ1
#
_entry.id   7SQ1
#
loop_
_entity.id
_entity.type
_entity.pdbx_description
1 polymer 'Transmembrane protein gp41'
2 polymer 'Envelope glycoprotein gp160'
3 polymer 'C05 Fab Light chain'
4 polymer 'C05 Fab heavy chain'
5 branched 2-acetamido-2-deoxy-beta-D-glucopyranose-(1-4)-2-acetamido-2-deoxy-beta-D-glucopyranose
6 branched alpha-D-mannopyranose-(1-3)-beta-D-mannopyranose
7 branched beta-D-mannopyranose-(1-4)-2-acetamido-2-deoxy-beta-D-glucopyranose-(1-4)-2-acetamido-2-deoxy-beta-D-glucopyranose
8 branched alpha-D-mannopyranose-(1-3)-beta-D-mannopyranose-(1-4)-2-acetamido-2-deoxy-beta-D-glucopyranose-(1-4)-2-acetamido-2-deoxy-beta-D-glucopyranose
9 non-polymer 2-acetamido-2-deoxy-beta-D-glucopyranose
#
loop_
_entity_poly.entity_id
_entity_poly.type
_entity_poly.pdbx_seq_one_letter_code
_entity_poly.pdbx_strand_id
1 'polypeptide(L)'
;AVGIGAVSLGFLGAAGSTMGAASMTLTVQARNLLSGIVQQQSNLLRAPEPQQHLLKDTHWGIKQLQARVLAVEHYLRDQQ
LLGIWGCSGKLICCTNVPWNSSWSNRNLSEIWDNMTWLQWDKEISNYTQIIYGLLEESQNQQEKNEQDLLALD
;
B,D,F
2 'polypeptide(L)'
;ENLWVTVYYGVPVWKDAETTLFCASDAKAYETEKHNVWATHACVPTDPNPQEIHLENVTEEFNMWKNNMVEQMHEDIISL
WDQSLKPCVKLTPLCVTLQCTNVTNNITDDMRGELKNCSFNMTTELRDKKQKVYSLFYRLDVVQINENQGNRSNNSNKEY
RLINCNTSAITQACPKVSFEPIPIHYCAPAGFAILKCKDKKFNGTGPCPSVSTVQCTHGIKPVVSTQLLLNGSLAEEEVI
IRSENITNNAKNILVQLNTPVQINCTRPNNNTVKSIRIGPGQAFYYTGDIIGDIRQAHCNVSKATWNETLGKVVKQLRKH
FGNNTIIRFAQSSGGDLEVTTHSFNCGGEFFYCNTSGLFNSTWISNTSVQGSNSTGSNDSITLPCRIKQIINMWQRIGQA
MYAPPIQGVIRCVSNITGLILTRDGGSTNSTTETFRPGGGDMRDNWRSELYKYKVVKIEPLGVAPTRCKRRV
;
C,E,G
3 'polypeptide(L)'
;DIVLTQSPASLAVSPGQRATISCRPSESVDNYGISFMNWFQQKPGQPPKLLIYAASNRGSGVPARFTGSGSGTDFSLNIH
PMEEDDIAMYFCQQSKEVPYTFGGGTKLEIK
;
L,I
4 'polypeptide(L)'
;EVKLEESGGGLVQAGGSMKLSCVASGFSLSNYWMNWVRQSPEKGLEWVAEIRLKPQNYATHYAESVKGRFSISRDDSRST
VYLQMNNLRAEDTGIYYCTRPGYYGHYAMDYWGQGTSVTVSS
;
H,A
#
loop_
_chem_comp.id
_chem_comp.type
_chem_comp.name
_chem_comp.formula
BMA D-saccharide, beta linking beta-D-mannopyranose 'C6 H12 O6'
MAN D-saccharide, alpha linking alpha-D-mannopyranose 'C6 H12 O6'
NAG D-saccharide, beta linking 2-acetamido-2-deoxy-beta-D-glucopyranose 'C8 H15 N O6'
#
# COMPACT_ATOMS: atom_id res chain seq x y z
N LEU A 9 -23.42 2.88 39.36
CA LEU A 9 -22.08 2.32 39.54
C LEU A 9 -21.41 2.06 38.20
N GLY A 10 -22.20 2.12 37.13
CA GLY A 10 -21.71 1.88 35.79
C GLY A 10 -21.11 3.15 35.20
N PHE A 11 -20.72 3.10 33.93
CA PHE A 11 -20.12 4.24 33.28
C PHE A 11 -21.08 5.42 33.28
N LEU A 12 -20.60 6.56 33.74
CA LEU A 12 -21.37 7.80 33.89
C LEU A 12 -22.57 7.68 34.84
N GLY A 13 -22.62 6.64 35.66
CA GLY A 13 -23.70 6.50 36.63
C GLY A 13 -23.60 7.58 37.70
N ALA A 14 -22.41 8.14 37.83
CA ALA A 14 -22.09 9.17 38.80
C ALA A 14 -22.59 10.55 38.38
N ALA A 15 -23.10 10.68 37.16
CA ALA A 15 -23.44 12.00 36.63
C ALA A 15 -24.42 12.77 37.51
N GLY A 16 -25.34 12.07 38.16
CA GLY A 16 -26.33 12.72 39.03
C GLY A 16 -25.85 12.90 40.47
N SER A 17 -24.69 12.34 40.80
CA SER A 17 -24.18 12.36 42.16
C SER A 17 -23.48 13.67 42.48
N THR A 18 -23.24 13.93 43.76
CA THR A 18 -22.52 15.12 44.16
C THR A 18 -21.06 14.94 43.82
N MET A 19 -20.31 16.05 43.76
CA MET A 19 -18.90 15.95 43.41
C MET A 19 -18.13 15.08 44.36
N GLY A 20 -18.47 15.12 45.65
CA GLY A 20 -17.79 14.28 46.61
C GLY A 20 -18.11 12.81 46.37
N ALA A 21 -19.38 12.51 46.18
CA ALA A 21 -19.82 11.13 45.98
C ALA A 21 -19.23 10.53 44.71
N ALA A 22 -19.11 11.37 43.68
CA ALA A 22 -18.63 10.98 42.37
C ALA A 22 -17.21 10.43 42.41
N SER A 23 -16.43 10.85 43.40
CA SER A 23 -15.02 10.48 43.45
C SER A 23 -14.82 8.97 43.59
N MET A 24 -15.85 8.27 44.05
CA MET A 24 -15.78 6.83 44.23
C MET A 24 -15.67 6.07 42.91
N THR A 25 -16.12 6.71 41.82
CA THR A 25 -16.22 6.05 40.53
C THR A 25 -15.11 6.42 39.55
N LEU A 26 -14.13 7.20 39.99
CA LEU A 26 -13.15 7.71 39.04
C LEU A 26 -12.39 6.61 38.32
N THR A 27 -12.08 5.53 39.02
CA THR A 27 -11.34 4.43 38.41
C THR A 27 -12.18 3.77 37.32
N VAL A 28 -13.48 3.64 37.57
CA VAL A 28 -14.38 3.01 36.63
C VAL A 28 -14.43 3.79 35.33
N GLN A 29 -14.46 5.12 35.47
CA GLN A 29 -14.50 5.98 34.31
C GLN A 29 -13.21 5.88 33.50
N ALA A 30 -12.09 5.75 34.20
CA ALA A 30 -10.78 5.71 33.55
C ALA A 30 -10.64 4.52 32.61
N ARG A 31 -11.23 3.39 32.98
CA ARG A 31 -11.12 2.18 32.19
C ARG A 31 -11.77 2.30 30.82
N ASN A 32 -12.74 3.20 30.68
CA ASN A 32 -13.51 3.31 29.46
C ASN A 32 -13.04 4.43 28.54
N LEU A 33 -11.89 5.02 28.88
CA LEU A 33 -11.36 6.13 28.08
C LEU A 33 -10.48 5.66 26.94
N LEU A 34 -10.15 4.38 26.94
CA LEU A 34 -9.21 3.85 25.96
C LEU A 34 -9.80 2.68 25.20
N HIS A 59 -12.89 3.04 1.59
CA HIS A 59 -13.12 4.40 2.07
C HIS A 59 -13.44 4.42 3.55
N TRP A 60 -14.37 3.56 3.96
CA TRP A 60 -14.80 3.52 5.35
C TRP A 60 -13.64 3.15 6.28
N GLY A 61 -12.68 2.39 5.77
CA GLY A 61 -11.54 1.99 6.56
C GLY A 61 -10.73 3.21 7.00
N ILE A 62 -10.72 4.26 6.19
CA ILE A 62 -10.00 5.46 6.57
C ILE A 62 -10.74 6.18 7.68
N LYS A 63 -12.05 6.28 7.55
CA LYS A 63 -12.83 6.99 8.55
C LYS A 63 -12.72 6.31 9.91
N GLN A 64 -12.70 4.99 9.90
CA GLN A 64 -12.59 4.24 11.15
C GLN A 64 -11.21 4.43 11.78
N LEU A 65 -10.17 4.44 10.96
CA LEU A 65 -8.83 4.64 11.48
C LEU A 65 -8.63 6.04 12.02
N GLN A 66 -9.22 7.04 11.37
CA GLN A 66 -9.04 8.41 11.87
C GLN A 66 -9.63 8.54 13.27
N ALA A 67 -10.78 7.91 13.50
CA ALA A 67 -11.38 7.99 14.82
C ALA A 67 -10.50 7.33 15.87
N ARG A 68 -9.92 6.20 15.53
CA ARG A 68 -9.10 5.47 16.49
C ARG A 68 -7.77 6.15 16.77
N VAL A 69 -7.15 6.70 15.73
CA VAL A 69 -5.88 7.40 15.94
C VAL A 69 -6.07 8.64 16.79
N LEU A 70 -7.13 9.39 16.53
CA LEU A 70 -7.40 10.58 17.33
C LEU A 70 -7.75 10.23 18.77
N ALA A 71 -8.45 9.12 18.98
CA ALA A 71 -8.78 8.73 20.34
C ALA A 71 -7.50 8.47 21.13
N VAL A 72 -6.52 7.85 20.49
CA VAL A 72 -5.25 7.61 21.14
C VAL A 72 -4.49 8.90 21.40
N GLU A 73 -4.45 9.79 20.41
CA GLU A 73 -3.72 11.02 20.60
C GLU A 73 -4.32 11.86 21.72
N HIS A 74 -5.64 11.90 21.79
CA HIS A 74 -6.27 12.69 22.82
C HIS A 74 -5.94 12.15 24.20
N TYR A 75 -5.97 10.82 24.31
CA TYR A 75 -5.63 10.16 25.57
C TYR A 75 -4.22 10.53 26.01
N LEU A 76 -3.28 10.46 25.08
CA LEU A 76 -1.89 10.75 25.42
C LEU A 76 -1.68 12.21 25.81
N ARG A 77 -2.41 13.13 25.18
CA ARG A 77 -2.26 14.53 25.54
C ARG A 77 -2.67 14.81 26.97
N ASP A 78 -3.74 14.16 27.43
CA ASP A 78 -4.15 14.35 28.82
C ASP A 78 -3.11 13.77 29.77
N GLN A 79 -2.49 12.67 29.37
CA GLN A 79 -1.47 12.08 30.21
C GLN A 79 -0.25 12.99 30.31
N GLN A 80 0.04 13.72 29.24
CA GLN A 80 1.18 14.65 29.27
C GLN A 80 0.95 15.78 30.26
N LEU A 81 -0.30 16.25 30.36
CA LEU A 81 -0.54 17.32 31.32
C LEU A 81 -0.28 16.84 32.74
N LEU A 82 -0.71 15.62 33.02
CA LEU A 82 -0.49 15.05 34.34
C LEU A 82 0.99 14.82 34.59
N GLY A 83 1.72 14.41 33.56
CA GLY A 83 3.14 14.13 33.69
C GLY A 83 3.93 15.38 34.05
N ILE A 84 3.55 16.52 33.49
CA ILE A 84 4.21 17.77 33.82
C ILE A 84 3.90 18.17 35.26
N TRP A 85 2.65 17.99 35.65
CA TRP A 85 2.20 18.32 37.00
C TRP A 85 2.80 17.36 38.04
N GLY A 86 3.20 16.18 37.59
CA GLY A 86 3.74 15.15 38.48
C GLY A 86 2.63 14.31 39.10
N CYS A 87 1.42 14.48 38.60
CA CYS A 87 0.25 13.81 39.13
C CYS A 87 -0.06 12.50 38.39
N SER A 88 0.76 12.14 37.41
CA SER A 88 0.47 11.00 36.54
C SER A 88 0.40 9.66 37.27
N GLY A 89 1.00 9.56 38.44
CA GLY A 89 0.97 8.32 39.21
C GLY A 89 -0.36 8.09 39.94
N LYS A 90 -1.21 9.11 40.00
CA LYS A 90 -2.45 9.01 40.77
C LYS A 90 -3.67 9.57 40.06
N LEU A 91 -4.84 9.01 40.37
CA LEU A 91 -6.10 9.61 39.92
C LEU A 91 -6.38 10.94 40.62
N ILE A 92 -5.88 11.05 41.85
CA ILE A 92 -6.10 12.24 42.68
C ILE A 92 -4.79 12.81 43.19
N CYS A 93 -4.58 14.12 43.02
CA CYS A 93 -3.38 14.72 43.59
C CYS A 93 -3.62 16.15 44.06
N CYS A 94 -2.74 16.59 44.95
CA CYS A 94 -2.71 17.98 45.41
C CYS A 94 -1.62 18.77 44.71
N THR A 95 -1.78 20.08 44.63
CA THR A 95 -0.78 20.93 44.00
C THR A 95 -0.37 22.05 44.96
N ASN A 96 0.66 22.80 44.56
CA ASN A 96 1.14 23.91 45.36
C ASN A 96 0.54 25.25 44.93
N VAL A 97 -0.46 25.22 44.05
CA VAL A 97 -1.08 26.46 43.59
C VAL A 97 -2.30 26.80 44.44
N PRO A 98 -2.36 28.01 45.04
CA PRO A 98 -3.45 28.48 45.89
C PRO A 98 -4.73 28.64 45.08
N TRP A 99 -5.87 28.42 45.72
CA TRP A 99 -7.15 28.46 45.00
C TRP A 99 -7.58 29.82 44.46
N ASN A 100 -7.12 30.94 45.03
CA ASN A 100 -7.56 32.24 44.49
C ASN A 100 -9.10 32.32 44.48
N SER A 101 -9.69 32.23 45.66
CA SER A 101 -11.13 32.02 45.83
C SER A 101 -12.02 33.07 45.19
N SER A 102 -11.47 34.21 44.80
CA SER A 102 -12.27 35.22 44.13
C SER A 102 -12.82 34.71 42.78
N TRP A 103 -12.25 33.62 42.27
CA TRP A 103 -12.75 33.00 41.04
C TRP A 103 -14.21 32.57 41.19
N SER A 104 -14.56 32.10 42.39
CA SER A 104 -15.94 31.70 42.68
C SER A 104 -16.21 31.79 44.17
N ASN A 105 -17.25 32.53 44.54
CA ASN A 105 -17.56 32.74 45.95
C ASN A 105 -18.46 31.65 46.51
N ARG A 106 -17.90 30.47 46.71
CA ARG A 106 -18.65 29.35 47.26
C ARG A 106 -17.87 28.65 48.36
N ASN A 107 -18.59 28.06 49.30
CA ASN A 107 -18.00 27.26 50.36
C ASN A 107 -17.70 25.86 49.88
N LEU A 108 -16.80 25.17 50.57
CA LEU A 108 -16.49 23.81 50.15
C LEU A 108 -17.71 22.90 50.28
N SER A 109 -18.51 23.07 51.32
CA SER A 109 -19.69 22.22 51.45
C SER A 109 -20.73 22.56 50.39
N GLU A 110 -20.74 23.81 49.95
CA GLU A 110 -21.64 24.25 48.90
C GLU A 110 -21.24 23.64 47.56
N ILE A 111 -19.96 23.37 47.39
CA ILE A 111 -19.48 22.76 46.17
C ILE A 111 -19.51 21.24 46.20
N TRP A 112 -18.88 20.66 47.20
CA TRP A 112 -18.70 19.22 47.23
C TRP A 112 -19.97 18.43 47.53
N ASP A 113 -20.85 18.96 48.37
CA ASP A 113 -22.02 18.19 48.77
C ASP A 113 -23.32 18.63 48.11
N ASN A 114 -23.33 19.77 47.43
CA ASN A 114 -24.57 20.30 46.88
C ASN A 114 -24.51 20.51 45.37
N MET A 115 -23.49 19.98 44.70
CA MET A 115 -23.35 20.24 43.27
C MET A 115 -22.70 19.08 42.52
N THR A 116 -23.07 18.92 41.25
CA THR A 116 -22.49 17.90 40.36
C THR A 116 -21.23 18.41 39.65
N TRP A 117 -20.43 17.48 39.12
CA TRP A 117 -19.27 17.87 38.34
C TRP A 117 -19.66 18.57 37.04
N LEU A 118 -20.82 18.20 36.51
CA LEU A 118 -21.29 18.81 35.27
C LEU A 118 -21.54 20.30 35.46
N GLN A 119 -22.15 20.65 36.58
CA GLN A 119 -22.40 22.04 36.91
C GLN A 119 -21.12 22.79 37.23
N TRP A 120 -20.21 22.12 37.93
CA TRP A 120 -18.96 22.73 38.34
C TRP A 120 -18.10 23.12 37.16
N ASP A 121 -18.11 22.28 36.13
CA ASP A 121 -17.28 22.55 34.97
C ASP A 121 -17.67 23.85 34.30
N LYS A 122 -18.94 24.19 34.35
CA LYS A 122 -19.39 25.45 33.78
C LYS A 122 -18.97 26.63 34.64
N GLU A 123 -18.97 26.46 35.96
CA GLU A 123 -18.66 27.57 36.86
C GLU A 123 -17.23 28.07 36.69
N ILE A 124 -16.32 27.19 36.32
CA ILE A 124 -14.92 27.58 36.17
C ILE A 124 -14.44 27.50 34.73
N SER A 125 -15.36 27.51 33.77
CA SER A 125 -14.99 27.35 32.37
C SER A 125 -14.08 28.46 31.84
N ASN A 126 -14.10 29.63 32.49
CA ASN A 126 -13.26 30.74 32.03
C ASN A 126 -11.93 30.78 32.76
N TYR A 127 -11.71 29.85 33.69
CA TYR A 127 -10.46 29.87 34.46
C TYR A 127 -9.60 28.65 34.21
N THR A 128 -10.08 27.71 33.40
CA THR A 128 -9.37 26.46 33.22
C THR A 128 -7.99 26.62 32.62
N GLN A 129 -7.87 27.46 31.59
CA GLN A 129 -6.58 27.67 30.96
C GLN A 129 -5.61 28.38 31.90
N ILE A 130 -6.14 29.16 32.82
CA ILE A 130 -5.30 29.86 33.78
C ILE A 130 -4.74 28.88 34.79
N ILE A 131 -5.59 28.00 35.29
CA ILE A 131 -5.16 27.05 36.29
C ILE A 131 -4.13 26.10 35.71
N TYR A 132 -4.35 25.64 34.49
CA TYR A 132 -3.40 24.72 33.89
C TYR A 132 -2.06 25.41 33.68
N GLY A 133 -2.09 26.68 33.27
CA GLY A 133 -0.84 27.41 33.07
C GLY A 133 -0.11 27.60 34.39
N LEU A 134 -0.84 27.83 35.47
CA LEU A 134 -0.20 27.98 36.76
C LEU A 134 0.46 26.70 37.20
N LEU A 135 -0.18 25.57 36.97
CA LEU A 135 0.39 24.30 37.40
C LEU A 135 1.68 23.97 36.66
N GLU A 136 1.70 24.22 35.35
CA GLU A 136 2.87 23.90 34.57
C GLU A 136 4.05 24.82 34.89
N GLU A 137 3.77 26.09 35.16
CA GLU A 137 4.86 27.05 35.37
C GLU A 137 5.17 27.35 36.83
N SER A 138 4.16 27.55 37.67
CA SER A 138 4.43 27.97 39.04
C SER A 138 4.83 26.82 39.96
N GLN A 139 4.50 25.60 39.57
CA GLN A 139 4.83 24.47 40.44
C GLN A 139 5.98 23.63 39.92
N ASN A 140 5.87 23.14 38.69
CA ASN A 140 6.88 22.22 38.20
C ASN A 140 8.26 22.86 38.11
N GLN A 141 8.29 24.14 37.79
CA GLN A 141 9.58 24.79 37.59
C GLN A 141 10.32 24.98 38.90
N GLN A 142 9.60 25.18 40.00
CA GLN A 142 10.25 25.34 41.28
C GLN A 142 10.68 23.98 41.84
N GLU A 143 9.83 22.98 41.65
CA GLU A 143 10.09 21.66 42.21
C GLU A 143 11.29 20.98 41.56
N LYS A 144 11.45 21.14 40.25
CA LYS A 144 12.54 20.45 39.58
C LYS A 144 13.88 21.00 40.00
N ASN A 145 13.93 22.29 40.33
CA ASN A 145 15.19 22.90 40.71
C ASN A 145 15.59 22.50 42.12
N GLU A 146 14.62 22.46 43.03
CA GLU A 146 14.94 22.09 44.40
C GLU A 146 15.39 20.64 44.47
N GLN A 147 14.77 19.78 43.68
CA GLN A 147 15.16 18.38 43.64
C GLN A 147 16.55 18.22 43.06
N ASP A 148 16.88 19.01 42.05
CA ASP A 148 18.20 18.93 41.44
C ASP A 148 19.26 19.41 42.41
N LEU A 149 18.97 20.47 43.17
CA LEU A 149 19.95 20.98 44.11
C LEU A 149 20.28 19.96 45.18
N LEU A 150 19.27 19.22 45.64
CA LEU A 150 19.52 18.17 46.62
C LEU A 150 20.36 17.05 46.03
N ALA A 151 20.09 16.71 44.76
CA ALA A 151 20.82 15.66 44.07
C ALA A 151 22.29 16.03 43.86
N LEU A 152 22.57 17.31 43.61
CA LEU A 152 23.92 17.78 43.31
C LEU A 152 24.92 17.60 44.46
N ASP A 153 24.42 17.71 45.70
CA ASP A 153 25.30 17.61 46.87
C ASP A 153 25.16 16.26 47.56
N GLU B 1 -11.00 29.39 53.60
CA GLU B 1 -9.72 29.32 54.32
C GLU B 1 -8.57 29.14 53.32
N ASN B 2 -7.59 28.32 53.69
CA ASN B 2 -6.42 28.11 52.84
C ASN B 2 -6.70 27.04 51.80
N LEU B 3 -7.49 27.41 50.80
CA LEU B 3 -7.89 26.49 49.74
C LEU B 3 -6.79 26.34 48.69
N TRP B 4 -6.67 25.14 48.13
CA TRP B 4 -5.64 24.84 47.14
C TRP B 4 -6.19 24.17 45.89
N VAL B 5 -5.51 24.34 44.77
CA VAL B 5 -5.86 23.63 43.55
C VAL B 5 -5.54 22.15 43.68
N THR B 6 -6.52 21.32 43.32
CA THR B 6 -6.32 19.88 43.26
C THR B 6 -6.73 19.37 41.89
N VAL B 7 -6.24 18.20 41.50
CA VAL B 7 -6.55 17.66 40.18
C VAL B 7 -7.17 16.28 40.27
N TYR B 8 -8.25 16.07 39.52
CA TYR B 8 -8.92 14.78 39.46
C TYR B 8 -8.96 14.24 38.04
N TYR B 9 -8.77 12.94 37.90
CA TYR B 9 -8.85 12.28 36.60
C TYR B 9 -9.92 11.20 36.60
N GLY B 10 -10.64 11.08 35.49
CA GLY B 10 -11.75 10.13 35.41
C GLY B 10 -13.08 10.80 35.76
N VAL B 11 -13.07 12.12 35.79
CA VAL B 11 -14.25 12.91 36.15
C VAL B 11 -15.37 12.74 35.11
N PRO B 12 -16.61 12.42 35.52
CA PRO B 12 -17.77 12.13 34.68
C PRO B 12 -18.42 13.36 34.06
N VAL B 13 -17.67 14.04 33.20
CA VAL B 13 -18.16 15.22 32.49
C VAL B 13 -18.04 15.05 30.98
N TRP B 14 -19.09 15.45 30.25
CA TRP B 14 -19.10 15.31 28.80
C TRP B 14 -19.44 16.60 28.08
N LYS B 15 -19.01 16.69 26.82
CA LYS B 15 -19.27 17.85 25.96
C LYS B 15 -19.83 17.42 24.61
N ASP B 16 -20.59 18.31 23.97
CA ASP B 16 -21.10 18.01 22.63
C ASP B 16 -19.95 17.74 21.67
N ALA B 17 -20.05 16.70 20.86
CA ALA B 17 -18.99 16.41 19.90
C ALA B 17 -19.49 15.60 18.72
N GLU B 18 -18.75 15.67 17.62
CA GLU B 18 -19.06 14.89 16.43
C GLU B 18 -17.90 13.97 16.07
N THR B 19 -18.21 12.70 15.82
CA THR B 19 -17.19 11.73 15.44
C THR B 19 -17.76 10.64 14.53
N THR B 20 -16.88 9.97 13.82
CA THR B 20 -17.28 8.81 13.02
C THR B 20 -17.83 7.71 13.93
N LEU B 21 -18.98 7.17 13.57
CA LEU B 21 -19.56 6.07 14.33
C LEU B 21 -19.35 4.77 13.58
N PHE B 22 -19.17 3.67 14.31
CA PHE B 22 -18.95 2.38 13.69
C PHE B 22 -20.26 1.66 13.39
N CYS B 23 -20.48 1.37 12.11
CA CYS B 23 -21.68 0.67 11.70
C CYS B 23 -21.62 -0.80 12.10
N ALA B 24 -22.77 -1.35 12.48
CA ALA B 24 -22.86 -2.77 12.81
C ALA B 24 -24.25 -3.26 12.45
N SER B 25 -24.40 -4.57 12.26
CA SER B 25 -25.71 -5.12 11.94
C SER B 25 -25.91 -6.53 12.47
N ASP B 26 -27.15 -6.86 12.77
CA ASP B 26 -27.51 -8.20 13.23
C ASP B 26 -27.34 -9.22 12.10
N ALA B 27 -27.33 -8.74 10.86
CA ALA B 27 -27.16 -9.61 9.71
C ALA B 27 -25.68 -9.86 9.46
N LYS B 34 -25.89 -15.46 -1.47
CA LYS B 34 -26.59 -14.45 -0.68
C LYS B 34 -25.98 -13.07 -0.88
N HIS B 35 -26.75 -12.18 -1.51
CA HIS B 35 -26.29 -10.82 -1.75
C HIS B 35 -27.39 -9.82 -1.47
N ASN B 36 -26.99 -8.67 -0.92
CA ASN B 36 -27.92 -7.58 -0.62
C ASN B 36 -27.24 -6.23 -0.82
N VAL B 37 -28.00 -5.24 -1.27
CA VAL B 37 -27.43 -3.89 -1.48
C VAL B 37 -27.02 -3.23 -0.16
N TRP B 38 -27.60 -3.68 0.94
CA TRP B 38 -27.46 -3.06 2.25
C TRP B 38 -26.20 -3.42 3.04
N ALA B 39 -26.06 -2.75 4.18
CA ALA B 39 -24.86 -2.61 5.00
C ALA B 39 -24.23 -3.91 5.49
N THR B 40 -24.96 -5.01 5.45
CA THR B 40 -24.42 -6.27 5.96
C THR B 40 -23.07 -6.65 5.33
N HIS B 41 -22.83 -6.20 4.09
CA HIS B 41 -21.56 -6.48 3.44
C HIS B 41 -20.43 -5.52 3.84
N ALA B 42 -20.79 -4.39 4.44
CA ALA B 42 -19.84 -3.32 4.74
C ALA B 42 -19.61 -3.09 6.23
N CYS B 43 -20.17 -3.97 7.07
CA CYS B 43 -20.19 -3.73 8.51
C CYS B 43 -19.94 -5.01 9.32
N VAL B 44 -19.93 -4.86 10.65
CA VAL B 44 -19.57 -5.96 11.54
C VAL B 44 -20.76 -6.34 12.42
N PRO B 45 -20.76 -7.52 13.06
CA PRO B 45 -21.76 -7.99 14.01
C PRO B 45 -21.90 -7.06 15.21
N THR B 46 -23.13 -6.98 15.72
CA THR B 46 -23.50 -6.18 16.89
C THR B 46 -23.21 -6.88 18.20
N ASP B 47 -23.26 -6.11 19.28
CA ASP B 47 -23.23 -6.67 20.62
C ASP B 47 -24.59 -7.33 20.88
N PRO B 48 -24.65 -8.65 21.13
CA PRO B 48 -25.86 -9.44 21.25
C PRO B 48 -26.73 -8.98 22.43
N ASN B 49 -26.12 -8.30 23.40
CA ASN B 49 -26.84 -7.82 24.56
C ASN B 49 -26.43 -6.38 24.91
N PRO B 50 -26.96 -5.38 24.20
CA PRO B 50 -26.63 -3.97 24.37
C PRO B 50 -26.92 -3.55 25.79
N GLN B 51 -26.09 -2.68 26.32
CA GLN B 51 -26.26 -2.19 27.69
C GLN B 51 -26.87 -0.80 27.69
N GLU B 52 -27.61 -0.50 28.76
CA GLU B 52 -28.13 0.84 28.96
C GLU B 52 -28.03 1.26 30.41
N ILE B 53 -27.55 2.48 30.64
CA ILE B 53 -27.46 3.02 32.00
C ILE B 53 -28.26 4.30 32.13
N HIS B 54 -29.27 4.29 33.01
CA HIS B 54 -30.05 5.51 33.22
C HIS B 54 -29.23 6.53 34.00
N LEU B 55 -29.30 7.78 33.59
CA LEU B 55 -28.63 8.84 34.32
C LEU B 55 -29.64 9.61 35.17
N GLU B 56 -29.53 9.48 36.47
CA GLU B 56 -30.48 10.14 37.36
C GLU B 56 -30.19 11.63 37.47
N ASN B 57 -31.25 12.44 37.59
CA ASN B 57 -31.14 13.88 37.73
C ASN B 57 -30.38 14.53 36.56
N VAL B 58 -30.60 14.04 35.34
CA VAL B 58 -29.98 14.63 34.16
C VAL B 58 -31.02 15.16 33.18
N THR B 59 -30.82 16.42 32.78
CA THR B 59 -31.75 17.17 31.93
C THR B 59 -31.13 17.58 30.59
N GLU B 60 -30.20 16.77 30.11
CA GLU B 60 -29.43 17.09 28.90
C GLU B 60 -30.33 17.46 27.73
N GLU B 61 -29.98 18.57 27.07
CA GLU B 61 -30.69 19.09 25.90
C GLU B 61 -30.41 18.30 24.62
N PHE B 62 -31.47 18.06 23.87
CA PHE B 62 -31.38 17.43 22.56
C PHE B 62 -31.95 18.37 21.50
N ASN B 63 -31.43 18.28 20.28
CA ASN B 63 -32.00 19.03 19.16
C ASN B 63 -31.84 18.25 17.87
N MET B 64 -32.92 17.59 17.46
CA MET B 64 -32.87 16.70 16.31
C MET B 64 -32.55 17.41 15.00
N TRP B 65 -32.88 18.68 14.91
CA TRP B 65 -32.75 19.39 13.64
C TRP B 65 -31.29 19.70 13.32
N LYS B 66 -30.45 19.64 14.34
CA LYS B 66 -29.03 19.94 14.20
C LYS B 66 -28.20 18.66 14.30
N ASN B 67 -28.86 17.51 14.34
CA ASN B 67 -28.20 16.25 14.60
C ASN B 67 -27.35 15.76 13.43
N ASN B 68 -26.04 15.71 13.63
CA ASN B 68 -25.10 15.36 12.59
C ASN B 68 -25.18 13.89 12.20
N MET B 69 -25.82 13.07 13.04
CA MET B 69 -25.93 11.65 12.76
C MET B 69 -26.74 11.42 11.50
N VAL B 70 -27.64 12.37 11.20
CA VAL B 70 -28.46 12.26 10.00
C VAL B 70 -27.60 12.36 8.76
N GLU B 71 -26.65 13.30 8.77
CA GLU B 71 -25.75 13.47 7.65
C GLU B 71 -24.80 12.29 7.50
N GLN B 72 -24.35 11.74 8.63
CA GLN B 72 -23.44 10.63 8.55
C GLN B 72 -24.12 9.41 7.96
N MET B 73 -25.38 9.20 8.33
CA MET B 73 -26.11 8.08 7.77
C MET B 73 -26.35 8.27 6.30
N HIS B 74 -26.66 9.49 5.89
CA HIS B 74 -26.93 9.75 4.49
C HIS B 74 -25.74 9.41 3.63
N GLU B 75 -24.57 9.89 4.02
CA GLU B 75 -23.40 9.63 3.20
C GLU B 75 -23.05 8.14 3.17
N ASP B 76 -23.24 7.44 4.29
CA ASP B 76 -22.97 6.02 4.28
C ASP B 76 -23.96 5.26 3.40
N ILE B 77 -25.23 5.68 3.41
CA ILE B 77 -26.22 5.03 2.58
C ILE B 77 -25.99 5.25 1.10
N ILE B 78 -25.58 6.44 0.71
CA ILE B 78 -25.35 6.69 -0.70
C ILE B 78 -24.13 5.92 -1.20
N SER B 79 -23.04 5.95 -0.43
CA SER B 79 -21.85 5.24 -0.85
C SER B 79 -22.06 3.74 -0.86
N LEU B 80 -22.84 3.26 0.10
CA LEU B 80 -23.17 1.86 0.20
C LEU B 80 -23.96 1.38 -0.99
N TRP B 81 -24.96 2.16 -1.38
CA TRP B 81 -25.81 1.81 -2.50
C TRP B 81 -25.02 1.77 -3.80
N ASP B 82 -24.14 2.75 -4.01
CA ASP B 82 -23.35 2.80 -5.23
C ASP B 82 -22.40 1.63 -5.40
N GLN B 83 -21.91 1.07 -4.30
CA GLN B 83 -21.00 -0.07 -4.41
C GLN B 83 -21.66 -1.26 -5.08
N SER B 84 -22.98 -1.39 -4.89
CA SER B 84 -23.68 -2.56 -5.41
C SER B 84 -23.78 -2.57 -6.92
N LEU B 85 -23.56 -1.42 -7.56
CA LEU B 85 -23.67 -1.34 -9.02
C LEU B 85 -22.34 -1.44 -9.73
N LYS B 86 -21.24 -1.45 -9.00
CA LYS B 86 -19.93 -1.43 -9.66
C LYS B 86 -19.60 -2.64 -10.55
N PRO B 87 -19.95 -3.89 -10.19
CA PRO B 87 -19.73 -5.08 -10.99
C PRO B 87 -20.81 -5.31 -12.05
N CYS B 88 -21.86 -4.49 -12.03
CA CYS B 88 -23.06 -4.79 -12.80
C CYS B 88 -23.00 -4.27 -14.22
N VAL B 89 -23.88 -4.83 -15.06
CA VAL B 89 -23.97 -4.59 -16.50
C VAL B 89 -24.35 -3.17 -16.94
N LYS B 90 -23.59 -2.65 -17.91
CA LYS B 90 -23.89 -1.36 -18.52
C LYS B 90 -24.82 -1.53 -19.70
N LEU B 91 -25.79 -0.63 -19.84
CA LEU B 91 -26.77 -0.72 -20.93
C LEU B 91 -26.57 0.32 -22.02
N THR B 92 -25.37 0.88 -22.14
CA THR B 92 -25.13 1.91 -23.14
C THR B 92 -25.50 1.54 -24.59
N PRO B 93 -25.28 0.29 -25.07
CA PRO B 93 -25.65 -0.19 -26.38
C PRO B 93 -27.14 -0.11 -26.68
N LEU B 94 -27.97 0.06 -25.64
CA LEU B 94 -29.41 0.03 -25.84
C LEU B 94 -30.05 1.37 -26.19
N CYS B 95 -29.28 2.43 -26.34
CA CYS B 95 -29.92 3.66 -26.81
C CYS B 95 -30.01 3.68 -28.33
N VAL B 96 -31.20 3.34 -28.80
CA VAL B 96 -31.50 3.06 -30.21
C VAL B 96 -32.81 3.70 -30.65
N THR B 97 -33.11 3.62 -31.94
CA THR B 97 -34.34 4.16 -32.52
C THR B 97 -35.61 3.57 -31.89
N LEU B 98 -35.55 2.30 -31.48
CA LEU B 98 -36.60 1.72 -30.64
C LEU B 98 -38.03 1.91 -31.15
N GLN B 99 -38.35 1.46 -32.35
CA GLN B 99 -39.71 1.62 -32.86
C GLN B 99 -40.72 0.82 -32.02
N CYS B 100 -41.87 1.43 -31.72
CA CYS B 100 -42.88 0.77 -30.88
C CYS B 100 -44.30 0.90 -31.42
N THR B 101 -45.16 0.01 -30.92
CA THR B 101 -46.60 0.02 -31.20
C THR B 101 -47.40 -0.28 -29.93
N ASN B 102 -48.69 0.05 -29.97
CA ASN B 102 -49.61 -0.20 -28.86
C ASN B 102 -49.81 -1.69 -28.59
N VAL B 103 -49.87 -2.07 -27.32
CA VAL B 103 -50.22 -3.45 -26.97
C VAL B 103 -51.71 -3.72 -27.09
N THR B 104 -52.06 -4.80 -27.79
CA THR B 104 -53.45 -5.25 -27.88
C THR B 104 -53.58 -6.64 -27.26
N ASN B 105 -54.46 -6.76 -26.28
CA ASN B 105 -54.63 -8.00 -25.53
C ASN B 105 -55.93 -7.98 -24.74
N ASN B 106 -56.15 -8.99 -23.91
CA ASN B 106 -57.25 -8.96 -22.97
C ASN B 106 -56.87 -8.08 -21.79
N ILE B 107 -57.12 -6.78 -21.95
CA ILE B 107 -56.56 -5.78 -21.06
C ILE B 107 -57.62 -4.81 -20.52
N THR B 108 -57.58 -4.56 -19.21
CA THR B 108 -58.46 -3.55 -18.60
C THR B 108 -57.76 -2.21 -18.66
N ASP B 109 -56.46 -2.31 -18.89
CA ASP B 109 -55.53 -1.20 -19.13
C ASP B 109 -55.44 -0.20 -17.98
N ASP B 110 -55.14 1.02 -18.37
CA ASP B 110 -54.84 2.17 -17.54
C ASP B 110 -55.07 3.35 -18.46
N MET B 111 -54.40 4.46 -18.21
CA MET B 111 -54.42 5.51 -19.22
C MET B 111 -53.89 4.87 -20.49
N ARG B 112 -54.53 5.16 -21.62
CA ARG B 112 -54.17 4.46 -22.85
C ARG B 112 -52.72 4.73 -23.23
N GLY B 113 -52.06 3.68 -23.74
CA GLY B 113 -50.67 3.79 -24.17
C GLY B 113 -49.67 3.53 -23.03
N GLU B 114 -50.19 3.19 -21.85
CA GLU B 114 -49.34 2.93 -20.70
C GLU B 114 -48.36 1.79 -20.92
N LEU B 115 -48.77 0.77 -21.68
CA LEU B 115 -47.92 -0.36 -21.98
C LEU B 115 -47.68 -0.47 -23.49
N LYS B 116 -46.41 -0.59 -23.90
CA LYS B 116 -46.08 -0.64 -25.32
C LYS B 116 -45.21 -1.83 -25.73
N ASN B 117 -45.44 -2.28 -26.97
CA ASN B 117 -44.70 -3.36 -27.61
C ASN B 117 -43.58 -2.81 -28.48
N CYS B 118 -42.34 -2.96 -28.04
CA CYS B 118 -41.22 -2.33 -28.72
C CYS B 118 -40.21 -3.31 -29.26
N SER B 119 -39.48 -2.90 -30.29
CA SER B 119 -38.43 -3.73 -30.85
C SER B 119 -37.22 -2.91 -31.25
N PHE B 120 -36.05 -3.55 -31.28
CA PHE B 120 -34.83 -2.85 -31.65
C PHE B 120 -33.73 -3.77 -32.20
N ASN B 121 -32.80 -3.17 -32.94
CA ASN B 121 -31.59 -3.84 -33.40
C ASN B 121 -30.55 -3.85 -32.29
N MET B 122 -30.18 -5.04 -31.82
CA MET B 122 -29.28 -5.16 -30.68
C MET B 122 -28.03 -5.96 -31.03
N THR B 123 -26.94 -5.66 -30.35
CA THR B 123 -25.68 -6.34 -30.61
C THR B 123 -25.67 -7.74 -30.01
N THR B 124 -24.68 -8.53 -30.39
CA THR B 124 -24.53 -9.93 -29.97
C THR B 124 -23.20 -10.15 -29.29
N GLU B 125 -22.92 -11.41 -28.96
CA GLU B 125 -21.65 -11.79 -28.37
C GLU B 125 -20.47 -11.47 -29.28
N LEU B 126 -20.72 -11.45 -30.60
CA LEU B 126 -19.65 -11.18 -31.54
C LEU B 126 -19.79 -9.80 -32.15
N ARG B 127 -18.66 -9.14 -32.37
CA ARG B 127 -18.65 -7.80 -32.95
C ARG B 127 -19.23 -7.77 -34.36
N ASP B 128 -19.16 -8.90 -35.06
CA ASP B 128 -19.62 -9.00 -36.43
C ASP B 128 -21.13 -9.21 -36.60
N LYS B 129 -21.85 -9.46 -35.50
CA LYS B 129 -23.25 -9.85 -35.67
C LYS B 129 -24.24 -9.04 -34.84
N LYS B 130 -25.44 -8.88 -35.40
CA LYS B 130 -26.57 -8.21 -34.76
C LYS B 130 -27.78 -9.13 -34.69
N GLN B 131 -28.69 -8.83 -33.76
CA GLN B 131 -29.92 -9.60 -33.62
C GLN B 131 -31.13 -8.69 -33.46
N LYS B 132 -32.29 -9.17 -33.92
CA LYS B 132 -33.54 -8.44 -33.74
C LYS B 132 -34.29 -8.96 -32.53
N VAL B 133 -34.62 -8.07 -31.60
CA VAL B 133 -35.32 -8.48 -30.39
C VAL B 133 -36.52 -7.59 -30.10
N TYR B 134 -37.43 -8.09 -29.27
CA TYR B 134 -38.55 -7.26 -28.83
C TYR B 134 -38.85 -7.48 -27.35
N SER B 135 -39.46 -6.48 -26.73
CA SER B 135 -39.80 -6.54 -25.31
C SER B 135 -40.89 -5.52 -24.96
N LEU B 136 -41.50 -5.70 -23.80
CA LEU B 136 -42.47 -4.71 -23.30
C LEU B 136 -41.82 -3.61 -22.48
N PHE B 137 -42.32 -2.38 -22.68
CA PHE B 137 -41.91 -1.24 -21.86
C PHE B 137 -43.09 -0.45 -21.35
N TYR B 138 -42.91 0.16 -20.19
CA TYR B 138 -43.89 1.08 -19.63
C TYR B 138 -43.71 2.47 -20.24
N ARG B 139 -44.81 3.19 -20.38
CA ARG B 139 -44.80 4.54 -20.95
C ARG B 139 -43.86 5.49 -20.22
N LEU B 140 -43.72 5.32 -18.92
CA LEU B 140 -42.88 6.21 -18.13
C LEU B 140 -41.41 6.13 -18.54
N ASP B 141 -40.99 5.01 -19.11
CA ASP B 141 -39.60 4.80 -19.48
C ASP B 141 -39.32 5.12 -20.95
N VAL B 142 -40.33 5.56 -21.69
CA VAL B 142 -40.18 5.76 -23.13
C VAL B 142 -40.64 7.15 -23.60
N VAL B 143 -39.79 7.83 -24.38
CA VAL B 143 -40.10 9.16 -24.89
C VAL B 143 -40.11 9.21 -26.41
N GLN B 144 -41.17 9.81 -26.98
CA GLN B 144 -41.33 9.86 -28.43
C GLN B 144 -40.33 10.80 -29.08
N ILE B 145 -39.78 10.38 -30.21
CA ILE B 145 -38.86 11.21 -30.98
C ILE B 145 -39.60 12.06 -32.00
N LYS B 158 -44.12 4.28 -34.29
CA LYS B 158 -43.37 5.53 -34.25
C LYS B 158 -42.00 5.33 -33.61
N GLU B 159 -41.10 6.27 -33.83
CA GLU B 159 -39.76 6.21 -33.26
C GLU B 159 -39.73 6.73 -31.83
N TYR B 160 -38.95 6.05 -30.98
CA TYR B 160 -38.86 6.37 -29.55
C TYR B 160 -37.44 6.31 -29.03
N ARG B 161 -37.22 6.88 -27.85
CA ARG B 161 -35.96 6.69 -27.16
C ARG B 161 -36.25 6.29 -25.73
N LEU B 162 -35.32 5.59 -25.10
CA LEU B 162 -35.51 5.30 -23.69
C LEU B 162 -35.28 6.56 -22.89
N ILE B 163 -35.99 6.70 -21.80
CA ILE B 163 -35.83 7.87 -20.96
C ILE B 163 -34.40 7.95 -20.47
N ASN B 164 -33.87 9.16 -20.50
CA ASN B 164 -32.49 9.51 -20.14
C ASN B 164 -31.43 8.99 -21.10
N CYS B 165 -31.81 8.56 -22.30
CA CYS B 165 -30.79 8.27 -23.31
C CYS B 165 -30.02 9.48 -23.77
N ASN B 166 -30.56 10.68 -23.56
CA ASN B 166 -29.81 11.87 -23.90
C ASN B 166 -29.32 12.61 -22.67
N THR B 167 -29.43 12.00 -21.49
CA THR B 167 -28.98 12.69 -20.28
C THR B 167 -28.00 11.89 -19.42
N SER B 168 -28.04 10.56 -19.49
CA SER B 168 -27.15 9.77 -18.62
C SER B 168 -26.94 8.34 -19.09
N ALA B 169 -25.84 7.74 -18.64
CA ALA B 169 -25.62 6.30 -18.78
C ALA B 169 -26.61 5.54 -17.90
N ILE B 170 -27.01 4.36 -18.34
CA ILE B 170 -27.92 3.53 -17.55
C ILE B 170 -27.26 2.21 -17.17
N THR B 171 -27.30 1.87 -15.88
CA THR B 171 -26.73 0.60 -15.39
C THR B 171 -27.84 -0.36 -14.94
N GLN B 172 -27.73 -1.62 -15.36
CA GLN B 172 -28.69 -2.64 -14.92
C GLN B 172 -28.32 -3.15 -13.55
N ALA B 173 -29.25 -3.16 -12.62
CA ALA B 173 -28.96 -3.73 -11.31
C ALA B 173 -28.78 -5.23 -11.45
N CYS B 174 -27.87 -5.81 -10.69
CA CYS B 174 -27.69 -7.25 -10.74
C CYS B 174 -28.91 -7.94 -10.10
N PRO B 175 -29.55 -8.91 -10.78
CA PRO B 175 -30.78 -9.57 -10.39
C PRO B 175 -30.63 -10.42 -9.14
N LYS B 176 -29.40 -10.83 -8.85
CA LYS B 176 -29.12 -11.67 -7.69
C LYS B 176 -29.14 -10.92 -6.37
N VAL B 177 -29.10 -9.59 -6.43
CA VAL B 177 -28.94 -8.80 -5.21
C VAL B 177 -30.28 -8.34 -4.66
N SER B 178 -30.55 -8.70 -3.40
CA SER B 178 -31.80 -8.33 -2.74
C SER B 178 -31.85 -6.85 -2.35
N PHE B 179 -33.04 -6.27 -2.38
CA PHE B 179 -33.25 -4.90 -1.94
C PHE B 179 -33.94 -4.83 -0.57
N GLU B 180 -34.17 -5.99 0.06
CA GLU B 180 -34.91 -6.01 1.32
C GLU B 180 -34.08 -5.32 2.43
N PRO B 181 -34.65 -4.34 3.15
CA PRO B 181 -33.99 -3.58 4.20
C PRO B 181 -33.39 -4.44 5.30
N ILE B 182 -32.19 -4.06 5.72
CA ILE B 182 -31.46 -4.69 6.82
C ILE B 182 -31.15 -3.64 7.88
N PRO B 183 -31.48 -3.85 9.15
CA PRO B 183 -31.28 -2.87 10.21
C PRO B 183 -29.81 -2.56 10.42
N ILE B 184 -29.55 -1.28 10.68
CA ILE B 184 -28.21 -0.76 10.92
C ILE B 184 -28.08 -0.17 12.31
N HIS B 185 -27.06 -0.57 13.03
CA HIS B 185 -26.81 -0.07 14.38
C HIS B 185 -25.56 0.81 14.35
N TYR B 186 -25.51 1.83 15.19
CA TYR B 186 -24.29 2.63 15.30
C TYR B 186 -23.72 2.54 16.70
N CYS B 187 -22.40 2.35 16.79
CA CYS B 187 -21.75 2.23 18.09
C CYS B 187 -20.66 3.28 18.27
N ALA B 188 -20.53 3.78 19.49
CA ALA B 188 -19.54 4.79 19.80
C ALA B 188 -18.11 4.23 19.78
N PRO B 189 -17.11 5.01 19.35
CA PRO B 189 -15.69 4.81 19.55
C PRO B 189 -15.31 5.11 20.99
N ALA B 190 -14.20 4.57 21.45
CA ALA B 190 -13.75 4.84 22.82
C ALA B 190 -13.55 6.33 23.02
N GLY B 191 -13.88 6.81 24.21
CA GLY B 191 -13.77 8.22 24.56
C GLY B 191 -15.05 8.99 24.23
N PHE B 192 -16.00 8.31 23.59
CA PHE B 192 -17.28 8.91 23.22
C PHE B 192 -18.44 8.07 23.73
N ALA B 193 -19.59 8.68 23.88
CA ALA B 193 -20.78 7.97 24.31
C ALA B 193 -22.01 8.49 23.60
N ILE B 194 -23.02 7.64 23.46
CA ILE B 194 -24.27 8.04 22.85
C ILE B 194 -25.37 8.17 23.89
N LEU B 195 -25.97 9.36 23.94
CA LEU B 195 -27.04 9.61 24.89
C LEU B 195 -28.39 9.43 24.22
N LYS B 196 -29.34 8.88 24.97
CA LYS B 196 -30.67 8.66 24.44
C LYS B 196 -31.74 9.34 25.28
N CYS B 197 -32.67 10.01 24.62
CA CYS B 197 -33.81 10.62 25.31
C CYS B 197 -34.94 9.61 25.46
N LYS B 198 -35.34 9.35 26.70
CA LYS B 198 -36.39 8.37 26.96
C LYS B 198 -37.75 9.01 27.19
N ASP B 199 -37.76 10.34 27.31
CA ASP B 199 -39.01 11.04 27.63
C ASP B 199 -40.07 10.82 26.57
N LYS B 200 -41.26 10.46 27.01
CA LYS B 200 -42.38 10.27 26.11
C LYS B 200 -42.94 11.62 25.67
N LYS B 201 -43.43 11.66 24.44
CA LYS B 201 -44.03 12.87 23.86
C LYS B 201 -43.03 13.99 23.69
N PHE B 202 -41.76 13.64 23.49
CA PHE B 202 -40.71 14.60 23.20
C PHE B 202 -40.88 15.17 21.79
N ASN B 203 -40.77 16.49 21.63
CA ASN B 203 -40.99 17.10 20.32
C ASN B 203 -39.67 17.30 19.57
N GLY B 204 -38.61 16.67 20.06
CA GLY B 204 -37.32 16.66 19.39
C GLY B 204 -36.38 17.78 19.81
N THR B 205 -36.87 18.73 20.62
CA THR B 205 -36.01 19.83 21.07
C THR B 205 -36.12 20.07 22.58
N GLY B 206 -35.14 20.80 23.11
CA GLY B 206 -35.12 21.23 24.50
C GLY B 206 -34.60 20.13 25.42
N PRO B 207 -34.57 20.38 26.74
CA PRO B 207 -34.15 19.47 27.78
C PRO B 207 -34.99 18.20 27.77
N CYS B 208 -34.34 17.05 27.91
CA CYS B 208 -35.05 15.80 28.05
C CYS B 208 -35.08 15.38 29.53
N PRO B 209 -36.24 15.26 30.18
CA PRO B 209 -36.44 14.85 31.56
C PRO B 209 -35.83 13.49 31.94
N SER B 210 -35.67 12.60 30.98
CA SER B 210 -35.09 11.29 31.27
C SER B 210 -34.05 10.91 30.24
N VAL B 211 -32.82 10.75 30.69
CA VAL B 211 -31.68 10.52 29.81
C VAL B 211 -30.92 9.26 30.20
N SER B 212 -30.52 8.48 29.22
CA SER B 212 -29.72 7.29 29.48
C SER B 212 -28.59 7.16 28.49
N THR B 213 -27.57 6.39 28.86
CA THR B 213 -26.41 6.18 27.99
C THR B 213 -26.38 4.77 27.44
N VAL B 214 -26.15 4.66 26.13
CA VAL B 214 -26.06 3.37 25.47
C VAL B 214 -24.77 3.25 24.66
N GLN B 215 -24.23 2.04 24.60
CA GLN B 215 -23.06 1.80 23.76
C GLN B 215 -23.40 1.90 22.28
N CYS B 216 -24.61 1.46 21.92
CA CYS B 216 -25.07 1.44 20.54
C CYS B 216 -26.52 1.85 20.41
N THR B 217 -26.90 2.26 19.21
CA THR B 217 -28.29 2.63 18.93
C THR B 217 -29.12 1.40 18.61
N HIS B 218 -30.45 1.54 18.64
CA HIS B 218 -31.33 0.48 18.17
C HIS B 218 -31.19 0.38 16.66
N GLY B 219 -31.42 -0.80 16.10
CA GLY B 219 -31.24 -0.95 14.66
C GLY B 219 -32.24 -0.12 13.88
N ILE B 220 -31.77 0.52 12.82
CA ILE B 220 -32.61 1.32 11.95
C ILE B 220 -32.63 0.77 10.53
N LYS B 221 -33.81 0.46 10.02
CA LYS B 221 -33.92 -0.05 8.67
C LYS B 221 -33.93 1.12 7.66
N PRO B 222 -33.18 1.03 6.55
CA PRO B 222 -33.11 2.01 5.49
C PRO B 222 -34.29 1.92 4.53
N VAL B 223 -35.49 2.18 5.04
CA VAL B 223 -36.69 2.09 4.22
C VAL B 223 -36.94 3.39 3.47
N VAL B 224 -37.05 3.31 2.15
CA VAL B 224 -37.22 4.50 1.31
C VAL B 224 -38.66 4.67 0.86
N SER B 225 -39.24 5.84 1.14
CA SER B 225 -40.62 6.15 0.75
C SER B 225 -40.85 7.65 0.68
N THR B 226 -41.93 8.06 0.02
CA THR B 226 -42.28 9.48 -0.06
C THR B 226 -43.70 9.72 0.43
N GLN B 227 -43.93 10.92 0.93
CA GLN B 227 -45.22 11.41 1.46
C GLN B 227 -45.73 10.67 2.71
N LEU B 228 -45.26 9.45 2.91
CA LEU B 228 -45.59 8.65 4.08
C LEU B 228 -44.33 7.93 4.59
N LEU B 229 -44.22 7.77 5.89
CA LEU B 229 -43.10 7.04 6.49
C LEU B 229 -43.51 5.60 6.74
N LEU B 230 -42.75 4.66 6.17
CA LEU B 230 -43.11 3.25 6.30
C LEU B 230 -42.16 2.45 7.18
N ASN B 231 -42.71 1.45 7.86
CA ASN B 231 -41.95 0.44 8.60
C ASN B 231 -41.01 1.04 9.64
N GLY B 232 -41.41 2.16 10.26
CA GLY B 232 -40.60 2.80 11.30
C GLY B 232 -41.13 2.55 12.71
N SER B 233 -40.65 3.34 13.67
CA SER B 233 -41.12 3.25 15.05
C SER B 233 -42.44 4.00 15.25
N LEU B 234 -43.23 3.54 16.21
CA LEU B 234 -44.48 4.21 16.60
C LEU B 234 -44.33 5.04 17.87
N ALA B 235 -45.13 6.09 17.99
CA ALA B 235 -45.19 6.89 19.20
C ALA B 235 -45.73 6.05 20.35
N GLU B 236 -45.21 6.26 21.55
CA GLU B 236 -45.60 5.42 22.69
C GLU B 236 -47.06 5.58 23.14
N GLU B 237 -47.60 6.79 23.12
CA GLU B 237 -48.94 7.01 23.64
C GLU B 237 -49.90 7.75 22.72
N GLU B 238 -49.42 8.83 22.10
CA GLU B 238 -50.27 9.70 21.30
C GLU B 238 -49.53 10.22 20.09
N VAL B 239 -50.27 10.68 19.09
CA VAL B 239 -49.64 11.18 17.86
C VAL B 239 -48.80 12.42 18.14
N ILE B 240 -47.55 12.40 17.68
CA ILE B 240 -46.63 13.51 17.95
C ILE B 240 -46.33 14.30 16.69
N ILE B 241 -46.55 15.61 16.77
CA ILE B 241 -46.31 16.49 15.63
C ILE B 241 -45.12 17.40 15.87
N ARG B 242 -44.16 17.35 14.96
CA ARG B 242 -42.96 18.18 15.11
C ARG B 242 -42.46 18.74 13.78
N SER B 243 -41.82 19.91 13.85
CA SER B 243 -41.25 20.54 12.66
C SER B 243 -40.13 21.49 13.07
N GLU B 244 -39.25 21.83 12.16
CA GLU B 244 -38.16 22.75 12.52
C GLU B 244 -38.70 24.11 12.98
N ASN B 245 -39.82 24.53 12.40
CA ASN B 245 -40.49 25.77 12.78
C ASN B 245 -41.98 25.67 12.48
N ILE B 246 -42.78 25.46 13.52
CA ILE B 246 -44.20 25.21 13.37
C ILE B 246 -44.97 26.37 12.74
N THR B 247 -44.43 27.59 12.82
CA THR B 247 -45.12 28.75 12.27
C THR B 247 -44.71 29.02 10.82
N ASN B 248 -43.67 28.33 10.36
CA ASN B 248 -43.16 28.54 9.01
C ASN B 248 -43.72 27.50 8.05
N ASN B 249 -44.58 27.93 7.14
CA ASN B 249 -45.28 27.01 6.25
C ASN B 249 -44.33 26.29 5.29
N ALA B 250 -43.15 26.86 5.07
CA ALA B 250 -42.15 26.26 4.19
C ALA B 250 -41.61 24.93 4.72
N LYS B 251 -41.63 24.76 6.04
CA LYS B 251 -41.01 23.61 6.67
C LYS B 251 -41.87 22.35 6.61
N ASN B 252 -41.22 21.20 6.43
CA ASN B 252 -41.90 19.92 6.49
C ASN B 252 -42.30 19.61 7.92
N ILE B 253 -43.50 19.08 8.08
CA ILE B 253 -44.00 18.64 9.37
C ILE B 253 -43.99 17.13 9.45
N LEU B 254 -43.27 16.59 10.41
CA LEU B 254 -43.26 15.14 10.57
C LEU B 254 -44.30 14.75 11.59
N VAL B 255 -45.11 13.76 11.25
CA VAL B 255 -46.11 13.29 12.18
C VAL B 255 -45.88 11.82 12.48
N GLN B 256 -45.68 11.50 13.76
CA GLN B 256 -45.48 10.11 14.13
C GLN B 256 -46.74 9.54 14.73
N LEU B 257 -47.22 8.44 14.17
CA LEU B 257 -48.46 7.84 14.65
C LEU B 257 -48.23 6.97 15.86
N ASN B 258 -49.23 6.90 16.74
CA ASN B 258 -49.17 6.00 17.89
C ASN B 258 -49.81 4.65 17.57
N THR B 259 -50.34 4.52 16.37
CA THR B 259 -50.89 3.27 15.89
C THR B 259 -50.40 3.02 14.47
N PRO B 260 -50.28 1.77 14.04
CA PRO B 260 -49.95 1.37 12.69
C PRO B 260 -51.14 1.54 11.75
N VAL B 261 -50.84 1.85 10.50
CA VAL B 261 -51.81 1.67 9.43
C VAL B 261 -51.13 0.87 8.33
N GLN B 262 -51.69 -0.25 7.95
CA GLN B 262 -51.04 -1.10 6.96
C GLN B 262 -51.11 -0.51 5.55
N ILE B 263 -50.27 -1.03 4.64
CA ILE B 263 -50.35 -0.83 3.18
C ILE B 263 -50.30 -2.19 2.45
N ASN B 264 -51.30 -2.48 1.59
CA ASN B 264 -51.28 -3.72 0.82
C ASN B 264 -51.15 -3.45 -0.67
N CYS B 265 -49.98 -3.73 -1.25
CA CYS B 265 -49.74 -3.48 -2.67
C CYS B 265 -49.61 -4.77 -3.46
N THR B 266 -50.12 -4.76 -4.69
CA THR B 266 -49.99 -5.93 -5.54
C THR B 266 -49.83 -5.63 -7.04
N ARG B 267 -49.19 -6.56 -7.75
CA ARG B 267 -49.09 -6.54 -9.20
C ARG B 267 -49.56 -7.90 -9.77
N PRO B 268 -50.82 -8.01 -10.21
CA PRO B 268 -51.55 -9.23 -10.56
C PRO B 268 -51.19 -9.87 -11.92
N ASN B 269 -50.41 -9.18 -12.73
CA ASN B 269 -50.30 -9.51 -14.17
C ASN B 269 -49.51 -10.77 -14.57
N ASN B 270 -48.78 -11.39 -13.65
CA ASN B 270 -48.03 -12.59 -14.01
C ASN B 270 -47.07 -12.36 -15.17
N ASN B 271 -46.26 -11.30 -15.08
CA ASN B 271 -45.27 -10.99 -16.10
C ASN B 271 -44.21 -12.08 -16.16
N THR B 272 -43.63 -12.29 -17.34
CA THR B 272 -42.55 -13.26 -17.49
C THR B 272 -41.22 -12.58 -17.81
N VAL B 273 -40.12 -13.26 -17.55
CA VAL B 273 -38.80 -12.69 -17.81
C VAL B 273 -37.96 -13.52 -18.76
N LYS B 274 -37.37 -12.84 -19.75
CA LYS B 274 -36.48 -13.46 -20.72
C LYS B 274 -35.13 -12.76 -20.70
N SER B 275 -34.07 -13.45 -21.13
CA SER B 275 -32.77 -12.81 -21.14
C SER B 275 -31.93 -13.15 -22.35
N ILE B 276 -31.13 -12.18 -22.79
CA ILE B 276 -30.23 -12.32 -23.93
C ILE B 276 -28.81 -11.85 -23.60
N ARG B 277 -27.83 -12.65 -23.97
CA ARG B 277 -26.43 -12.28 -23.75
C ARG B 277 -26.03 -11.14 -24.70
N ILE B 278 -25.38 -10.10 -24.15
CA ILE B 278 -24.88 -8.99 -24.96
C ILE B 278 -23.38 -8.84 -24.77
N GLY B 279 -22.61 -9.02 -25.83
CA GLY B 279 -21.17 -8.92 -25.69
C GLY B 279 -20.70 -10.15 -24.94
N PRO B 280 -19.40 -10.30 -24.73
CA PRO B 280 -18.79 -11.40 -24.02
C PRO B 280 -19.00 -11.39 -22.51
N GLY B 281 -19.19 -10.21 -21.92
CA GLY B 281 -19.24 -10.12 -20.47
C GLY B 281 -20.60 -9.76 -19.87
N GLN B 282 -21.61 -9.55 -20.69
CA GLN B 282 -22.85 -8.97 -20.17
C GLN B 282 -24.12 -9.67 -20.64
N ALA B 283 -25.19 -9.50 -19.87
CA ALA B 283 -26.50 -10.03 -20.24
C ALA B 283 -27.59 -9.06 -19.85
N PHE B 284 -28.68 -9.06 -20.62
CA PHE B 284 -29.79 -8.15 -20.40
C PHE B 284 -31.09 -8.88 -20.13
N TYR B 285 -31.81 -8.43 -19.11
CA TYR B 285 -33.09 -9.01 -18.74
C TYR B 285 -34.24 -8.08 -19.10
N TYR B 286 -35.30 -8.65 -19.66
CA TYR B 286 -36.42 -7.84 -20.10
C TYR B 286 -37.77 -8.52 -19.95
N THR B 287 -38.81 -7.71 -19.89
CA THR B 287 -40.17 -8.20 -19.75
C THR B 287 -40.62 -8.91 -21.01
N GLY B 288 -41.07 -10.15 -20.84
CA GLY B 288 -41.58 -10.97 -21.94
C GLY B 288 -43.09 -10.86 -22.01
N ASP B 289 -43.70 -11.81 -22.71
CA ASP B 289 -45.15 -11.79 -22.86
C ASP B 289 -45.82 -11.92 -21.50
N ILE B 290 -46.94 -11.24 -21.32
CA ILE B 290 -47.69 -11.30 -20.08
C ILE B 290 -48.75 -12.40 -20.13
N ILE B 291 -48.72 -13.30 -19.16
CA ILE B 291 -49.66 -14.41 -19.14
C ILE B 291 -51.00 -14.01 -18.51
N GLY B 292 -52.08 -14.26 -19.25
CA GLY B 292 -53.42 -13.95 -18.75
C GLY B 292 -53.79 -12.50 -18.92
N ASP B 293 -54.91 -12.11 -18.32
CA ASP B 293 -55.44 -10.76 -18.46
C ASP B 293 -54.49 -9.71 -17.88
N ILE B 294 -54.43 -8.56 -18.54
CA ILE B 294 -53.59 -7.46 -18.08
C ILE B 294 -54.40 -6.44 -17.28
N ARG B 295 -54.00 -6.21 -16.04
CA ARG B 295 -54.73 -5.37 -15.10
C ARG B 295 -53.85 -4.34 -14.40
N GLN B 296 -54.48 -3.27 -13.94
CA GLN B 296 -53.80 -2.16 -13.28
C GLN B 296 -53.22 -2.55 -11.92
N ALA B 297 -51.95 -2.16 -11.70
CA ALA B 297 -51.31 -2.34 -10.39
C ALA B 297 -51.96 -1.40 -9.38
N HIS B 298 -52.07 -1.83 -8.13
CA HIS B 298 -52.73 -0.98 -7.15
C HIS B 298 -52.33 -1.27 -5.71
N CYS B 299 -52.60 -0.29 -4.84
CA CYS B 299 -52.40 -0.45 -3.41
C CYS B 299 -53.66 -0.09 -2.63
N ASN B 300 -53.99 -0.90 -1.63
CA ASN B 300 -55.13 -0.63 -0.76
C ASN B 300 -54.72 0.21 0.46
N VAL B 301 -55.61 1.11 0.89
CA VAL B 301 -55.54 1.75 2.22
C VAL B 301 -56.90 1.59 2.94
N SER B 302 -56.91 1.06 4.16
CA SER B 302 -58.18 0.83 4.85
C SER B 302 -58.93 2.13 5.08
N LYS B 303 -60.23 2.13 4.79
CA LYS B 303 -60.99 3.35 4.97
C LYS B 303 -61.27 3.64 6.43
N ALA B 304 -61.70 2.61 7.16
CA ALA B 304 -62.04 2.78 8.57
C ALA B 304 -60.81 3.14 9.39
N THR B 305 -59.68 2.51 9.09
CA THR B 305 -58.50 2.74 9.88
C THR B 305 -57.98 4.15 9.63
N TRP B 306 -57.97 4.53 8.36
CA TRP B 306 -57.47 5.83 7.97
C TRP B 306 -58.38 6.94 8.49
N ASN B 307 -59.68 6.67 8.55
CA ASN B 307 -60.61 7.69 9.02
C ASN B 307 -60.34 8.03 10.48
N GLU B 308 -60.05 7.01 11.28
CA GLU B 308 -59.71 7.24 12.68
C GLU B 308 -58.37 7.93 12.81
N THR B 309 -57.42 7.54 11.94
CA THR B 309 -56.08 8.08 12.01
C THR B 309 -56.07 9.58 11.74
N LEU B 310 -56.83 10.01 10.74
CA LEU B 310 -56.89 11.42 10.44
C LEU B 310 -57.48 12.22 11.58
N GLY B 311 -58.51 11.67 12.24
CA GLY B 311 -59.13 12.41 13.32
C GLY B 311 -58.16 12.68 14.45
N LYS B 312 -57.26 11.72 14.73
CA LYS B 312 -56.28 11.92 15.77
C LYS B 312 -55.26 12.98 15.39
N VAL B 313 -54.86 13.01 14.12
CA VAL B 313 -53.90 13.99 13.67
C VAL B 313 -54.49 15.39 13.73
N VAL B 314 -55.74 15.53 13.34
CA VAL B 314 -56.41 16.82 13.34
C VAL B 314 -56.52 17.39 14.75
N LYS B 315 -56.83 16.53 15.72
CA LYS B 315 -56.92 17.01 17.09
C LYS B 315 -55.60 17.59 17.57
N GLN B 316 -54.49 16.91 17.24
CA GLN B 316 -53.19 17.39 17.65
C GLN B 316 -52.79 18.65 16.89
N LEU B 317 -53.21 18.75 15.62
CA LEU B 317 -52.91 19.94 14.84
C LEU B 317 -53.59 21.16 15.44
N ARG B 318 -54.80 21.00 15.94
CA ARG B 318 -55.52 22.11 16.54
C ARG B 318 -54.78 22.68 17.74
N LYS B 319 -54.13 21.82 18.51
CA LYS B 319 -53.39 22.32 19.66
C LYS B 319 -52.26 23.25 19.21
N HIS B 320 -51.61 22.91 18.10
CA HIS B 320 -50.54 23.73 17.57
C HIS B 320 -51.01 24.95 16.79
N PHE B 321 -52.15 24.82 16.11
CA PHE B 321 -52.62 25.90 15.23
C PHE B 321 -53.84 26.66 15.76
N GLY B 322 -54.24 26.35 16.98
CA GLY B 322 -55.30 27.10 17.66
C GLY B 322 -56.70 26.53 17.46
N ASN B 323 -57.61 27.09 18.24
CA ASN B 323 -59.00 26.64 18.29
C ASN B 323 -59.80 27.05 17.06
N ASN B 324 -60.79 26.24 16.74
CA ASN B 324 -61.80 26.54 15.74
C ASN B 324 -61.25 26.89 14.36
N THR B 325 -60.17 26.23 13.98
CA THR B 325 -59.63 26.37 12.63
C THR B 325 -60.05 25.15 11.82
N ILE B 326 -60.65 25.39 10.66
CA ILE B 326 -61.09 24.25 9.85
C ILE B 326 -59.90 23.67 9.14
N ILE B 327 -59.68 22.36 9.30
CA ILE B 327 -58.51 21.73 8.74
C ILE B 327 -58.84 20.82 7.57
N ARG B 328 -58.18 21.07 6.46
CA ARG B 328 -58.38 20.32 5.24
C ARG B 328 -57.10 19.69 4.75
N PHE B 329 -57.25 18.63 3.99
CA PHE B 329 -56.11 17.99 3.36
C PHE B 329 -56.28 18.00 1.85
N ALA B 330 -55.17 17.97 1.11
CA ALA B 330 -55.25 17.95 -0.35
C ALA B 330 -53.99 17.34 -0.97
N GLN B 331 -54.11 16.94 -2.24
CA GLN B 331 -52.99 16.39 -3.03
C GLN B 331 -52.02 17.50 -3.44
N SER B 332 -50.75 17.16 -3.65
CA SER B 332 -49.76 18.17 -4.03
C SER B 332 -50.15 18.89 -5.30
N SER B 333 -49.89 20.19 -5.31
CA SER B 333 -50.22 21.05 -6.44
C SER B 333 -49.25 20.92 -7.62
N GLY B 334 -48.11 20.28 -7.42
CA GLY B 334 -47.12 20.22 -8.50
C GLY B 334 -45.82 19.56 -8.10
N GLY B 335 -44.84 19.64 -8.99
CA GLY B 335 -43.54 19.00 -8.81
C GLY B 335 -43.46 17.67 -9.56
N ASP B 336 -42.32 17.00 -9.44
CA ASP B 336 -42.03 15.77 -10.18
C ASP B 336 -42.79 14.57 -9.60
N LEU B 337 -42.79 13.48 -10.33
CA LEU B 337 -43.47 12.26 -9.90
C LEU B 337 -42.95 11.79 -8.55
N GLU B 338 -41.67 12.07 -8.28
CA GLU B 338 -41.02 11.66 -7.04
C GLU B 338 -41.67 12.28 -5.80
N VAL B 339 -42.27 13.46 -5.96
CA VAL B 339 -42.86 14.14 -4.80
C VAL B 339 -44.37 14.25 -4.88
N THR B 340 -44.95 14.04 -6.06
CA THR B 340 -46.40 14.10 -6.18
C THR B 340 -47.05 12.73 -5.96
N THR B 341 -46.24 11.68 -5.93
CA THR B 341 -46.74 10.34 -5.69
C THR B 341 -45.96 9.62 -4.60
N HIS B 342 -46.53 8.51 -4.12
CA HIS B 342 -45.92 7.72 -3.07
C HIS B 342 -45.04 6.62 -3.66
N SER B 343 -43.72 6.73 -3.47
CA SER B 343 -42.79 5.72 -3.98
C SER B 343 -42.73 4.48 -3.09
N PHE B 344 -42.65 3.31 -3.71
CA PHE B 344 -42.44 2.05 -3.01
C PHE B 344 -41.33 1.23 -3.63
N ASN B 345 -40.71 0.38 -2.83
CA ASN B 345 -39.83 -0.65 -3.38
C ASN B 345 -40.27 -2.02 -2.86
N CYS B 346 -41.01 -2.76 -3.69
CA CYS B 346 -41.51 -4.06 -3.30
C CYS B 346 -41.07 -5.14 -4.27
N GLY B 347 -40.20 -6.04 -3.81
CA GLY B 347 -39.70 -7.11 -4.67
C GLY B 347 -38.60 -6.61 -5.60
N GLY B 348 -38.21 -5.35 -5.42
CA GLY B 348 -37.26 -4.69 -6.31
C GLY B 348 -37.97 -3.89 -7.41
N GLU B 349 -39.30 -4.03 -7.50
CA GLU B 349 -40.06 -3.23 -8.45
C GLU B 349 -40.37 -1.86 -7.85
N PHE B 350 -40.27 -0.82 -8.66
CA PHE B 350 -40.55 0.53 -8.16
C PHE B 350 -41.92 1.01 -8.58
N PHE B 351 -42.73 1.36 -7.59
CA PHE B 351 -44.10 1.79 -7.83
C PHE B 351 -44.28 3.24 -7.46
N TYR B 352 -45.14 3.92 -8.22
CA TYR B 352 -45.56 5.26 -7.88
C TYR B 352 -47.08 5.27 -7.80
N CYS B 353 -47.63 5.72 -6.67
CA CYS B 353 -49.08 5.64 -6.51
C CYS B 353 -49.70 7.01 -6.23
N ASN B 354 -50.91 7.20 -6.76
CA ASN B 354 -51.67 8.43 -6.54
C ASN B 354 -52.39 8.37 -5.21
N THR B 355 -51.97 9.22 -4.29
CA THR B 355 -52.45 9.20 -2.91
C THR B 355 -53.75 9.97 -2.72
N SER B 356 -54.29 10.52 -3.80
CA SER B 356 -55.53 11.24 -3.68
C SER B 356 -56.58 10.29 -3.15
N GLY B 357 -57.47 10.80 -2.33
CA GLY B 357 -58.48 10.00 -1.66
C GLY B 357 -58.03 9.64 -0.24
N LEU B 358 -56.74 9.79 0.06
CA LEU B 358 -56.28 9.63 1.43
C LEU B 358 -56.31 10.97 2.11
N PHE B 359 -56.12 12.00 1.31
CA PHE B 359 -56.06 13.36 1.78
C PHE B 359 -57.28 14.14 1.34
N ASN B 360 -58.27 13.43 0.83
CA ASN B 360 -59.47 14.09 0.33
C ASN B 360 -60.51 14.28 1.43
N SER B 361 -60.26 15.22 2.33
CA SER B 361 -61.19 15.43 3.44
C SER B 361 -61.17 16.83 4.05
N THR B 362 -62.28 17.16 4.73
CA THR B 362 -62.42 18.37 5.53
C THR B 362 -62.82 18.01 6.95
N TRP B 363 -62.16 18.62 7.95
CA TRP B 363 -62.50 18.35 9.33
C TRP B 363 -62.85 19.63 10.11
N ILE B 364 -64.02 19.59 10.76
CA ILE B 364 -64.49 20.70 11.57
C ILE B 364 -64.60 20.29 13.03
N SER B 365 -65.29 19.18 13.27
CA SER B 365 -65.52 18.67 14.62
C SER B 365 -65.53 17.16 14.63
N ASP B 379 -65.19 -0.42 2.70
CA ASP B 379 -64.26 -0.87 3.73
C ASP B 379 -62.84 -0.40 3.45
N SER B 380 -62.52 -0.24 2.17
CA SER B 380 -61.16 0.12 1.79
C SER B 380 -61.09 1.04 0.58
N ILE B 381 -59.97 1.76 0.49
CA ILE B 381 -59.67 2.67 -0.58
C ILE B 381 -58.61 2.07 -1.49
N THR B 382 -58.90 1.94 -2.78
CA THR B 382 -57.91 1.41 -3.69
C THR B 382 -57.26 2.54 -4.49
N LEU B 383 -55.94 2.62 -4.40
CA LEU B 383 -55.19 3.64 -5.10
C LEU B 383 -54.55 3.04 -6.35
N PRO B 384 -54.63 3.70 -7.51
CA PRO B 384 -53.98 3.29 -8.74
C PRO B 384 -52.48 3.48 -8.63
N CYS B 385 -51.72 2.60 -9.26
CA CYS B 385 -50.27 2.72 -9.25
C CYS B 385 -49.65 2.52 -10.63
N ARG B 386 -48.46 3.08 -10.82
CA ARG B 386 -47.73 2.93 -12.06
C ARG B 386 -46.33 2.39 -11.77
N ILE B 387 -45.79 1.63 -12.71
CA ILE B 387 -44.49 1.01 -12.54
C ILE B 387 -43.46 1.58 -13.49
N LYS B 388 -42.30 1.93 -12.98
CA LYS B 388 -41.24 2.50 -13.81
C LYS B 388 -39.94 1.70 -13.62
N GLN B 389 -39.31 1.31 -14.73
CA GLN B 389 -38.08 0.53 -14.62
C GLN B 389 -36.82 1.38 -14.55
N ILE B 390 -36.90 2.63 -15.01
CA ILE B 390 -35.76 3.53 -14.91
C ILE B 390 -35.94 4.49 -13.76
N ILE B 391 -35.05 4.42 -12.79
CA ILE B 391 -35.18 5.24 -11.60
C ILE B 391 -33.89 5.92 -11.21
N ASN B 392 -34.03 6.94 -10.38
CA ASN B 392 -32.91 7.68 -9.83
C ASN B 392 -33.22 8.00 -8.37
N MET B 393 -32.90 7.06 -7.49
CA MET B 393 -33.36 7.10 -6.12
C MET B 393 -32.90 8.30 -5.33
N TRP B 394 -31.71 8.80 -5.67
CA TRP B 394 -31.13 9.88 -4.90
C TRP B 394 -31.23 11.23 -5.62
N GLN B 395 -31.98 11.25 -6.72
CA GLN B 395 -32.18 12.47 -7.52
C GLN B 395 -30.88 13.10 -7.99
N ARG B 396 -29.91 12.28 -8.37
CA ARG B 396 -28.64 12.81 -8.85
C ARG B 396 -28.63 13.01 -10.36
N ILE B 397 -28.14 14.16 -10.78
CA ILE B 397 -28.05 14.44 -12.21
C ILE B 397 -26.92 13.64 -12.83
N GLY B 398 -27.19 13.00 -13.95
CA GLY B 398 -26.19 12.20 -14.65
C GLY B 398 -26.17 10.75 -14.20
N GLN B 399 -27.04 10.38 -13.26
CA GLN B 399 -27.11 8.98 -12.83
C GLN B 399 -28.45 8.37 -13.16
N ALA B 400 -28.46 7.06 -13.43
CA ALA B 400 -29.70 6.32 -13.65
C ALA B 400 -29.48 4.83 -13.45
N MET B 401 -30.54 4.14 -13.04
CA MET B 401 -30.48 2.69 -12.90
C MET B 401 -31.68 2.03 -13.57
N TYR B 402 -31.45 0.87 -14.17
CA TYR B 402 -32.52 0.04 -14.69
C TYR B 402 -32.74 -1.16 -13.81
N ALA B 403 -33.93 -1.28 -13.26
CA ALA B 403 -34.25 -2.46 -12.49
C ALA B 403 -34.50 -3.60 -13.47
N PRO B 404 -34.08 -4.84 -13.19
CA PRO B 404 -34.51 -6.01 -13.89
C PRO B 404 -35.96 -6.26 -13.50
N PRO B 405 -36.79 -6.79 -14.40
CA PRO B 405 -38.15 -7.17 -14.15
C PRO B 405 -38.21 -8.37 -13.23
N ILE B 406 -39.24 -8.43 -12.41
CA ILE B 406 -39.46 -9.57 -11.53
C ILE B 406 -40.52 -10.50 -12.09
N GLN B 407 -40.18 -11.77 -12.24
CA GLN B 407 -41.13 -12.73 -12.79
C GLN B 407 -42.23 -13.08 -11.79
N GLY B 408 -43.45 -13.19 -12.30
CA GLY B 408 -44.59 -13.64 -11.51
C GLY B 408 -45.34 -12.52 -10.80
N VAL B 409 -46.35 -12.92 -10.04
CA VAL B 409 -47.22 -12.02 -9.29
C VAL B 409 -46.60 -11.55 -7.99
N ILE B 410 -46.68 -10.24 -7.73
CA ILE B 410 -46.12 -9.64 -6.53
C ILE B 410 -47.18 -9.20 -5.54
N ARG B 411 -46.99 -9.57 -4.28
CA ARG B 411 -47.81 -9.07 -3.18
C ARG B 411 -46.91 -8.55 -2.08
N CYS B 412 -47.23 -7.37 -1.56
CA CYS B 412 -46.37 -6.71 -0.59
C CYS B 412 -47.19 -6.06 0.53
N VAL B 413 -46.87 -6.41 1.78
CA VAL B 413 -47.59 -5.86 2.92
C VAL B 413 -46.65 -5.15 3.89
N SER B 414 -46.94 -3.87 4.15
CA SER B 414 -46.10 -3.00 4.97
C SER B 414 -46.99 -2.03 5.73
N ASN B 415 -46.44 -1.16 6.57
CA ASN B 415 -47.32 -0.24 7.28
C ASN B 415 -46.77 1.16 7.42
N ILE B 416 -47.70 2.11 7.51
CA ILE B 416 -47.45 3.51 7.75
C ILE B 416 -47.22 3.74 9.23
N THR B 417 -46.10 4.37 9.55
CA THR B 417 -45.82 4.70 10.92
C THR B 417 -45.76 6.21 11.11
N GLY B 418 -45.90 6.95 10.01
CA GLY B 418 -45.94 8.41 10.08
C GLY B 418 -46.25 9.07 8.73
N LEU B 419 -46.44 10.40 8.77
CA LEU B 419 -46.77 11.20 7.59
C LEU B 419 -45.80 12.37 7.42
N ILE B 420 -45.62 12.83 6.17
CA ILE B 420 -44.90 14.09 5.94
C ILE B 420 -45.86 15.13 5.38
N LEU B 421 -46.08 16.22 6.11
CA LEU B 421 -47.04 17.24 5.67
C LEU B 421 -46.44 18.64 5.56
N THR B 422 -47.00 19.44 4.65
CA THR B 422 -46.65 20.85 4.55
C THR B 422 -47.92 21.69 4.56
N ARG B 423 -47.80 22.97 4.91
CA ARG B 423 -48.95 23.88 4.90
C ARG B 423 -49.05 24.68 3.61
N ASP B 424 -50.28 24.96 3.19
CA ASP B 424 -50.54 25.93 2.11
C ASP B 424 -50.82 27.30 2.69
N GLY B 425 -50.70 27.38 3.99
CA GLY B 425 -51.06 28.55 4.76
C GLY B 425 -49.93 29.54 4.89
N GLY B 426 -49.90 30.20 6.04
CA GLY B 426 -49.02 31.34 6.31
C GLY B 426 -49.82 32.61 6.09
N SER B 427 -51.02 32.46 5.51
CA SER B 427 -51.96 33.54 5.36
C SER B 427 -52.58 33.86 6.71
N THR B 428 -52.86 35.13 6.94
CA THR B 428 -53.55 35.57 8.15
C THR B 428 -54.98 35.97 7.85
N ASN B 429 -55.40 35.73 6.61
CA ASN B 429 -56.70 36.19 6.11
C ASN B 429 -57.78 35.12 6.11
N SER B 430 -57.56 34.02 6.83
CA SER B 430 -58.52 32.92 6.80
C SER B 430 -58.71 32.23 8.15
N THR B 431 -59.88 31.63 8.30
CA THR B 431 -60.25 30.84 9.46
C THR B 431 -60.06 29.35 9.19
N THR B 432 -59.49 29.05 8.03
CA THR B 432 -59.27 27.69 7.59
C THR B 432 -57.79 27.45 7.33
N GLU B 433 -57.41 26.17 7.29
CA GLU B 433 -56.05 25.77 6.96
C GLU B 433 -56.06 24.50 6.12
N THR B 434 -55.08 24.38 5.22
CA THR B 434 -54.99 23.21 4.36
C THR B 434 -53.58 22.62 4.38
N PHE B 435 -53.51 21.29 4.41
CA PHE B 435 -52.24 20.59 4.38
C PHE B 435 -52.10 19.73 3.12
N ARG B 436 -50.88 19.64 2.62
CA ARG B 436 -50.58 18.77 1.48
C ARG B 436 -49.33 17.96 1.82
N PRO B 437 -49.16 16.74 1.30
CA PRO B 437 -48.01 15.90 1.50
C PRO B 437 -46.70 16.56 1.10
N GLY B 438 -45.66 16.34 1.90
CA GLY B 438 -44.31 16.80 1.61
C GLY B 438 -43.46 15.63 1.10
N GLY B 439 -42.15 15.83 1.05
CA GLY B 439 -41.26 14.76 0.61
C GLY B 439 -40.13 15.28 -0.27
N GLY B 440 -39.40 14.36 -0.89
CA GLY B 440 -38.29 14.70 -1.78
C GLY B 440 -36.93 14.77 -1.09
N ASP B 441 -36.91 14.64 0.23
CA ASP B 441 -35.64 14.65 0.94
C ASP B 441 -35.55 13.46 1.88
N MET B 442 -34.71 12.50 1.53
CA MET B 442 -34.61 11.25 2.28
C MET B 442 -34.15 11.44 3.72
N ARG B 443 -33.42 12.52 3.97
CA ARG B 443 -32.88 12.71 5.31
C ARG B 443 -33.99 12.88 6.32
N ASP B 444 -35.13 13.41 5.87
CA ASP B 444 -36.25 13.63 6.78
C ASP B 444 -36.85 12.32 7.27
N ASN B 445 -36.66 11.24 6.52
CA ASN B 445 -37.20 9.97 6.97
C ASN B 445 -36.37 9.43 8.13
N TRP B 446 -35.06 9.60 8.03
CA TRP B 446 -34.16 9.10 9.06
C TRP B 446 -34.28 9.86 10.37
N ARG B 447 -34.72 11.11 10.29
CA ARG B 447 -34.91 11.90 11.48
C ARG B 447 -35.91 11.25 12.43
N SER B 448 -36.86 10.51 11.87
CA SER B 448 -37.90 9.90 12.69
C SER B 448 -37.35 8.82 13.61
N GLU B 449 -36.17 8.28 13.29
CA GLU B 449 -35.55 7.28 14.14
C GLU B 449 -34.36 7.82 14.92
N LEU B 450 -33.73 8.86 14.38
CA LEU B 450 -32.51 9.41 14.99
C LEU B 450 -32.74 10.57 15.96
N TYR B 451 -33.97 11.07 16.04
CA TYR B 451 -34.24 12.21 16.93
C TYR B 451 -33.94 11.88 18.39
N LYS B 452 -33.98 10.61 18.72
CA LYS B 452 -33.74 10.15 20.08
C LYS B 452 -32.29 10.27 20.54
N TYR B 453 -31.34 10.36 19.60
CA TYR B 453 -29.94 10.20 19.99
C TYR B 453 -29.07 11.46 19.86
N LYS B 454 -28.09 11.55 20.76
CA LYS B 454 -27.07 12.60 20.74
C LYS B 454 -25.67 12.02 21.01
N VAL B 455 -24.64 12.58 20.38
CA VAL B 455 -23.27 12.11 20.58
C VAL B 455 -22.43 13.09 21.40
N VAL B 456 -21.78 12.59 22.45
CA VAL B 456 -20.96 13.43 23.30
C VAL B 456 -19.56 12.85 23.52
N LYS B 457 -18.61 13.74 23.82
CA LYS B 457 -17.22 13.39 24.12
C LYS B 457 -16.96 13.44 25.61
N ILE B 458 -16.21 12.47 26.12
CA ILE B 458 -15.91 12.42 27.55
C ILE B 458 -14.61 13.14 27.88
N GLU B 459 -14.67 14.11 28.80
CA GLU B 459 -13.49 14.85 29.23
C GLU B 459 -13.14 14.55 30.70
N PRO B 460 -12.21 13.62 30.96
CA PRO B 460 -11.90 13.02 32.25
C PRO B 460 -11.17 13.93 33.23
N LEU B 461 -10.59 15.01 32.73
CA LEU B 461 -9.73 15.84 33.56
C LEU B 461 -10.47 17.05 34.14
N GLY B 462 -10.24 17.33 35.42
CA GLY B 462 -10.83 18.51 36.05
C GLY B 462 -10.12 18.88 37.35
N VAL B 463 -10.49 20.04 37.90
CA VAL B 463 -9.85 20.56 39.10
C VAL B 463 -10.84 20.99 40.17
N ALA B 464 -10.37 21.09 41.41
CA ALA B 464 -11.25 21.46 42.53
C ALA B 464 -10.46 22.16 43.67
N PRO B 465 -11.14 23.01 44.47
CA PRO B 465 -10.65 23.81 45.59
C PRO B 465 -10.29 23.13 46.91
N THR B 466 -10.63 21.86 47.10
CA THR B 466 -10.55 21.32 48.47
C THR B 466 -9.19 21.55 49.10
N ARG B 467 -9.20 21.93 50.38
CA ARG B 467 -7.97 22.19 51.11
C ARG B 467 -7.16 20.93 51.30
N CYS B 468 -5.87 21.01 50.99
CA CYS B 468 -4.96 19.91 51.28
C CYS B 468 -3.51 20.38 51.25
N LYS B 469 -2.61 19.54 51.72
CA LYS B 469 -1.19 19.86 51.71
C LYS B 469 -0.37 18.75 51.09
N ARG B 470 0.79 19.13 50.56
CA ARG B 470 1.71 18.17 49.96
C ARG B 470 3.16 18.57 50.17
N ARG B 471 4.06 17.60 50.03
CA ARG B 471 5.49 17.86 50.10
C ARG B 471 6.08 17.96 48.71
N LEU C 9 12.61 33.24 24.37
CA LEU C 9 12.68 31.79 24.54
C LEU C 9 11.41 31.09 24.06
N GLY C 10 11.21 31.11 22.75
CA GLY C 10 10.09 30.39 22.14
C GLY C 10 10.53 28.96 21.84
N PHE C 11 9.73 28.23 21.09
CA PHE C 11 10.09 26.85 20.76
C PHE C 11 11.45 26.83 20.07
N LEU C 12 12.34 25.99 20.58
CA LEU C 12 13.73 25.86 20.13
C LEU C 12 14.57 27.15 20.24
N GLY C 13 14.05 28.18 20.91
CA GLY C 13 14.84 29.40 21.09
C GLY C 13 16.05 29.10 21.95
N ALA C 14 15.91 28.09 22.79
CA ALA C 14 16.94 27.63 23.69
C ALA C 14 18.15 27.08 22.96
N ALA C 15 17.96 26.65 21.71
CA ALA C 15 19.03 26.00 20.97
C ALA C 15 20.26 26.91 20.84
N GLY C 16 20.04 28.22 20.79
CA GLY C 16 21.13 29.17 20.66
C GLY C 16 21.89 29.40 21.98
N SER C 17 21.25 29.04 23.09
CA SER C 17 21.82 29.29 24.40
C SER C 17 22.76 28.17 24.81
N THR C 18 23.54 28.40 25.86
CA THR C 18 24.42 27.36 26.36
C THR C 18 23.61 26.30 27.09
N MET C 19 24.21 25.14 27.31
CA MET C 19 23.49 24.01 27.85
C MET C 19 22.83 24.30 29.19
N GLY C 20 23.49 25.05 30.05
CA GLY C 20 22.89 25.34 31.36
C GLY C 20 21.64 26.18 31.23
N ALA C 21 21.69 27.20 30.38
CA ALA C 21 20.56 28.10 30.17
C ALA C 21 19.37 27.37 29.58
N ALA C 22 19.65 26.40 28.73
CA ALA C 22 18.63 25.66 28.01
C ALA C 22 17.69 24.90 28.95
N SER C 23 18.17 24.58 30.15
CA SER C 23 17.38 23.77 31.07
C SER C 23 16.09 24.48 31.51
N MET C 24 16.06 25.80 31.34
CA MET C 24 14.90 26.60 31.72
C MET C 24 13.69 26.29 30.85
N THR C 25 13.93 25.78 29.65
CA THR C 25 12.91 25.63 28.63
C THR C 25 12.44 24.20 28.38
N LEU C 26 12.86 23.24 29.21
CA LEU C 26 12.55 21.86 28.88
C LEU C 26 11.05 21.60 28.77
N THR C 27 10.27 22.29 29.59
CA THR C 27 8.81 22.14 29.53
C THR C 27 8.26 22.65 28.20
N VAL C 28 8.82 23.75 27.69
CA VAL C 28 8.35 24.32 26.45
C VAL C 28 8.55 23.35 25.30
N GLN C 29 9.69 22.68 25.31
CA GLN C 29 9.99 21.72 24.27
C GLN C 29 9.09 20.50 24.39
N ALA C 30 8.77 20.09 25.62
CA ALA C 30 7.95 18.90 25.85
C ALA C 30 6.55 19.05 25.27
N ARG C 31 6.01 20.26 25.33
CA ARG C 31 4.66 20.53 24.84
C ARG C 31 4.49 20.26 23.35
N ASN C 32 5.59 20.37 22.60
CA ASN C 32 5.54 20.29 21.15
C ASN C 32 5.96 18.94 20.58
N LEU C 33 6.12 17.94 21.45
CA LEU C 33 6.53 16.61 21.01
C LEU C 33 5.37 15.73 20.62
N LEU C 34 4.15 16.20 20.84
CA LEU C 34 2.97 15.39 20.61
C LEU C 34 1.84 16.19 19.98
N HIS C 59 -6.00 7.70 -0.68
CA HIS C 59 -4.62 8.08 -0.89
C HIS C 59 -4.17 9.11 0.14
N TRP C 60 -4.80 10.27 0.13
CA TRP C 60 -4.41 11.35 1.02
C TRP C 60 -4.58 10.94 2.48
N GLY C 61 -5.57 10.07 2.72
CA GLY C 61 -5.82 9.57 4.06
C GLY C 61 -4.70 8.69 4.56
N ILE C 62 -3.98 8.03 3.64
CA ILE C 62 -2.88 7.19 4.05
C ILE C 62 -1.72 8.03 4.54
N LYS C 63 -1.44 9.11 3.82
CA LYS C 63 -0.36 9.98 4.23
C LYS C 63 -0.63 10.60 5.60
N GLN C 64 -1.88 10.99 5.83
CA GLN C 64 -2.23 11.58 7.10
C GLN C 64 -2.09 10.59 8.24
N LEU C 65 -2.60 9.38 8.02
CA LEU C 65 -2.58 8.39 9.08
C LEU C 65 -1.19 7.86 9.36
N GLN C 66 -0.38 7.63 8.33
CA GLN C 66 0.96 7.10 8.60
C GLN C 66 1.82 8.11 9.34
N ALA C 67 1.68 9.38 9.01
CA ALA C 67 2.47 10.38 9.69
C ALA C 67 2.11 10.45 11.18
N ARG C 68 0.82 10.36 11.48
CA ARG C 68 0.39 10.43 12.87
C ARG C 68 0.80 9.19 13.65
N VAL C 69 0.69 8.03 13.04
CA VAL C 69 1.03 6.80 13.74
C VAL C 69 2.50 6.74 14.07
N LEU C 70 3.35 7.09 13.12
CA LEU C 70 4.78 7.04 13.36
C LEU C 70 5.20 8.04 14.43
N ALA C 71 4.57 9.21 14.45
CA ALA C 71 4.91 10.19 15.47
C ALA C 71 4.59 9.64 16.85
N VAL C 72 3.48 8.92 16.97
CA VAL C 72 3.09 8.33 18.24
C VAL C 72 4.01 7.21 18.67
N GLU C 73 4.40 6.33 17.75
CA GLU C 73 5.28 5.24 18.15
C GLU C 73 6.61 5.75 18.64
N HIS C 74 7.12 6.81 18.01
CA HIS C 74 8.39 7.35 18.43
C HIS C 74 8.28 7.94 19.83
N TYR C 75 7.19 8.68 20.05
CA TYR C 75 6.93 9.29 21.35
C TYR C 75 6.88 8.25 22.46
N LEU C 76 6.12 7.19 22.23
CA LEU C 76 5.97 6.15 23.23
C LEU C 76 7.26 5.42 23.52
N ARG C 77 8.09 5.20 22.50
CA ARG C 77 9.35 4.50 22.74
C ARG C 77 10.27 5.28 23.66
N ASP C 78 10.29 6.60 23.53
CA ASP C 78 11.13 7.37 24.44
C ASP C 78 10.63 7.28 25.87
N GLN C 79 9.33 7.26 26.06
CA GLN C 79 8.80 7.12 27.41
C GLN C 79 9.10 5.76 27.98
N GLN C 80 9.06 4.72 27.12
CA GLN C 80 9.37 3.38 27.58
C GLN C 80 10.80 3.29 28.06
N LEU C 81 11.70 3.97 27.34
CA LEU C 81 13.10 3.94 27.70
C LEU C 81 13.32 4.61 29.05
N LEU C 82 12.63 5.72 29.29
CA LEU C 82 12.73 6.37 30.59
C LEU C 82 12.18 5.47 31.68
N GLY C 83 11.11 4.73 31.36
CA GLY C 83 10.51 3.83 32.34
C GLY C 83 11.46 2.73 32.75
N ILE C 84 12.27 2.26 31.80
CA ILE C 84 13.29 1.28 32.11
C ILE C 84 14.34 1.87 33.04
N TRP C 85 14.70 3.13 32.77
CA TRP C 85 15.67 3.84 33.60
C TRP C 85 15.10 4.26 34.95
N GLY C 86 13.77 4.33 35.05
CA GLY C 86 13.12 4.74 36.29
C GLY C 86 12.94 6.25 36.40
N CYS C 87 13.15 6.96 35.29
CA CYS C 87 13.08 8.42 35.27
C CYS C 87 11.82 8.93 34.57
N SER C 88 10.82 8.07 34.40
CA SER C 88 9.63 8.43 33.63
C SER C 88 8.82 9.58 34.20
N GLY C 89 8.96 9.84 35.50
CA GLY C 89 8.20 10.91 36.14
C GLY C 89 8.88 12.27 36.11
N LYS C 90 10.09 12.36 35.55
CA LYS C 90 10.83 13.62 35.63
C LYS C 90 11.44 14.06 34.30
N LEU C 91 11.48 15.38 34.09
CA LEU C 91 12.22 15.96 32.97
C LEU C 91 13.73 15.81 33.17
N ILE C 92 14.15 15.88 34.43
CA ILE C 92 15.56 15.79 34.80
C ILE C 92 15.75 14.74 35.89
N CYS C 93 16.72 13.84 35.71
CA CYS C 93 17.01 12.91 36.79
C CYS C 93 18.48 12.54 36.84
N CYS C 94 18.89 12.01 37.99
CA CYS C 94 20.25 11.54 38.19
C CYS C 94 20.30 10.03 38.29
N THR C 95 21.42 9.45 37.89
CA THR C 95 21.62 8.03 38.01
C THR C 95 22.91 7.78 38.76
N ASN C 96 23.15 6.54 39.13
CA ASN C 96 24.34 6.16 39.87
C ASN C 96 25.38 5.51 38.98
N VAL C 97 25.22 5.65 37.67
CA VAL C 97 26.20 5.10 36.74
C VAL C 97 27.31 6.12 36.49
N PRO C 98 28.58 5.80 36.78
CA PRO C 98 29.72 6.69 36.70
C PRO C 98 30.00 7.10 35.27
N TRP C 99 30.48 8.33 35.11
CA TRP C 99 30.88 8.82 33.80
C TRP C 99 32.26 8.27 33.43
N ASN C 100 32.39 7.73 32.23
CA ASN C 100 33.70 7.32 31.74
C ASN C 100 34.49 8.54 31.28
N SER C 101 35.67 8.72 31.82
CA SER C 101 36.46 9.91 31.49
C SER C 101 36.86 9.92 30.02
N SER C 102 36.85 8.77 29.37
CA SER C 102 37.22 8.72 27.96
C SER C 102 36.10 9.21 27.03
N TRP C 103 34.87 9.34 27.53
CA TRP C 103 33.77 9.77 26.68
C TRP C 103 33.92 11.21 26.21
N SER C 104 34.50 12.06 27.06
CA SER C 104 34.78 13.44 26.68
C SER C 104 35.86 14.05 27.56
N ASN C 105 36.86 14.68 26.92
CA ASN C 105 37.93 15.31 27.66
C ASN C 105 37.62 16.78 27.97
N ARG C 106 36.62 17.00 28.80
CA ARG C 106 36.19 18.35 29.16
C ARG C 106 35.87 18.49 30.64
N ASN C 107 35.96 19.72 31.14
CA ASN C 107 35.56 20.02 32.51
C ASN C 107 34.05 20.11 32.65
N LEU C 108 33.53 19.77 33.82
CA LEU C 108 32.10 19.80 33.99
C LEU C 108 31.51 21.19 33.76
N SER C 109 32.12 22.21 34.37
CA SER C 109 31.59 23.57 34.20
C SER C 109 31.81 24.07 32.78
N GLU C 110 32.82 23.55 32.11
CA GLU C 110 33.07 23.92 30.73
C GLU C 110 31.93 23.47 29.84
N ILE C 111 31.46 22.25 30.07
CA ILE C 111 30.39 21.72 29.25
C ILE C 111 29.11 22.50 29.43
N TRP C 112 28.75 22.80 30.66
CA TRP C 112 27.51 23.51 30.91
C TRP C 112 27.51 24.99 30.49
N ASP C 113 28.65 25.66 30.62
CA ASP C 113 28.69 27.08 30.30
C ASP C 113 29.31 27.45 28.95
N ASN C 114 30.09 26.54 28.34
CA ASN C 114 30.80 26.91 27.13
C ASN C 114 30.31 26.16 25.89
N MET C 115 29.21 25.44 26.01
CA MET C 115 28.69 24.66 24.88
C MET C 115 27.19 24.74 24.74
N THR C 116 26.72 24.52 23.51
CA THR C 116 25.30 24.33 23.23
C THR C 116 24.97 22.84 23.22
N TRP C 117 23.69 22.50 23.34
CA TRP C 117 23.29 21.10 23.28
C TRP C 117 23.53 20.50 21.89
N LEU C 118 23.45 21.34 20.87
CA LEU C 118 23.69 20.86 19.50
C LEU C 118 25.13 20.40 19.34
N GLN C 119 26.06 21.15 19.90
CA GLN C 119 27.47 20.77 19.84
C GLN C 119 27.76 19.55 20.70
N TRP C 120 27.16 19.51 21.87
CA TRP C 120 27.41 18.44 22.82
C TRP C 120 26.96 17.10 22.28
N ASP C 121 25.82 17.09 21.61
CA ASP C 121 25.28 15.84 21.08
C ASP C 121 26.21 15.21 20.06
N LYS C 122 26.92 16.05 19.31
CA LYS C 122 27.84 15.52 18.31
C LYS C 122 29.06 14.87 18.95
N GLU C 123 29.59 15.50 19.99
CA GLU C 123 30.82 15.02 20.61
C GLU C 123 30.69 13.65 21.27
N ILE C 124 29.50 13.33 21.75
CA ILE C 124 29.31 12.04 22.40
C ILE C 124 28.43 11.11 21.58
N SER C 125 28.28 11.40 20.30
CA SER C 125 27.42 10.59 19.44
C SER C 125 27.91 9.15 19.28
N ASN C 126 29.20 8.92 19.51
CA ASN C 126 29.76 7.58 19.40
C ASN C 126 29.46 6.74 20.65
N TYR C 127 29.05 7.40 21.73
CA TYR C 127 28.94 6.71 23.01
C TYR C 127 27.50 6.60 23.52
N THR C 128 26.55 7.11 22.75
CA THR C 128 25.18 7.15 23.22
C THR C 128 24.61 5.76 23.49
N GLN C 129 24.87 4.82 22.60
CA GLN C 129 24.34 3.48 22.79
C GLN C 129 24.96 2.78 23.98
N ILE C 130 26.22 3.11 24.26
CA ILE C 130 26.90 2.52 25.39
C ILE C 130 26.30 3.03 26.69
N ILE C 131 26.06 4.34 26.75
CA ILE C 131 25.50 4.93 27.95
C ILE C 131 24.09 4.40 28.21
N TYR C 132 23.29 4.30 27.15
CA TYR C 132 21.94 3.83 27.33
C TYR C 132 21.93 2.40 27.85
N GLY C 133 22.82 1.56 27.34
CA GLY C 133 22.90 0.19 27.80
C GLY C 133 23.35 0.10 29.25
N LEU C 134 24.29 0.95 29.64
CA LEU C 134 24.77 0.92 31.02
C LEU C 134 23.70 1.33 32.01
N LEU C 135 22.87 2.29 31.65
CA LEU C 135 21.81 2.72 32.55
C LEU C 135 20.82 1.59 32.80
N GLU C 136 20.49 0.87 31.73
CA GLU C 136 19.58 -0.25 31.82
C GLU C 136 20.17 -1.43 32.58
N GLU C 137 21.42 -1.76 32.26
CA GLU C 137 22.05 -2.96 32.79
C GLU C 137 22.71 -2.81 34.15
N SER C 138 23.50 -1.75 34.33
CA SER C 138 24.34 -1.67 35.51
C SER C 138 23.64 -1.15 36.75
N GLN C 139 22.52 -0.46 36.60
CA GLN C 139 21.86 0.07 37.79
C GLN C 139 20.47 -0.48 38.05
N ASN C 140 19.60 -0.39 37.07
CA ASN C 140 18.21 -0.76 37.33
C ASN C 140 18.03 -2.25 37.57
N GLN C 141 18.95 -3.06 37.07
CA GLN C 141 18.88 -4.49 37.33
C GLN C 141 19.17 -4.82 38.79
N GLN C 142 19.95 -3.96 39.45
CA GLN C 142 20.30 -4.21 40.84
C GLN C 142 19.23 -3.68 41.78
N GLU C 143 18.65 -2.52 41.44
CA GLU C 143 17.68 -1.91 42.34
C GLU C 143 16.42 -2.75 42.48
N LYS C 144 15.99 -3.38 41.39
CA LYS C 144 14.78 -4.18 41.47
C LYS C 144 14.97 -5.37 42.40
N ASN C 145 16.20 -5.85 42.52
CA ASN C 145 16.46 -7.00 43.37
C ASN C 145 16.50 -6.58 44.83
N GLU C 146 17.11 -5.43 45.11
CA GLU C 146 17.17 -4.96 46.49
C GLU C 146 15.78 -4.62 47.00
N GLN C 147 14.96 -4.04 46.13
CA GLN C 147 13.60 -3.69 46.53
C GLN C 147 12.77 -4.91 46.82
N ASP C 148 13.01 -6.01 46.09
CA ASP C 148 12.27 -7.23 46.34
C ASP C 148 12.60 -7.80 47.71
N LEU C 149 13.87 -7.70 48.10
CA LEU C 149 14.28 -8.19 49.42
C LEU C 149 13.70 -7.35 50.54
N LEU C 150 13.67 -6.03 50.34
CA LEU C 150 13.12 -5.14 51.36
C LEU C 150 11.62 -5.34 51.51
N ALA C 151 10.93 -5.50 50.37
CA ALA C 151 9.50 -5.72 50.38
C ALA C 151 9.14 -7.07 51.01
N LEU C 152 10.01 -8.07 50.82
CA LEU C 152 9.82 -9.40 51.37
C LEU C 152 9.83 -9.42 52.89
N ASP C 153 10.72 -8.62 53.48
CA ASP C 153 10.85 -8.55 54.93
C ASP C 153 9.56 -8.10 55.59
N GLU D 1 34.19 16.31 41.47
CA GLU D 1 34.62 15.04 42.05
C GLU D 1 34.34 13.91 41.07
N ASN D 2 33.46 13.00 41.46
CA ASN D 2 33.07 11.87 40.63
C ASN D 2 31.90 12.24 39.75
N LEU D 3 32.12 12.23 38.44
CA LEU D 3 31.07 12.56 37.49
C LEU D 3 30.15 11.36 37.27
N TRP D 4 28.86 11.63 37.07
CA TRP D 4 27.87 10.57 36.92
C TRP D 4 26.97 10.85 35.73
N VAL D 5 26.41 9.80 35.15
CA VAL D 5 25.47 9.98 34.05
C VAL D 5 24.15 10.57 34.55
N THR D 6 23.68 11.60 33.87
CA THR D 6 22.37 12.18 34.15
C THR D 6 21.55 12.18 32.89
N VAL D 7 20.23 12.25 33.02
CA VAL D 7 19.35 12.20 31.87
C VAL D 7 18.46 13.42 31.77
N TYR D 8 18.41 14.01 30.58
CA TYR D 8 17.55 15.16 30.31
C TYR D 8 16.55 14.85 29.22
N TYR D 9 15.32 15.33 29.41
CA TYR D 9 14.27 15.19 28.41
C TYR D 9 13.72 16.56 28.04
N GLY D 10 13.40 16.75 26.77
CA GLY D 10 12.95 18.07 26.31
C GLY D 10 14.13 18.90 25.79
N VAL D 11 15.24 18.23 25.55
CA VAL D 11 16.46 18.88 25.08
C VAL D 11 16.28 19.39 23.62
N PRO D 12 16.61 20.66 23.33
CA PRO D 12 16.42 21.33 22.04
C PRO D 12 17.46 20.94 20.99
N VAL D 13 17.45 19.65 20.61
CA VAL D 13 18.34 19.12 19.58
C VAL D 13 17.57 18.48 18.44
N TRP D 14 18.01 18.73 17.21
CA TRP D 14 17.34 18.18 16.05
C TRP D 14 18.31 17.52 15.06
N LYS D 15 17.77 16.61 14.25
CA LYS D 15 18.52 15.94 13.18
C LYS D 15 17.78 16.04 11.86
N ASP D 16 18.51 16.03 10.76
CA ASP D 16 17.88 16.10 9.45
C ASP D 16 17.00 14.89 9.19
N ALA D 17 15.82 15.11 8.61
CA ALA D 17 14.95 13.99 8.27
C ALA D 17 13.92 14.38 7.23
N GLU D 18 13.46 13.40 6.45
CA GLU D 18 12.33 13.63 5.56
C GLU D 18 11.03 13.10 6.16
N THR D 19 10.00 13.92 6.09
CA THR D 19 8.66 13.50 6.47
C THR D 19 7.65 14.14 5.54
N THR D 20 6.49 13.55 5.43
CA THR D 20 5.43 14.13 4.63
C THR D 20 4.94 15.42 5.26
N LEU D 21 4.87 16.47 4.45
CA LEU D 21 4.27 17.73 4.89
C LEU D 21 2.84 17.80 4.39
N PHE D 22 1.98 18.52 5.10
CA PHE D 22 0.59 18.56 4.67
C PHE D 22 0.17 19.92 4.17
N CYS D 23 -0.54 19.91 3.06
CA CYS D 23 -0.92 21.13 2.37
C CYS D 23 -2.08 21.84 3.05
N ALA D 24 -2.09 23.16 2.94
CA ALA D 24 -3.20 23.95 3.41
C ALA D 24 -3.45 25.10 2.43
N SER D 25 -4.70 25.55 2.36
CA SER D 25 -5.03 26.62 1.41
C SER D 25 -6.16 27.51 1.91
N ASP D 26 -6.12 28.77 1.48
CA ASP D 26 -7.17 29.74 1.79
C ASP D 26 -8.45 29.43 1.02
N ALA D 27 -8.32 28.64 -0.04
CA ALA D 27 -9.47 28.28 -0.88
C ALA D 27 -10.09 26.99 -0.37
N LYS D 34 -17.60 26.21 -7.04
CA LYS D 34 -16.17 26.46 -6.91
C LYS D 34 -15.36 25.23 -7.25
N HIS D 35 -14.80 25.20 -8.45
CA HIS D 35 -14.00 24.06 -8.88
C HIS D 35 -12.68 24.50 -9.48
N ASN D 36 -11.62 23.76 -9.15
CA ASN D 36 -10.28 24.05 -9.59
C ASN D 36 -9.48 22.76 -9.68
N VAL D 37 -8.54 22.69 -10.61
CA VAL D 37 -7.67 21.52 -10.76
C VAL D 37 -6.70 21.33 -9.59
N TRP D 38 -6.41 22.41 -8.86
CA TRP D 38 -5.39 22.44 -7.82
C TRP D 38 -5.81 21.86 -6.47
N ALA D 39 -4.83 21.82 -5.56
CA ALA D 39 -4.85 21.14 -4.26
C ALA D 39 -5.97 21.59 -3.32
N THR D 40 -6.63 22.69 -3.62
CA THR D 40 -7.65 23.21 -2.73
C THR D 40 -8.69 22.15 -2.31
N HIS D 41 -8.93 21.16 -3.16
CA HIS D 41 -9.90 20.12 -2.80
C HIS D 41 -9.35 19.15 -1.75
N ALA D 42 -8.03 18.96 -1.73
CA ALA D 42 -7.38 18.03 -0.80
C ALA D 42 -6.94 18.73 0.48
N CYS D 43 -6.81 20.05 0.41
CA CYS D 43 -6.24 20.85 1.50
C CYS D 43 -7.19 21.23 2.61
N VAL D 44 -6.60 21.70 3.70
CA VAL D 44 -7.32 22.16 4.88
C VAL D 44 -7.02 23.64 5.08
N PRO D 45 -7.79 24.39 5.89
CA PRO D 45 -7.59 25.81 6.16
C PRO D 45 -6.20 26.11 6.73
N THR D 46 -5.68 27.26 6.34
CA THR D 46 -4.36 27.75 6.73
C THR D 46 -4.31 28.45 8.06
N ASP D 47 -3.10 28.62 8.55
CA ASP D 47 -2.83 29.57 9.63
C ASP D 47 -2.60 30.93 8.96
N PRO D 48 -3.49 31.91 9.13
CA PRO D 48 -3.49 33.19 8.43
C PRO D 48 -2.26 34.01 8.77
N ASN D 49 -1.63 33.70 9.90
CA ASN D 49 -0.43 34.41 10.33
C ASN D 49 0.52 33.47 11.05
N PRO D 50 1.28 32.64 10.32
CA PRO D 50 2.17 31.63 10.86
C PRO D 50 3.16 32.30 11.78
N GLN D 51 3.47 31.65 12.88
CA GLN D 51 4.42 32.23 13.82
C GLN D 51 5.83 31.92 13.40
N GLU D 52 6.72 32.87 13.59
CA GLU D 52 8.13 32.68 13.31
C GLU D 52 8.96 32.96 14.54
N ILE D 53 9.79 31.99 14.91
CA ILE D 53 10.66 32.13 16.06
C ILE D 53 12.12 32.04 15.63
N HIS D 54 12.86 33.12 15.84
CA HIS D 54 14.24 33.11 15.35
C HIS D 54 15.08 32.15 16.18
N LEU D 55 15.93 31.37 15.51
CA LEU D 55 16.86 30.53 16.23
C LEU D 55 18.20 31.22 16.25
N GLU D 56 18.56 31.74 17.39
CA GLU D 56 19.73 32.57 17.50
C GLU D 56 21.00 31.76 17.55
N ASN D 57 22.08 32.32 17.02
CA ASN D 57 23.38 31.67 17.05
C ASN D 57 23.34 30.28 16.41
N VAL D 58 22.58 30.16 15.32
CA VAL D 58 22.46 28.92 14.56
C VAL D 58 22.94 29.09 13.13
N THR D 59 23.82 28.19 12.70
CA THR D 59 24.46 28.22 11.40
C THR D 59 24.09 27.02 10.54
N GLU D 60 22.90 26.49 10.77
CA GLU D 60 22.44 25.27 10.11
C GLU D 60 22.61 25.33 8.60
N GLU D 61 23.19 24.27 8.06
CA GLU D 61 23.44 24.12 6.63
C GLU D 61 22.17 23.84 5.84
N PHE D 62 22.05 24.50 4.69
CA PHE D 62 20.95 24.25 3.76
C PHE D 62 21.51 23.74 2.45
N ASN D 63 20.74 22.90 1.76
CA ASN D 63 21.14 22.41 0.44
C ASN D 63 19.92 22.20 -0.43
N MET D 64 19.58 23.20 -1.24
CA MET D 64 18.35 23.14 -2.02
C MET D 64 18.31 22.00 -3.02
N TRP D 65 19.48 21.59 -3.50
CA TRP D 65 19.55 20.58 -4.54
C TRP D 65 19.21 19.19 -4.01
N LYS D 66 19.31 19.03 -2.69
CA LYS D 66 19.01 17.76 -2.03
C LYS D 66 17.70 17.83 -1.27
N ASN D 67 16.95 18.91 -1.47
CA ASN D 67 15.75 19.14 -0.69
C ASN D 67 14.59 18.28 -1.18
N ASN D 68 14.16 17.35 -0.33
CA ASN D 68 13.13 16.39 -0.71
C ASN D 68 11.73 16.97 -0.71
N MET D 69 11.59 18.21 -0.24
CA MET D 69 10.30 18.88 -0.29
C MET D 69 9.91 19.09 -1.75
N VAL D 70 10.92 19.21 -2.61
CA VAL D 70 10.68 19.41 -4.03
C VAL D 70 10.00 18.22 -4.64
N GLU D 71 10.47 17.02 -4.28
CA GLU D 71 9.88 15.82 -4.82
C GLU D 71 8.46 15.63 -4.32
N GLN D 72 8.21 15.97 -3.06
CA GLN D 72 6.86 15.84 -2.55
C GLN D 72 5.89 16.78 -3.25
N MET D 73 6.35 18.00 -3.51
CA MET D 73 5.51 18.95 -4.19
C MET D 73 5.19 18.50 -5.59
N HIS D 74 6.18 17.96 -6.28
CA HIS D 74 6.00 17.57 -7.65
C HIS D 74 5.02 16.42 -7.78
N GLU D 75 5.15 15.42 -6.91
CA GLU D 75 4.24 14.28 -6.97
C GLU D 75 2.82 14.67 -6.62
N ASP D 76 2.64 15.57 -5.66
CA ASP D 76 1.29 15.96 -5.29
C ASP D 76 0.62 16.75 -6.40
N ILE D 77 1.37 17.62 -7.06
CA ILE D 77 0.78 18.43 -8.12
C ILE D 77 0.31 17.57 -9.29
N ILE D 78 1.12 16.60 -9.66
CA ILE D 78 0.72 15.71 -10.75
C ILE D 78 -0.49 14.88 -10.37
N SER D 79 -0.51 14.36 -9.14
CA SER D 79 -1.63 13.53 -8.74
C SER D 79 -2.93 14.31 -8.75
N LEU D 80 -2.86 15.56 -8.33
CA LEU D 80 -4.03 16.43 -8.33
C LEU D 80 -4.51 16.74 -9.73
N TRP D 81 -3.57 16.95 -10.65
CA TRP D 81 -3.93 17.22 -12.02
C TRP D 81 -4.73 16.06 -12.58
N ASP D 82 -4.27 14.84 -12.32
CA ASP D 82 -4.96 13.66 -12.82
C ASP D 82 -6.33 13.46 -12.20
N GLN D 83 -6.46 13.75 -10.91
CA GLN D 83 -7.75 13.54 -10.26
C GLN D 83 -8.81 14.47 -10.82
N SER D 84 -8.41 15.66 -11.24
CA SER D 84 -9.34 16.63 -11.78
C SER D 84 -9.93 16.20 -13.11
N LEU D 85 -9.28 15.25 -13.80
CA LEU D 85 -9.75 14.83 -15.11
C LEU D 85 -10.57 13.55 -15.08
N LYS D 86 -10.69 12.90 -13.93
CA LYS D 86 -11.37 11.61 -13.93
C LYS D 86 -12.88 11.68 -14.24
N PRO D 87 -13.63 12.71 -13.82
CA PRO D 87 -15.01 12.96 -14.18
C PRO D 87 -15.21 13.38 -15.64
N CYS D 88 -14.12 13.80 -16.28
CA CYS D 88 -14.24 14.50 -17.56
C CYS D 88 -14.39 13.57 -18.75
N VAL D 89 -14.95 14.12 -19.82
CA VAL D 89 -15.34 13.43 -21.05
C VAL D 89 -14.19 12.91 -21.91
N LYS D 90 -14.28 11.65 -22.32
CA LYS D 90 -13.32 11.06 -23.24
C LYS D 90 -13.69 11.37 -24.68
N LEU D 91 -12.70 11.65 -25.51
CA LEU D 91 -12.94 12.02 -26.91
C LEU D 91 -12.56 10.94 -27.91
N THR D 92 -12.58 9.68 -27.50
CA THR D 92 -12.17 8.60 -28.41
C THR D 92 -12.88 8.58 -29.78
N PRO D 93 -14.20 8.86 -29.88
CA PRO D 93 -14.95 8.94 -31.12
C PRO D 93 -14.42 10.01 -32.08
N LEU D 94 -13.63 10.94 -31.56
CA LEU D 94 -13.10 12.04 -32.35
C LEU D 94 -12.04 11.63 -33.37
N CYS D 95 -11.43 10.46 -33.23
CA CYS D 95 -10.38 10.12 -34.18
C CYS D 95 -10.97 9.63 -35.50
N VAL D 96 -11.05 10.56 -36.46
CA VAL D 96 -11.69 10.40 -37.76
C VAL D 96 -10.84 10.96 -38.91
N THR D 97 -11.32 10.76 -40.14
CA THR D 97 -10.64 11.21 -41.36
C THR D 97 -10.37 12.74 -41.46
N LEU D 98 -11.23 13.57 -40.88
CA LEU D 98 -10.97 15.02 -40.85
C LEU D 98 -10.61 15.67 -42.17
N GLN D 99 -11.43 15.58 -43.19
CA GLN D 99 -11.06 16.25 -44.43
C GLN D 99 -11.05 17.77 -44.21
N CYS D 100 -10.05 18.46 -44.75
CA CYS D 100 -9.94 19.91 -44.54
C CYS D 100 -9.93 20.71 -45.84
N THR D 101 -10.44 21.93 -45.75
CA THR D 101 -10.69 22.82 -46.89
C THR D 101 -10.00 24.20 -46.80
N ASN D 102 -8.85 24.28 -46.12
CA ASN D 102 -8.14 25.54 -45.95
C ASN D 102 -8.96 26.53 -45.10
N VAL D 103 -8.89 27.83 -45.38
CA VAL D 103 -9.66 28.81 -44.61
C VAL D 103 -10.10 30.01 -45.45
N THR D 104 -11.31 30.52 -45.21
CA THR D 104 -11.78 31.75 -45.87
C THR D 104 -12.34 32.77 -44.87
N ASN D 105 -11.81 33.99 -44.90
CA ASN D 105 -12.27 35.08 -44.04
C ASN D 105 -11.61 36.40 -44.48
N ASN D 106 -11.81 37.46 -43.70
CA ASN D 106 -10.95 38.63 -43.83
C ASN D 106 -9.66 38.35 -43.06
N ILE D 107 -8.60 38.03 -43.79
CA ILE D 107 -7.41 37.44 -43.17
C ILE D 107 -6.14 38.29 -43.27
N THR D 108 -5.52 38.58 -42.11
CA THR D 108 -4.19 39.19 -42.09
C THR D 108 -3.20 38.06 -41.87
N ASP D 109 -3.78 36.93 -41.48
CA ASP D 109 -3.16 35.63 -41.29
C ASP D 109 -2.10 35.57 -40.19
N ASP D 110 -1.24 34.59 -40.36
CA ASP D 110 -0.25 34.14 -39.42
C ASP D 110 0.77 33.40 -40.26
N MET D 111 1.47 32.44 -39.67
CA MET D 111 2.23 31.55 -40.53
C MET D 111 1.19 30.93 -41.46
N ARG D 112 1.51 30.81 -42.74
CA ARG D 112 0.47 30.39 -43.67
C ARG D 112 -0.02 28.99 -43.34
N GLY D 113 -1.34 28.82 -43.37
CA GLY D 113 -1.94 27.52 -43.11
C GLY D 113 -2.11 27.22 -41.61
N GLU D 114 -1.83 28.20 -40.75
CA GLU D 114 -1.91 27.99 -39.30
C GLU D 114 -3.32 27.64 -38.82
N LEU D 115 -4.34 28.19 -39.47
CA LEU D 115 -5.72 27.89 -39.11
C LEU D 115 -6.40 27.05 -40.19
N LYS D 116 -7.12 25.99 -39.79
CA LYS D 116 -7.72 25.08 -40.76
C LYS D 116 -9.23 24.88 -40.56
N ASN D 117 -9.96 24.82 -41.68
CA ASN D 117 -11.39 24.52 -41.69
C ASN D 117 -11.64 23.07 -42.04
N CYS D 118 -12.11 22.26 -41.07
CA CYS D 118 -12.24 20.83 -41.29
C CYS D 118 -13.63 20.29 -40.95
N SER D 119 -13.98 19.12 -41.53
CA SER D 119 -15.28 18.51 -41.27
C SER D 119 -15.22 16.99 -41.18
N PHE D 120 -16.20 16.41 -40.47
CA PHE D 120 -16.21 14.97 -40.21
C PHE D 120 -17.58 14.40 -39.78
N ASN D 121 -17.70 13.06 -39.83
CA ASN D 121 -18.88 12.36 -39.32
C ASN D 121 -18.74 12.05 -37.83
N MET D 122 -19.44 12.79 -36.99
CA MET D 122 -19.38 12.60 -35.55
C MET D 122 -20.53 11.72 -35.07
N THR D 123 -20.34 10.98 -33.98
CA THR D 123 -21.42 10.13 -33.46
C THR D 123 -22.45 10.97 -32.71
N THR D 124 -23.59 10.37 -32.43
CA THR D 124 -24.71 11.07 -31.78
C THR D 124 -25.22 10.32 -30.55
N GLU D 125 -26.27 10.85 -29.96
CA GLU D 125 -26.87 10.29 -28.74
C GLU D 125 -27.33 8.85 -28.94
N LEU D 126 -27.79 8.52 -30.14
CA LEU D 126 -28.25 7.18 -30.43
C LEU D 126 -27.19 6.41 -31.22
N ARG D 127 -27.06 5.12 -30.92
CA ARG D 127 -26.11 4.27 -31.61
C ARG D 127 -26.39 4.17 -33.11
N ASP D 128 -27.64 4.38 -33.49
CA ASP D 128 -28.09 4.24 -34.86
C ASP D 128 -27.76 5.43 -35.78
N LYS D 129 -27.31 6.55 -35.22
CA LYS D 129 -27.19 7.76 -36.06
C LYS D 129 -25.86 8.49 -35.94
N LYS D 130 -25.49 9.15 -37.05
CA LYS D 130 -24.29 9.99 -37.14
C LYS D 130 -24.67 11.41 -37.59
N GLN D 131 -23.82 12.38 -37.26
CA GLN D 131 -24.07 13.77 -37.63
C GLN D 131 -22.86 14.42 -38.29
N LYS D 132 -23.12 15.19 -39.35
CA LYS D 132 -22.05 15.93 -40.00
C LYS D 132 -21.78 17.25 -39.29
N VAL D 133 -20.52 17.49 -38.94
CA VAL D 133 -20.13 18.73 -38.27
C VAL D 133 -18.90 19.33 -38.93
N TYR D 134 -18.68 20.62 -38.67
CA TYR D 134 -17.42 21.23 -39.06
C TYR D 134 -16.89 22.04 -37.91
N SER D 135 -15.57 22.22 -37.87
CA SER D 135 -14.95 22.98 -36.80
C SER D 135 -13.60 23.52 -37.24
N LEU D 136 -13.08 24.50 -36.50
CA LEU D 136 -11.75 25.02 -36.81
C LEU D 136 -10.67 24.41 -35.93
N PHE D 137 -9.52 24.13 -36.53
CA PHE D 137 -8.37 23.60 -35.81
C PHE D 137 -7.12 24.41 -36.06
N TYR D 138 -6.18 24.37 -35.13
CA TYR D 138 -4.89 24.96 -35.37
C TYR D 138 -4.01 23.94 -36.08
N ARG D 139 -3.06 24.41 -36.86
CA ARG D 139 -2.17 23.52 -37.60
C ARG D 139 -1.44 22.55 -36.69
N LEU D 140 -1.11 23.00 -35.49
CA LEU D 140 -0.40 22.16 -34.53
C LEU D 140 -1.26 20.99 -34.05
N ASP D 141 -2.58 21.11 -34.16
CA ASP D 141 -3.49 20.09 -33.67
C ASP D 141 -3.72 18.97 -34.70
N VAL D 142 -3.33 19.20 -35.95
CA VAL D 142 -3.69 18.30 -37.05
C VAL D 142 -2.50 17.91 -37.93
N VAL D 143 -2.37 16.62 -38.22
CA VAL D 143 -1.29 16.13 -39.09
C VAL D 143 -1.84 15.47 -40.37
N GLN D 144 -1.28 15.85 -41.51
CA GLN D 144 -1.75 15.31 -42.80
C GLN D 144 -1.42 13.85 -42.96
N ILE D 145 -2.36 13.08 -43.51
CA ILE D 145 -2.16 11.66 -43.78
C ILE D 145 -1.43 11.45 -45.10
N LYS D 158 -7.86 17.62 -48.54
CA LYS D 158 -7.05 16.44 -48.24
C LYS D 158 -7.47 15.79 -46.92
N GLU D 159 -7.02 14.55 -46.73
CA GLU D 159 -7.32 13.80 -45.50
C GLU D 159 -6.29 14.07 -44.41
N TYR D 160 -6.76 14.19 -43.18
CA TYR D 160 -5.91 14.52 -42.04
C TYR D 160 -6.19 13.64 -40.83
N ARG D 161 -5.25 13.63 -39.89
CA ARG D 161 -5.43 12.90 -38.65
C ARG D 161 -5.25 13.84 -37.47
N LEU D 162 -6.09 13.69 -36.46
CA LEU D 162 -5.93 14.52 -35.27
C LEU D 162 -4.62 14.13 -34.63
N ILE D 163 -3.83 15.10 -34.25
CA ILE D 163 -2.50 14.78 -33.75
C ILE D 163 -2.61 13.93 -32.50
N ASN D 164 -1.73 12.94 -32.43
CA ASN D 164 -1.63 11.97 -31.34
C ASN D 164 -2.79 10.99 -31.22
N CYS D 165 -3.64 10.86 -32.25
CA CYS D 165 -4.60 9.74 -32.23
C CYS D 165 -3.89 8.41 -32.38
N ASN D 166 -2.68 8.41 -32.89
CA ASN D 166 -1.96 7.16 -33.08
C ASN D 166 -1.04 6.87 -31.88
N THR D 167 -1.08 7.72 -30.85
CA THR D 167 -0.24 7.48 -29.68
C THR D 167 -1.00 7.40 -28.36
N SER D 168 -2.14 8.06 -28.25
CA SER D 168 -2.81 8.13 -26.96
C SER D 168 -4.29 8.45 -27.01
N ALA D 169 -5.00 8.10 -25.93
CA ALA D 169 -6.35 8.57 -25.71
C ALA D 169 -6.34 10.07 -25.44
N ILE D 170 -7.39 10.75 -25.86
CA ILE D 170 -7.51 12.19 -25.58
C ILE D 170 -8.71 12.48 -24.70
N THR D 171 -8.50 13.20 -23.61
CA THR D 171 -9.58 13.56 -22.68
C THR D 171 -9.85 15.06 -22.73
N GLN D 172 -11.12 15.44 -22.80
CA GLN D 172 -11.50 16.85 -22.80
C GLN D 172 -11.45 17.40 -21.39
N ALA D 173 -10.78 18.52 -21.18
CA ALA D 173 -10.81 19.13 -19.86
C ALA D 173 -12.21 19.62 -19.56
N CYS D 174 -12.63 19.51 -18.31
CA CYS D 174 -13.97 20.00 -17.97
C CYS D 174 -14.00 21.54 -18.07
N PRO D 175 -14.97 22.12 -18.78
CA PRO D 175 -15.10 23.53 -19.10
C PRO D 175 -15.36 24.39 -17.88
N LYS D 176 -15.85 23.78 -16.81
CA LYS D 176 -16.21 24.53 -15.61
C LYS D 176 -15.10 24.58 -14.57
N VAL D 177 -13.98 23.90 -14.84
CA VAL D 177 -12.93 23.82 -13.84
C VAL D 177 -11.77 24.76 -14.16
N SER D 178 -11.49 25.67 -13.24
CA SER D 178 -10.46 26.68 -13.44
C SER D 178 -9.04 26.12 -13.34
N PHE D 179 -8.13 26.71 -14.11
CA PHE D 179 -6.71 26.39 -14.04
C PHE D 179 -5.92 27.44 -13.26
N GLU D 180 -6.61 28.44 -12.73
CA GLU D 180 -5.93 29.55 -12.06
C GLU D 180 -5.18 29.04 -10.82
N PRO D 181 -3.89 29.38 -10.64
CA PRO D 181 -3.06 29.01 -9.50
C PRO D 181 -3.63 29.45 -8.17
N ILE D 182 -3.52 28.57 -7.18
CA ILE D 182 -3.92 28.83 -5.81
C ILE D 182 -2.72 28.62 -4.89
N PRO D 183 -2.31 29.60 -4.08
CA PRO D 183 -1.19 29.48 -3.15
C PRO D 183 -1.39 28.30 -2.21
N ILE D 184 -0.35 27.49 -2.07
CA ILE D 184 -0.36 26.35 -1.17
C ILE D 184 0.66 26.47 -0.05
N HIS D 185 0.21 26.28 1.18
CA HIS D 185 1.12 26.34 2.32
C HIS D 185 1.43 24.92 2.76
N TYR D 186 2.65 24.68 3.24
CA TYR D 186 2.99 23.35 3.75
C TYR D 186 3.31 23.41 5.23
N CYS D 187 2.75 22.48 6.01
CA CYS D 187 2.94 22.52 7.45
C CYS D 187 3.52 21.22 8.00
N ALA D 188 4.35 21.35 9.03
CA ALA D 188 4.98 20.20 9.67
C ALA D 188 4.00 19.37 10.49
N PRO D 189 4.18 18.04 10.57
CA PRO D 189 3.59 17.13 11.53
C PRO D 189 4.26 17.31 12.90
N ALA D 190 3.57 16.91 13.96
CA ALA D 190 4.16 17.03 15.30
C ALA D 190 5.43 16.21 15.39
N GLY D 191 6.40 16.74 16.13
CA GLY D 191 7.71 16.11 16.30
C GLY D 191 8.71 16.57 15.24
N PHE D 192 8.24 17.35 14.28
CA PHE D 192 9.08 17.88 13.21
C PHE D 192 8.94 19.39 13.12
N ALA D 193 9.96 20.05 12.58
CA ALA D 193 9.92 21.49 12.43
C ALA D 193 10.51 21.91 11.09
N ILE D 194 10.03 23.04 10.58
CA ILE D 194 10.56 23.59 9.35
C ILE D 194 11.46 24.78 9.62
N LEU D 195 12.70 24.68 9.17
CA LEU D 195 13.65 25.76 9.34
C LEU D 195 13.71 26.61 8.10
N LYS D 196 13.85 27.92 8.28
CA LYS D 196 13.91 28.85 7.16
C LYS D 196 15.20 29.66 7.19
N CYS D 197 15.86 29.75 6.05
CA CYS D 197 17.05 30.58 5.94
C CYS D 197 16.68 32.02 5.61
N LYS D 198 17.09 32.96 6.46
CA LYS D 198 16.76 34.37 6.27
C LYS D 198 17.88 35.15 5.62
N ASP D 199 19.03 34.51 5.45
CA ASP D 199 20.21 35.21 4.96
C ASP D 199 20.01 35.78 3.56
N LYS D 200 20.39 37.03 3.40
CA LYS D 200 20.30 37.71 2.12
C LYS D 200 21.33 37.18 1.14
N LYS D 201 20.96 37.13 -0.14
CA LYS D 201 21.88 36.77 -1.22
C LYS D 201 22.42 35.34 -1.09
N PHE D 202 21.62 34.46 -0.50
CA PHE D 202 21.99 33.06 -0.36
C PHE D 202 21.92 32.35 -1.72
N ASN D 203 22.94 31.55 -2.04
CA ASN D 203 23.00 30.87 -3.34
C ASN D 203 22.40 29.46 -3.26
N GLY D 204 21.75 29.16 -2.15
CA GLY D 204 21.02 27.91 -1.96
C GLY D 204 21.82 26.79 -1.30
N THR D 205 23.13 27.00 -1.09
CA THR D 205 23.94 25.98 -0.45
C THR D 205 24.84 26.54 0.65
N GLY D 206 25.32 25.65 1.52
CA GLY D 206 26.26 26.01 2.58
C GLY D 206 25.52 26.50 3.83
N PRO D 207 26.25 26.88 4.89
CA PRO D 207 25.75 27.38 6.15
C PRO D 207 24.93 28.64 5.96
N CYS D 208 23.81 28.73 6.68
CA CYS D 208 23.00 29.94 6.68
C CYS D 208 23.23 30.73 7.98
N PRO D 209 23.76 31.96 7.93
CA PRO D 209 24.00 32.87 9.05
C PRO D 209 22.77 33.22 9.90
N SER D 210 21.58 33.14 9.32
CA SER D 210 20.37 33.47 10.08
C SER D 210 19.26 32.48 9.82
N VAL D 211 18.82 31.81 10.89
CA VAL D 211 17.85 30.73 10.78
C VAL D 211 16.66 30.94 11.70
N SER D 212 15.46 30.67 11.21
CA SER D 212 14.26 30.77 12.04
C SER D 212 13.35 29.58 11.84
N THR D 213 12.48 29.33 12.81
CA THR D 213 11.58 28.19 12.75
C THR D 213 10.13 28.62 12.55
N VAL D 214 9.47 27.96 11.60
CA VAL D 214 8.07 28.23 11.32
C VAL D 214 7.27 26.94 11.32
N GLN D 215 6.00 27.03 11.72
CA GLN D 215 5.12 25.88 11.63
C GLN D 215 4.78 25.56 10.18
N CYS D 216 4.68 26.59 9.36
CA CYS D 216 4.31 26.44 7.96
C CYS D 216 5.11 27.34 7.04
N THR D 217 5.15 26.96 5.76
CA THR D 217 5.81 27.77 4.74
C THR D 217 4.90 28.88 4.26
N HIS D 218 5.47 29.87 3.59
CA HIS D 218 4.63 30.87 2.92
C HIS D 218 3.95 30.20 1.75
N GLY D 219 2.83 30.74 1.30
CA GLY D 219 2.10 30.08 0.23
C GLY D 219 2.91 30.08 -1.06
N ILE D 220 2.86 28.95 -1.77
CA ILE D 220 3.53 28.78 -3.05
C ILE D 220 2.53 28.46 -4.15
N LYS D 221 2.51 29.27 -5.19
CA LYS D 221 1.60 29.03 -6.31
C LYS D 221 2.18 27.99 -7.27
N PRO D 222 1.38 27.07 -7.80
CA PRO D 222 1.74 26.06 -8.79
C PRO D 222 1.76 26.63 -10.20
N VAL D 223 2.63 27.61 -10.44
CA VAL D 223 2.71 28.23 -11.75
C VAL D 223 3.60 27.44 -12.69
N VAL D 224 3.08 27.15 -13.88
CA VAL D 224 3.83 26.39 -14.87
C VAL D 224 4.23 27.24 -16.07
N SER D 225 5.52 27.29 -16.34
CA SER D 225 6.05 28.05 -17.47
C SER D 225 7.41 27.50 -17.88
N THR D 226 7.87 27.86 -19.07
CA THR D 226 9.18 27.43 -19.53
C THR D 226 10.05 28.62 -19.93
N GLN D 227 11.36 28.45 -19.80
CA GLN D 227 12.42 29.41 -20.13
C GLN D 227 12.41 30.69 -19.29
N LEU D 228 11.25 31.09 -18.80
CA LEU D 228 11.09 32.21 -17.91
C LEU D 228 10.23 31.81 -16.73
N LEU D 229 10.54 32.33 -15.56
CA LEU D 229 9.72 32.07 -14.38
C LEU D 229 8.74 33.19 -14.17
N LEU D 230 7.47 32.86 -14.08
CA LEU D 230 6.43 33.87 -13.89
C LEU D 230 5.85 33.84 -12.49
N ASN D 231 5.48 35.01 -11.99
CA ASN D 231 4.72 35.15 -10.74
C ASN D 231 5.42 34.51 -9.55
N GLY D 232 6.76 34.48 -9.54
CA GLY D 232 7.51 33.95 -8.40
C GLY D 232 7.95 35.05 -7.44
N SER D 233 8.72 34.67 -6.42
CA SER D 233 9.27 35.64 -5.49
C SER D 233 10.44 36.39 -6.11
N LEU D 234 10.65 37.62 -5.67
CA LEU D 234 11.79 38.42 -6.11
C LEU D 234 12.92 38.46 -5.10
N ALA D 235 14.15 38.57 -5.59
CA ALA D 235 15.29 38.73 -4.72
C ALA D 235 15.17 40.05 -3.97
N GLU D 236 15.55 40.06 -2.70
CA GLU D 236 15.37 41.25 -1.88
C GLU D 236 16.20 42.46 -2.31
N GLU D 237 17.44 42.25 -2.74
CA GLU D 237 18.31 43.39 -3.06
C GLU D 237 18.90 43.36 -4.47
N GLU D 238 19.41 42.21 -4.89
CA GLU D 238 20.14 42.12 -6.15
C GLU D 238 19.86 40.79 -6.83
N VAL D 239 20.12 40.73 -8.13
CA VAL D 239 19.85 39.52 -8.88
C VAL D 239 20.72 38.36 -8.38
N ILE D 240 20.10 37.22 -8.12
CA ILE D 240 20.83 36.08 -7.57
C ILE D 240 20.95 34.96 -8.58
N ILE D 241 22.19 34.52 -8.82
CA ILE D 241 22.46 33.46 -9.77
C ILE D 241 22.97 32.20 -9.08
N ARG D 242 22.31 31.07 -9.33
CA ARG D 242 22.70 29.83 -8.68
C ARG D 242 22.56 28.60 -9.58
N SER D 243 23.38 27.59 -9.33
CA SER D 243 23.31 26.33 -10.06
C SER D 243 23.90 25.17 -9.24
N GLU D 244 23.49 23.94 -9.55
CA GLU D 244 24.00 22.77 -8.86
C GLU D 244 25.51 22.56 -9.07
N ASN D 245 25.96 22.83 -10.28
CA ASN D 245 27.38 22.71 -10.63
C ASN D 245 27.74 23.73 -11.70
N ILE D 246 28.36 24.81 -11.27
CA ILE D 246 28.68 25.92 -12.16
C ILE D 246 29.61 25.53 -13.32
N THR D 247 30.38 24.46 -13.14
CA THR D 247 31.35 24.06 -14.16
C THR D 247 30.75 23.08 -15.16
N ASN D 248 29.55 22.57 -14.88
CA ASN D 248 28.93 21.58 -15.75
C ASN D 248 27.92 22.24 -16.68
N ASN D 249 28.22 22.24 -17.97
CA ASN D 249 27.40 22.94 -18.96
C ASN D 249 25.99 22.35 -19.04
N ALA D 250 25.85 21.08 -18.65
CA ALA D 250 24.57 20.39 -18.68
C ALA D 250 23.56 21.00 -17.71
N LYS D 251 24.04 21.60 -16.63
CA LYS D 251 23.16 22.09 -15.57
C LYS D 251 22.49 23.40 -15.91
N ASN D 252 21.22 23.52 -15.51
CA ASN D 252 20.51 24.78 -15.64
C ASN D 252 21.01 25.78 -14.63
N ILE D 253 21.08 27.04 -15.05
CA ILE D 253 21.40 28.14 -14.16
C ILE D 253 20.14 28.94 -13.88
N LEU D 254 19.78 29.04 -12.61
CA LEU D 254 18.57 29.77 -12.28
C LEU D 254 18.91 31.19 -11.92
N VAL D 255 18.16 32.13 -12.47
CA VAL D 255 18.39 33.53 -12.17
C VAL D 255 17.16 34.15 -11.54
N GLN D 256 17.30 34.67 -10.33
CA GLN D 256 16.18 35.32 -9.66
C GLN D 256 16.32 36.82 -9.74
N LEU D 257 15.31 37.49 -10.30
CA LEU D 257 15.38 38.94 -10.46
C LEU D 257 15.00 39.66 -9.17
N ASN D 258 15.56 40.86 -8.99
CA ASN D 258 15.17 41.73 -7.89
C ASN D 258 14.12 42.75 -8.33
N THR D 259 13.66 42.60 -9.56
CA THR D 259 12.64 43.45 -10.14
C THR D 259 11.72 42.60 -11.02
N PRO D 260 10.44 42.93 -11.13
CA PRO D 260 9.52 42.38 -12.10
C PRO D 260 9.75 42.96 -13.48
N VAL D 261 9.47 42.18 -14.52
CA VAL D 261 9.32 42.74 -15.86
C VAL D 261 7.94 42.44 -16.37
N GLN D 262 7.16 43.47 -16.67
CA GLN D 262 5.78 43.25 -17.05
C GLN D 262 5.65 42.82 -18.52
N ILE D 263 4.82 41.81 -18.75
CA ILE D 263 4.54 41.31 -20.09
C ILE D 263 3.03 41.26 -20.37
N ASN D 264 2.63 41.86 -21.50
CA ASN D 264 1.22 41.92 -21.90
C ASN D 264 0.90 40.97 -23.05
N CYS D 265 0.17 39.89 -22.77
CA CYS D 265 -0.18 38.92 -23.81
C CYS D 265 -1.65 39.01 -24.19
N THR D 266 -1.95 38.83 -25.47
CA THR D 266 -3.35 38.85 -25.91
C THR D 266 -3.66 37.93 -27.09
N ARG D 267 -4.94 37.56 -27.19
CA ARG D 267 -5.49 36.84 -28.33
C ARG D 267 -6.71 37.57 -28.90
N PRO D 268 -6.55 38.36 -29.96
CA PRO D 268 -7.50 39.32 -30.52
C PRO D 268 -8.66 38.73 -31.35
N ASN D 269 -8.63 37.43 -31.62
CA ASN D 269 -9.45 36.86 -32.69
C ASN D 269 -10.96 36.73 -32.49
N ASN D 270 -11.48 36.92 -31.27
CA ASN D 270 -12.93 36.88 -31.10
C ASN D 270 -13.53 35.54 -31.53
N ASN D 271 -12.93 34.43 -31.10
CA ASN D 271 -13.44 33.10 -31.42
C ASN D 271 -14.80 32.85 -30.79
N THR D 272 -15.63 32.06 -31.46
CA THR D 272 -16.92 31.67 -30.89
C THR D 272 -16.91 30.19 -30.53
N VAL D 273 -17.85 29.78 -29.68
CA VAL D 273 -17.88 28.39 -29.22
C VAL D 273 -19.20 27.70 -29.52
N LYS D 274 -19.10 26.50 -30.08
CA LYS D 274 -20.26 25.66 -30.39
C LYS D 274 -20.08 24.28 -29.77
N SER D 275 -21.19 23.55 -29.57
CA SER D 275 -21.08 22.22 -29.00
C SER D 275 -22.07 21.22 -29.57
N ILE D 276 -21.69 19.94 -29.48
CA ILE D 276 -22.52 18.82 -29.92
C ILE D 276 -22.61 17.75 -28.84
N ARG D 277 -23.81 17.24 -28.61
CA ARG D 277 -23.98 16.15 -27.65
C ARG D 277 -23.48 14.83 -28.25
N ILE D 278 -22.60 14.15 -27.53
CA ILE D 278 -22.04 12.88 -27.98
C ILE D 278 -22.42 11.76 -27.04
N GLY D 279 -23.14 10.76 -27.52
CA GLY D 279 -23.51 9.68 -26.63
C GLY D 279 -24.53 10.20 -25.63
N PRO D 280 -24.96 9.37 -24.70
CA PRO D 280 -25.94 9.70 -23.68
C PRO D 280 -25.42 10.57 -22.55
N GLY D 281 -24.13 10.50 -22.26
CA GLY D 281 -23.61 11.13 -21.05
C GLY D 281 -22.67 12.31 -21.25
N GLN D 282 -22.38 12.67 -22.49
CA GLN D 282 -21.29 13.62 -22.71
C GLN D 282 -21.47 14.56 -23.90
N ALA D 283 -20.68 15.63 -23.92
CA ALA D 283 -20.73 16.61 -24.99
C ALA D 283 -19.34 17.11 -25.34
N PHE D 284 -19.18 17.53 -26.59
CA PHE D 284 -17.92 18.02 -27.11
C PHE D 284 -17.99 19.48 -27.52
N TYR D 285 -16.99 20.26 -27.10
CA TYR D 285 -16.92 21.68 -27.42
C TYR D 285 -15.89 21.96 -28.49
N TYR D 286 -16.21 22.84 -29.44
CA TYR D 286 -15.27 23.15 -30.50
C TYR D 286 -15.36 24.60 -30.98
N THR D 287 -14.27 25.06 -31.59
CA THR D 287 -14.20 26.42 -32.11
C THR D 287 -15.11 26.61 -33.30
N GLY D 288 -15.95 27.63 -33.23
CA GLY D 288 -16.89 27.96 -34.29
C GLY D 288 -16.31 29.02 -35.22
N ASP D 289 -17.17 29.67 -35.98
CA ASP D 289 -16.72 30.69 -36.91
C ASP D 289 -16.08 31.84 -36.16
N ILE D 290 -15.07 32.45 -36.77
CA ILE D 290 -14.36 33.57 -36.16
C ILE D 290 -14.92 34.91 -36.64
N ILE D 291 -15.32 35.76 -35.70
CA ILE D 291 -15.90 37.05 -36.05
C ILE D 291 -14.85 38.13 -36.19
N GLY D 292 -14.84 38.80 -37.33
CA GLY D 292 -13.87 39.87 -37.59
C GLY D 292 -12.55 39.34 -38.13
N ASP D 293 -11.57 40.22 -38.25
CA ASP D 293 -10.29 39.90 -38.85
C ASP D 293 -9.52 38.85 -38.07
N ILE D 294 -8.85 37.96 -38.80
CA ILE D 294 -7.98 36.97 -38.16
C ILE D 294 -6.55 37.49 -38.04
N ARG D 295 -6.04 37.50 -36.80
CA ARG D 295 -4.72 38.06 -36.48
C ARG D 295 -3.89 37.13 -35.60
N GLN D 296 -2.56 37.31 -35.66
CA GLN D 296 -1.61 36.54 -34.86
C GLN D 296 -1.62 36.94 -33.38
N ALA D 297 -1.62 35.95 -32.48
CA ALA D 297 -1.49 36.17 -31.04
C ALA D 297 -0.10 36.69 -30.71
N HIS D 298 0.01 37.56 -29.72
CA HIS D 298 1.32 38.15 -29.42
C HIS D 298 1.48 38.61 -27.98
N CYS D 299 2.74 38.82 -27.57
CA CYS D 299 3.06 39.38 -26.26
C CYS D 299 3.99 40.59 -26.35
N ASN D 300 3.70 41.61 -25.53
CA ASN D 300 4.48 42.85 -25.48
C ASN D 300 5.30 42.98 -24.20
N VAL D 301 6.61 43.11 -24.33
CA VAL D 301 7.51 43.33 -23.20
C VAL D 301 8.14 44.71 -23.30
N SER D 302 8.12 45.49 -22.22
CA SER D 302 8.73 46.82 -22.28
C SER D 302 10.19 46.72 -22.67
N LYS D 303 10.62 47.49 -23.67
CA LYS D 303 12.00 47.40 -24.12
C LYS D 303 12.94 48.01 -23.11
N ALA D 304 12.58 49.17 -22.59
CA ALA D 304 13.44 49.84 -21.63
C ALA D 304 13.59 49.01 -20.38
N THR D 305 12.51 48.36 -19.94
CA THR D 305 12.59 47.57 -18.73
C THR D 305 13.47 46.35 -18.94
N TRP D 306 13.28 45.69 -20.08
CA TRP D 306 14.06 44.51 -20.39
C TRP D 306 15.53 44.85 -20.58
N ASN D 307 15.79 46.00 -21.18
CA ASN D 307 17.16 46.40 -21.42
C ASN D 307 17.91 46.63 -20.13
N GLU D 308 17.24 47.25 -19.16
CA GLU D 308 17.83 47.42 -17.84
C GLU D 308 18.03 46.08 -17.15
N THR D 309 17.05 45.19 -17.31
CA THR D 309 17.09 43.91 -16.64
C THR D 309 18.26 43.07 -17.09
N LEU D 310 18.53 43.06 -18.40
CA LEU D 310 19.67 42.31 -18.86
C LEU D 310 20.96 42.88 -18.32
N GLY D 311 21.06 44.20 -18.21
CA GLY D 311 22.28 44.79 -17.69
C GLY D 311 22.55 44.34 -16.26
N LYS D 312 21.47 44.19 -15.48
CA LYS D 312 21.63 43.72 -14.11
C LYS D 312 22.08 42.26 -14.06
N VAL D 313 21.54 41.44 -14.96
CA VAL D 313 21.92 40.04 -15.01
C VAL D 313 23.37 39.88 -15.46
N VAL D 314 23.76 40.66 -16.47
CA VAL D 314 25.11 40.59 -16.98
C VAL D 314 26.14 40.96 -15.93
N LYS D 315 25.84 41.99 -15.15
CA LYS D 315 26.78 42.38 -14.11
C LYS D 315 27.02 41.24 -13.13
N GLN D 316 25.95 40.55 -12.74
CA GLN D 316 26.10 39.44 -11.82
C GLN D 316 26.80 38.24 -12.47
N LEU D 317 26.57 38.03 -13.76
CA LEU D 317 27.25 36.95 -14.44
C LEU D 317 28.75 37.21 -14.44
N ARG D 318 29.14 38.46 -14.61
CA ARG D 318 30.55 38.79 -14.62
C ARG D 318 31.19 38.50 -13.27
N LYS D 319 30.47 38.67 -12.18
CA LYS D 319 31.08 38.33 -10.90
C LYS D 319 31.42 36.85 -10.82
N HIS D 320 30.53 36.01 -11.35
CA HIS D 320 30.77 34.57 -11.31
C HIS D 320 31.77 34.09 -12.35
N PHE D 321 31.68 34.64 -13.56
CA PHE D 321 32.52 34.18 -14.66
C PHE D 321 33.73 35.08 -14.84
N GLY D 322 33.80 36.10 -14.00
CA GLY D 322 34.90 37.02 -13.97
C GLY D 322 34.73 38.14 -14.96
N ASN D 323 35.65 39.06 -14.89
CA ASN D 323 35.70 40.16 -15.83
C ASN D 323 36.30 39.66 -17.13
N ASN D 324 36.39 40.55 -18.08
CA ASN D 324 37.03 40.21 -19.33
C ASN D 324 36.37 39.01 -19.98
N THR D 325 35.06 39.05 -20.06
CA THR D 325 34.35 38.05 -20.82
C THR D 325 33.29 38.76 -21.66
N ILE D 326 33.07 38.28 -22.88
CA ILE D 326 32.01 38.82 -23.69
C ILE D 326 30.81 37.92 -23.60
N ILE D 327 29.72 38.47 -23.12
CA ILE D 327 28.55 37.64 -22.86
C ILE D 327 27.51 37.80 -23.93
N ARG D 328 27.17 36.68 -24.56
CA ARG D 328 26.19 36.69 -25.62
C ARG D 328 25.01 35.83 -25.26
N PHE D 329 23.84 36.25 -25.69
CA PHE D 329 22.62 35.48 -25.49
C PHE D 329 22.07 35.06 -26.83
N ALA D 330 21.44 33.89 -26.89
CA ALA D 330 20.85 33.42 -28.12
C ALA D 330 19.65 32.51 -27.87
N GLN D 331 18.80 32.36 -28.88
CA GLN D 331 17.63 31.49 -28.83
C GLN D 331 18.05 30.02 -28.81
N SER D 332 17.19 29.14 -28.31
CA SER D 332 17.55 27.72 -28.29
C SER D 332 17.83 27.20 -29.69
N SER D 333 18.87 26.38 -29.79
CA SER D 333 19.30 25.81 -31.05
C SER D 333 18.44 24.64 -31.54
N GLY D 334 17.59 24.09 -30.68
CA GLY D 334 16.83 22.91 -31.08
C GLY D 334 16.04 22.28 -29.95
N GLY D 335 15.38 21.17 -30.26
CA GLY D 335 14.49 20.49 -29.32
C GLY D 335 13.03 20.76 -29.67
N ASP D 336 12.12 20.15 -28.92
CA ASP D 336 10.69 20.22 -29.22
C ASP D 336 10.09 21.59 -28.87
N LEU D 337 8.89 21.84 -29.39
CA LEU D 337 8.19 23.10 -29.15
C LEU D 337 7.99 23.35 -27.66
N GLU D 338 7.81 22.27 -26.91
CA GLU D 338 7.55 22.33 -25.48
C GLU D 338 8.70 22.96 -24.69
N VAL D 339 9.93 22.84 -25.20
CA VAL D 339 11.08 23.34 -24.46
C VAL D 339 11.81 24.48 -25.18
N THR D 340 11.51 24.67 -26.46
CA THR D 340 12.16 25.74 -27.21
C THR D 340 11.37 27.04 -27.21
N THR D 341 10.15 27.00 -26.67
CA THR D 341 9.31 28.19 -26.57
C THR D 341 8.78 28.37 -25.16
N HIS D 342 8.24 29.56 -24.89
CA HIS D 342 7.75 29.93 -23.57
C HIS D 342 6.27 29.56 -23.40
N SER D 343 6.00 28.59 -22.53
CA SER D 343 4.63 28.16 -22.28
C SER D 343 3.87 29.12 -21.35
N PHE D 344 2.62 29.40 -21.71
CA PHE D 344 1.70 30.17 -20.86
C PHE D 344 0.39 29.44 -20.65
N ASN D 345 -0.28 29.75 -19.55
CA ASN D 345 -1.67 29.37 -19.38
C ASN D 345 -2.49 30.58 -19.00
N CYS D 346 -3.15 31.19 -19.98
CA CYS D 346 -3.93 32.40 -19.75
C CYS D 346 -5.38 32.23 -20.20
N GLY D 347 -6.30 32.26 -19.25
CA GLY D 347 -7.72 32.11 -19.58
C GLY D 347 -8.08 30.65 -19.81
N GLY D 348 -7.10 29.77 -19.61
CA GLY D 348 -7.26 28.35 -19.90
C GLY D 348 -6.73 28.00 -21.29
N GLU D 349 -6.37 29.01 -22.09
CA GLU D 349 -5.75 28.75 -23.39
C GLU D 349 -4.26 28.57 -23.22
N PHE D 350 -3.69 27.64 -23.97
CA PHE D 350 -2.27 27.38 -23.88
C PHE D 350 -1.50 27.99 -25.03
N PHE D 351 -0.55 28.85 -24.70
CA PHE D 351 0.22 29.56 -25.71
C PHE D 351 1.66 29.14 -25.67
N TYR D 352 2.27 29.12 -26.84
CA TYR D 352 3.71 28.91 -26.96
C TYR D 352 4.29 30.12 -27.67
N CYS D 353 5.17 30.84 -26.98
CA CYS D 353 5.69 32.07 -27.57
C CYS D 353 7.18 31.97 -27.86
N ASN D 354 7.58 32.55 -28.97
CA ASN D 354 8.96 32.56 -29.40
C ASN D 354 9.72 33.72 -28.74
N THR D 355 10.66 33.38 -27.87
CA THR D 355 11.36 34.35 -27.05
C THR D 355 12.50 35.07 -27.74
N SER D 356 12.76 34.71 -28.99
CA SER D 356 13.85 35.36 -29.70
C SER D 356 13.55 36.85 -29.77
N GLY D 357 14.58 37.65 -29.62
CA GLY D 357 14.47 39.09 -29.55
C GLY D 357 14.54 39.57 -28.11
N LEU D 358 14.28 38.68 -27.15
CA LEU D 358 14.54 39.01 -25.76
C LEU D 358 15.98 38.63 -25.44
N PHE D 359 16.44 37.57 -26.11
CA PHE D 359 17.75 37.01 -25.87
C PHE D 359 18.71 37.31 -27.00
N ASN D 360 18.31 38.16 -27.92
CA ASN D 360 19.14 38.43 -29.08
C ASN D 360 20.11 39.57 -28.84
N SER D 361 21.22 39.30 -28.14
CA SER D 361 22.16 40.38 -27.84
C SER D 361 23.58 39.93 -27.49
N THR D 362 24.53 40.85 -27.61
CA THR D 362 25.91 40.68 -27.17
C THR D 362 26.34 41.84 -26.28
N TRP D 363 27.01 41.54 -25.17
CA TRP D 363 27.42 42.58 -24.23
C TRP D 363 28.93 42.66 -24.03
N ILE D 364 29.46 43.88 -24.22
CA ILE D 364 30.89 44.16 -24.07
C ILE D 364 31.23 45.23 -23.04
N SER D 365 30.61 46.40 -23.16
CA SER D 365 31.01 47.57 -22.38
C SER D 365 30.02 47.95 -21.29
N ASN D 366 29.29 46.95 -20.79
CA ASN D 366 28.19 47.11 -19.84
C ASN D 366 27.03 47.88 -20.49
N THR D 367 27.00 47.80 -21.81
CA THR D 367 25.91 48.23 -22.66
C THR D 367 25.90 47.31 -23.88
N SER D 368 24.76 47.17 -24.53
CA SER D 368 24.69 46.35 -25.72
C SER D 368 25.56 46.91 -26.84
N VAL D 369 26.17 46.02 -27.61
CA VAL D 369 27.00 46.42 -28.73
C VAL D 369 26.21 47.12 -29.83
N GLN D 370 24.89 46.90 -29.86
CA GLN D 370 24.05 47.54 -30.86
C GLN D 370 23.47 48.84 -30.34
N ASP D 379 11.00 51.44 -27.30
CA ASP D 379 9.59 51.33 -26.93
C ASP D 379 9.26 49.96 -26.34
N SER D 380 8.90 49.02 -27.19
CA SER D 380 8.49 47.70 -26.73
C SER D 380 8.90 46.59 -27.69
N ILE D 381 9.01 45.38 -27.16
CA ILE D 381 9.34 44.20 -27.94
C ILE D 381 8.11 43.32 -28.10
N THR D 382 7.74 43.04 -29.34
CA THR D 382 6.58 42.20 -29.59
C THR D 382 7.00 40.81 -30.04
N LEU D 383 6.51 39.79 -29.33
CA LEU D 383 6.82 38.41 -29.68
C LEU D 383 5.59 37.74 -30.28
N PRO D 384 5.73 36.92 -31.32
CA PRO D 384 4.69 36.09 -31.90
C PRO D 384 4.39 34.90 -31.00
N CYS D 385 3.14 34.45 -31.01
CA CYS D 385 2.76 33.27 -30.25
C CYS D 385 1.91 32.30 -31.04
N ARG D 386 1.90 31.05 -30.60
CA ARG D 386 1.14 29.98 -31.23
C ARG D 386 0.19 29.34 -30.22
N ILE D 387 -0.93 28.83 -30.69
CA ILE D 387 -1.91 28.19 -29.81
C ILE D 387 -2.10 26.73 -30.16
N LYS D 388 -2.04 25.86 -29.16
CA LYS D 388 -2.26 24.44 -29.38
C LYS D 388 -3.30 23.89 -28.40
N GLN D 389 -4.25 23.10 -28.89
CA GLN D 389 -5.30 22.58 -28.03
C GLN D 389 -4.97 21.21 -27.44
N ILE D 390 -4.06 20.48 -28.10
CA ILE D 390 -3.67 19.16 -27.61
C ILE D 390 -2.37 19.24 -26.84
N ILE D 391 -2.43 19.02 -25.54
CA ILE D 391 -1.26 19.25 -24.70
C ILE D 391 -0.95 18.09 -23.78
N ASN D 392 0.27 18.08 -23.28
CA ASN D 392 0.74 17.09 -22.33
C ASN D 392 1.65 17.76 -21.29
N MET D 393 1.05 18.25 -20.22
CA MET D 393 1.74 19.16 -19.29
C MET D 393 2.94 18.57 -18.59
N TRP D 394 2.91 17.27 -18.34
CA TRP D 394 4.00 16.64 -17.59
C TRP D 394 4.90 15.81 -18.49
N GLN D 395 4.71 15.93 -19.81
CA GLN D 395 5.50 15.21 -20.81
C GLN D 395 5.46 13.69 -20.61
N ARG D 396 4.28 13.17 -20.26
CA ARG D 396 4.14 11.73 -20.06
C ARG D 396 3.78 10.99 -21.34
N ILE D 397 4.32 9.80 -21.51
CA ILE D 397 4.02 8.98 -22.67
C ILE D 397 2.68 8.28 -22.56
N GLY D 398 1.89 8.36 -23.62
CA GLY D 398 0.60 7.65 -23.66
C GLY D 398 -0.58 8.43 -23.10
N GLN D 399 -0.36 9.69 -22.71
CA GLN D 399 -1.46 10.50 -22.18
C GLN D 399 -1.53 11.86 -22.86
N ALA D 400 -2.74 12.39 -23.00
CA ALA D 400 -2.94 13.70 -23.61
C ALA D 400 -4.27 14.31 -23.19
N MET D 401 -4.35 15.64 -23.25
CA MET D 401 -5.58 16.34 -22.92
C MET D 401 -5.95 17.36 -23.99
N TYR D 402 -7.26 17.49 -24.24
CA TYR D 402 -7.77 18.51 -25.15
C TYR D 402 -8.35 19.67 -24.37
N ALA D 403 -7.78 20.85 -24.53
CA ALA D 403 -8.35 22.02 -23.90
C ALA D 403 -9.56 22.48 -24.71
N PRO D 404 -10.66 22.89 -24.07
CA PRO D 404 -11.80 23.51 -24.70
C PRO D 404 -11.42 24.91 -25.14
N PRO D 405 -12.04 25.44 -26.18
CA PRO D 405 -11.87 26.79 -26.65
C PRO D 405 -12.48 27.78 -25.67
N ILE D 406 -11.87 28.95 -25.57
CA ILE D 406 -12.41 30.03 -24.75
C ILE D 406 -13.04 31.10 -25.63
N GLN D 407 -14.29 31.43 -25.35
CA GLN D 407 -15.01 32.42 -26.14
C GLN D 407 -14.48 33.84 -25.94
N GLY D 408 -14.36 34.58 -27.04
CA GLY D 408 -14.02 36.00 -26.99
C GLY D 408 -12.53 36.31 -26.90
N VAL D 409 -12.23 37.59 -26.73
CA VAL D 409 -10.86 38.10 -26.68
C VAL D 409 -10.22 37.92 -25.30
N ILE D 410 -8.99 37.42 -25.31
CA ILE D 410 -8.22 37.19 -24.08
C ILE D 410 -7.12 38.22 -23.88
N ARG D 411 -7.03 38.75 -22.67
CA ARG D 411 -5.95 39.64 -22.29
C ARG D 411 -5.33 39.16 -20.98
N CYS D 412 -4.00 39.09 -20.94
CA CYS D 412 -3.30 38.55 -19.79
C CYS D 412 -2.01 39.31 -19.51
N VAL D 413 -1.87 39.86 -18.31
CA VAL D 413 -0.66 40.61 -17.95
C VAL D 413 0.00 40.01 -16.73
N SER D 414 1.31 39.76 -16.83
CA SER D 414 2.04 39.10 -15.75
C SER D 414 3.44 39.65 -15.60
N ASN D 415 4.12 39.27 -14.52
CA ASN D 415 5.48 39.72 -14.27
C ASN D 415 6.49 38.59 -14.36
N ILE D 416 7.53 38.81 -15.15
CA ILE D 416 8.64 37.86 -15.22
C ILE D 416 9.49 38.07 -13.99
N THR D 417 9.72 37.01 -13.25
CA THR D 417 10.44 37.10 -11.99
C THR D 417 11.78 36.38 -12.02
N GLY D 418 12.04 35.65 -13.10
CA GLY D 418 13.32 34.95 -13.22
C GLY D 418 13.52 34.30 -14.57
N LEU D 419 14.73 33.79 -14.78
CA LEU D 419 15.10 33.16 -16.05
C LEU D 419 15.73 31.78 -15.82
N ILE D 420 15.57 30.89 -16.80
CA ILE D 420 16.36 29.66 -16.79
C ILE D 420 17.35 29.68 -17.94
N LEU D 421 18.63 29.68 -17.62
CA LEU D 421 19.68 29.76 -18.64
C LEU D 421 20.59 28.55 -18.63
N THR D 422 21.15 28.21 -19.78
CA THR D 422 22.17 27.18 -19.85
C THR D 422 23.41 27.72 -20.53
N ARG D 423 24.57 27.20 -20.19
CA ARG D 423 25.78 27.57 -20.89
C ARG D 423 25.83 26.82 -22.19
N ASP D 424 26.04 27.53 -23.30
CA ASP D 424 26.14 26.83 -24.56
C ASP D 424 27.58 26.62 -24.96
N GLY D 425 28.33 27.72 -25.05
CA GLY D 425 29.71 27.62 -25.45
C GLY D 425 30.54 26.91 -24.40
N GLY D 426 30.43 27.39 -23.17
CA GLY D 426 31.14 26.80 -22.04
C GLY D 426 32.62 27.13 -22.12
N SER D 427 32.96 28.05 -23.02
CA SER D 427 34.33 28.29 -23.43
C SER D 427 35.28 28.73 -22.33
N THR D 428 36.46 28.12 -22.36
CA THR D 428 37.59 28.48 -21.53
C THR D 428 38.74 28.86 -22.42
N ASN D 429 38.56 28.64 -23.73
CA ASN D 429 39.61 28.82 -24.72
C ASN D 429 39.45 30.15 -25.46
N SER D 430 38.58 31.02 -24.95
CA SER D 430 38.32 32.29 -25.61
C SER D 430 37.88 33.34 -24.61
N THR D 431 37.69 34.54 -25.09
CA THR D 431 37.23 35.66 -24.28
C THR D 431 35.71 35.79 -24.33
N THR D 432 35.04 34.81 -24.93
CA THR D 432 33.60 34.89 -25.13
C THR D 432 32.86 33.75 -24.46
N GLU D 433 31.57 33.97 -24.20
CA GLU D 433 30.66 32.93 -23.70
C GLU D 433 29.26 33.18 -24.26
N THR D 434 28.53 32.09 -24.51
CA THR D 434 27.17 32.21 -25.04
C THR D 434 26.17 31.43 -24.17
N PHE D 435 25.04 32.07 -23.88
CA PHE D 435 23.98 31.44 -23.11
C PHE D 435 22.72 31.28 -23.93
N ARG D 436 21.97 30.22 -23.65
CA ARG D 436 20.68 30.00 -24.29
C ARG D 436 19.67 29.59 -23.21
N PRO D 437 18.37 29.89 -23.36
CA PRO D 437 17.30 29.49 -22.46
C PRO D 437 17.22 27.99 -22.26
N GLY D 438 16.98 27.57 -21.02
CA GLY D 438 16.78 26.17 -20.67
C GLY D 438 15.32 25.86 -20.43
N GLY D 439 15.04 24.65 -19.94
CA GLY D 439 13.66 24.28 -19.62
C GLY D 439 13.41 22.78 -19.78
N GLY D 440 12.16 22.39 -19.57
CA GLY D 440 11.70 21.01 -19.68
C GLY D 440 11.70 20.21 -18.39
N ASP D 441 12.30 20.74 -17.32
CA ASP D 441 12.26 20.06 -16.03
C ASP D 441 11.55 20.92 -15.00
N MET D 442 10.33 20.55 -14.69
CA MET D 442 9.47 21.34 -13.82
C MET D 442 9.98 21.47 -12.39
N ARG D 443 10.81 20.56 -11.95
CA ARG D 443 11.27 20.61 -10.58
C ARG D 443 12.09 21.85 -10.33
N ASP D 444 12.71 22.39 -11.37
CA ASP D 444 13.48 23.61 -11.22
C ASP D 444 12.60 24.82 -10.95
N ASN D 445 11.32 24.76 -11.33
CA ASN D 445 10.44 25.86 -11.02
C ASN D 445 10.10 25.83 -9.54
N TRP D 446 9.88 24.62 -9.02
CA TRP D 446 9.50 24.46 -7.62
C TRP D 446 10.61 24.94 -6.70
N ARG D 447 11.85 24.70 -7.13
CA ARG D 447 13.03 25.06 -6.36
C ARG D 447 13.18 26.56 -6.15
N SER D 448 12.61 27.36 -7.03
CA SER D 448 12.79 28.79 -6.92
C SER D 448 12.13 29.35 -5.66
N GLU D 449 11.17 28.62 -5.09
CA GLU D 449 10.53 29.05 -3.87
C GLU D 449 10.96 28.22 -2.65
N LEU D 450 11.25 26.94 -2.88
CA LEU D 450 11.53 26.00 -1.81
C LEU D 450 12.96 26.01 -1.29
N TYR D 451 13.86 26.70 -1.98
CA TYR D 451 15.26 26.71 -1.57
C TYR D 451 15.47 27.25 -0.15
N LYS D 452 14.54 28.05 0.33
CA LYS D 452 14.64 28.67 1.64
C LYS D 452 14.44 27.70 2.80
N TYR D 453 13.81 26.55 2.53
CA TYR D 453 13.34 25.71 3.63
C TYR D 453 14.08 24.39 3.80
N LYS D 454 14.16 23.94 5.06
CA LYS D 454 14.71 22.63 5.43
C LYS D 454 13.84 21.98 6.52
N VAL D 455 13.74 20.65 6.49
CA VAL D 455 12.93 19.94 7.49
C VAL D 455 13.77 19.08 8.43
N VAL D 456 13.55 19.25 9.74
CA VAL D 456 14.31 18.50 10.73
C VAL D 456 13.41 17.81 11.76
N LYS D 457 13.93 16.72 12.34
CA LYS D 457 13.25 15.95 13.38
C LYS D 457 13.75 16.31 14.77
N ILE D 458 12.84 16.46 15.72
CA ILE D 458 13.21 16.82 17.08
C ILE D 458 13.55 15.61 17.93
N GLU D 459 14.74 15.61 18.55
CA GLU D 459 15.16 14.52 19.43
C GLU D 459 15.35 15.00 20.88
N PRO D 460 14.33 14.85 21.75
CA PRO D 460 14.23 15.43 23.07
C PRO D 460 15.14 14.81 24.14
N LEU D 461 15.69 13.62 23.85
CA LEU D 461 16.44 12.89 24.86
C LEU D 461 17.95 13.10 24.77
N GLY D 462 18.61 13.26 25.91
CA GLY D 462 20.08 13.35 25.93
C GLY D 462 20.65 13.16 27.35
N VAL D 463 21.98 13.12 27.44
CA VAL D 463 22.67 12.85 28.70
C VAL D 463 23.80 13.83 29.00
N ALA D 464 24.20 13.88 30.29
CA ALA D 464 25.27 14.77 30.74
C ALA D 464 26.01 14.18 31.97
N PRO D 465 27.27 14.56 32.22
CA PRO D 465 28.16 14.18 33.31
C PRO D 465 27.89 14.75 34.71
N THR D 466 26.96 15.69 34.84
CA THR D 466 26.85 16.45 36.08
C THR D 466 26.86 15.60 37.32
N ARG D 467 27.68 16.00 38.30
CA ARG D 467 27.79 15.24 39.53
C ARG D 467 26.50 15.26 40.31
N CYS D 468 26.00 14.08 40.65
CA CYS D 468 24.87 13.93 41.53
C CYS D 468 24.67 12.46 41.90
N LYS D 469 23.83 12.21 42.89
CA LYS D 469 23.55 10.84 43.31
C LYS D 469 22.07 10.63 43.57
N ARG D 470 21.63 9.37 43.50
CA ARG D 470 20.25 9.05 43.84
C ARG D 470 20.17 7.94 44.87
N ARG D 471 19.36 8.14 45.90
CA ARG D 471 19.18 7.14 46.96
C ARG D 471 18.39 5.94 46.45
N VAL D 472 18.66 4.79 47.04
CA VAL D 472 17.90 3.59 46.73
C VAL D 472 17.08 3.16 47.95
N ASP E 1 48.95 30.45 -34.69
CA ASP E 1 49.42 31.73 -34.16
C ASP E 1 49.26 32.84 -35.19
N ILE E 2 48.92 34.04 -34.73
CA ILE E 2 48.77 35.17 -35.63
C ILE E 2 50.00 36.05 -35.56
N VAL E 3 50.61 36.32 -36.71
CA VAL E 3 51.83 37.10 -36.75
C VAL E 3 51.52 38.58 -36.81
N LEU E 4 52.10 39.33 -35.88
CA LEU E 4 51.88 40.76 -35.85
C LEU E 4 53.13 41.50 -36.29
N THR E 5 53.07 42.10 -37.49
CA THR E 5 54.22 42.82 -38.03
C THR E 5 54.14 44.28 -37.66
N GLN E 6 55.27 44.84 -37.24
CA GLN E 6 55.31 46.25 -36.86
C GLN E 6 56.50 46.95 -37.49
N SER E 7 56.29 48.19 -37.91
CA SER E 7 57.35 48.98 -38.53
C SER E 7 57.09 50.47 -38.33
N PRO E 8 58.13 51.31 -38.43
CA PRO E 8 59.56 51.06 -38.60
C PRO E 8 60.16 50.51 -37.32
N ALA E 9 61.36 49.91 -37.43
CA ALA E 9 62.05 49.45 -36.23
C ALA E 9 62.31 50.62 -35.28
N SER E 10 62.58 51.79 -35.86
CA SER E 10 62.76 53.01 -35.08
C SER E 10 62.49 54.22 -35.94
N LEU E 11 62.11 55.32 -35.32
CA LEU E 11 62.02 56.59 -36.03
C LEU E 11 62.42 57.75 -35.14
N ALA E 12 63.15 58.69 -35.70
CA ALA E 12 63.43 59.93 -34.98
C ALA E 12 62.49 61.01 -35.49
N VAL E 13 61.88 61.73 -34.57
CA VAL E 13 60.91 62.77 -34.91
C VAL E 13 61.27 64.10 -34.27
N SER E 14 61.36 65.15 -35.08
CA SER E 14 61.70 66.46 -34.55
C SER E 14 60.55 66.98 -33.68
N PRO E 15 60.81 67.81 -32.66
CA PRO E 15 59.81 68.31 -31.76
C PRO E 15 58.72 69.04 -32.52
N GLY E 16 57.48 68.83 -32.11
CA GLY E 16 56.34 69.51 -32.72
C GLY E 16 55.84 68.81 -33.99
N GLN E 17 56.52 67.76 -34.40
CA GLN E 17 56.13 67.04 -35.61
C GLN E 17 55.33 65.80 -35.26
N ARG E 18 54.56 65.31 -36.22
CA ARG E 18 53.77 64.10 -36.01
C ARG E 18 54.60 62.82 -36.19
N ALA E 19 54.51 61.92 -35.21
CA ALA E 19 55.12 60.60 -35.35
C ALA E 19 54.10 59.63 -35.93
N THR E 20 54.55 58.68 -36.77
CA THR E 20 53.65 57.63 -37.21
C THR E 20 54.28 56.24 -37.08
N ILE E 21 53.55 55.33 -36.43
CA ILE E 21 53.95 53.92 -36.28
C ILE E 21 52.86 53.00 -36.82
N SER E 22 53.22 52.01 -37.63
CA SER E 22 52.20 51.15 -38.25
C SER E 22 52.32 49.68 -37.85
N CYS E 23 51.17 49.00 -37.80
CA CYS E 23 51.12 47.57 -37.53
C CYS E 23 50.24 46.82 -38.52
N ARG E 24 50.71 45.64 -38.94
CA ARG E 24 50.00 44.80 -39.91
C ARG E 24 49.84 43.36 -39.43
N PRO E 25 48.74 43.01 -38.75
CA PRO E 25 48.37 41.66 -38.36
C PRO E 25 48.24 40.76 -39.58
N SER E 26 48.70 39.51 -39.47
CA SER E 26 48.52 38.55 -40.57
C SER E 26 47.06 38.13 -40.72
N GLU E 27 46.30 38.28 -39.65
CA GLU E 27 44.86 38.03 -39.64
C GLU E 27 44.19 39.16 -38.87
N SER E 28 43.03 39.60 -39.33
CA SER E 28 42.41 40.78 -38.73
C SER E 28 42.05 40.60 -37.27
N VAL E 29 42.27 41.67 -36.50
CA VAL E 29 41.91 41.74 -35.09
C VAL E 29 40.40 41.85 -34.90
N ASP E 30 39.70 42.29 -35.94
CA ASP E 30 38.29 42.63 -35.83
C ASP E 30 37.40 41.45 -35.46
N ASN E 31 36.45 41.72 -34.57
CA ASN E 31 35.38 40.76 -34.25
C ASN E 31 34.17 41.52 -33.71
N TYR E 32 32.99 41.02 -34.00
CA TYR E 32 31.74 41.67 -33.59
C TYR E 32 31.66 43.11 -34.08
N GLY E 33 32.37 43.43 -35.15
CA GLY E 33 32.37 44.79 -35.72
C GLY E 33 33.35 45.73 -34.99
N ILE E 34 34.08 45.19 -34.01
CA ILE E 34 34.99 45.96 -33.18
C ILE E 34 36.45 45.51 -33.30
N SER E 35 37.36 46.45 -33.48
CA SER E 35 38.78 46.13 -33.54
C SER E 35 39.32 45.73 -32.17
N PHE E 36 40.26 44.79 -32.14
CA PHE E 36 40.85 44.31 -30.88
C PHE E 36 42.34 44.61 -30.68
N MET E 37 42.88 45.57 -31.42
CA MET E 37 44.29 45.91 -31.24
C MET E 37 44.51 46.85 -30.05
N ASN E 38 45.57 46.60 -29.28
CA ASN E 38 45.96 47.50 -28.20
C ASN E 38 47.30 48.16 -28.51
N TRP E 39 47.53 49.35 -27.97
CA TRP E 39 48.84 50.00 -28.07
C TRP E 39 49.41 50.31 -26.69
N PHE E 40 50.70 50.01 -26.50
CA PHE E 40 51.38 50.25 -25.23
C PHE E 40 52.59 51.15 -25.37
N GLN E 41 52.89 51.88 -24.30
CA GLN E 41 54.07 52.73 -24.20
C GLN E 41 54.99 52.24 -23.09
N GLN E 42 56.30 52.21 -23.34
CA GLN E 42 57.23 51.84 -22.26
C GLN E 42 58.47 52.71 -22.18
N LYS E 43 58.85 53.02 -20.95
CA LYS E 43 60.10 53.72 -20.67
C LYS E 43 60.97 52.82 -19.80
N PRO E 44 62.31 52.93 -19.88
CA PRO E 44 63.23 52.16 -19.08
C PRO E 44 62.95 52.30 -17.59
N GLY E 45 63.05 51.20 -16.87
CA GLY E 45 62.83 51.18 -15.43
C GLY E 45 61.35 51.08 -15.06
N GLN E 46 60.48 51.04 -16.05
CA GLN E 46 59.05 51.01 -15.80
C GLN E 46 58.38 49.88 -16.59
N PRO E 47 57.26 49.34 -16.11
CA PRO E 47 56.37 48.45 -16.83
C PRO E 47 55.69 49.24 -17.95
N PRO E 48 55.28 48.58 -19.04
CA PRO E 48 54.48 49.14 -20.11
C PRO E 48 53.16 49.70 -19.61
N LYS E 49 52.71 50.77 -20.24
CA LYS E 49 51.44 51.41 -19.94
C LYS E 49 50.52 51.35 -21.15
N LEU E 50 49.27 51.00 -20.92
CA LEU E 50 48.30 50.97 -22.01
C LEU E 50 47.89 52.38 -22.42
N LEU E 51 47.95 52.67 -23.71
CA LEU E 51 47.47 53.96 -24.19
C LEU E 51 46.15 53.85 -24.93
N ILE E 52 46.05 52.86 -25.82
CA ILE E 52 44.86 52.71 -26.65
C ILE E 52 44.31 51.30 -26.63
N TYR E 53 43.00 51.18 -26.49
CA TYR E 53 42.35 49.87 -26.60
C TYR E 53 41.31 49.90 -27.70
N ALA E 54 41.03 48.74 -28.26
CA ALA E 54 40.09 48.59 -29.38
C ALA E 54 40.50 49.45 -30.56
N ALA E 55 41.81 49.65 -30.70
CA ALA E 55 42.46 50.41 -31.77
C ALA E 55 41.97 51.85 -31.93
N SER E 56 41.17 52.38 -31.00
CA SER E 56 40.74 53.76 -31.15
C SER E 56 40.42 54.48 -29.84
N ASN E 57 40.25 53.72 -28.76
CA ASN E 57 39.80 54.30 -27.50
C ASN E 57 40.94 54.60 -26.56
N ARG E 58 41.13 55.87 -26.26
CA ARG E 58 42.20 56.27 -25.36
C ARG E 58 41.92 55.72 -23.97
N GLY E 59 42.96 55.26 -23.28
CA GLY E 59 42.82 54.76 -21.93
C GLY E 59 42.74 55.92 -20.94
N SER E 60 42.51 55.60 -19.67
CA SER E 60 42.42 56.65 -18.68
C SER E 60 43.76 57.35 -18.51
N GLY E 61 43.73 58.68 -18.40
CA GLY E 61 44.94 59.45 -18.16
C GLY E 61 45.75 59.72 -19.43
N VAL E 62 45.26 59.25 -20.57
CA VAL E 62 45.98 59.41 -21.82
C VAL E 62 45.63 60.74 -22.50
N PRO E 63 46.63 61.60 -22.82
CA PRO E 63 46.47 62.90 -23.42
C PRO E 63 45.99 62.80 -24.86
N ALA E 64 45.33 63.88 -25.31
CA ALA E 64 44.70 63.96 -26.64
C ALA E 64 45.69 63.77 -27.78
N ARG E 65 46.97 64.00 -27.53
CA ARG E 65 48.00 63.89 -28.57
C ARG E 65 48.07 62.50 -29.20
N PHE E 66 47.60 61.47 -28.48
CA PHE E 66 47.64 60.11 -29.03
C PHE E 66 46.32 59.73 -29.68
N THR E 67 46.38 59.19 -30.90
CA THR E 67 45.19 58.62 -31.51
C THR E 67 45.49 57.34 -32.28
N GLY E 68 44.53 56.43 -32.27
CA GLY E 68 44.63 55.22 -33.06
C GLY E 68 44.02 55.46 -34.43
N SER E 69 44.11 54.46 -35.29
CA SER E 69 43.53 54.52 -36.63
C SER E 69 43.43 53.12 -37.25
N GLY E 70 42.62 53.00 -38.30
CA GLY E 70 42.60 51.83 -39.15
C GLY E 70 41.59 50.74 -38.77
N SER E 71 41.53 49.71 -39.61
CA SER E 71 40.58 48.60 -39.49
C SER E 71 41.13 47.39 -40.27
N GLY E 72 40.48 46.24 -40.15
CA GLY E 72 40.92 45.10 -40.93
C GLY E 72 42.32 44.66 -40.51
N THR E 73 43.27 44.69 -41.45
CA THR E 73 44.64 44.28 -41.18
C THR E 73 45.63 45.46 -41.23
N ASP E 74 45.13 46.69 -41.25
CA ASP E 74 46.02 47.86 -41.35
C ASP E 74 45.73 48.91 -40.28
N PHE E 75 46.61 49.02 -39.29
CA PHE E 75 46.43 49.95 -38.17
C PHE E 75 47.64 50.86 -37.95
N SER E 76 47.39 52.05 -37.41
CA SER E 76 48.52 52.93 -37.10
C SER E 76 48.27 53.87 -35.92
N LEU E 77 49.37 54.27 -35.29
CA LEU E 77 49.37 55.24 -34.20
C LEU E 77 49.94 56.57 -34.65
N ASN E 78 49.22 57.64 -34.36
CA ASN E 78 49.66 58.99 -34.71
C ASN E 78 49.79 59.86 -33.48
N ILE E 79 51.00 60.37 -33.25
CA ILE E 79 51.28 61.19 -32.08
C ILE E 79 51.60 62.62 -32.48
N HIS E 80 50.85 63.59 -31.97
CA HIS E 80 51.16 64.98 -32.29
C HIS E 80 50.68 65.95 -31.20
N PRO E 81 51.49 66.96 -30.88
CA PRO E 81 52.89 67.21 -31.23
C PRO E 81 53.83 66.25 -30.52
N MET E 82 54.97 65.95 -31.15
CA MET E 82 56.00 65.18 -30.47
C MET E 82 56.72 66.02 -29.40
N GLU E 83 56.87 65.45 -28.21
CA GLU E 83 57.61 66.08 -27.12
C GLU E 83 58.59 65.10 -26.49
N GLU E 84 59.55 65.60 -25.73
CA GLU E 84 60.53 64.74 -25.07
C GLU E 84 59.87 63.74 -24.12
N ASP E 85 58.72 64.12 -23.59
CA ASP E 85 57.96 63.25 -22.67
C ASP E 85 57.42 62.00 -23.36
N ASP E 86 57.36 62.04 -24.69
CA ASP E 86 56.83 60.94 -25.48
C ASP E 86 57.90 59.95 -25.92
N ILE E 87 59.15 60.17 -25.52
CA ILE E 87 60.21 59.25 -25.93
C ILE E 87 59.98 57.93 -25.22
N ALA E 88 59.79 56.89 -26.01
CA ALA E 88 59.44 55.59 -25.47
C ALA E 88 59.48 54.51 -26.53
N MET E 89 59.49 53.26 -26.09
CA MET E 89 59.21 52.15 -27.01
C MET E 89 57.70 52.01 -27.13
N TYR E 90 57.22 51.66 -28.32
CA TYR E 90 55.80 51.42 -28.48
C TYR E 90 55.51 50.03 -29.06
N PHE E 91 54.51 49.36 -28.49
CA PHE E 91 54.16 48.02 -28.93
C PHE E 91 52.70 47.90 -29.33
N CYS E 92 52.45 47.13 -30.39
CA CYS E 92 51.10 46.67 -30.68
C CYS E 92 50.81 45.34 -29.98
N GLN E 93 49.54 45.10 -29.67
CA GLN E 93 49.13 43.79 -29.16
C GLN E 93 47.84 43.32 -29.83
N GLN E 94 47.77 42.04 -30.14
CA GLN E 94 46.55 41.45 -30.66
C GLN E 94 45.86 40.60 -29.60
N SER E 95 44.74 41.11 -29.10
CA SER E 95 44.02 40.47 -28.00
C SER E 95 42.95 39.48 -28.43
N LYS E 96 42.71 39.36 -29.73
CA LYS E 96 41.59 38.54 -30.23
C LYS E 96 41.70 37.05 -29.88
N GLU E 97 42.91 36.49 -29.88
CA GLU E 97 43.06 35.05 -29.69
C GLU E 97 44.18 34.67 -28.73
N VAL E 98 44.03 33.49 -28.12
CA VAL E 98 45.06 32.85 -27.33
C VAL E 98 45.92 31.95 -28.22
N PRO E 99 47.26 32.08 -28.18
CA PRO E 99 48.10 33.00 -27.43
C PRO E 99 47.98 34.43 -27.90
N TYR E 100 48.09 35.36 -26.96
CA TYR E 100 48.11 36.78 -27.28
C TYR E 100 49.48 37.12 -27.82
N THR E 101 49.56 38.03 -28.77
CA THR E 101 50.87 38.35 -29.34
C THR E 101 51.21 39.83 -29.28
N PHE E 102 52.52 40.13 -29.31
CA PHE E 102 53.02 41.50 -29.23
C PHE E 102 53.80 41.92 -30.47
N GLY E 103 53.84 43.23 -30.70
CA GLY E 103 54.51 43.83 -31.84
C GLY E 103 56.01 44.07 -31.62
N GLY E 104 56.60 44.83 -32.55
CA GLY E 104 58.04 45.03 -32.67
C GLY E 104 58.74 45.95 -31.64
N GLY E 105 57.98 46.73 -30.86
CA GLY E 105 58.65 47.59 -29.88
C GLY E 105 59.34 48.81 -30.47
N THR E 106 58.76 49.39 -31.52
CA THR E 106 59.35 50.51 -32.23
C THR E 106 59.82 51.62 -31.30
N LYS E 107 61.06 52.06 -31.49
CA LYS E 107 61.64 53.13 -30.70
C LYS E 107 61.32 54.50 -31.27
N LEU E 108 60.76 55.38 -30.45
CA LEU E 108 60.49 56.76 -30.85
C LEU E 108 61.39 57.72 -30.09
N GLU E 109 62.13 58.55 -30.81
CA GLU E 109 63.06 59.49 -30.19
C GLU E 109 63.03 60.86 -30.85
N ILE E 110 63.53 61.87 -30.14
CA ILE E 110 63.63 63.23 -30.66
C ILE E 110 64.74 63.41 -31.69
N LYS E 111 64.39 64.03 -32.82
CA LYS E 111 65.34 64.33 -33.89
C LYS E 111 65.78 65.79 -33.82
N GLU F 1 42.69 51.43 -4.85
CA GLU F 1 43.92 51.43 -5.62
C GLU F 1 44.48 50.01 -5.80
N VAL F 2 44.51 49.56 -7.04
CA VAL F 2 45.02 48.23 -7.34
C VAL F 2 46.53 48.18 -7.33
N LYS F 3 47.09 47.22 -6.60
CA LYS F 3 48.53 47.02 -6.57
C LYS F 3 48.87 45.56 -6.76
N LEU F 4 49.97 45.30 -7.45
CA LEU F 4 50.50 43.96 -7.58
C LEU F 4 51.94 43.92 -7.10
N GLU F 5 52.28 42.93 -6.28
CA GLU F 5 53.66 42.82 -5.81
C GLU F 5 54.30 41.49 -6.13
N GLU F 6 55.34 41.52 -6.97
CA GLU F 6 56.07 40.31 -7.35
C GLU F 6 57.16 39.96 -6.36
N SER F 7 57.45 38.66 -6.24
CA SER F 7 58.56 38.18 -5.41
C SER F 7 59.08 36.81 -5.87
N GLY F 8 60.20 36.38 -5.31
CA GLY F 8 60.75 35.06 -5.60
C GLY F 8 61.75 35.01 -6.76
N GLY F 9 62.16 36.17 -7.27
CA GLY F 9 63.10 36.21 -8.38
C GLY F 9 64.54 35.97 -7.92
N GLY F 10 65.49 36.08 -8.84
CA GLY F 10 66.90 35.81 -8.53
C GLY F 10 67.55 34.82 -9.50
N LEU F 11 68.85 34.58 -9.31
CA LEU F 11 69.63 33.68 -10.16
C LEU F 11 69.42 32.20 -9.83
N VAL F 12 69.11 31.42 -10.85
CA VAL F 12 68.94 29.97 -10.73
C VAL F 12 69.75 29.22 -11.80
N GLN F 13 70.41 28.14 -11.39
CA GLN F 13 71.19 27.33 -12.32
C GLN F 13 70.29 26.68 -13.38
N ALA F 14 70.77 26.62 -14.61
CA ALA F 14 69.99 26.05 -15.70
C ALA F 14 69.65 24.60 -15.40
N GLY F 15 68.43 24.22 -15.76
CA GLY F 15 67.90 22.90 -15.49
C GLY F 15 67.25 22.85 -14.11
N GLY F 16 67.37 23.95 -13.36
CA GLY F 16 66.83 24.05 -12.02
C GLY F 16 65.38 24.50 -12.02
N SER F 17 64.88 24.86 -10.84
CA SER F 17 63.49 25.27 -10.68
C SER F 17 63.33 26.35 -9.62
N MET F 18 62.25 27.12 -9.74
CA MET F 18 61.93 28.19 -8.81
C MET F 18 60.45 28.51 -8.85
N LYS F 19 59.96 29.22 -7.84
CA LYS F 19 58.58 29.69 -7.87
C LYS F 19 58.51 31.20 -7.72
N LEU F 20 57.75 31.84 -8.61
CA LEU F 20 57.48 33.26 -8.49
C LEU F 20 56.12 33.45 -7.86
N SER F 21 55.94 34.54 -7.15
CA SER F 21 54.63 34.81 -6.57
C SER F 21 54.21 36.24 -6.80
N CYS F 22 52.89 36.44 -6.83
CA CYS F 22 52.30 37.76 -6.99
C CYS F 22 51.19 37.97 -5.98
N VAL F 23 51.27 39.06 -5.23
CA VAL F 23 50.24 39.34 -4.23
C VAL F 23 49.22 40.33 -4.74
N ALA F 24 47.97 39.91 -4.80
CA ALA F 24 46.89 40.78 -5.23
C ALA F 24 46.54 41.74 -4.11
N SER F 25 46.17 42.97 -4.47
CA SER F 25 45.68 43.92 -3.48
C SER F 25 44.77 44.97 -4.13
N GLY F 26 43.75 45.39 -3.38
CA GLY F 26 42.84 46.43 -3.83
C GLY F 26 41.67 45.89 -4.66
N PHE F 27 41.65 44.58 -4.90
CA PHE F 27 40.58 43.98 -5.69
C PHE F 27 40.35 42.54 -5.27
N SER F 28 39.18 42.00 -5.59
CA SER F 28 38.90 40.60 -5.28
C SER F 28 39.52 39.68 -6.33
N LEU F 29 40.45 38.84 -5.90
CA LEU F 29 41.14 37.94 -6.80
C LEU F 29 40.19 36.89 -7.39
N SER F 30 39.25 36.43 -6.58
CA SER F 30 38.34 35.36 -6.97
C SER F 30 37.38 35.76 -8.08
N ASN F 31 37.27 37.06 -8.33
CA ASN F 31 36.35 37.59 -9.31
C ASN F 31 37.10 38.07 -10.54
N TYR F 32 38.33 37.58 -10.74
CA TYR F 32 39.14 38.15 -11.80
C TYR F 32 40.13 37.15 -12.45
N TRP F 33 40.38 37.34 -13.75
CA TRP F 33 41.34 36.55 -14.52
C TRP F 33 42.76 37.08 -14.31
N MET F 34 43.77 36.20 -14.30
CA MET F 34 45.14 36.69 -14.10
C MET F 34 46.10 36.20 -15.18
N ASN F 35 47.11 37.02 -15.48
CA ASN F 35 48.07 36.72 -16.55
C ASN F 35 49.52 37.04 -16.20
N TRP F 36 50.43 36.29 -16.82
CA TRP F 36 51.86 36.57 -16.72
C TRP F 36 52.48 36.80 -18.09
N VAL F 37 53.39 37.77 -18.14
CA VAL F 37 54.16 38.08 -19.33
C VAL F 37 55.62 38.22 -18.96
N ARG F 38 56.51 38.17 -19.95
CA ARG F 38 57.92 38.41 -19.67
C ARG F 38 58.55 39.33 -20.71
N GLN F 39 59.65 39.97 -20.34
CA GLN F 39 60.34 40.86 -21.24
C GLN F 39 61.85 40.68 -21.26
N SER F 40 62.41 40.83 -22.45
CA SER F 40 63.87 40.89 -22.64
C SER F 40 64.14 41.84 -23.80
N PRO F 41 65.22 42.62 -23.77
CA PRO F 41 65.59 43.54 -24.82
C PRO F 41 65.86 42.81 -26.12
N GLU F 42 66.19 41.53 -26.03
CA GLU F 42 66.43 40.72 -27.20
C GLU F 42 65.14 40.39 -27.96
N LYS F 43 64.03 40.30 -27.23
CA LYS F 43 62.77 39.80 -27.79
C LYS F 43 61.60 40.79 -27.74
N GLY F 44 61.69 41.76 -26.84
CA GLY F 44 60.53 42.59 -26.55
C GLY F 44 59.57 41.82 -25.64
N LEU F 45 58.30 42.20 -25.66
CA LEU F 45 57.31 41.59 -24.77
C LEU F 45 56.87 40.22 -25.28
N GLU F 46 56.66 39.27 -24.36
CA GLU F 46 56.11 37.97 -24.71
C GLU F 46 55.11 37.47 -23.67
N TRP F 47 53.93 37.04 -24.10
CA TRP F 47 52.96 36.43 -23.19
C TRP F 47 53.37 35.01 -22.84
N VAL F 48 53.24 34.61 -21.58
CA VAL F 48 53.61 33.24 -21.24
C VAL F 48 52.49 32.39 -20.62
N ALA F 49 51.61 32.99 -19.81
CA ALA F 49 50.59 32.14 -19.17
C ALA F 49 49.32 32.89 -18.76
N GLU F 50 48.21 32.15 -18.70
CA GLU F 50 46.92 32.66 -18.23
C GLU F 50 46.20 31.64 -17.36
N ILE F 51 45.51 32.11 -16.32
CA ILE F 51 44.69 31.22 -15.49
C ILE F 51 43.25 31.70 -15.34
N ARG F 52 42.33 30.76 -15.52
CA ARG F 52 40.88 30.95 -15.50
C ARG F 52 40.25 30.77 -14.11
N LEU F 53 38.97 31.16 -13.99
CA LEU F 53 38.19 31.05 -12.74
C LEU F 53 37.48 29.71 -12.57
N LYS F 54 36.86 29.50 -11.40
CA LYS F 54 36.24 28.23 -11.07
C LYS F 54 35.22 27.67 -12.07
N PRO F 55 34.30 28.45 -12.68
CA PRO F 55 33.33 28.01 -13.67
C PRO F 55 34.02 27.43 -14.89
N GLN F 56 35.27 27.81 -15.06
CA GLN F 56 36.12 27.42 -16.16
C GLN F 56 37.02 26.28 -15.72
N ASN F 57 36.77 25.77 -14.51
CA ASN F 57 37.50 24.70 -13.88
C ASN F 57 38.98 25.03 -13.72
N TYR F 58 39.27 26.31 -13.50
CA TYR F 58 40.64 26.76 -13.33
C TYR F 58 41.54 26.31 -14.47
N ALA F 59 40.99 26.29 -15.69
CA ALA F 59 41.76 25.91 -16.86
C ALA F 59 42.92 26.87 -17.04
N THR F 60 44.02 26.35 -17.59
CA THR F 60 45.19 27.19 -17.82
C THR F 60 45.65 27.11 -19.26
N HIS F 61 46.40 28.13 -19.67
CA HIS F 61 46.94 28.17 -21.02
C HIS F 61 48.37 28.66 -20.99
N TYR F 62 49.20 28.13 -21.89
CA TYR F 62 50.60 28.52 -21.93
C TYR F 62 51.06 28.80 -23.35
N ALA F 63 52.03 29.69 -23.50
CA ALA F 63 52.69 29.85 -24.78
C ALA F 63 53.46 28.57 -25.10
N GLU F 64 53.56 28.24 -26.37
CA GLU F 64 54.26 27.01 -26.76
C GLU F 64 55.73 27.04 -26.34
N SER F 65 56.30 28.23 -26.28
CA SER F 65 57.71 28.40 -25.92
C SER F 65 58.01 28.02 -24.46
N VAL F 66 56.97 28.02 -23.61
CA VAL F 66 57.16 27.71 -22.20
C VAL F 66 56.35 26.49 -21.75
N LYS F 67 55.47 26.01 -22.61
CA LYS F 67 54.56 24.95 -22.22
C LYS F 67 55.29 23.68 -21.80
N GLY F 68 54.86 23.14 -20.67
CA GLY F 68 55.40 21.88 -20.13
C GLY F 68 56.59 22.10 -19.21
N ARG F 69 57.11 23.32 -19.17
CA ARG F 69 58.23 23.65 -18.29
C ARG F 69 57.76 24.64 -17.23
N PHE F 70 56.60 25.25 -17.50
CA PHE F 70 55.99 26.24 -16.64
C PHE F 70 54.60 25.78 -16.19
N SER F 71 54.19 26.20 -15.01
CA SER F 71 52.85 25.91 -14.53
C SER F 71 52.30 27.08 -13.72
N ILE F 72 51.04 27.41 -13.92
CA ILE F 72 50.41 28.51 -13.21
C ILE F 72 49.30 28.05 -12.30
N SER F 73 49.27 28.60 -11.09
CA SER F 73 48.24 28.24 -10.11
C SER F 73 47.90 29.43 -9.25
N ARG F 74 46.76 29.39 -8.58
CA ARG F 74 46.33 30.49 -7.75
C ARG F 74 45.70 30.02 -6.46
N ASP F 75 45.77 30.86 -5.44
CA ASP F 75 45.11 30.60 -4.17
C ASP F 75 44.15 31.72 -3.83
N ASP F 76 42.87 31.47 -4.10
CA ASP F 76 41.86 32.50 -3.93
C ASP F 76 41.65 32.88 -2.46
N SER F 77 42.03 31.99 -1.54
CA SER F 77 41.81 32.25 -0.12
C SER F 77 42.88 33.17 0.47
N ARG F 78 44.00 33.31 -0.23
CA ARG F 78 45.12 34.13 0.26
C ARG F 78 45.37 35.34 -0.61
N SER F 79 44.54 35.52 -1.64
CA SER F 79 44.72 36.60 -2.61
C SER F 79 46.10 36.57 -3.28
N THR F 80 46.56 35.37 -3.67
CA THR F 80 47.86 35.26 -4.33
C THR F 80 47.81 34.44 -5.62
N VAL F 81 48.78 34.70 -6.50
CA VAL F 81 48.98 33.97 -7.75
C VAL F 81 50.42 33.47 -7.84
N TYR F 82 50.61 32.23 -8.27
CA TYR F 82 51.96 31.70 -8.36
C TYR F 82 52.32 31.22 -9.77
N LEU F 83 53.56 31.42 -10.15
CA LEU F 83 54.08 30.87 -11.39
C LEU F 83 55.26 29.95 -11.09
N GLN F 84 55.06 28.67 -11.32
CA GLN F 84 56.08 27.66 -11.08
C GLN F 84 56.84 27.37 -12.34
N MET F 85 58.16 27.24 -12.25
CA MET F 85 58.93 26.89 -13.42
C MET F 85 60.04 25.91 -13.12
N ASN F 86 60.35 25.07 -14.09
CA ASN F 86 61.41 24.08 -13.97
C ASN F 86 62.04 23.79 -15.30
N ASN F 87 63.10 22.98 -15.32
CA ASN F 87 63.80 22.70 -16.56
C ASN F 87 64.18 24.02 -17.23
N LEU F 88 64.67 24.95 -16.42
CA LEU F 88 64.98 26.29 -16.87
C LEU F 88 66.12 26.34 -17.87
N ARG F 89 65.97 27.23 -18.84
CA ARG F 89 66.96 27.42 -19.88
C ARG F 89 67.48 28.84 -19.86
N ALA F 90 68.68 29.07 -20.40
CA ALA F 90 69.24 30.42 -20.44
C ALA F 90 68.30 31.36 -21.20
N GLU F 91 67.53 30.77 -22.12
CA GLU F 91 66.56 31.46 -22.95
C GLU F 91 65.45 32.11 -22.14
N ASP F 92 65.23 31.62 -20.91
CA ASP F 92 64.15 32.10 -20.06
C ASP F 92 64.53 33.36 -19.28
N THR F 93 65.79 33.79 -19.39
CA THR F 93 66.25 34.98 -18.69
C THR F 93 65.45 36.21 -19.12
N GLY F 94 64.98 36.99 -18.15
CA GLY F 94 64.21 38.19 -18.46
C GLY F 94 63.48 38.74 -17.25
N ILE F 95 62.68 39.76 -17.48
CA ILE F 95 61.89 40.36 -16.41
C ILE F 95 60.47 39.83 -16.47
N TYR F 96 60.00 39.27 -15.38
CA TYR F 96 58.66 38.69 -15.35
C TYR F 96 57.70 39.62 -14.65
N TYR F 97 56.50 39.77 -15.22
CA TYR F 97 55.51 40.66 -14.63
C TYR F 97 54.19 39.96 -14.36
N CYS F 98 53.61 40.31 -13.22
CA CYS F 98 52.23 39.96 -12.87
C CYS F 98 51.31 41.01 -13.50
N THR F 99 50.31 40.57 -14.25
CA THR F 99 49.45 41.51 -14.96
C THR F 99 47.96 41.25 -14.79
N ARG F 100 47.17 42.28 -15.10
CA ARG F 100 45.71 42.17 -15.08
C ARG F 100 45.09 42.66 -16.41
N PRO F 101 44.12 41.90 -16.97
CA PRO F 101 43.43 42.12 -18.24
C PRO F 101 42.55 43.37 -18.34
N GLY F 102 42.14 43.95 -17.22
CA GLY F 102 41.49 45.26 -17.30
C GLY F 102 40.19 45.35 -18.13
N TYR F 103 40.13 46.30 -19.07
CA TYR F 103 38.91 46.60 -19.84
C TYR F 103 38.22 45.38 -20.44
N TYR F 104 36.89 45.38 -20.32
CA TYR F 104 36.07 44.22 -20.62
C TYR F 104 35.72 44.10 -22.07
N GLY F 105 36.02 42.94 -22.64
CA GLY F 105 35.79 42.68 -24.04
C GLY F 105 36.90 43.34 -24.84
N HIS F 106 37.82 43.97 -24.11
CA HIS F 106 38.93 44.66 -24.69
C HIS F 106 40.11 44.24 -23.87
N TYR F 107 40.37 42.96 -23.87
CA TYR F 107 41.39 42.42 -23.01
C TYR F 107 42.68 43.17 -23.28
N ALA F 108 43.27 43.72 -22.22
CA ALA F 108 44.50 44.49 -22.33
C ALA F 108 45.21 44.54 -20.99
N MET F 109 46.52 44.66 -20.98
CA MET F 109 47.19 44.67 -19.70
C MET F 109 47.14 46.06 -19.07
N ASP F 110 45.99 46.39 -18.47
CA ASP F 110 45.80 47.72 -17.87
C ASP F 110 46.66 47.94 -16.64
N TYR F 111 46.91 46.87 -15.88
CA TYR F 111 47.72 47.00 -14.68
C TYR F 111 48.89 46.04 -14.69
N TRP F 112 50.02 46.54 -14.23
CA TRP F 112 51.25 45.80 -14.14
C TRP F 112 51.85 45.95 -12.76
N GLY F 113 52.54 44.93 -12.28
CA GLY F 113 53.33 45.06 -11.08
C GLY F 113 54.70 45.61 -11.45
N GLN F 114 55.56 45.81 -10.46
CA GLN F 114 56.91 46.30 -10.72
C GLN F 114 57.72 45.26 -11.49
N GLY F 115 57.41 44.00 -11.26
CA GLY F 115 58.07 42.88 -11.92
C GLY F 115 59.31 42.47 -11.13
N THR F 116 59.90 41.34 -11.53
CA THR F 116 61.10 40.86 -10.88
C THR F 116 62.06 40.25 -11.88
N SER F 117 63.35 40.35 -11.59
CA SER F 117 64.36 39.77 -12.47
C SER F 117 64.49 38.27 -12.25
N VAL F 118 64.57 37.54 -13.34
CA VAL F 118 64.90 36.12 -13.32
C VAL F 118 66.09 35.87 -14.21
N THR F 119 67.12 35.25 -13.66
CA THR F 119 68.29 34.95 -14.48
C THR F 119 68.59 33.47 -14.44
N VAL F 120 68.86 32.89 -15.60
CA VAL F 120 69.17 31.48 -15.66
C VAL F 120 70.57 31.23 -16.21
N SER F 121 71.37 30.46 -15.48
CA SER F 121 72.73 30.15 -15.89
C SER F 121 73.29 28.95 -15.14
N LEU G 9 20.53 -15.78 26.03
CA LEU G 9 19.31 -15.18 26.54
C LEU G 9 18.74 -14.14 25.58
N GLY G 10 18.28 -14.61 24.43
CA GLY G 10 17.64 -13.75 23.45
C GLY G 10 16.16 -13.61 23.78
N PHE G 11 15.40 -12.98 22.88
CA PHE G 11 13.99 -12.78 23.14
C PHE G 11 13.31 -14.13 23.32
N LEU G 12 12.54 -14.26 24.41
CA LEU G 12 11.84 -15.47 24.82
C LEU G 12 12.75 -16.65 25.13
N GLY G 13 14.05 -16.41 25.30
CA GLY G 13 14.97 -17.49 25.66
C GLY G 13 14.63 -18.04 27.04
N ALA G 14 13.98 -17.20 27.84
CA ALA G 14 13.57 -17.53 29.20
C ALA G 14 12.31 -18.37 29.24
N ALA G 15 11.62 -18.54 28.11
CA ALA G 15 10.32 -19.18 28.13
C ALA G 15 10.35 -20.59 28.71
N GLY G 16 11.46 -21.31 28.51
CA GLY G 16 11.58 -22.67 29.05
C GLY G 16 12.13 -22.70 30.48
N SER G 17 12.52 -21.53 31.00
CA SER G 17 13.16 -21.44 32.31
C SER G 17 12.18 -21.45 33.46
N THR G 18 12.71 -21.69 34.65
CA THR G 18 11.87 -21.67 35.84
C THR G 18 11.39 -20.26 36.07
N MET G 19 10.27 -20.11 36.74
CA MET G 19 9.72 -18.79 36.94
C MET G 19 10.69 -17.86 37.66
N GLY G 20 11.46 -18.40 38.60
CA GLY G 20 12.43 -17.57 39.29
C GLY G 20 13.55 -17.13 38.37
N ALA G 21 14.07 -18.05 37.57
CA ALA G 21 15.17 -17.75 36.66
C ALA G 21 14.77 -16.71 35.63
N ALA G 22 13.51 -16.77 35.22
CA ALA G 22 12.98 -15.91 34.17
C ALA G 22 13.04 -14.43 34.54
N SER G 23 13.07 -14.13 35.84
CA SER G 23 13.01 -12.75 36.30
C SER G 23 14.22 -11.93 35.83
N MET G 24 15.30 -12.61 35.49
CA MET G 24 16.52 -11.95 35.03
C MET G 24 16.35 -11.26 33.67
N THR G 25 15.37 -11.71 32.90
CA THR G 25 15.22 -11.26 31.52
C THR G 25 14.03 -10.32 31.28
N LEU G 26 13.37 -9.90 32.36
CA LEU G 26 12.13 -9.15 32.18
C LEU G 26 12.33 -7.87 31.37
N THR G 27 13.47 -7.21 31.58
CA THR G 27 13.75 -5.98 30.84
C THR G 27 13.88 -6.24 29.35
N VAL G 28 14.55 -7.33 29.01
CA VAL G 28 14.78 -7.67 27.61
C VAL G 28 13.47 -7.89 26.90
N GLN G 29 12.55 -8.57 27.57
CA GLN G 29 11.26 -8.85 26.98
C GLN G 29 10.47 -7.56 26.78
N ALA G 30 10.58 -6.64 27.72
CA ALA G 30 9.84 -5.38 27.66
C ALA G 30 10.25 -4.54 26.45
N ARG G 31 11.53 -4.60 26.09
CA ARG G 31 12.06 -3.80 24.98
C ARG G 31 11.46 -4.19 23.64
N ASN G 32 10.98 -5.42 23.53
CA ASN G 32 10.50 -5.95 22.26
C ASN G 32 8.99 -5.86 22.10
N LEU G 33 8.34 -5.17 23.03
CA LEU G 33 6.89 -5.02 22.97
C LEU G 33 6.46 -3.85 22.10
N LEU G 34 7.41 -3.05 21.67
CA LEU G 34 7.10 -1.84 20.92
C LEU G 34 8.24 -1.44 19.99
N HIS G 59 -4.03 -1.55 -1.13
CA HIS G 59 -4.57 -1.58 0.24
C HIS G 59 -3.49 -1.96 1.24
N TRP G 60 -2.25 -2.08 0.77
CA TRP G 60 -1.15 -2.47 1.64
C TRP G 60 -0.99 -1.49 2.80
N GLY G 61 -1.24 -0.21 2.53
CA GLY G 61 -1.14 0.80 3.56
C GLY G 61 -2.16 0.57 4.68
N ILE G 62 -3.31 0.01 4.34
CA ILE G 62 -4.32 -0.27 5.36
C ILE G 62 -3.85 -1.39 6.27
N LYS G 63 -3.20 -2.39 5.68
CA LYS G 63 -2.69 -3.48 6.49
C LYS G 63 -1.68 -2.96 7.50
N GLN G 64 -0.83 -2.03 7.05
CA GLN G 64 0.18 -1.49 7.95
C GLN G 64 -0.45 -0.68 9.06
N LEU G 65 -1.48 0.09 8.72
CA LEU G 65 -2.13 0.92 9.71
C LEU G 65 -2.92 0.12 10.72
N GLN G 66 -3.60 -0.94 10.29
CA GLN G 66 -4.36 -1.71 11.25
C GLN G 66 -3.46 -2.42 12.24
N ALA G 67 -2.33 -2.94 11.75
CA ALA G 67 -1.42 -3.63 12.64
C ALA G 67 -0.79 -2.68 13.66
N ARG G 68 -0.41 -1.51 13.19
CA ARG G 68 0.26 -0.56 14.08
C ARG G 68 -0.68 0.03 15.11
N VAL G 69 -1.90 0.34 14.70
CA VAL G 69 -2.84 0.91 15.64
C VAL G 69 -3.18 -0.08 16.74
N LEU G 70 -3.39 -1.34 16.37
CA LEU G 70 -3.67 -2.36 17.37
C LEU G 70 -2.51 -2.56 18.31
N ALA G 71 -1.27 -2.51 17.79
CA ALA G 71 -0.12 -2.70 18.66
C ALA G 71 -0.05 -1.60 19.71
N VAL G 72 -0.38 -0.38 19.31
CA VAL G 72 -0.38 0.74 20.24
C VAL G 72 -1.53 0.66 21.23
N GLU G 73 -2.73 0.35 20.75
CA GLU G 73 -3.87 0.27 21.66
C GLU G 73 -3.65 -0.82 22.70
N HIS G 74 -3.08 -1.94 22.28
CA HIS G 74 -2.81 -3.03 23.21
C HIS G 74 -1.76 -2.62 24.23
N TYR G 75 -0.70 -1.98 23.76
CA TYR G 75 0.37 -1.56 24.65
C TYR G 75 -0.16 -0.63 25.73
N LEU G 76 -0.96 0.34 25.33
CA LEU G 76 -1.51 1.29 26.28
C LEU G 76 -2.46 0.63 27.28
N ARG G 77 -3.20 -0.39 26.85
CA ARG G 77 -4.11 -1.06 27.78
C ARG G 77 -3.36 -1.71 28.93
N ASP G 78 -2.22 -2.32 28.62
CA ASP G 78 -1.43 -2.93 29.70
C ASP G 78 -0.88 -1.88 30.64
N GLN G 79 -0.45 -0.75 30.09
CA GLN G 79 0.09 0.29 30.94
C GLN G 79 -0.97 0.94 31.80
N GLN G 80 -2.18 1.08 31.27
CA GLN G 80 -3.25 1.67 32.06
C GLN G 80 -3.59 0.78 33.24
N LEU G 81 -3.56 -0.53 33.03
CA LEU G 81 -3.89 -1.45 34.09
C LEU G 81 -2.87 -1.37 35.22
N LEU G 82 -1.59 -1.26 34.85
CA LEU G 82 -0.57 -1.09 35.87
C LEU G 82 -0.76 0.23 36.59
N GLY G 83 -1.17 1.25 35.86
CA GLY G 83 -1.38 2.57 36.44
C GLY G 83 -2.46 2.56 37.50
N ILE G 84 -3.50 1.75 37.29
CA ILE G 84 -4.55 1.61 38.30
C ILE G 84 -3.98 0.96 39.54
N TRP G 85 -3.16 -0.05 39.34
CA TRP G 85 -2.52 -0.76 40.44
C TRP G 85 -1.44 0.09 41.11
N GLY G 86 -0.94 1.11 40.42
CA GLY G 86 0.11 1.98 40.96
C GLY G 86 1.50 1.39 40.72
N CYS G 87 1.57 0.36 39.88
CA CYS G 87 2.81 -0.35 39.60
C CYS G 87 3.47 0.09 38.30
N SER G 88 2.95 1.14 37.69
CA SER G 88 3.43 1.56 36.36
C SER G 88 4.90 1.98 36.31
N GLY G 89 5.46 2.34 37.47
CA GLY G 89 6.86 2.74 37.51
C GLY G 89 7.84 1.58 37.61
N LYS G 90 7.33 0.35 37.76
CA LYS G 90 8.21 -0.80 37.98
C LYS G 90 7.86 -2.01 37.12
N LEU G 91 8.89 -2.80 36.77
CA LEU G 91 8.67 -4.10 36.17
C LEU G 91 8.14 -5.11 37.18
N ILE G 92 8.53 -4.92 38.44
CA ILE G 92 8.12 -5.79 39.53
C ILE G 92 7.52 -4.99 40.67
N CYS G 93 6.35 -5.37 41.15
CA CYS G 93 5.79 -4.67 42.32
C CYS G 93 5.02 -5.59 43.23
N CYS G 94 4.82 -5.11 44.46
CA CYS G 94 4.02 -5.81 45.46
C CYS G 94 2.66 -5.17 45.63
N THR G 95 1.70 -5.95 46.12
CA THR G 95 0.36 -5.43 46.33
C THR G 95 -0.13 -5.79 47.72
N ASN G 96 -1.27 -5.20 48.10
CA ASN G 96 -1.87 -5.47 49.40
C ASN G 96 -2.97 -6.54 49.35
N VAL G 97 -3.08 -7.26 48.25
CA VAL G 97 -4.06 -8.34 48.18
C VAL G 97 -3.47 -9.67 48.63
N PRO G 98 -4.04 -10.32 49.66
CA PRO G 98 -3.60 -11.61 50.16
C PRO G 98 -3.91 -12.69 49.15
N TRP G 99 -3.05 -13.70 49.08
CA TRP G 99 -3.26 -14.81 48.18
C TRP G 99 -4.32 -15.76 48.72
N ASN G 100 -5.23 -16.18 47.86
CA ASN G 100 -6.18 -17.23 48.18
C ASN G 100 -5.57 -18.59 47.87
N SER G 101 -5.34 -19.40 48.88
CA SER G 101 -4.62 -20.65 48.68
C SER G 101 -5.37 -21.60 47.75
N SER G 102 -6.69 -21.40 47.60
CA SER G 102 -7.46 -22.27 46.74
C SER G 102 -7.11 -22.10 45.26
N TRP G 103 -6.47 -20.98 44.91
CA TRP G 103 -6.08 -20.74 43.52
C TRP G 103 -5.02 -21.72 43.05
N SER G 104 -4.17 -22.18 43.97
CA SER G 104 -3.15 -23.17 43.66
C SER G 104 -2.63 -23.82 44.93
N ASN G 105 -2.66 -25.14 45.00
CA ASN G 105 -2.21 -25.85 46.20
C ASN G 105 -0.72 -26.16 46.13
N ARG G 106 0.10 -25.12 46.17
CA ARG G 106 1.54 -25.29 46.02
C ARG G 106 2.35 -24.45 47.00
N ASN G 107 3.59 -24.88 47.26
CA ASN G 107 4.53 -24.12 48.08
C ASN G 107 5.19 -23.03 47.25
N LEU G 108 5.71 -21.99 47.91
CA LEU G 108 6.38 -20.94 47.17
C LEU G 108 7.62 -21.45 46.43
N SER G 109 8.39 -22.31 47.08
CA SER G 109 9.58 -22.84 46.41
C SER G 109 9.19 -23.78 45.29
N GLU G 110 8.02 -24.39 45.41
CA GLU G 110 7.52 -25.28 44.37
C GLU G 110 7.21 -24.50 43.11
N ILE G 111 6.53 -23.38 43.27
CA ILE G 111 6.14 -22.58 42.12
C ILE G 111 7.34 -21.92 41.46
N TRP G 112 8.21 -21.34 42.25
CA TRP G 112 9.33 -20.61 41.68
C TRP G 112 10.40 -21.49 41.05
N ASP G 113 10.63 -22.69 41.60
CA ASP G 113 11.69 -23.55 41.06
C ASP G 113 11.23 -24.70 40.17
N ASN G 114 9.99 -25.20 40.36
CA ASN G 114 9.57 -26.39 39.60
C ASN G 114 8.63 -26.09 38.44
N MET G 115 8.39 -24.82 38.16
CA MET G 115 7.47 -24.45 37.09
C MET G 115 8.00 -23.36 36.19
N THR G 116 7.54 -23.38 34.94
CA THR G 116 7.77 -22.30 33.99
C THR G 116 6.60 -21.33 34.02
N TRP G 117 6.79 -20.12 33.50
CA TRP G 117 5.70 -19.17 33.43
C TRP G 117 4.59 -19.64 32.50
N LEU G 118 4.96 -20.40 31.48
CA LEU G 118 3.96 -20.92 30.55
C LEU G 118 3.01 -21.88 31.26
N GLN G 119 3.57 -22.75 32.10
CA GLN G 119 2.74 -23.68 32.85
C GLN G 119 1.90 -22.98 33.89
N TRP G 120 2.51 -22.01 34.57
CA TRP G 120 1.84 -21.28 35.62
C TRP G 120 0.68 -20.48 35.11
N ASP G 121 0.86 -19.85 33.96
CA ASP G 121 -0.20 -19.02 33.41
C ASP G 121 -1.43 -19.83 33.08
N LYS G 122 -1.23 -21.07 32.63
CA LYS G 122 -2.36 -21.93 32.37
C LYS G 122 -3.04 -22.38 33.65
N GLU G 123 -2.23 -22.69 34.67
CA GLU G 123 -2.75 -23.22 35.93
C GLU G 123 -3.69 -22.28 36.66
N ILE G 124 -3.46 -20.98 36.57
CA ILE G 124 -4.30 -20.02 37.27
C ILE G 124 -5.15 -19.20 36.33
N SER G 125 -5.31 -19.65 35.09
CA SER G 125 -6.02 -18.88 34.08
C SER G 125 -7.48 -18.62 34.44
N ASN G 126 -8.05 -19.45 35.31
CA ASN G 126 -9.45 -19.28 35.72
C ASN G 126 -9.62 -18.14 36.70
N TYR G 127 -8.53 -17.70 37.32
CA TYR G 127 -8.64 -16.75 38.42
C TYR G 127 -8.06 -15.38 38.09
N THR G 128 -7.61 -15.18 36.85
CA THR G 128 -6.97 -13.92 36.53
C THR G 128 -7.94 -12.75 36.56
N GLN G 129 -9.19 -13.01 36.22
CA GLN G 129 -10.19 -11.95 36.27
C GLN G 129 -10.46 -11.54 37.71
N ILE G 130 -10.41 -12.52 38.60
CA ILE G 130 -10.66 -12.27 40.02
C ILE G 130 -9.53 -11.48 40.63
N ILE G 131 -8.30 -11.86 40.32
CA ILE G 131 -7.16 -11.18 40.89
C ILE G 131 -7.10 -9.73 40.45
N TYR G 132 -7.38 -9.49 39.17
CA TYR G 132 -7.33 -8.11 38.68
C TYR G 132 -8.38 -7.27 39.39
N GLY G 133 -9.57 -7.83 39.60
CA GLY G 133 -10.62 -7.09 40.28
C GLY G 133 -10.26 -6.80 41.73
N LEU G 134 -9.61 -7.77 42.39
CA LEU G 134 -9.21 -7.58 43.78
C LEU G 134 -8.16 -6.51 43.92
N LEU G 135 -7.24 -6.43 42.97
CA LEU G 135 -6.18 -5.45 43.07
C LEU G 135 -6.74 -4.04 43.04
N GLU G 136 -7.73 -3.81 42.19
CA GLU G 136 -8.32 -2.48 42.18
C GLU G 136 -9.15 -2.20 43.42
N GLU G 137 -10.01 -3.14 43.80
CA GLU G 137 -10.92 -2.89 44.92
C GLU G 137 -10.22 -2.83 46.27
N SER G 138 -9.25 -3.71 46.48
CA SER G 138 -8.61 -3.80 47.79
C SER G 138 -7.47 -2.81 47.96
N GLN G 139 -6.85 -2.38 46.88
CA GLN G 139 -5.72 -1.48 47.02
C GLN G 139 -5.94 -0.11 46.43
N ASN G 140 -6.27 -0.05 45.15
CA ASN G 140 -6.36 1.26 44.52
C ASN G 140 -7.49 2.09 45.11
N GLN G 141 -8.65 1.47 45.26
CA GLN G 141 -9.78 2.20 45.79
C GLN G 141 -9.61 2.57 47.25
N GLN G 142 -8.89 1.73 48.01
CA GLN G 142 -8.73 2.00 49.43
C GLN G 142 -7.63 3.02 49.72
N GLU G 143 -6.49 2.86 49.05
CA GLU G 143 -5.35 3.72 49.34
C GLU G 143 -5.57 5.15 48.93
N LYS G 144 -6.24 5.37 47.79
CA LYS G 144 -6.43 6.74 47.35
C LYS G 144 -7.32 7.51 48.32
N ASN G 145 -8.22 6.80 48.99
CA ASN G 145 -9.11 7.46 49.92
C ASN G 145 -8.38 7.80 51.21
N GLU G 146 -7.57 6.86 51.70
CA GLU G 146 -6.84 7.11 52.94
C GLU G 146 -5.79 8.20 52.77
N GLN G 147 -5.13 8.22 51.61
CA GLN G 147 -4.13 9.23 51.37
C GLN G 147 -4.76 10.59 51.18
N ASP G 148 -5.96 10.63 50.59
CA ASP G 148 -6.63 11.90 50.43
C ASP G 148 -7.01 12.45 51.80
N LEU G 149 -7.46 11.59 52.71
CA LEU G 149 -7.83 12.05 54.03
C LEU G 149 -6.62 12.64 54.77
N LEU G 150 -5.47 12.00 54.61
CA LEU G 150 -4.25 12.52 55.23
C LEU G 150 -3.86 13.85 54.63
N ALA G 151 -4.02 13.98 53.31
CA ALA G 151 -3.71 15.23 52.63
C ALA G 151 -4.67 16.34 53.04
N LEU G 152 -5.94 15.99 53.24
CA LEU G 152 -6.97 16.96 53.63
C LEU G 152 -6.76 17.50 55.04
N ASP G 153 -6.25 16.65 55.92
CA ASP G 153 -6.08 16.99 57.34
C ASP G 153 -4.82 17.82 57.57
N GLU H 1 2.85 -19.09 55.58
CA GLU H 1 2.54 -17.76 56.11
C GLU H 1 1.47 -17.08 55.26
N ASN H 2 1.39 -15.76 55.35
CA ASN H 2 0.44 -15.01 54.56
C ASN H 2 1.05 -14.63 53.22
N LEU H 3 0.63 -15.35 52.17
CA LEU H 3 1.12 -15.11 50.81
C LEU H 3 0.41 -13.92 50.20
N TRP H 4 1.08 -13.20 49.30
CA TRP H 4 0.52 -11.98 48.73
C TRP H 4 0.60 -11.97 47.22
N VAL H 5 -0.34 -11.29 46.58
CA VAL H 5 -0.29 -11.13 45.14
C VAL H 5 0.82 -10.17 44.73
N THR H 6 1.63 -10.59 43.77
CA THR H 6 2.67 -9.73 43.21
C THR H 6 2.45 -9.64 41.71
N VAL H 7 2.96 -8.60 41.09
CA VAL H 7 2.78 -8.42 39.66
C VAL H 7 4.11 -8.31 38.93
N TYR H 8 4.21 -9.07 37.85
CA TYR H 8 5.41 -9.04 37.01
C TYR H 8 5.08 -8.57 35.60
N TYR H 9 5.97 -7.78 35.02
CA TYR H 9 5.81 -7.33 33.65
C TYR H 9 7.04 -7.71 32.84
N GLY H 10 6.83 -8.10 31.58
CA GLY H 10 7.93 -8.60 30.76
C GLY H 10 8.02 -10.13 30.84
N VAL H 11 6.96 -10.74 31.34
CA VAL H 11 6.89 -12.19 31.51
C VAL H 11 6.87 -12.90 30.14
N PRO H 12 7.73 -13.91 29.91
CA PRO H 12 7.90 -14.64 28.66
C PRO H 12 6.80 -15.67 28.39
N VAL H 13 5.57 -15.18 28.23
CA VAL H 13 4.41 -16.02 27.94
C VAL H 13 3.72 -15.62 26.64
N TRP H 14 3.37 -16.62 25.83
CA TRP H 14 2.74 -16.35 24.54
C TRP H 14 1.46 -17.16 24.35
N LYS H 15 0.58 -16.66 23.48
CA LYS H 15 -0.68 -17.32 23.15
C LYS H 15 -0.88 -17.45 21.65
N ASP H 16 -1.64 -18.46 21.23
CA ASP H 16 -1.97 -18.61 19.81
C ASP H 16 -2.71 -17.38 19.33
N ALA H 17 -2.34 -16.84 18.17
CA ALA H 17 -3.03 -15.67 17.66
C ALA H 17 -2.91 -15.53 16.16
N GLU H 18 -3.83 -14.78 15.57
CA GLU H 18 -3.78 -14.47 14.15
C GLU H 18 -3.61 -12.97 13.93
N THR H 19 -2.61 -12.60 13.13
CA THR H 19 -2.38 -11.22 12.76
C THR H 19 -1.80 -11.13 11.37
N THR H 20 -1.96 -9.99 10.74
CA THR H 20 -1.37 -9.77 9.43
C THR H 20 0.15 -9.72 9.50
N LEU H 21 0.81 -10.48 8.64
CA LEU H 21 2.26 -10.45 8.52
C LEU H 21 2.64 -9.63 7.31
N PHE H 22 3.83 -9.03 7.32
CA PHE H 22 4.21 -8.17 6.20
C PHE H 22 5.34 -8.75 5.38
N CYS H 23 5.21 -8.60 4.07
CA CYS H 23 6.18 -9.17 3.13
C CYS H 23 7.45 -8.34 3.04
N ALA H 24 8.54 -9.02 2.71
CA ALA H 24 9.80 -8.37 2.42
C ALA H 24 10.46 -9.09 1.25
N SER H 25 11.26 -8.36 0.46
CA SER H 25 11.88 -8.97 -0.72
C SER H 25 13.26 -8.38 -1.01
N ASP H 26 14.06 -9.13 -1.75
CA ASP H 26 15.41 -8.69 -2.10
C ASP H 26 15.38 -7.79 -3.33
N HIS H 35 9.81 -5.27 -15.68
CA HIS H 35 9.05 -5.29 -14.43
C HIS H 35 8.65 -6.71 -14.06
N ASN H 36 7.98 -6.85 -12.92
CA ASN H 36 7.59 -8.16 -12.43
C ASN H 36 6.25 -8.11 -11.71
N VAL H 37 5.42 -9.11 -11.96
CA VAL H 37 4.10 -9.25 -11.35
C VAL H 37 4.08 -9.38 -9.81
N TRP H 38 5.15 -9.89 -9.24
CA TRP H 38 5.17 -10.29 -7.83
C TRP H 38 5.33 -9.17 -6.79
N ALA H 39 5.19 -9.58 -5.52
CA ALA H 39 5.01 -8.75 -4.33
C ALA H 39 6.10 -7.72 -4.10
N THR H 40 7.23 -7.87 -4.76
CA THR H 40 8.35 -6.99 -4.50
C THR H 40 7.99 -5.50 -4.62
N HIS H 41 6.94 -5.17 -5.37
CA HIS H 41 6.52 -3.78 -5.47
C HIS H 41 5.92 -3.25 -4.17
N ALA H 42 5.22 -4.12 -3.43
CA ALA H 42 4.58 -3.74 -2.16
C ALA H 42 5.53 -3.92 -0.98
N CYS H 43 6.54 -4.75 -1.18
CA CYS H 43 7.44 -5.17 -0.11
C CYS H 43 8.52 -4.18 0.23
N VAL H 44 9.18 -4.44 1.35
CA VAL H 44 10.28 -3.65 1.84
C VAL H 44 11.54 -4.53 1.87
N PRO H 45 12.76 -3.99 1.95
CA PRO H 45 14.00 -4.72 2.01
C PRO H 45 14.04 -5.71 3.17
N THR H 46 14.66 -6.85 2.92
CA THR H 46 14.77 -7.95 3.87
C THR H 46 15.86 -7.76 4.89
N ASP H 47 15.77 -8.54 5.96
CA ASP H 47 16.88 -8.74 6.88
C ASP H 47 17.75 -9.83 6.26
N PRO H 48 18.99 -9.53 5.83
CA PRO H 48 19.85 -10.43 5.09
C PRO H 48 20.22 -11.65 5.93
N ASN H 49 20.13 -11.50 7.26
CA ASN H 49 20.45 -12.59 8.18
C ASN H 49 19.47 -12.60 9.35
N PRO H 50 18.24 -13.12 9.16
CA PRO H 50 17.20 -13.13 10.16
C PRO H 50 17.72 -13.82 11.39
N GLN H 51 17.39 -13.30 12.56
CA GLN H 51 17.89 -13.88 13.79
C GLN H 51 17.04 -15.05 14.23
N GLU H 52 17.68 -16.05 14.80
CA GLU H 52 16.99 -17.20 15.36
C GLU H 52 17.45 -17.50 16.77
N ILE H 53 16.51 -17.60 17.69
CA ILE H 53 16.83 -17.95 19.07
C ILE H 53 16.30 -19.32 19.42
N HIS H 54 17.19 -20.25 19.74
CA HIS H 54 16.75 -21.59 20.11
C HIS H 54 16.16 -21.59 21.51
N LEU H 55 15.04 -22.28 21.69
CA LEU H 55 14.44 -22.40 23.01
C LEU H 55 14.58 -23.82 23.53
N GLU H 56 15.26 -24.00 24.66
CA GLU H 56 15.39 -25.33 25.23
C GLU H 56 14.17 -25.65 26.08
N ASN H 57 13.85 -26.94 26.18
CA ASN H 57 12.74 -27.41 27.02
C ASN H 57 11.40 -26.80 26.59
N VAL H 58 11.20 -26.62 25.28
CA VAL H 58 9.93 -26.15 24.73
C VAL H 58 9.34 -27.18 23.76
N THR H 59 8.07 -27.52 24.01
CA THR H 59 7.37 -28.57 23.27
C THR H 59 6.14 -28.06 22.51
N GLU H 60 6.18 -26.81 22.09
CA GLU H 60 5.03 -26.15 21.49
C GLU H 60 4.42 -26.93 20.32
N GLU H 61 3.11 -27.06 20.34
CA GLU H 61 2.33 -27.76 19.30
C GLU H 61 2.15 -26.93 18.04
N PHE H 62 2.28 -27.62 16.90
CA PHE H 62 2.03 -27.02 15.58
C PHE H 62 0.91 -27.77 14.87
N ASN H 63 0.17 -27.08 14.02
CA ASN H 63 -0.83 -27.72 13.17
C ASN H 63 -0.96 -27.02 11.84
N MET H 64 -0.27 -27.54 10.83
CA MET H 64 -0.20 -26.88 9.54
C MET H 64 -1.54 -26.73 8.83
N TRP H 65 -2.48 -27.62 9.13
CA TRP H 65 -3.73 -27.64 8.39
C TRP H 65 -4.64 -26.48 8.76
N LYS H 66 -4.37 -25.86 9.91
CA LYS H 66 -5.16 -24.74 10.41
C LYS H 66 -4.40 -23.42 10.31
N ASN H 67 -3.23 -23.44 9.69
CA ASN H 67 -2.33 -22.30 9.72
C ASN H 67 -2.83 -21.13 8.90
N ASN H 68 -3.08 -20.00 9.55
CA ASN H 68 -3.62 -18.80 8.90
C ASN H 68 -2.65 -18.16 7.93
N MET H 69 -1.37 -18.48 8.05
CA MET H 69 -0.37 -17.88 7.19
C MET H 69 -0.61 -18.28 5.74
N VAL H 70 -1.22 -19.45 5.55
CA VAL H 70 -1.51 -19.93 4.21
C VAL H 70 -2.50 -19.01 3.51
N GLU H 71 -3.52 -18.59 4.24
CA GLU H 71 -4.53 -17.73 3.66
C GLU H 71 -3.98 -16.35 3.32
N GLN H 72 -3.08 -15.85 4.15
CA GLN H 72 -2.51 -14.53 3.88
C GLN H 72 -1.68 -14.56 2.63
N MET H 73 -0.92 -15.64 2.44
CA MET H 73 -0.11 -15.74 1.23
C MET H 73 -0.99 -15.83 0.00
N HIS H 74 -2.10 -16.57 0.12
CA HIS H 74 -2.99 -16.74 -1.00
C HIS H 74 -3.59 -15.41 -1.43
N GLU H 75 -4.06 -14.63 -0.47
CA GLU H 75 -4.69 -13.37 -0.80
C GLU H 75 -3.71 -12.36 -1.40
N ASP H 76 -2.47 -12.37 -0.93
CA ASP H 76 -1.49 -11.46 -1.50
C ASP H 76 -1.23 -11.80 -2.96
N ILE H 77 -1.15 -13.09 -3.25
CA ILE H 77 -0.88 -13.54 -4.61
C ILE H 77 -2.00 -13.21 -5.57
N ILE H 78 -3.25 -13.36 -5.14
CA ILE H 78 -4.35 -13.03 -6.02
C ILE H 78 -4.37 -11.54 -6.34
N SER H 79 -4.13 -10.72 -5.31
CA SER H 79 -4.16 -9.28 -5.53
C SER H 79 -3.07 -8.82 -6.47
N LEU H 80 -1.90 -9.44 -6.37
CA LEU H 80 -0.78 -9.07 -7.22
C LEU H 80 -0.98 -9.45 -8.66
N TRP H 81 -1.57 -10.61 -8.89
CA TRP H 81 -1.80 -11.03 -10.26
C TRP H 81 -2.71 -10.04 -10.95
N ASP H 82 -3.79 -9.66 -10.26
CA ASP H 82 -4.73 -8.71 -10.82
C ASP H 82 -4.14 -7.33 -10.99
N GLN H 83 -3.29 -6.92 -10.05
CA GLN H 83 -2.73 -5.58 -10.11
C GLN H 83 -1.88 -5.38 -11.35
N SER H 84 -1.19 -6.43 -11.76
CA SER H 84 -0.32 -6.36 -12.93
C SER H 84 -1.10 -6.21 -14.23
N LEU H 85 -2.38 -6.56 -14.22
CA LEU H 85 -3.17 -6.51 -15.45
C LEU H 85 -3.99 -5.24 -15.59
N LYS H 86 -4.00 -4.40 -14.55
CA LYS H 86 -4.85 -3.23 -14.59
C LYS H 86 -4.54 -2.19 -15.69
N PRO H 87 -3.27 -1.91 -16.05
CA PRO H 87 -2.88 -0.98 -17.09
C PRO H 87 -2.88 -1.62 -18.48
N CYS H 88 -3.12 -2.92 -18.55
CA CYS H 88 -2.88 -3.67 -19.76
C CYS H 88 -4.05 -3.63 -20.73
N VAL H 89 -3.74 -3.95 -21.98
CA VAL H 89 -4.66 -3.88 -23.13
C VAL H 89 -5.84 -4.84 -23.12
N LYS H 90 -7.03 -4.29 -23.36
CA LYS H 90 -8.23 -5.11 -23.49
C LYS H 90 -8.38 -5.65 -24.91
N LEU H 91 -8.75 -6.92 -25.02
CA LEU H 91 -8.87 -7.58 -26.32
C LEU H 91 -10.30 -7.81 -26.76
N THR H 92 -11.23 -7.03 -26.23
CA THR H 92 -12.65 -7.22 -26.55
C THR H 92 -12.98 -7.18 -28.06
N PRO H 93 -12.34 -6.34 -28.90
CA PRO H 93 -12.54 -6.28 -30.33
C PRO H 93 -12.23 -7.60 -31.08
N LEU H 94 -11.52 -8.52 -30.43
CA LEU H 94 -11.14 -9.77 -31.11
C LEU H 94 -12.26 -10.80 -31.23
N CYS H 95 -13.41 -10.59 -30.59
CA CYS H 95 -14.45 -11.60 -30.74
C CYS H 95 -15.21 -11.42 -32.05
N VAL H 96 -14.71 -12.11 -33.07
CA VAL H 96 -15.15 -12.00 -34.47
C VAL H 96 -15.37 -13.37 -35.11
N THR H 97 -15.89 -13.36 -36.34
CA THR H 97 -16.17 -14.59 -37.09
C THR H 97 -14.94 -15.48 -37.26
N LEU H 98 -13.77 -14.88 -37.43
CA LEU H 98 -12.51 -15.63 -37.36
C LEU H 98 -12.45 -16.90 -38.20
N GLN H 99 -12.63 -16.80 -39.50
CA GLN H 99 -12.58 -17.99 -40.35
C GLN H 99 -11.16 -18.58 -40.37
N CYS H 100 -11.06 -19.92 -40.33
CA CYS H 100 -9.74 -20.56 -40.29
C CYS H 100 -9.66 -21.82 -41.16
N THR H 101 -8.42 -22.21 -41.44
CA THR H 101 -8.10 -23.46 -42.14
C THR H 101 -6.89 -24.18 -41.51
N ASN H 102 -6.58 -25.36 -42.05
CA ASN H 102 -5.45 -26.18 -41.56
C ASN H 102 -4.11 -25.52 -41.86
N VAL H 103 -3.20 -25.57 -40.90
CA VAL H 103 -1.82 -25.19 -41.22
C VAL H 103 -1.12 -26.33 -41.94
N THR H 104 -0.53 -26.01 -43.09
CA THR H 104 0.23 -26.99 -43.86
C THR H 104 1.70 -26.59 -43.86
N ASN H 105 2.56 -27.51 -43.44
CA ASN H 105 3.97 -27.21 -43.31
C ASN H 105 4.78 -28.49 -43.19
N ASN H 106 6.08 -28.36 -42.97
CA ASN H 106 6.88 -29.53 -42.63
C ASN H 106 6.72 -29.86 -41.16
N ILE H 107 6.00 -30.93 -40.89
CA ILE H 107 5.58 -31.25 -39.53
C ILE H 107 5.88 -32.68 -39.13
N THR H 108 6.05 -32.91 -37.82
CA THR H 108 6.05 -34.26 -37.25
C THR H 108 4.61 -34.57 -36.83
N ASP H 109 3.79 -33.55 -36.99
CA ASP H 109 2.38 -33.49 -36.69
C ASP H 109 2.09 -33.54 -35.20
N ASP H 110 0.82 -33.66 -34.88
CA ASP H 110 0.26 -33.66 -33.56
C ASP H 110 -1.16 -34.18 -33.72
N MET H 111 -2.04 -33.90 -32.77
CA MET H 111 -3.43 -34.16 -33.08
C MET H 111 -3.74 -33.32 -34.30
N ARG H 112 -4.50 -33.85 -35.23
CA ARG H 112 -4.75 -33.11 -36.44
C ARG H 112 -5.52 -31.83 -36.11
N GLY H 113 -5.13 -30.73 -36.76
CA GLY H 113 -5.80 -29.47 -36.54
C GLY H 113 -5.24 -28.70 -35.33
N GLU H 114 -4.16 -29.19 -34.73
CA GLU H 114 -3.58 -28.52 -33.56
C GLU H 114 -3.21 -27.07 -33.83
N LEU H 115 -2.73 -26.77 -35.03
CA LEU H 115 -2.46 -25.40 -35.41
C LEU H 115 -3.40 -24.93 -36.50
N LYS H 116 -3.87 -23.69 -36.40
CA LYS H 116 -4.80 -23.15 -37.38
C LYS H 116 -4.31 -21.85 -38.00
N ASN H 117 -4.57 -21.68 -39.29
CA ASN H 117 -4.29 -20.44 -40.01
C ASN H 117 -5.57 -19.62 -40.15
N CYS H 118 -5.67 -18.53 -39.40
CA CYS H 118 -6.90 -17.77 -39.33
C CYS H 118 -6.78 -16.38 -39.92
N SER H 119 -7.91 -15.85 -40.41
CA SER H 119 -7.94 -14.50 -40.95
C SER H 119 -9.19 -13.75 -40.51
N PHE H 120 -9.02 -12.48 -40.16
CA PHE H 120 -10.14 -11.71 -39.62
C PHE H 120 -10.05 -10.19 -39.80
N ASN H 121 -11.21 -9.55 -39.62
CA ASN H 121 -11.39 -8.11 -39.78
C ASN H 121 -11.18 -7.34 -38.48
N MET H 122 -10.17 -6.48 -38.46
CA MET H 122 -9.82 -5.70 -37.28
C MET H 122 -9.98 -4.20 -37.45
N THR H 123 -10.15 -3.50 -36.33
CA THR H 123 -10.25 -2.06 -36.35
C THR H 123 -8.86 -1.43 -36.46
N THR H 124 -8.84 -0.14 -36.76
CA THR H 124 -7.60 0.62 -36.94
C THR H 124 -7.60 1.84 -36.04
N GLU H 125 -6.54 2.64 -36.14
CA GLU H 125 -6.38 3.84 -35.32
C GLU H 125 -7.55 4.79 -35.52
N LEU H 126 -8.07 4.86 -36.74
CA LEU H 126 -9.25 5.65 -37.01
C LEU H 126 -10.45 4.73 -37.02
N ARG H 127 -11.55 5.17 -36.42
CA ARG H 127 -12.75 4.34 -36.43
C ARG H 127 -13.36 4.23 -37.82
N ASP H 128 -12.96 5.14 -38.70
CA ASP H 128 -13.42 5.16 -40.08
C ASP H 128 -12.89 4.01 -40.93
N LYS H 129 -11.81 3.35 -40.49
CA LYS H 129 -11.17 2.35 -41.33
C LYS H 129 -10.95 1.00 -40.65
N LYS H 130 -10.96 -0.06 -41.46
CA LYS H 130 -10.72 -1.42 -41.01
C LYS H 130 -9.55 -2.06 -41.75
N GLN H 131 -8.94 -3.07 -41.16
CA GLN H 131 -7.83 -3.79 -41.76
C GLN H 131 -8.05 -5.30 -41.71
N LYS H 132 -7.45 -6.01 -42.65
CA LYS H 132 -7.52 -7.47 -42.65
C LYS H 132 -6.17 -8.05 -42.23
N VAL H 133 -6.20 -8.96 -41.26
CA VAL H 133 -4.98 -9.54 -40.74
C VAL H 133 -5.09 -11.06 -40.65
N TYR H 134 -3.95 -11.73 -40.53
CA TYR H 134 -3.97 -13.17 -40.30
C TYR H 134 -3.02 -13.52 -39.17
N SER H 135 -3.29 -14.65 -38.51
CA SER H 135 -2.45 -15.10 -37.41
C SER H 135 -2.59 -16.59 -37.17
N LEU H 136 -1.66 -17.17 -36.41
CA LEU H 136 -1.77 -18.58 -36.06
C LEU H 136 -2.31 -18.77 -34.65
N PHE H 137 -3.18 -19.77 -34.50
CA PHE H 137 -3.75 -20.13 -33.20
C PHE H 137 -3.60 -21.61 -32.89
N TYR H 138 -3.61 -21.94 -31.60
CA TYR H 138 -3.67 -23.33 -31.18
C TYR H 138 -5.11 -23.77 -31.15
N ARG H 139 -5.36 -25.06 -31.38
CA ARG H 139 -6.73 -25.57 -31.37
C ARG H 139 -7.42 -25.27 -30.04
N LEU H 140 -6.66 -25.27 -28.96
CA LEU H 140 -7.20 -25.03 -27.63
C LEU H 140 -7.72 -23.60 -27.44
N ASP H 141 -7.26 -22.67 -28.28
CA ASP H 141 -7.62 -21.28 -28.15
C ASP H 141 -8.95 -20.96 -28.83
N VAL H 142 -9.48 -21.90 -29.62
CA VAL H 142 -10.68 -21.63 -30.41
C VAL H 142 -11.73 -22.73 -30.33
N VAL H 143 -12.97 -22.35 -30.59
CA VAL H 143 -14.07 -23.30 -30.72
C VAL H 143 -14.84 -23.02 -31.99
N GLN H 144 -15.50 -24.02 -32.56
CA GLN H 144 -16.30 -23.78 -33.76
C GLN H 144 -17.59 -23.09 -33.43
N ILE H 145 -17.97 -22.11 -34.25
CA ILE H 145 -19.27 -21.48 -34.11
C ILE H 145 -20.39 -22.43 -34.49
N ASN H 146 -20.15 -23.22 -35.53
CA ASN H 146 -21.12 -24.19 -36.00
C ASN H 146 -20.45 -25.27 -36.84
N LYS H 158 -13.79 -23.06 -41.93
CA LYS H 158 -14.97 -22.95 -41.06
C LYS H 158 -14.91 -21.72 -40.18
N GLU H 159 -16.06 -21.33 -39.64
CA GLU H 159 -16.15 -20.17 -38.74
C GLU H 159 -15.78 -20.55 -37.31
N TYR H 160 -15.02 -19.68 -36.64
CA TYR H 160 -14.54 -19.95 -35.29
C TYR H 160 -14.75 -18.80 -34.34
N ARG H 161 -14.66 -19.10 -33.06
CA ARG H 161 -14.77 -18.12 -32.02
C ARG H 161 -13.64 -18.32 -31.02
N LEU H 162 -13.08 -17.24 -30.50
CA LEU H 162 -12.05 -17.42 -29.49
C LEU H 162 -12.69 -18.05 -28.27
N ILE H 163 -11.99 -18.98 -27.65
CA ILE H 163 -12.57 -19.68 -26.54
C ILE H 163 -12.92 -18.71 -25.44
N ASN H 164 -14.08 -18.93 -24.85
CA ASN H 164 -14.68 -18.12 -23.81
C ASN H 164 -15.06 -16.69 -24.21
N CYS H 165 -15.28 -16.43 -25.50
CA CYS H 165 -15.93 -15.17 -25.88
C CYS H 165 -17.36 -15.13 -25.39
N ASN H 166 -17.92 -16.29 -25.08
CA ASN H 166 -19.29 -16.35 -24.57
C ASN H 166 -19.34 -16.25 -23.06
N THR H 167 -18.18 -16.15 -22.41
CA THR H 167 -18.13 -16.13 -20.95
C THR H 167 -17.45 -14.91 -20.34
N SER H 168 -16.38 -14.41 -20.96
CA SER H 168 -15.63 -13.34 -20.32
C SER H 168 -14.83 -12.45 -21.25
N ALA H 169 -14.53 -11.24 -20.77
CA ALA H 169 -13.57 -10.36 -21.41
C ALA H 169 -12.18 -10.93 -21.29
N ILE H 170 -11.33 -10.69 -22.29
CA ILE H 170 -9.95 -11.16 -22.25
C ILE H 170 -8.98 -9.99 -22.23
N THR H 171 -8.03 -10.02 -21.29
CA THR H 171 -7.01 -8.97 -21.19
C THR H 171 -5.65 -9.50 -21.61
N GLN H 172 -4.93 -8.74 -22.44
CA GLN H 172 -3.59 -9.13 -22.86
C GLN H 172 -2.61 -8.86 -21.74
N ALA H 173 -1.77 -9.83 -21.41
CA ALA H 173 -0.75 -9.55 -20.41
C ALA H 173 0.25 -8.56 -20.98
N CYS H 174 0.73 -7.64 -20.14
CA CYS H 174 1.73 -6.69 -20.62
C CYS H 174 3.06 -7.42 -20.89
N PRO H 175 3.67 -7.21 -22.07
CA PRO H 175 4.86 -7.88 -22.56
C PRO H 175 6.11 -7.58 -21.73
N LYS H 176 6.07 -6.47 -21.00
CA LYS H 176 7.22 -6.04 -20.21
C LYS H 176 7.23 -6.62 -18.80
N VAL H 177 6.16 -7.35 -18.44
CA VAL H 177 6.07 -7.88 -17.08
C VAL H 177 6.44 -9.36 -17.03
N SER H 178 7.50 -9.66 -16.28
CA SER H 178 7.95 -11.04 -16.11
C SER H 178 7.08 -11.78 -15.11
N PHE H 179 6.98 -13.09 -15.30
CA PHE H 179 6.27 -13.93 -14.34
C PHE H 179 7.24 -14.70 -13.44
N GLU H 180 8.53 -14.42 -13.59
CA GLU H 180 9.55 -15.14 -12.83
C GLU H 180 9.37 -14.91 -11.33
N PRO H 181 9.32 -15.97 -10.51
CA PRO H 181 9.18 -15.93 -9.06
C PRO H 181 10.26 -15.12 -8.36
N ILE H 182 9.85 -14.39 -7.34
CA ILE H 182 10.74 -13.67 -6.44
C ILE H 182 10.52 -14.18 -5.03
N PRO H 183 11.56 -14.64 -4.29
CA PRO H 183 11.43 -15.11 -2.94
C PRO H 183 10.81 -14.06 -2.05
N ILE H 184 9.83 -14.46 -1.25
CA ILE H 184 9.17 -13.55 -0.32
C ILE H 184 9.33 -13.98 1.12
N HIS H 185 9.71 -13.04 1.97
CA HIS H 185 9.85 -13.31 3.39
C HIS H 185 8.69 -12.65 4.12
N TYR H 186 8.17 -13.29 5.17
CA TYR H 186 7.13 -12.65 5.98
C TYR H 186 7.64 -12.35 7.37
N CYS H 187 7.32 -11.16 7.88
CA CYS H 187 7.82 -10.74 9.18
C CYS H 187 6.69 -10.33 10.12
N ALA H 188 6.90 -10.61 11.41
CA ALA H 188 5.93 -10.27 12.44
C ALA H 188 5.88 -8.76 12.73
N PRO H 189 4.71 -8.21 13.08
CA PRO H 189 4.49 -6.91 13.67
C PRO H 189 4.92 -6.93 15.13
N ALA H 190 5.16 -5.75 15.70
CA ALA H 190 5.57 -5.67 17.10
C ALA H 190 4.52 -6.28 18.00
N GLY H 191 4.97 -6.96 19.06
CA GLY H 191 4.08 -7.63 20.01
C GLY H 191 3.81 -9.08 19.61
N PHE H 192 4.28 -9.47 18.44
CA PHE H 192 4.12 -10.83 17.92
C PHE H 192 5.46 -11.46 17.58
N ALA H 193 5.49 -12.78 17.57
CA ALA H 193 6.70 -13.50 17.18
C ALA H 193 6.32 -14.75 16.40
N ILE H 194 7.23 -15.22 15.56
CA ILE H 194 6.99 -16.42 14.80
C ILE H 194 7.83 -17.58 15.32
N LEU H 195 7.17 -18.66 15.67
CA LEU H 195 7.88 -19.83 16.16
C LEU H 195 8.15 -20.77 15.00
N LYS H 196 9.33 -21.39 14.99
CA LYS H 196 9.70 -22.30 13.92
C LYS H 196 10.05 -23.68 14.47
N CYS H 197 9.41 -24.71 13.93
CA CYS H 197 9.73 -26.07 14.34
C CYS H 197 11.05 -26.53 13.74
N LYS H 198 11.94 -27.05 14.58
CA LYS H 198 13.25 -27.50 14.12
C LYS H 198 13.33 -29.01 13.94
N ASP H 199 12.23 -29.70 14.21
CA ASP H 199 12.22 -31.15 14.17
C ASP H 199 12.34 -31.69 12.76
N LYS H 200 12.76 -32.93 12.67
CA LYS H 200 12.87 -33.63 11.39
C LYS H 200 11.91 -34.80 11.38
N LYS H 201 11.45 -35.17 10.19
CA LYS H 201 10.46 -36.23 10.01
C LYS H 201 9.13 -35.84 10.66
N PHE H 202 8.91 -34.52 10.76
CA PHE H 202 7.69 -33.96 11.31
C PHE H 202 6.56 -34.04 10.28
N ASN H 203 5.38 -34.48 10.69
CA ASN H 203 4.28 -34.64 9.74
C ASN H 203 3.36 -33.43 9.75
N GLY H 204 3.81 -32.35 10.38
CA GLY H 204 3.08 -31.08 10.38
C GLY H 204 2.12 -30.91 11.54
N THR H 205 1.96 -31.94 12.36
CA THR H 205 1.06 -31.85 13.51
C THR H 205 1.72 -32.37 14.79
N GLY H 206 1.11 -32.07 15.93
CA GLY H 206 1.56 -32.56 17.21
C GLY H 206 2.67 -31.67 17.79
N PRO H 207 3.19 -31.99 18.98
CA PRO H 207 4.24 -31.26 19.66
C PRO H 207 5.54 -31.33 18.91
N CYS H 208 6.21 -30.20 18.82
CA CYS H 208 7.55 -30.15 18.23
C CYS H 208 8.59 -30.12 19.35
N PRO H 209 9.49 -31.12 19.46
CA PRO H 209 10.47 -31.28 20.53
C PRO H 209 11.52 -30.19 20.58
N SER H 210 11.70 -29.46 19.48
CA SER H 210 12.69 -28.38 19.45
C SER H 210 12.11 -27.18 18.71
N VAL H 211 12.07 -26.04 19.40
CA VAL H 211 11.43 -24.85 18.88
C VAL H 211 12.36 -23.65 18.91
N SER H 212 12.37 -22.89 17.83
CA SER H 212 13.13 -21.64 17.76
C SER H 212 12.23 -20.46 17.49
N THR H 213 12.66 -19.27 17.88
CA THR H 213 11.91 -18.06 17.58
C THR H 213 12.61 -17.20 16.54
N VAL H 214 11.86 -16.79 15.52
CA VAL H 214 12.42 -15.95 14.45
C VAL H 214 11.57 -14.72 14.21
N GLN H 215 12.21 -13.63 13.80
CA GLN H 215 11.50 -12.43 13.39
C GLN H 215 10.78 -12.60 12.06
N CYS H 216 11.41 -13.37 11.16
CA CYS H 216 10.89 -13.54 9.81
C CYS H 216 11.05 -14.97 9.31
N THR H 217 10.28 -15.31 8.28
CA THR H 217 10.37 -16.61 7.64
C THR H 217 11.50 -16.67 6.62
N HIS H 218 11.88 -17.88 6.22
CA HIS H 218 12.82 -18.04 5.11
C HIS H 218 12.10 -17.60 3.85
N GLY H 219 12.84 -17.13 2.85
CA GLY H 219 12.17 -16.66 1.64
C GLY H 219 11.48 -17.81 0.91
N ILE H 220 10.25 -17.56 0.47
CA ILE H 220 9.48 -18.55 -0.27
C ILE H 220 9.11 -18.02 -1.65
N LYS H 221 9.49 -18.74 -2.69
CA LYS H 221 9.08 -18.35 -4.04
C LYS H 221 7.64 -18.76 -4.26
N PRO H 222 6.78 -17.90 -4.82
CA PRO H 222 5.53 -18.31 -5.39
C PRO H 222 5.78 -19.25 -6.55
N VAL H 223 5.08 -20.36 -6.56
CA VAL H 223 5.16 -21.31 -7.66
C VAL H 223 3.77 -21.77 -8.05
N VAL H 224 3.46 -21.74 -9.33
CA VAL H 224 2.17 -22.27 -9.75
C VAL H 224 2.38 -23.54 -10.55
N SER H 225 1.86 -24.64 -10.03
CA SER H 225 2.00 -25.94 -10.68
C SER H 225 0.94 -26.91 -10.19
N THR H 226 0.76 -27.99 -10.94
CA THR H 226 -0.18 -29.04 -10.55
C THR H 226 0.52 -30.38 -10.53
N GLN H 227 0.00 -31.30 -9.71
CA GLN H 227 0.41 -32.71 -9.60
C GLN H 227 1.85 -32.96 -9.12
N LEU H 228 2.75 -32.01 -9.36
CA LEU H 228 4.10 -32.06 -8.81
C LEU H 228 4.47 -30.70 -8.23
N LEU H 229 5.29 -30.70 -7.20
CA LEU H 229 5.77 -29.45 -6.62
C LEU H 229 7.14 -29.12 -7.17
N LEU H 230 7.30 -27.90 -7.69
CA LEU H 230 8.57 -27.46 -8.27
C LEU H 230 9.25 -26.41 -7.42
N ASN H 231 10.59 -26.44 -7.41
CA ASN H 231 11.41 -25.41 -6.78
C ASN H 231 11.09 -25.23 -5.29
N GLY H 232 10.68 -26.31 -4.60
CA GLY H 232 10.39 -26.23 -3.17
C GLY H 232 11.56 -26.67 -2.31
N SER H 233 11.36 -26.70 -1.00
CA SER H 233 12.37 -27.19 -0.07
C SER H 233 12.42 -28.71 -0.03
N LEU H 234 13.58 -29.26 0.33
CA LEU H 234 13.76 -30.70 0.46
C LEU H 234 13.64 -31.17 1.90
N ALA H 235 13.17 -32.41 2.08
CA ALA H 235 13.16 -33.03 3.40
C ALA H 235 14.60 -33.24 3.85
N GLU H 236 14.87 -33.05 5.14
CA GLU H 236 16.23 -33.15 5.64
C GLU H 236 16.89 -34.54 5.56
N GLU H 237 16.12 -35.61 5.79
CA GLU H 237 16.73 -36.95 5.79
C GLU H 237 16.03 -37.95 4.89
N GLU H 238 14.71 -38.03 5.00
CA GLU H 238 13.93 -39.06 4.31
C GLU H 238 12.62 -38.48 3.80
N VAL H 239 12.02 -39.17 2.85
CA VAL H 239 10.78 -38.67 2.26
C VAL H 239 9.66 -38.62 3.29
N ILE H 240 8.97 -37.47 3.37
CA ILE H 240 7.93 -37.29 4.38
C ILE H 240 6.55 -37.27 3.78
N ILE H 241 5.68 -38.12 4.30
CA ILE H 241 4.32 -38.24 3.81
C ILE H 241 3.30 -37.72 4.82
N ARG H 242 2.47 -36.77 4.41
CA ARG H 242 1.47 -36.20 5.31
C ARG H 242 0.16 -35.88 4.60
N SER H 243 -0.95 -35.91 5.35
CA SER H 243 -2.26 -35.57 4.81
C SER H 243 -3.18 -35.06 5.91
N GLU H 244 -4.21 -34.29 5.56
CA GLU H 244 -5.11 -33.77 6.59
C GLU H 244 -5.82 -34.87 7.38
N ASN H 245 -6.18 -35.95 6.69
CA ASN H 245 -6.82 -37.10 7.32
C ASN H 245 -6.53 -38.36 6.54
N ILE H 246 -5.59 -39.15 7.04
CA ILE H 246 -5.13 -40.33 6.33
C ILE H 246 -6.21 -41.39 6.12
N THR H 247 -7.27 -41.35 6.92
CA THR H 247 -8.33 -42.35 6.82
C THR H 247 -9.40 -41.94 5.81
N ASN H 248 -9.33 -40.70 5.34
CA ASN H 248 -10.31 -40.18 4.40
C ASN H 248 -9.71 -40.10 3.00
N ASN H 249 -10.19 -40.96 2.10
CA ASN H 249 -9.60 -41.06 0.78
C ASN H 249 -9.78 -39.80 -0.06
N ALA H 250 -10.74 -38.97 0.31
CA ALA H 250 -10.99 -37.71 -0.40
C ALA H 250 -9.82 -36.74 -0.26
N LYS H 251 -9.06 -36.85 0.83
CA LYS H 251 -8.00 -35.88 1.12
C LYS H 251 -6.75 -36.10 0.30
N ASN H 252 -6.11 -35.00 -0.08
CA ASN H 252 -4.85 -35.04 -0.80
C ASN H 252 -3.72 -35.46 0.13
N ILE H 253 -2.79 -36.25 -0.41
CA ILE H 253 -1.59 -36.64 0.29
C ILE H 253 -0.39 -35.91 -0.26
N LEU H 254 0.31 -35.19 0.59
CA LEU H 254 1.47 -34.44 0.13
C LEU H 254 2.73 -35.22 0.43
N VAL H 255 3.61 -35.31 -0.55
CA VAL H 255 4.87 -36.01 -0.34
C VAL H 255 6.04 -35.10 -0.61
N GLN H 256 6.90 -34.93 0.40
CA GLN H 256 8.09 -34.09 0.24
C GLN H 256 9.33 -34.95 0.05
N LEU H 257 10.02 -34.73 -1.06
CA LEU H 257 11.19 -35.54 -1.37
C LEU H 257 12.43 -35.07 -0.63
N ASN H 258 13.34 -35.99 -0.32
CA ASN H 258 14.62 -35.61 0.27
C ASN H 258 15.69 -35.40 -0.80
N THR H 259 15.33 -35.64 -2.05
CA THR H 259 16.21 -35.36 -3.18
C THR H 259 15.41 -34.68 -4.30
N PRO H 260 16.04 -33.87 -5.14
CA PRO H 260 15.48 -33.31 -6.35
C PRO H 260 15.45 -34.32 -7.48
N VAL H 261 14.48 -34.17 -8.38
CA VAL H 261 14.55 -34.84 -9.68
C VAL H 261 14.53 -33.78 -10.76
N GLN H 262 15.57 -33.71 -11.58
CA GLN H 262 15.64 -32.66 -12.59
C GLN H 262 14.79 -32.96 -13.81
N ILE H 263 14.10 -31.94 -14.29
CA ILE H 263 13.28 -32.05 -15.49
C ILE H 263 13.62 -30.96 -16.52
N ASN H 264 13.88 -31.39 -17.76
CA ASN H 264 14.21 -30.48 -18.86
C ASN H 264 13.03 -30.32 -19.81
N CYS H 265 12.43 -29.13 -19.85
CA CYS H 265 11.29 -28.91 -20.73
C CYS H 265 11.63 -27.94 -21.85
N THR H 266 11.03 -28.17 -23.02
CA THR H 266 11.30 -27.30 -24.16
C THR H 266 10.10 -27.04 -25.06
N ARG H 267 10.18 -25.91 -25.76
CA ARG H 267 9.25 -25.53 -26.81
C ARG H 267 10.04 -25.30 -28.10
N PRO H 268 10.31 -26.36 -28.87
CA PRO H 268 11.32 -26.46 -29.92
C PRO H 268 11.06 -25.56 -31.13
N ASN H 269 9.81 -25.14 -31.30
CA ASN H 269 9.42 -24.40 -32.49
C ASN H 269 9.95 -22.97 -32.51
N ASN H 270 10.46 -22.57 -33.67
CA ASN H 270 11.01 -21.23 -33.86
C ASN H 270 9.91 -20.23 -34.21
N ASN H 271 9.09 -19.91 -33.23
CA ASN H 271 7.98 -18.99 -33.45
C ASN H 271 8.47 -17.57 -33.65
N THR H 272 7.73 -16.80 -34.44
CA THR H 272 8.02 -15.38 -34.59
C THR H 272 6.83 -14.56 -34.11
N VAL H 273 7.08 -13.31 -33.75
CA VAL H 273 6.00 -12.45 -33.25
C VAL H 273 5.80 -11.20 -34.09
N LYS H 274 4.54 -10.93 -34.43
CA LYS H 274 4.14 -9.76 -35.20
C LYS H 274 3.11 -8.97 -34.42
N SER H 275 2.96 -7.68 -34.72
CA SER H 275 2.00 -6.88 -33.98
C SER H 275 1.31 -5.83 -34.82
N ILE H 276 0.11 -5.47 -34.37
CA ILE H 276 -0.70 -4.41 -34.99
C ILE H 276 -1.22 -3.43 -33.96
N ARG H 277 -1.41 -2.19 -34.39
CA ARG H 277 -2.05 -1.20 -33.54
C ARG H 277 -3.56 -1.38 -33.62
N ILE H 278 -4.23 -1.40 -32.47
CA ILE H 278 -5.69 -1.47 -32.43
C ILE H 278 -6.26 -0.25 -31.75
N GLY H 279 -7.02 0.55 -32.46
CA GLY H 279 -7.56 1.75 -31.84
C GLY H 279 -6.40 2.71 -31.62
N PRO H 280 -6.66 3.87 -31.04
CA PRO H 280 -5.68 4.89 -30.73
C PRO H 280 -4.78 4.57 -29.54
N GLY H 281 -5.27 3.74 -28.62
CA GLY H 281 -4.57 3.59 -27.34
C GLY H 281 -3.86 2.26 -27.09
N GLN H 282 -3.92 1.32 -28.03
CA GLN H 282 -3.40 0.00 -27.71
C GLN H 282 -2.84 -0.79 -28.88
N ALA H 283 -2.08 -1.84 -28.57
CA ALA H 283 -1.50 -2.71 -29.58
C ALA H 283 -1.61 -4.18 -29.17
N PHE H 284 -1.66 -5.05 -30.17
CA PHE H 284 -1.84 -6.49 -29.97
C PHE H 284 -0.74 -7.30 -30.62
N TYR H 285 -0.24 -8.29 -29.89
CA TYR H 285 0.82 -9.17 -30.38
C TYR H 285 0.27 -10.55 -30.71
N TYR H 286 0.74 -11.13 -31.80
CA TYR H 286 0.27 -12.46 -32.20
C TYR H 286 1.34 -13.28 -32.89
N THR H 287 1.12 -14.59 -32.92
CA THR H 287 2.07 -15.50 -33.52
C THR H 287 2.10 -15.37 -35.04
N GLY H 288 3.30 -15.18 -35.57
CA GLY H 288 3.54 -15.06 -37.00
C GLY H 288 3.97 -16.41 -37.57
N ASP H 289 4.55 -16.39 -38.76
CA ASP H 289 4.97 -17.63 -39.40
C ASP H 289 6.01 -18.35 -38.54
N ILE H 290 5.94 -19.68 -38.52
CA ILE H 290 6.89 -20.47 -37.76
C ILE H 290 8.03 -20.92 -38.67
N ILE H 291 9.26 -20.65 -38.28
CA ILE H 291 10.41 -20.97 -39.09
C ILE H 291 10.96 -22.36 -38.76
N GLY H 292 11.12 -23.19 -39.78
CA GLY H 292 11.64 -24.54 -39.61
C GLY H 292 10.56 -25.55 -39.26
N ASP H 293 10.98 -26.78 -39.00
CA ASP H 293 10.07 -27.90 -38.73
C ASP H 293 9.23 -27.65 -37.49
N ILE H 294 7.97 -28.05 -37.55
CA ILE H 294 7.08 -27.91 -36.40
C ILE H 294 7.03 -29.21 -35.60
N ARG H 295 7.35 -29.10 -34.31
CA ARG H 295 7.46 -30.25 -33.42
C ARG H 295 6.66 -30.04 -32.14
N GLN H 296 6.28 -31.15 -31.50
CA GLN H 296 5.53 -31.12 -30.25
C GLN H 296 6.40 -30.72 -29.06
N ALA H 297 5.84 -29.90 -28.17
CA ALA H 297 6.52 -29.53 -26.92
C ALA H 297 6.68 -30.76 -26.03
N HIS H 298 7.78 -30.84 -25.28
CA HIS H 298 7.98 -32.02 -24.43
C HIS H 298 8.91 -31.78 -23.25
N CYS H 299 8.87 -32.72 -22.28
CA CYS H 299 9.78 -32.71 -21.13
C CYS H 299 10.52 -34.04 -20.93
N ASN H 300 11.82 -33.95 -20.63
CA ASN H 300 12.68 -35.11 -20.39
C ASN H 300 13.05 -35.26 -18.91
N VAL H 301 12.84 -36.46 -18.36
CA VAL H 301 13.36 -36.78 -17.02
C VAL H 301 14.11 -38.11 -17.05
N SER H 302 15.07 -38.29 -16.16
CA SER H 302 15.79 -39.56 -16.08
C SER H 302 14.89 -40.68 -15.58
N LYS H 303 14.89 -41.82 -16.27
CA LYS H 303 14.09 -42.96 -15.80
C LYS H 303 14.64 -43.56 -14.53
N ALA H 304 15.97 -43.74 -14.49
CA ALA H 304 16.58 -44.36 -13.33
C ALA H 304 16.40 -43.51 -12.08
N THR H 305 16.47 -42.19 -12.25
CA THR H 305 16.31 -41.32 -11.11
C THR H 305 14.88 -41.39 -10.59
N TRP H 306 13.93 -41.38 -11.52
CA TRP H 306 12.53 -41.47 -11.14
C TRP H 306 12.22 -42.79 -10.49
N ASN H 307 12.87 -43.86 -10.95
CA ASN H 307 12.64 -45.18 -10.41
C ASN H 307 13.09 -45.26 -8.96
N GLU H 308 14.23 -44.64 -8.66
CA GLU H 308 14.70 -44.57 -7.29
C GLU H 308 13.73 -43.77 -6.43
N THR H 309 13.21 -42.68 -6.99
CA THR H 309 12.31 -41.83 -6.26
C THR H 309 11.03 -42.57 -5.89
N LEU H 310 10.47 -43.31 -6.83
CA LEU H 310 9.27 -44.06 -6.52
C LEU H 310 9.54 -45.11 -5.47
N GLY H 311 10.71 -45.74 -5.52
CA GLY H 311 11.01 -46.77 -4.54
C GLY H 311 11.03 -46.20 -3.13
N LYS H 312 11.55 -44.98 -2.99
CA LYS H 312 11.55 -44.34 -1.68
C LYS H 312 10.15 -43.98 -1.22
N VAL H 313 9.31 -43.51 -2.14
CA VAL H 313 7.96 -43.14 -1.78
C VAL H 313 7.16 -44.36 -1.35
N VAL H 314 7.31 -45.46 -2.09
CA VAL H 314 6.58 -46.68 -1.75
C VAL H 314 7.01 -47.22 -0.40
N LYS H 315 8.30 -47.19 -0.12
CA LYS H 315 8.77 -47.69 1.16
C LYS H 315 8.17 -46.91 2.31
N GLN H 316 8.06 -45.59 2.15
CA GLN H 316 7.47 -44.76 3.19
C GLN H 316 5.96 -44.91 3.27
N LEU H 317 5.28 -45.17 2.15
CA LEU H 317 3.84 -45.38 2.19
C LEU H 317 3.50 -46.61 3.01
N ARG H 318 4.31 -47.64 2.89
CA ARG H 318 4.06 -48.89 3.61
C ARG H 318 4.11 -48.69 5.12
N LYS H 319 4.88 -47.71 5.58
CA LYS H 319 4.96 -47.46 7.02
C LYS H 319 3.63 -47.01 7.59
N HIS H 320 2.77 -46.43 6.75
CA HIS H 320 1.48 -45.99 7.22
C HIS H 320 0.37 -46.96 6.81
N PHE H 321 0.50 -47.52 5.61
CA PHE H 321 -0.55 -48.39 5.08
C PHE H 321 -0.29 -49.84 5.38
N GLY H 322 0.84 -50.10 6.02
CA GLY H 322 1.20 -51.43 6.47
C GLY H 322 1.92 -52.21 5.40
N ASN H 323 2.38 -53.37 5.80
CA ASN H 323 3.09 -54.27 4.90
C ASN H 323 2.11 -55.14 4.14
N ASN H 324 2.62 -55.92 3.22
CA ASN H 324 1.80 -56.87 2.49
C ASN H 324 0.70 -56.19 1.71
N THR H 325 1.01 -55.02 1.17
CA THR H 325 0.09 -54.31 0.32
C THR H 325 0.70 -54.17 -1.05
N ILE H 326 -0.15 -54.03 -2.06
CA ILE H 326 0.34 -53.75 -3.39
C ILE H 326 0.07 -52.30 -3.74
N ILE H 327 1.14 -51.58 -4.03
CA ILE H 327 1.02 -50.16 -4.30
C ILE H 327 1.04 -49.89 -5.78
N ARG H 328 0.01 -49.21 -6.26
CA ARG H 328 -0.09 -48.93 -7.68
C ARG H 328 -0.23 -47.46 -7.96
N PHE H 329 0.21 -47.06 -9.13
CA PHE H 329 0.05 -45.69 -9.58
C PHE H 329 -0.68 -45.67 -10.92
N ALA H 330 -1.48 -44.63 -11.13
CA ALA H 330 -2.20 -44.45 -12.39
C ALA H 330 -2.46 -42.97 -12.67
N GLN H 331 -2.74 -42.65 -13.93
CA GLN H 331 -3.07 -41.29 -14.34
C GLN H 331 -4.49 -40.93 -13.96
N SER H 332 -4.81 -39.64 -13.87
CA SER H 332 -6.17 -39.25 -13.54
C SER H 332 -7.15 -39.78 -14.58
N SER H 333 -8.29 -40.25 -14.10
CA SER H 333 -9.32 -40.82 -14.95
C SER H 333 -10.14 -39.78 -15.71
N GLY H 334 -10.06 -38.51 -15.33
CA GLY H 334 -10.91 -37.52 -15.99
C GLY H 334 -10.95 -36.18 -15.27
N GLY H 335 -11.81 -35.28 -15.77
CA GLY H 335 -11.89 -33.92 -15.26
C GLY H 335 -11.21 -32.93 -16.22
N ASP H 336 -11.21 -31.67 -15.83
CA ASP H 336 -10.71 -30.59 -16.67
C ASP H 336 -9.22 -30.70 -16.99
N LEU H 337 -8.84 -30.20 -18.17
CA LEU H 337 -7.45 -30.20 -18.60
C LEU H 337 -6.54 -29.52 -17.58
N GLU H 338 -7.07 -28.50 -16.90
CA GLU H 338 -6.31 -27.73 -15.93
C GLU H 338 -5.85 -28.57 -14.73
N VAL H 339 -6.58 -29.65 -14.41
CA VAL H 339 -6.25 -30.45 -13.24
C VAL H 339 -5.81 -31.88 -13.58
N THR H 340 -6.10 -32.33 -14.80
CA THR H 340 -5.70 -33.67 -15.22
C THR H 340 -4.28 -33.72 -15.74
N THR H 341 -3.69 -32.56 -15.97
CA THR H 341 -2.34 -32.49 -16.48
C THR H 341 -1.44 -31.64 -15.60
N HIS H 342 -0.14 -31.86 -15.73
CA HIS H 342 0.83 -31.04 -15.02
C HIS H 342 0.91 -29.67 -15.67
N SER H 343 0.89 -28.61 -14.86
CA SER H 343 0.99 -27.27 -15.42
C SER H 343 2.30 -26.57 -15.11
N PHE H 344 2.85 -25.88 -16.12
CA PHE H 344 4.01 -25.01 -15.95
C PHE H 344 3.71 -23.60 -16.40
N ASN H 345 4.39 -22.65 -15.81
CA ASN H 345 4.47 -21.31 -16.39
C ASN H 345 5.93 -20.94 -16.52
N CYS H 346 6.48 -21.08 -17.72
CA CYS H 346 7.91 -20.85 -17.91
C CYS H 346 8.20 -20.23 -19.26
N GLY H 347 8.97 -19.16 -19.27
CA GLY H 347 9.31 -18.47 -20.50
C GLY H 347 8.14 -17.58 -20.93
N GLY H 348 7.12 -17.54 -20.09
CA GLY H 348 5.88 -16.82 -20.37
C GLY H 348 4.86 -17.72 -21.06
N GLU H 349 5.26 -18.93 -21.41
CA GLU H 349 4.34 -19.88 -22.05
C GLU H 349 3.71 -20.79 -21.01
N PHE H 350 2.49 -21.22 -21.29
CA PHE H 350 1.80 -22.15 -20.41
C PHE H 350 1.79 -23.55 -21.00
N PHE H 351 2.36 -24.50 -20.25
CA PHE H 351 2.48 -25.87 -20.71
C PHE H 351 1.53 -26.78 -19.96
N TYR H 352 0.96 -27.74 -20.66
CA TYR H 352 0.19 -28.80 -20.03
C TYR H 352 0.78 -30.14 -20.43
N CYS H 353 1.17 -30.96 -19.46
CA CYS H 353 1.85 -32.22 -19.78
C CYS H 353 1.14 -33.42 -19.18
N ASN H 354 1.10 -34.53 -19.93
CA ASN H 354 0.27 -35.68 -19.56
C ASN H 354 0.73 -36.44 -18.32
N THR H 355 2.04 -36.42 -18.04
CA THR H 355 2.67 -37.14 -16.92
C THR H 355 2.59 -38.68 -16.97
N SER H 356 1.80 -39.24 -17.88
CA SER H 356 1.77 -40.70 -17.97
C SER H 356 3.16 -41.19 -18.28
N GLY H 357 3.49 -42.34 -17.72
CA GLY H 357 4.83 -42.91 -17.81
C GLY H 357 5.65 -42.58 -16.56
N LEU H 358 5.17 -41.63 -15.76
CA LEU H 358 5.78 -41.39 -14.45
C LEU H 358 4.98 -42.12 -13.39
N PHE H 359 3.70 -42.25 -13.65
CA PHE H 359 2.73 -42.80 -12.71
C PHE H 359 2.13 -44.09 -13.19
N ASN H 360 2.83 -44.80 -14.06
CA ASN H 360 2.33 -46.06 -14.58
C ASN H 360 3.13 -47.24 -14.03
N SER H 361 2.71 -47.77 -12.89
CA SER H 361 3.45 -48.89 -12.29
C SER H 361 2.66 -49.67 -11.25
N THR H 362 3.11 -50.91 -11.01
CA THR H 362 2.62 -51.75 -9.91
C THR H 362 3.80 -52.24 -9.08
N TRP H 363 3.72 -52.08 -7.75
CA TRP H 363 4.80 -52.51 -6.86
C TRP H 363 4.39 -53.64 -5.93
N ILE H 364 4.91 -54.83 -6.19
CA ILE H 364 4.58 -56.02 -5.40
C ILE H 364 5.76 -56.50 -4.56
N SER H 365 6.93 -56.62 -5.19
CA SER H 365 8.09 -57.25 -4.57
C SER H 365 9.20 -56.25 -4.24
N ASN H 366 8.81 -55.01 -3.95
CA ASN H 366 9.73 -53.89 -3.71
C ASN H 366 10.49 -53.52 -4.97
N THR H 367 9.94 -53.93 -6.10
CA THR H 367 10.42 -53.58 -7.42
C THR H 367 9.22 -53.50 -8.35
N SER H 368 9.35 -52.75 -9.43
CA SER H 368 8.26 -52.68 -10.38
C SER H 368 8.01 -54.06 -10.99
N VAL H 369 6.74 -54.40 -11.16
CA VAL H 369 6.38 -55.67 -11.77
C VAL H 369 6.72 -55.69 -13.25
N ASP H 379 16.63 -44.81 -21.38
CA ASP H 379 17.27 -43.77 -20.57
C ASP H 379 16.27 -42.74 -20.07
N SER H 380 16.07 -41.69 -20.85
CA SER H 380 15.14 -40.62 -20.48
C SER H 380 13.69 -41.00 -20.75
N ILE H 381 12.79 -40.43 -19.98
CA ILE H 381 11.35 -40.51 -20.24
C ILE H 381 10.88 -39.21 -20.85
N THR H 382 10.30 -39.26 -22.03
CA THR H 382 9.82 -38.04 -22.67
C THR H 382 8.32 -37.92 -22.55
N LEU H 383 7.87 -36.81 -21.99
CA LEU H 383 6.45 -36.56 -21.82
C LEU H 383 5.98 -35.57 -22.89
N PRO H 384 4.82 -35.78 -23.53
CA PRO H 384 4.19 -34.86 -24.45
C PRO H 384 3.61 -33.67 -23.70
N CYS H 385 3.65 -32.49 -24.32
CA CYS H 385 3.04 -31.31 -23.73
C CYS H 385 2.29 -30.48 -24.77
N ARG H 386 1.36 -29.65 -24.29
CA ARG H 386 0.57 -28.78 -25.15
C ARG H 386 0.61 -27.33 -24.67
N ILE H 387 0.48 -26.39 -25.60
CA ILE H 387 0.54 -24.96 -25.30
C ILE H 387 -0.80 -24.27 -25.49
N LYS H 388 -1.22 -23.48 -24.52
CA LYS H 388 -2.46 -22.69 -24.64
C LYS H 388 -2.20 -21.22 -24.33
N GLN H 389 -2.73 -20.31 -25.15
CA GLN H 389 -2.46 -18.88 -24.94
C GLN H 389 -3.52 -18.16 -24.10
N ILE H 390 -4.72 -18.73 -24.02
CA ILE H 390 -5.78 -18.12 -23.21
C ILE H 390 -5.98 -18.92 -21.93
N ILE H 391 -5.70 -18.29 -20.79
CA ILE H 391 -5.69 -19.03 -19.54
C ILE H 391 -6.52 -18.36 -18.45
N ASN H 392 -6.82 -19.14 -17.42
CA ASN H 392 -7.48 -18.64 -16.22
C ASN H 392 -6.84 -19.27 -15.00
N MET H 393 -5.77 -18.64 -14.52
CA MET H 393 -4.87 -19.26 -13.56
C MET H 393 -5.49 -19.62 -12.22
N TRP H 394 -6.43 -18.82 -11.75
CA TRP H 394 -6.99 -19.06 -10.43
C TRP H 394 -8.35 -19.73 -10.48
N GLN H 395 -8.75 -20.18 -11.67
CA GLN H 395 -10.03 -20.85 -11.87
C GLN H 395 -11.20 -19.98 -11.48
N ARG H 396 -11.12 -18.68 -11.76
CA ARG H 396 -12.21 -17.78 -11.43
C ARG H 396 -13.19 -17.61 -12.58
N ILE H 397 -14.47 -17.66 -12.26
CA ILE H 397 -15.48 -17.49 -13.29
C ILE H 397 -15.55 -16.04 -13.73
N GLY H 398 -15.57 -15.83 -15.03
CA GLY H 398 -15.65 -14.48 -15.59
C GLY H 398 -14.29 -13.82 -15.82
N GLN H 399 -13.20 -14.52 -15.51
CA GLN H 399 -11.87 -13.94 -15.74
C GLN H 399 -11.12 -14.69 -16.84
N ALA H 400 -10.25 -13.97 -17.55
CA ALA H 400 -9.37 -14.59 -18.54
C ALA H 400 -8.19 -13.69 -18.87
N MET H 401 -7.07 -14.32 -19.23
CA MET H 401 -5.88 -13.59 -19.66
C MET H 401 -5.35 -14.17 -20.95
N TYR H 402 -4.87 -13.29 -21.84
CA TYR H 402 -4.18 -13.75 -23.03
C TYR H 402 -2.69 -13.49 -22.91
N ALA H 403 -1.90 -14.53 -22.91
CA ALA H 403 -0.46 -14.32 -22.91
C ALA H 403 -0.06 -13.93 -24.32
N PRO H 404 0.86 -12.98 -24.51
CA PRO H 404 1.50 -12.73 -25.78
C PRO H 404 2.42 -13.90 -26.03
N PRO H 405 2.61 -14.31 -27.28
CA PRO H 405 3.54 -15.35 -27.68
C PRO H 405 4.96 -14.88 -27.46
N ILE H 406 5.84 -15.80 -27.11
CA ILE H 406 7.24 -15.47 -26.94
C ILE H 406 8.08 -15.97 -28.10
N GLN H 407 8.81 -15.04 -28.73
CA GLN H 407 9.61 -15.32 -29.90
C GLN H 407 10.81 -16.21 -29.61
N GLY H 408 11.09 -17.14 -30.53
CA GLY H 408 12.26 -18.00 -30.44
C GLY H 408 12.01 -19.28 -29.64
N VAL H 409 13.04 -20.11 -29.55
CA VAL H 409 12.96 -21.39 -28.87
C VAL H 409 13.12 -21.26 -27.36
N ILE H 410 12.24 -21.90 -26.61
CA ILE H 410 12.24 -21.82 -25.16
C ILE H 410 12.71 -23.09 -24.50
N ARG H 411 13.64 -22.96 -23.55
CA ARG H 411 14.12 -24.10 -22.78
C ARG H 411 14.05 -23.78 -21.30
N CYS H 412 13.55 -24.73 -20.52
CA CYS H 412 13.40 -24.55 -19.09
C CYS H 412 13.97 -25.73 -18.31
N VAL H 413 14.71 -25.41 -17.26
CA VAL H 413 15.22 -26.44 -16.37
C VAL H 413 14.74 -26.19 -14.95
N SER H 414 14.12 -27.20 -14.36
CA SER H 414 13.60 -27.07 -13.01
C SER H 414 13.71 -28.39 -12.29
N ASN H 415 13.49 -28.39 -10.99
CA ASN H 415 13.55 -29.66 -10.26
C ASN H 415 12.27 -29.95 -9.50
N ILE H 416 11.89 -31.23 -9.52
CA ILE H 416 10.73 -31.72 -8.79
C ILE H 416 11.12 -31.95 -7.35
N THR H 417 10.39 -31.34 -6.44
CA THR H 417 10.70 -31.43 -5.02
C THR H 417 9.62 -32.14 -4.22
N GLY H 418 8.49 -32.44 -4.86
CA GLY H 418 7.42 -33.15 -4.17
C GLY H 418 6.29 -33.56 -5.09
N LEU H 419 5.35 -34.35 -4.54
CA LEU H 419 4.22 -34.87 -5.30
C LEU H 419 2.89 -34.61 -4.59
N ILE H 420 1.82 -34.46 -5.36
CA ILE H 420 0.48 -34.47 -4.78
C ILE H 420 -0.26 -35.73 -5.21
N LEU H 421 -0.58 -36.60 -4.26
CA LEU H 421 -1.23 -37.87 -4.57
C LEU H 421 -2.61 -37.98 -3.95
N THR H 422 -3.50 -38.71 -4.61
CA THR H 422 -4.81 -39.00 -4.05
C THR H 422 -5.09 -40.49 -4.08
N ARG H 423 -5.93 -40.97 -3.19
CA ARG H 423 -6.33 -42.36 -3.20
C ARG H 423 -7.59 -42.52 -4.04
N ASP H 424 -7.56 -43.43 -5.02
CA ASP H 424 -8.78 -43.66 -5.81
C ASP H 424 -9.52 -44.85 -5.25
N GLY H 425 -8.98 -45.41 -4.18
CA GLY H 425 -9.48 -46.63 -3.60
C GLY H 425 -10.12 -46.37 -2.25
N GLY H 426 -9.29 -46.37 -1.21
CA GLY H 426 -9.83 -46.39 0.14
C GLY H 426 -10.07 -47.84 0.50
N SER H 427 -9.49 -48.73 -0.29
CA SER H 427 -9.73 -50.15 -0.16
C SER H 427 -9.33 -50.72 1.19
N THR H 428 -10.26 -51.47 1.76
CA THR H 428 -10.07 -52.22 3.00
C THR H 428 -10.40 -53.67 2.74
N ASN H 429 -10.95 -53.91 1.54
CA ASN H 429 -11.48 -55.21 1.15
C ASN H 429 -10.52 -55.97 0.22
N SER H 430 -9.29 -55.48 0.12
CA SER H 430 -8.30 -56.10 -0.76
C SER H 430 -6.90 -55.86 -0.24
N THR H 431 -5.93 -56.45 -0.93
CA THR H 431 -4.52 -56.28 -0.59
C THR H 431 -3.88 -55.18 -1.43
N THR H 432 -4.69 -54.43 -2.17
CA THR H 432 -4.16 -53.44 -3.09
C THR H 432 -4.65 -52.03 -2.80
N GLU H 433 -3.89 -51.04 -3.26
CA GLU H 433 -4.32 -49.65 -3.26
C GLU H 433 -3.69 -48.93 -4.46
N THR H 434 -4.42 -47.98 -5.02
CA THR H 434 -3.93 -47.25 -6.19
C THR H 434 -3.96 -45.75 -5.96
N PHE H 435 -2.89 -45.07 -6.37
CA PHE H 435 -2.79 -43.64 -6.21
C PHE H 435 -2.78 -42.92 -7.54
N ARG H 436 -3.39 -41.74 -7.57
CA ARG H 436 -3.41 -40.92 -8.77
C ARG H 436 -3.02 -39.49 -8.39
N PRO H 437 -2.36 -38.72 -9.26
CA PRO H 437 -2.01 -37.34 -9.05
C PRO H 437 -3.21 -36.45 -8.74
N GLY H 438 -3.03 -35.56 -7.77
CA GLY H 438 -4.07 -34.60 -7.39
C GLY H 438 -3.79 -33.21 -7.96
N GLY H 439 -4.62 -32.24 -7.60
CA GLY H 439 -4.40 -30.87 -8.06
C GLY H 439 -5.67 -30.02 -7.98
N GLY H 440 -5.57 -28.78 -8.45
CA GLY H 440 -6.69 -27.84 -8.49
C GLY H 440 -6.83 -26.98 -7.25
N ASP H 441 -6.03 -27.23 -6.21
CA ASP H 441 -6.08 -26.42 -5.01
C ASP H 441 -4.70 -25.90 -4.64
N MET H 442 -4.50 -24.62 -4.89
CA MET H 442 -3.20 -23.98 -4.71
C MET H 442 -2.73 -23.93 -3.27
N ARG H 443 -3.66 -24.02 -2.32
CA ARG H 443 -3.30 -23.91 -0.93
C ARG H 443 -2.35 -25.03 -0.53
N ASP H 444 -2.50 -26.19 -1.16
CA ASP H 444 -1.64 -27.32 -0.84
C ASP H 444 -0.20 -27.10 -1.25
N ASN H 445 0.03 -26.22 -2.22
CA ASN H 445 1.42 -25.97 -2.61
C ASN H 445 2.09 -25.16 -1.52
N TRP H 446 1.40 -24.14 -1.04
CA TRP H 446 1.95 -23.22 -0.05
C TRP H 446 2.11 -23.88 1.31
N ARG H 447 1.24 -24.84 1.60
CA ARG H 447 1.33 -25.57 2.85
C ARG H 447 2.62 -26.35 2.97
N SER H 448 3.22 -26.72 1.84
CA SER H 448 4.45 -27.50 1.89
C SER H 448 5.64 -26.68 2.40
N GLU H 449 5.55 -25.35 2.34
CA GLU H 449 6.64 -24.50 2.83
C GLU H 449 6.35 -23.87 4.19
N LEU H 450 5.07 -23.65 4.48
CA LEU H 450 4.68 -22.91 5.68
C LEU H 450 4.42 -23.79 6.90
N TYR H 451 4.51 -25.09 6.75
CA TYR H 451 4.17 -26.00 7.84
C TYR H 451 5.03 -25.80 9.09
N LYS H 452 6.25 -25.30 8.93
CA LYS H 452 7.14 -25.11 10.07
C LYS H 452 6.79 -23.90 10.94
N TYR H 453 6.00 -22.97 10.40
CA TYR H 453 5.82 -21.69 11.10
C TYR H 453 4.51 -21.54 11.85
N LYS H 454 4.59 -20.95 13.04
CA LYS H 454 3.42 -20.63 13.85
C LYS H 454 3.48 -19.20 14.38
N VAL H 455 2.33 -18.52 14.42
CA VAL H 455 2.26 -17.15 14.91
C VAL H 455 1.68 -17.07 16.33
N VAL H 456 2.41 -16.43 17.23
CA VAL H 456 1.94 -16.26 18.61
C VAL H 456 2.00 -14.81 19.07
N LYS H 457 1.08 -14.45 19.96
CA LYS H 457 1.02 -13.12 20.56
C LYS H 457 1.70 -13.12 21.91
N ILE H 458 2.49 -12.09 22.19
CA ILE H 458 3.22 -12.04 23.46
C ILE H 458 2.44 -11.28 24.51
N GLU H 459 2.20 -11.93 25.65
CA GLU H 459 1.48 -11.31 26.77
C GLU H 459 2.37 -11.13 28.00
N PRO H 460 2.93 -9.93 28.22
CA PRO H 460 3.98 -9.61 29.18
C PRO H 460 3.53 -9.60 30.64
N LEU H 461 2.22 -9.56 30.88
CA LEU H 461 1.71 -9.39 32.24
C LEU H 461 1.42 -10.73 32.92
N GLY H 462 1.78 -10.84 34.20
CA GLY H 462 1.43 -12.03 34.99
C GLY H 462 1.55 -11.77 36.49
N VAL H 463 1.07 -12.73 37.29
CA VAL H 463 1.04 -12.56 38.75
C VAL H 463 1.61 -13.77 39.48
N ALA H 464 2.04 -13.55 40.74
CA ALA H 464 2.63 -14.62 41.55
C ALA H 464 2.40 -14.38 43.06
N PRO H 465 2.39 -15.45 43.89
CA PRO H 465 2.17 -15.47 45.34
C PRO H 465 3.29 -14.95 46.28
N THR H 466 4.47 -14.64 45.77
CA THR H 466 5.58 -14.32 46.67
C THR H 466 5.22 -13.28 47.72
N ARG H 467 5.61 -13.57 48.95
CA ARG H 467 5.28 -12.73 50.09
C ARG H 467 5.96 -11.37 50.02
N CYS H 468 5.18 -10.32 50.29
CA CYS H 468 5.73 -9.00 50.53
C CYS H 468 4.63 -8.05 51.02
N LYS H 469 5.02 -6.90 51.54
CA LYS H 469 4.04 -5.92 51.98
C LYS H 469 4.46 -4.49 51.65
N ARG H 470 3.48 -3.59 51.58
CA ARG H 470 3.73 -2.18 51.33
C ARG H 470 3.13 -1.29 52.42
N ARG H 471 3.81 -0.19 52.69
CA ARG H 471 3.33 0.80 53.66
C ARG H 471 2.23 1.67 53.07
N VAL H 472 1.26 2.03 53.89
CA VAL H 472 0.18 2.93 53.47
C VAL H 472 0.05 4.12 54.39
N ASP I 1 -16.39 -68.15 -1.00
CA ASP I 1 -15.06 -68.69 -0.73
C ASP I 1 -14.51 -69.39 -1.95
N ILE I 2 -13.19 -69.47 -2.06
CA ILE I 2 -12.58 -70.21 -3.15
C ILE I 2 -12.05 -71.54 -2.63
N VAL I 3 -12.55 -72.62 -3.21
CA VAL I 3 -12.31 -73.96 -2.69
C VAL I 3 -11.05 -74.58 -3.24
N LEU I 4 -10.21 -75.09 -2.35
CA LEU I 4 -9.02 -75.81 -2.80
C LEU I 4 -9.24 -77.31 -2.69
N THR I 5 -8.80 -78.04 -3.69
CA THR I 5 -8.78 -79.49 -3.62
C THR I 5 -7.33 -79.95 -3.63
N GLN I 6 -6.97 -80.81 -2.71
CA GLN I 6 -5.59 -81.26 -2.61
C GLN I 6 -5.56 -82.78 -2.58
N SER I 7 -4.60 -83.36 -3.28
CA SER I 7 -4.48 -84.81 -3.34
C SER I 7 -3.05 -85.23 -3.67
N PRO I 8 -2.65 -86.45 -3.29
CA PRO I 8 -3.34 -87.50 -2.55
C PRO I 8 -3.54 -87.13 -1.08
N ALA I 9 -4.52 -87.76 -0.43
CA ALA I 9 -4.72 -87.55 1.00
C ALA I 9 -3.49 -88.00 1.79
N SER I 10 -2.82 -89.03 1.29
CA SER I 10 -1.58 -89.50 1.87
C SER I 10 -0.76 -90.25 0.84
N LEU I 11 0.55 -90.27 1.02
CA LEU I 11 1.41 -91.07 0.16
C LEU I 11 2.63 -91.59 0.89
N ALA I 12 3.04 -92.81 0.56
CA ALA I 12 4.26 -93.38 1.10
C ALA I 12 5.33 -93.39 0.01
N VAL I 13 6.47 -92.78 0.30
CA VAL I 13 7.54 -92.63 -0.68
C VAL I 13 8.87 -93.16 -0.14
N SER I 14 9.55 -94.00 -0.93
CA SER I 14 10.82 -94.56 -0.46
C SER I 14 11.91 -93.49 -0.54
N PRO I 15 12.95 -93.55 0.30
CA PRO I 15 14.05 -92.62 0.29
C PRO I 15 14.67 -92.55 -1.10
N GLY I 16 15.01 -91.35 -1.53
CA GLY I 16 15.64 -91.12 -2.82
C GLY I 16 14.64 -90.97 -3.97
N GLN I 17 13.36 -91.20 -3.70
CA GLN I 17 12.33 -91.05 -4.72
C GLN I 17 11.72 -89.66 -4.71
N ARG I 18 11.17 -89.26 -5.84
CA ARG I 18 10.43 -88.01 -5.92
C ARG I 18 9.03 -88.14 -5.37
N ALA I 19 8.61 -87.18 -4.56
CA ALA I 19 7.23 -87.12 -4.08
C ALA I 19 6.52 -85.94 -4.73
N THR I 20 5.24 -86.11 -5.06
CA THR I 20 4.48 -84.99 -5.57
C THR I 20 3.13 -84.85 -4.90
N ILE I 21 2.77 -83.61 -4.55
CA ILE I 21 1.45 -83.31 -4.00
C ILE I 21 0.74 -82.25 -4.86
N SER I 22 -0.44 -82.59 -5.36
CA SER I 22 -1.18 -81.67 -6.23
C SER I 22 -2.13 -80.77 -5.45
N CYS I 23 -2.41 -79.58 -6.00
CA CYS I 23 -3.48 -78.74 -5.49
C CYS I 23 -4.21 -78.01 -6.62
N ARG I 24 -5.53 -78.08 -6.59
CA ARG I 24 -6.38 -77.49 -7.62
C ARG I 24 -7.47 -76.57 -7.07
N PRO I 25 -7.26 -75.25 -7.11
CA PRO I 25 -8.24 -74.21 -6.82
C PRO I 25 -9.43 -74.25 -7.74
N SER I 26 -10.61 -73.92 -7.20
CA SER I 26 -11.82 -73.78 -7.99
C SER I 26 -11.80 -72.53 -8.88
N GLU I 27 -10.95 -71.57 -8.52
CA GLU I 27 -10.78 -70.33 -9.28
C GLU I 27 -9.30 -70.00 -9.36
N SER I 28 -8.89 -69.32 -10.43
CA SER I 28 -7.47 -69.00 -10.61
C SER I 28 -6.93 -68.16 -9.46
N VAL I 29 -5.72 -68.48 -9.03
CA VAL I 29 -5.08 -67.76 -7.94
C VAL I 29 -4.28 -66.57 -8.48
N ASP I 30 -4.12 -66.53 -9.80
CA ASP I 30 -3.23 -65.56 -10.42
C ASP I 30 -3.77 -64.13 -10.37
N ASN I 31 -2.85 -63.18 -10.16
CA ASN I 31 -3.17 -61.76 -10.31
C ASN I 31 -1.92 -60.98 -10.63
N TYR I 32 -2.06 -59.97 -11.48
CA TYR I 32 -0.94 -59.16 -11.96
C TYR I 32 0.16 -60.01 -12.58
N GLY I 33 -0.21 -61.16 -13.14
CA GLY I 33 0.72 -62.07 -13.80
C GLY I 33 1.45 -62.99 -12.81
N ILE I 34 1.13 -62.88 -11.53
CA ILE I 34 1.79 -63.65 -10.49
C ILE I 34 0.86 -64.57 -9.72
N SER I 35 1.27 -65.83 -9.55
CA SER I 35 0.50 -66.80 -8.77
C SER I 35 0.55 -66.48 -7.29
N PHE I 36 -0.55 -66.71 -6.58
CA PHE I 36 -0.64 -66.48 -5.14
C PHE I 36 -0.79 -67.75 -4.32
N MET I 37 -0.46 -68.89 -4.91
CA MET I 37 -0.51 -70.16 -4.19
C MET I 37 0.68 -70.33 -3.26
N ASN I 38 0.40 -70.70 -2.00
CA ASN I 38 1.44 -70.93 -1.02
C ASN I 38 1.39 -72.37 -0.48
N TRP I 39 2.53 -72.87 -0.01
CA TRP I 39 2.57 -74.20 0.62
C TRP I 39 3.20 -74.16 2.01
N PHE I 40 2.70 -75.00 2.91
CA PHE I 40 3.22 -75.11 4.28
C PHE I 40 3.63 -76.53 4.64
N GLN I 41 4.61 -76.63 5.54
CA GLN I 41 5.04 -77.91 6.10
C GLN I 41 4.79 -77.92 7.61
N GLN I 42 4.25 -79.03 8.15
CA GLN I 42 4.03 -79.08 9.60
C GLN I 42 4.37 -80.41 10.25
N LYS I 43 4.98 -80.34 11.43
CA LYS I 43 5.27 -81.50 12.24
C LYS I 43 4.48 -81.40 13.56
N PRO I 44 4.13 -82.52 14.21
CA PRO I 44 3.31 -82.54 15.42
C PRO I 44 3.92 -81.70 16.53
N GLY I 45 3.06 -80.98 17.24
CA GLY I 45 3.46 -80.18 18.38
C GLY I 45 4.04 -78.82 17.99
N GLN I 46 4.11 -78.55 16.69
CA GLN I 46 4.69 -77.31 16.20
C GLN I 46 3.72 -76.59 15.26
N PRO I 47 3.82 -75.26 15.13
CA PRO I 47 3.13 -74.47 14.14
C PRO I 47 3.68 -74.80 12.77
N PRO I 48 2.89 -74.65 11.70
CA PRO I 48 3.29 -74.78 10.31
C PRO I 48 4.40 -73.80 9.96
N LYS I 49 5.27 -74.24 9.07
CA LYS I 49 6.34 -73.42 8.53
C LYS I 49 6.09 -73.16 7.06
N LEU I 50 6.24 -71.91 6.64
CA LEU I 50 6.04 -71.59 5.24
C LEU I 50 7.10 -72.27 4.39
N LEU I 51 6.66 -73.01 3.38
CA LEU I 51 7.58 -73.77 2.56
C LEU I 51 7.83 -73.10 1.20
N ILE I 52 6.73 -72.84 0.50
CA ILE I 52 6.78 -72.21 -0.84
C ILE I 52 5.86 -71.01 -0.89
N TYR I 53 6.28 -69.92 -1.51
CA TYR I 53 5.36 -68.82 -1.73
C TYR I 53 5.32 -68.40 -3.20
N ALA I 54 4.18 -67.85 -3.60
CA ALA I 54 3.97 -67.41 -4.98
C ALA I 54 4.18 -68.56 -5.97
N ALA I 55 3.83 -69.77 -5.52
CA ALA I 55 3.88 -71.02 -6.26
C ALA I 55 5.26 -71.41 -6.81
N SER I 56 6.33 -70.69 -6.48
CA SER I 56 7.62 -71.08 -7.03
C SER I 56 8.81 -70.68 -6.17
N ASN I 57 8.60 -69.76 -5.25
CA ASN I 57 9.70 -69.21 -4.48
C ASN I 57 9.87 -69.91 -3.15
N ARG I 58 11.02 -70.54 -2.94
CA ARG I 58 11.22 -71.22 -1.68
C ARG I 58 11.24 -70.19 -0.57
N GLY I 59 10.67 -70.53 0.58
CA GLY I 59 10.68 -69.62 1.70
C GLY I 59 12.09 -69.50 2.24
N SER I 60 12.37 -68.45 3.00
CA SER I 60 13.72 -68.34 3.54
C SER I 60 14.02 -69.53 4.45
N GLY I 61 15.21 -70.09 4.31
CA GLY I 61 15.65 -71.20 5.13
C GLY I 61 15.17 -72.56 4.60
N VAL I 62 14.44 -72.57 3.50
CA VAL I 62 13.92 -73.81 2.93
C VAL I 62 14.94 -74.48 1.98
N PRO I 63 15.26 -75.77 2.19
CA PRO I 63 16.17 -76.58 1.38
C PRO I 63 15.77 -76.66 -0.08
N ALA I 64 16.78 -76.78 -0.94
CA ALA I 64 16.62 -76.81 -2.39
C ALA I 64 15.75 -77.97 -2.89
N ARG I 65 15.67 -79.04 -2.12
CA ARG I 65 14.89 -80.20 -2.53
C ARG I 65 13.39 -79.93 -2.67
N PHE I 66 12.91 -78.83 -2.07
CA PHE I 66 11.49 -78.48 -2.18
C PHE I 66 11.27 -77.51 -3.34
N THR I 67 10.51 -77.91 -4.35
CA THR I 67 10.28 -77.06 -5.51
C THR I 67 8.80 -76.86 -5.82
N GLY I 68 8.40 -75.60 -6.03
CA GLY I 68 7.03 -75.28 -6.42
C GLY I 68 6.84 -75.37 -7.94
N SER I 69 5.59 -75.47 -8.38
CA SER I 69 5.30 -75.51 -9.81
C SER I 69 3.85 -75.16 -10.15
N GLY I 70 3.60 -74.86 -11.42
CA GLY I 70 2.24 -74.69 -11.95
C GLY I 70 1.77 -73.24 -12.05
N SER I 71 0.55 -73.08 -12.57
CA SER I 71 -0.06 -71.79 -12.86
C SER I 71 -1.58 -71.92 -12.97
N GLY I 72 -2.30 -70.80 -13.00
CA GLY I 72 -3.75 -70.89 -13.19
C GLY I 72 -4.41 -71.66 -12.05
N THR I 73 -5.09 -72.74 -12.40
CA THR I 73 -5.80 -73.58 -11.44
C THR I 73 -5.09 -74.92 -11.18
N ASP I 74 -3.90 -75.10 -11.73
CA ASP I 74 -3.18 -76.37 -11.52
C ASP I 74 -1.78 -76.18 -10.94
N PHE I 75 -1.62 -76.58 -9.67
CA PHE I 75 -0.34 -76.44 -8.97
C PHE I 75 0.13 -77.75 -8.35
N SER I 76 1.43 -77.87 -8.17
CA SER I 76 1.97 -79.02 -7.44
C SER I 76 3.29 -78.74 -6.74
N LEU I 77 3.50 -79.46 -5.64
CA LEU I 77 4.75 -79.42 -4.88
C LEU I 77 5.59 -80.64 -5.19
N ASN I 78 6.84 -80.43 -5.57
CA ASN I 78 7.75 -81.52 -5.93
C ASN I 78 8.91 -81.63 -4.94
N ILE I 79 9.01 -82.77 -4.28
CA ILE I 79 10.08 -83.00 -3.31
C ILE I 79 11.04 -84.08 -3.77
N HIS I 80 12.32 -83.75 -3.92
CA HIS I 80 13.31 -84.77 -4.31
C HIS I 80 14.73 -84.40 -3.89
N PRO I 81 15.50 -85.38 -3.42
CA PRO I 81 15.16 -86.74 -2.99
C PRO I 81 14.34 -86.75 -1.71
N MET I 82 13.50 -87.76 -1.54
CA MET I 82 12.80 -87.94 -0.28
C MET I 82 13.76 -88.37 0.84
N GLU I 83 13.62 -87.73 2.00
CA GLU I 83 14.37 -88.09 3.21
C GLU I 83 13.44 -88.19 4.41
N GLU I 84 13.86 -88.93 5.44
CA GLU I 84 13.02 -89.08 6.64
C GLU I 84 12.74 -87.77 7.34
N ASP I 85 13.60 -86.77 7.13
CA ASP I 85 13.41 -85.45 7.70
C ASP I 85 12.20 -84.73 7.10
N ASP I 86 11.72 -85.23 5.97
CA ASP I 86 10.62 -84.60 5.24
C ASP I 86 9.25 -85.12 5.68
N ILE I 87 9.21 -86.02 6.65
CA ILE I 87 7.92 -86.53 7.08
C ILE I 87 7.16 -85.41 7.76
N ALA I 88 5.99 -85.10 7.24
CA ALA I 88 5.23 -83.96 7.71
C ALA I 88 3.84 -83.92 7.08
N MET I 89 2.97 -83.10 7.67
CA MET I 89 1.74 -82.70 7.00
C MET I 89 2.04 -81.58 6.03
N TYR I 90 1.39 -81.57 4.88
CA TYR I 90 1.54 -80.46 3.95
C TYR I 90 0.20 -79.86 3.57
N PHE I 91 0.17 -78.53 3.46
CA PHE I 91 -1.06 -77.83 3.08
C PHE I 91 -0.82 -76.82 1.96
N CYS I 92 -1.78 -76.68 1.06
CA CYS I 92 -1.77 -75.59 0.09
C CYS I 92 -2.70 -74.46 0.54
N GLN I 93 -2.35 -73.21 0.22
CA GLN I 93 -3.17 -72.04 0.56
C GLN I 93 -3.34 -71.07 -0.60
N GLN I 94 -4.54 -70.50 -0.71
CA GLN I 94 -4.77 -69.41 -1.64
C GLN I 94 -4.84 -68.08 -0.92
N SER I 95 -3.85 -67.23 -1.18
CA SER I 95 -3.72 -65.94 -0.51
C SER I 95 -4.31 -64.76 -1.28
N LYS I 96 -4.81 -65.00 -2.48
CA LYS I 96 -5.26 -63.90 -3.35
C LYS I 96 -6.42 -63.07 -2.79
N GLU I 97 -7.37 -63.72 -2.11
CA GLU I 97 -8.56 -63.02 -1.64
C GLU I 97 -8.92 -63.33 -0.20
N VAL I 98 -9.61 -62.38 0.42
CA VAL I 98 -10.23 -62.58 1.73
C VAL I 98 -11.64 -63.14 1.57
N PRO I 99 -11.98 -64.23 2.27
CA PRO I 99 -11.19 -65.07 3.16
C PRO I 99 -10.12 -65.87 2.44
N TYR I 100 -8.99 -66.05 3.10
CA TYR I 100 -7.93 -66.90 2.58
C TYR I 100 -8.36 -68.33 2.85
N THR I 101 -8.01 -69.27 1.98
CA THR I 101 -8.47 -70.64 2.25
C THR I 101 -7.36 -71.69 2.27
N PHE I 102 -7.64 -72.74 3.04
CA PHE I 102 -6.81 -73.94 3.22
C PHE I 102 -7.70 -75.17 3.12
N GLY I 103 -7.10 -76.33 2.86
CA GLY I 103 -7.84 -77.59 3.05
C GLY I 103 -7.17 -78.77 2.37
N GLY I 104 -7.65 -79.97 2.69
CA GLY I 104 -7.16 -81.17 2.02
C GLY I 104 -5.73 -81.57 2.41
N GLY I 105 -5.31 -81.26 3.62
CA GLY I 105 -3.91 -81.50 4.00
C GLY I 105 -3.49 -82.95 3.76
N THR I 106 -2.23 -83.12 3.39
CA THR I 106 -1.66 -84.41 2.99
C THR I 106 -0.59 -84.92 3.93
N LYS I 107 -0.65 -86.21 4.25
CA LYS I 107 0.40 -86.83 5.05
C LYS I 107 1.45 -87.52 4.19
N LEU I 108 2.69 -87.08 4.31
CA LEU I 108 3.81 -87.68 3.58
C LEU I 108 4.65 -88.55 4.51
N GLU I 109 4.85 -89.81 4.12
CA GLU I 109 5.60 -90.77 4.94
C GLU I 109 6.67 -91.53 4.17
N ILE I 110 7.69 -91.99 4.89
CA ILE I 110 8.73 -92.88 4.35
C ILE I 110 8.25 -94.31 4.10
N LYS I 111 8.54 -94.81 2.91
CA LYS I 111 8.28 -96.21 2.57
C LYS I 111 9.57 -97.02 2.64
N GLU J 1 14.90 -60.13 16.39
CA GLU J 1 14.21 -61.41 16.37
C GLU J 1 12.73 -61.27 16.70
N VAL J 2 11.88 -61.64 15.75
CA VAL J 2 10.44 -61.56 15.94
C VAL J 2 9.89 -62.71 16.75
N LYS J 3 9.13 -62.38 17.79
CA LYS J 3 8.49 -63.39 18.62
C LYS J 3 7.03 -63.04 18.86
N LEU J 4 6.19 -64.07 18.91
CA LEU J 4 4.79 -63.89 19.29
C LEU J 4 4.47 -64.81 20.46
N GLU J 5 3.77 -64.31 21.47
CA GLU J 5 3.37 -65.17 22.57
C GLU J 5 1.88 -65.13 22.84
N GLU J 6 1.23 -66.29 22.72
CA GLU J 6 -0.20 -66.43 22.98
C GLU J 6 -0.50 -66.68 24.46
N SER J 7 -1.67 -66.24 24.90
CA SER J 7 -2.14 -66.52 26.25
C SER J 7 -3.67 -66.46 26.34
N GLY J 8 -4.22 -66.89 27.48
CA GLY J 8 -5.66 -66.81 27.71
C GLY J 8 -6.45 -68.05 27.29
N GLY J 9 -5.76 -69.11 26.91
CA GLY J 9 -6.44 -70.34 26.50
C GLY J 9 -6.94 -71.13 27.70
N GLY J 10 -7.51 -72.31 27.44
CA GLY J 10 -8.08 -73.14 28.50
C GLY J 10 -9.49 -73.63 28.19
N LEU J 11 -10.04 -74.46 29.07
CA LEU J 11 -11.37 -75.04 28.90
C LEU J 11 -12.49 -74.08 29.30
N VAL J 12 -13.44 -73.88 28.38
CA VAL J 12 -14.60 -73.01 28.62
C VAL J 12 -15.91 -73.72 28.26
N GLN J 13 -16.92 -73.57 29.10
CA GLN J 13 -18.22 -74.19 28.84
C GLN J 13 -18.89 -73.60 27.61
N ALA J 14 -19.54 -74.45 26.82
CA ALA J 14 -20.19 -74.01 25.59
C ALA J 14 -21.23 -72.96 25.88
N GLY J 15 -21.33 -71.98 24.99
CA GLY J 15 -22.21 -70.83 25.15
C GLY J 15 -21.53 -69.73 25.95
N GLY J 16 -20.33 -70.02 26.45
CA GLY J 16 -19.56 -69.09 27.26
C GLY J 16 -18.69 -68.18 26.39
N SER J 17 -17.79 -67.46 27.04
CA SER J 17 -16.92 -66.51 26.36
C SER J 17 -15.54 -66.44 27.00
N MET J 18 -14.57 -66.01 26.20
CA MET J 18 -13.19 -65.87 26.66
C MET J 18 -12.43 -64.88 25.78
N LYS J 19 -11.28 -64.43 26.25
CA LYS J 19 -10.44 -63.59 25.43
C LYS J 19 -9.04 -64.15 25.30
N LEU J 20 -8.55 -64.24 24.06
CA LEU J 20 -7.17 -64.64 23.82
C LEU J 20 -6.34 -63.41 23.58
N SER J 21 -5.06 -63.48 23.91
CA SER J 21 -4.19 -62.35 23.65
C SER J 21 -2.87 -62.80 23.03
N CYS J 22 -2.28 -61.88 22.27
CA CYS J 22 -1.00 -62.11 21.64
C CYS J 22 -0.06 -60.93 21.87
N VAL J 23 1.13 -61.22 22.37
CA VAL J 23 2.10 -60.17 22.64
C VAL J 23 3.11 -60.05 21.51
N ALA J 24 3.14 -58.89 20.87
CA ALA J 24 4.09 -58.62 19.80
C ALA J 24 5.46 -58.32 20.38
N SER J 25 6.50 -58.77 19.71
CA SER J 25 7.86 -58.41 20.10
C SER J 25 8.82 -58.45 18.92
N GLY J 26 9.80 -57.54 18.92
CA GLY J 26 10.84 -57.51 17.89
C GLY J 26 10.46 -56.69 16.66
N PHE J 27 9.23 -56.15 16.64
CA PHE J 27 8.78 -55.34 15.52
C PHE J 27 7.74 -54.34 15.98
N SER J 28 7.53 -53.28 15.20
CA SER J 28 6.47 -52.33 15.55
C SER J 28 5.12 -52.87 15.12
N LEU J 29 4.24 -53.06 16.07
CA LEU J 29 2.91 -53.57 15.78
C LEU J 29 2.10 -52.60 14.94
N SER J 30 2.35 -51.32 15.13
CA SER J 30 1.57 -50.25 14.52
C SER J 30 1.69 -50.16 13.00
N ASN J 31 2.71 -50.78 12.42
CA ASN J 31 2.95 -50.62 10.98
C ASN J 31 2.95 -51.94 10.21
N TYR J 32 2.14 -52.92 10.59
CA TYR J 32 2.29 -54.20 9.91
C TYR J 32 1.01 -54.83 9.33
N TRP J 33 0.18 -55.43 10.20
CA TRP J 33 -1.06 -56.19 9.90
C TRP J 33 -1.06 -57.47 10.72
N MET J 34 -2.18 -57.85 11.31
CA MET J 34 -2.18 -59.08 12.09
C MET J 34 -3.31 -60.03 11.75
N ASN J 35 -3.05 -61.34 11.92
CA ASN J 35 -3.99 -62.38 11.58
C ASN J 35 -4.08 -63.50 12.61
N TRP J 36 -5.26 -64.10 12.69
CA TRP J 36 -5.46 -65.30 13.50
C TRP J 36 -5.96 -66.46 12.67
N VAL J 37 -5.45 -67.63 12.98
CA VAL J 37 -5.84 -68.88 12.36
C VAL J 37 -6.07 -69.93 13.44
N ARG J 38 -6.77 -71.01 13.10
CA ARG J 38 -6.93 -72.11 14.06
C ARG J 38 -6.70 -73.46 13.40
N GLN J 39 -6.36 -74.45 14.21
CA GLN J 39 -6.13 -75.79 13.69
C GLN J 39 -6.78 -76.89 14.52
N SER J 40 -7.26 -77.90 13.83
CA SER J 40 -7.74 -79.13 14.43
C SER J 40 -7.43 -80.27 13.45
N PRO J 41 -7.07 -81.47 13.93
CA PRO J 41 -6.78 -82.62 13.11
C PRO J 41 -7.99 -83.03 12.29
N GLU J 42 -9.18 -82.65 12.77
CA GLU J 42 -10.42 -82.94 12.06
C GLU J 42 -10.58 -82.13 10.78
N LYS J 43 -10.04 -80.90 10.77
CA LYS J 43 -10.26 -79.99 9.65
C LYS J 43 -8.98 -79.48 8.98
N GLY J 44 -7.84 -79.64 9.64
CA GLY J 44 -6.63 -79.00 9.16
C GLY J 44 -6.65 -77.52 9.50
N LEU J 45 -5.91 -76.72 8.75
CA LEU J 45 -5.79 -75.28 9.02
C LEU J 45 -7.03 -74.52 8.58
N GLU J 46 -7.43 -73.52 9.35
CA GLU J 46 -8.50 -72.60 8.94
C GLU J 46 -8.21 -71.16 9.35
N TRP J 47 -8.36 -70.21 8.42
CA TRP J 47 -8.24 -68.80 8.74
C TRP J 47 -9.49 -68.30 9.45
N VAL J 48 -9.34 -67.48 10.51
CA VAL J 48 -10.53 -66.98 11.20
C VAL J 48 -10.67 -65.46 11.24
N ALA J 49 -9.57 -64.70 11.35
CA ALA J 49 -9.73 -63.25 11.48
C ALA J 49 -8.52 -62.45 11.01
N GLU J 50 -8.78 -61.21 10.56
CA GLU J 50 -7.75 -60.25 10.16
C GLU J 50 -8.07 -58.84 10.63
N ILE J 51 -7.04 -58.09 11.03
CA ILE J 51 -7.24 -56.69 11.40
C ILE J 51 -6.28 -55.73 10.67
N ARG J 52 -6.87 -54.66 10.14
CA ARG J 52 -6.22 -53.61 9.34
C ARG J 52 -5.65 -52.47 10.20
N LEU J 53 -4.84 -51.59 9.57
CA LEU J 53 -4.24 -50.43 10.24
C LEU J 53 -5.11 -49.17 10.17
N LYS J 54 -4.66 -48.10 10.83
CA LYS J 54 -5.46 -46.87 10.96
C LYS J 54 -6.00 -46.24 9.67
N PRO J 55 -5.26 -46.12 8.55
CA PRO J 55 -5.71 -45.57 7.27
C PRO J 55 -6.88 -46.35 6.71
N GLN J 56 -7.02 -47.57 7.19
CA GLN J 56 -8.05 -48.50 6.78
C GLN J 56 -9.18 -48.50 7.81
N ASN J 57 -9.09 -47.55 8.75
CA ASN J 57 -10.03 -47.38 9.84
C ASN J 57 -10.14 -48.61 10.70
N TYR J 58 -9.03 -49.33 10.84
CA TYR J 58 -8.98 -50.54 11.66
C TYR J 58 -10.10 -51.52 11.28
N ALA J 59 -10.43 -51.58 9.99
CA ALA J 59 -11.45 -52.49 9.51
C ALA J 59 -11.03 -53.92 9.77
N THR J 60 -12.02 -54.79 9.99
CA THR J 60 -11.72 -56.19 10.24
C THR J 60 -12.50 -57.11 9.32
N HIS J 61 -12.00 -58.34 9.20
CA HIS J 61 -12.67 -59.37 8.41
C HIS J 61 -12.69 -60.69 9.17
N TYR J 62 -13.76 -61.46 8.97
CA TYR J 62 -13.89 -62.74 9.64
C TYR J 62 -14.35 -63.83 8.68
N ALA J 63 -13.95 -65.07 8.95
CA ALA J 63 -14.48 -66.20 8.21
C ALA J 63 -15.97 -66.34 8.53
N GLU J 64 -16.75 -66.81 7.56
CA GLU J 64 -18.18 -66.95 7.78
C GLU J 64 -18.49 -67.92 8.92
N SER J 65 -17.62 -68.90 9.13
CA SER J 65 -17.81 -69.90 10.16
C SER J 65 -17.70 -69.32 11.59
N VAL J 66 -17.07 -68.17 11.73
CA VAL J 66 -16.88 -67.56 13.04
C VAL J 66 -17.50 -66.17 13.15
N LYS J 67 -17.96 -65.63 12.03
CA LYS J 67 -18.45 -64.26 12.00
C LYS J 67 -19.63 -64.05 12.93
N GLY J 68 -19.54 -62.99 13.72
CA GLY J 68 -20.60 -62.58 14.64
C GLY J 68 -20.47 -63.22 16.01
N ARG J 69 -19.56 -64.19 16.14
CA ARG J 69 -19.32 -64.84 17.43
C ARG J 69 -17.91 -64.50 17.91
N PHE J 70 -17.10 -64.01 16.98
CA PHE J 70 -15.73 -63.62 17.23
C PHE J 70 -15.53 -62.15 16.90
N SER J 71 -14.59 -61.51 17.59
CA SER J 71 -14.22 -60.14 17.29
C SER J 71 -12.74 -59.91 17.53
N ILE J 72 -12.10 -59.16 16.65
CA ILE J 72 -10.66 -58.90 16.79
C ILE J 72 -10.39 -57.44 17.02
N SER J 73 -9.46 -57.16 17.94
CA SER J 73 -9.09 -55.79 18.27
C SER J 73 -7.63 -55.72 18.65
N ARG J 74 -7.07 -54.52 18.62
CA ARG J 74 -5.66 -54.34 18.91
C ARG J 74 -5.39 -53.09 19.73
N ASP J 75 -4.28 -53.10 20.45
CA ASP J 75 -3.82 -51.91 21.16
C ASP J 75 -2.41 -51.56 20.75
N ASP J 76 -2.29 -50.56 19.89
CA ASP J 76 -1.02 -50.16 19.33
C ASP J 76 -0.06 -49.62 20.38
N SER J 77 -0.59 -49.09 21.48
CA SER J 77 0.25 -48.47 22.49
C SER J 77 0.87 -49.49 23.43
N ARG J 78 0.35 -50.72 23.43
CA ARG J 78 0.86 -51.75 24.32
C ARG J 78 1.48 -52.92 23.58
N SER J 79 1.55 -52.80 22.26
CA SER J 79 2.09 -53.86 21.40
C SER J 79 1.36 -55.20 21.59
N THR J 80 0.03 -55.16 21.68
CA THR J 80 -0.75 -56.39 21.83
C THR J 80 -1.91 -56.51 20.86
N VAL J 81 -2.33 -57.75 20.61
CA VAL J 81 -3.49 -58.09 19.79
C VAL J 81 -4.44 -58.99 20.56
N TYR J 82 -5.74 -58.72 20.49
CA TYR J 82 -6.69 -59.54 21.22
C TYR J 82 -7.72 -60.18 20.30
N LEU J 83 -8.10 -61.42 20.62
CA LEU J 83 -9.20 -62.08 19.93
C LEU J 83 -10.28 -62.43 20.92
N GLN J 84 -11.43 -61.77 20.80
CA GLN J 84 -12.56 -61.98 21.69
C GLN J 84 -13.50 -63.00 21.08
N MET J 85 -14.02 -63.90 21.89
CA MET J 85 -14.99 -64.85 21.37
C MET J 85 -16.11 -65.14 22.38
N ASN J 86 -17.29 -65.39 21.85
CA ASN J 86 -18.46 -65.70 22.66
C ASN J 86 -19.40 -66.63 21.93
N ASN J 87 -20.46 -67.07 22.59
CA ASN J 87 -21.39 -68.03 21.97
C ASN J 87 -20.60 -69.22 21.46
N LEU J 88 -19.66 -69.67 22.28
CA LEU J 88 -18.75 -70.75 21.89
C LEU J 88 -19.46 -72.06 21.67
N ARG J 89 -19.00 -72.79 20.67
CA ARG J 89 -19.55 -74.09 20.31
C ARG J 89 -18.46 -75.15 20.36
N ALA J 90 -18.85 -76.41 20.50
CA ALA J 90 -17.86 -77.50 20.56
C ALA J 90 -16.99 -77.54 19.32
N GLU J 91 -17.55 -77.11 18.19
CA GLU J 91 -16.84 -77.07 16.91
C GLU J 91 -15.66 -76.10 16.92
N ASP J 92 -15.63 -75.18 17.89
CA ASP J 92 -14.57 -74.18 17.97
C ASP J 92 -13.31 -74.73 18.65
N THR J 93 -13.39 -75.96 19.17
CA THR J 93 -12.24 -76.58 19.82
C THR J 93 -11.07 -76.71 18.85
N GLY J 94 -9.88 -76.31 19.30
CA GLY J 94 -8.70 -76.39 18.45
C GLY J 94 -7.55 -75.57 19.00
N ILE J 95 -6.46 -75.52 18.23
CA ILE J 95 -5.30 -74.73 18.63
C ILE J 95 -5.31 -73.42 17.88
N TYR J 96 -5.27 -72.33 18.62
CA TYR J 96 -5.32 -71.00 18.01
C TYR J 96 -3.94 -70.39 17.93
N TYR J 97 -3.62 -69.77 16.80
CA TYR J 97 -2.30 -69.17 16.63
C TYR J 97 -2.37 -67.69 16.23
N CYS J 98 -1.46 -66.93 16.81
CA CYS J 98 -1.18 -65.56 16.40
C CYS J 98 -0.20 -65.60 15.24
N THR J 99 -0.52 -64.94 14.13
CA THR J 99 0.33 -65.02 12.95
C THR J 99 0.68 -63.67 12.34
N ARG J 100 1.73 -63.68 11.52
CA ARG J 100 2.17 -62.50 10.78
C ARG J 100 2.25 -62.79 9.27
N PRO J 101 1.73 -61.88 8.42
CA PRO J 101 1.78 -61.84 6.97
C PRO J 101 3.15 -61.93 6.29
N GLY J 102 4.22 -61.55 6.94
CA GLY J 102 5.53 -61.75 6.34
C GLY J 102 5.77 -61.03 5.00
N TYR J 103 6.19 -61.79 4.00
CA TYR J 103 6.61 -61.26 2.70
C TYR J 103 5.58 -60.35 2.06
N TYR J 104 6.06 -59.21 1.58
CA TYR J 104 5.24 -58.20 0.94
C TYR J 104 4.75 -58.67 -0.41
N GLY J 105 3.52 -58.31 -0.75
CA GLY J 105 2.95 -58.72 -2.03
C GLY J 105 2.49 -60.17 -1.92
N HIS J 106 3.43 -61.03 -1.62
CA HIS J 106 3.19 -62.43 -1.46
C HIS J 106 2.73 -62.70 -0.04
N TYR J 107 1.53 -62.29 0.26
CA TYR J 107 1.02 -62.44 1.61
C TYR J 107 1.12 -63.91 2.01
N ALA J 108 1.74 -64.19 3.16
CA ALA J 108 1.91 -65.57 3.62
C ALA J 108 2.15 -65.62 5.12
N MET J 109 1.78 -66.70 5.78
CA MET J 109 1.99 -66.73 7.22
C MET J 109 3.42 -67.12 7.56
N ASP J 110 4.34 -66.16 7.39
CA ASP J 110 5.77 -66.41 7.59
C ASP J 110 6.16 -66.62 9.05
N TYR J 111 5.46 -65.99 9.98
CA TYR J 111 5.75 -66.19 11.40
C TYR J 111 4.52 -66.61 12.18
N TRP J 112 4.76 -67.55 13.08
CA TRP J 112 3.72 -68.10 13.94
C TRP J 112 4.17 -68.06 15.39
N GLY J 113 3.23 -67.88 16.31
CA GLY J 113 3.53 -68.07 17.72
C GLY J 113 3.42 -69.55 18.07
N GLN J 114 3.71 -69.88 19.33
CA GLN J 114 3.61 -71.28 19.75
C GLN J 114 2.15 -71.76 19.72
N GLY J 115 1.23 -70.83 19.93
CA GLY J 115 -0.20 -71.10 19.92
C GLY J 115 -0.68 -71.52 21.30
N THR J 116 -2.00 -71.60 21.44
CA THR J 116 -2.59 -72.02 22.70
C THR J 116 -3.80 -72.90 22.49
N SER J 117 -4.04 -73.81 23.41
CA SER J 117 -5.20 -74.69 23.31
C SER J 117 -6.48 -74.01 23.77
N VAL J 118 -7.53 -74.20 23.01
CA VAL J 118 -8.87 -73.78 23.41
C VAL J 118 -9.81 -74.96 23.32
N THR J 119 -10.50 -75.25 24.40
CA THR J 119 -11.44 -76.37 24.37
C THR J 119 -12.81 -75.90 24.79
N VAL J 120 -13.83 -76.33 24.07
CA VAL J 120 -15.19 -75.93 24.39
C VAL J 120 -16.06 -77.13 24.72
N SER J 121 -16.70 -77.10 25.89
CA SER J 121 -17.55 -78.20 26.33
C SER J 121 -18.53 -77.75 27.41
C1 NAG K . -52.38 3.91 -28.45
C2 NAG K . -51.61 5.02 -29.15
C3 NAG K . -51.96 6.36 -28.52
C4 NAG K . -53.46 6.57 -28.58
C5 NAG K . -54.17 5.41 -27.89
C6 NAG K . -55.69 5.56 -27.98
C7 NAG K . -49.44 4.67 -30.17
C8 NAG K . -47.97 4.45 -29.95
N2 NAG K . -50.18 4.80 -29.07
O3 NAG K . -51.29 7.42 -29.21
O4 NAG K . -53.81 7.79 -27.92
O5 NAG K . -53.78 4.18 -28.51
O6 NAG K . -56.08 5.59 -29.35
O7 NAG K . -49.92 4.72 -31.29
C1 NAG K . -54.48 8.73 -28.77
C2 NAG K . -55.32 9.63 -27.87
C3 NAG K . -56.04 10.73 -28.70
C4 NAG K . -55.21 11.36 -29.80
C5 NAG K . -54.24 10.38 -30.49
C6 NAG K . -53.46 11.04 -31.61
C7 NAG K . -56.38 8.81 -25.82
C8 NAG K . -55.34 9.62 -25.08
N2 NAG K . -56.31 8.86 -27.15
O3 NAG K . -56.68 11.63 -27.79
O4 NAG K . -56.02 12.11 -30.72
O5 NAG K . -53.57 9.53 -29.53
O6 NAG K . -52.72 12.10 -31.03
O7 NAG K . -57.22 8.15 -25.22
C1 NAG L . -33.43 15.11 -23.71
C2 NAG L . -33.25 16.61 -23.49
C3 NAG L . -34.51 17.22 -22.88
C4 NAG L . -35.70 16.91 -23.77
C5 NAG L . -35.81 15.40 -23.98
C6 NAG L . -36.95 15.06 -24.92
C7 NAG L . -32.25 17.49 -21.46
C8 NAG L . -30.99 17.68 -20.67
N2 NAG L . -32.13 16.86 -22.63
O3 NAG L . -34.34 18.64 -22.76
O4 NAG L . -36.89 17.40 -23.16
O5 NAG L . -34.59 14.90 -24.52
O6 NAG L . -36.73 15.68 -26.19
O7 NAG L . -33.32 17.90 -21.06
C1 NAG L . -37.59 18.37 -23.96
C2 NAG L . -39.06 18.31 -23.56
C3 NAG L . -39.89 19.36 -24.32
C4 NAG L . -39.22 20.72 -24.51
C5 NAG L . -37.70 20.64 -24.70
C6 NAG L . -37.08 22.01 -24.90
C7 NAG L . -40.14 16.23 -22.84
C8 NAG L . -40.67 14.89 -23.27
N2 NAG L . -39.62 17.00 -23.81
O3 NAG L . -41.22 19.38 -23.78
O4 NAG L . -39.90 21.52 -25.47
O5 NAG L . -37.10 19.69 -23.79
O6 NAG L . -37.68 22.58 -26.06
O7 NAG L . -40.18 16.59 -21.67
C1 NAG M . -40.78 21.90 21.78
C2 NAG M . -40.59 23.03 20.78
C3 NAG M . -39.80 24.16 21.42
C4 NAG M . -40.53 24.65 22.67
C5 NAG M . -40.72 23.44 23.59
C6 NAG M . -41.44 23.82 24.89
C7 NAG M . -40.48 22.64 18.39
C8 NAG M . -39.66 22.10 17.25
N2 NAG M . -39.91 22.55 19.59
O3 NAG M . -39.63 25.19 20.43
O4 NAG M . -39.80 25.65 23.39
O5 NAG M . -41.44 22.40 22.94
O6 NAG M . -41.58 22.65 25.70
O7 NAG M . -41.60 23.11 18.22
C1 NAG M . -40.22 26.99 23.02
C2 NAG M . -41.13 27.61 24.07
C3 NAG M . -41.50 29.03 23.65
C4 NAG M . -40.23 29.84 23.44
C5 NAG M . -39.34 29.15 22.43
C6 NAG M . -38.03 29.91 22.23
C7 NAG M . -43.54 27.40 23.98
C8 NAG M . -44.73 26.50 24.16
N2 NAG M . -42.36 26.85 24.20
O3 NAG M . -42.30 29.64 24.67
O4 NAG M . -40.57 31.15 22.99
O5 NAG M . -39.06 27.82 22.85
O6 NAG M . -38.31 31.24 21.79
O7 NAG M . -43.67 28.57 23.62
C1 NAG N . -42.03 -3.84 6.01
C2 NAG N . -41.70 -4.21 4.51
C3 NAG N . -42.48 -5.41 4.00
C4 NAG N . -42.18 -6.57 4.93
C5 NAG N . -42.51 -6.19 6.37
C6 NAG N . -42.19 -7.34 7.33
C7 NAG N . -40.87 -2.55 2.94
C8 NAG N . -41.21 -1.35 2.10
N2 NAG N . -41.87 -3.05 3.65
O3 NAG N . -42.05 -5.74 2.67
O4 NAG N . -42.92 -7.73 4.53
O5 NAG N . -41.78 -5.03 6.77
O6 NAG N . -40.79 -7.66 7.24
O7 NAG N . -39.74 -3.03 2.95
C1 NAG N . -41.97 -8.79 4.25
C2 NAG N . -42.66 -10.15 4.27
C3 NAG N . -41.62 -11.23 4.04
C4 NAG N . -40.91 -10.97 2.72
C5 NAG N . -40.28 -9.58 2.76
C6 NAG N . -39.58 -9.25 1.45
C7 NAG N . -44.64 -10.56 5.62
C8 NAG N . -45.38 -10.56 4.31
N2 NAG N . -43.32 -10.36 5.54
O3 NAG N . -42.27 -12.52 3.99
O4 NAG N . -39.89 -11.96 2.53
O5 NAG N . -41.29 -8.60 3.01
O6 NAG N . -40.52 -9.30 0.37
O7 NAG N . -45.21 -10.75 6.68
C1 BMA O . -40.04 -12.70 1.05
C2 BMA O . -39.02 -13.82 0.94
C3 BMA O . -39.42 -14.75 -0.20
C4 BMA O . -40.80 -15.29 0.11
C5 BMA O . -41.76 -14.11 0.25
C6 BMA O . -43.19 -14.58 0.53
O2 BMA O . -38.98 -14.57 2.16
O3 BMA O . -38.49 -15.83 -0.30
O4 BMA O . -41.24 -16.14 -0.96
O5 BMA O . -41.31 -13.27 1.32
O6 BMA O . -43.20 -15.33 1.75
C1 MAN O . -37.82 -15.91 -1.58
C2 MAN O . -36.76 -14.89 -1.94
C3 MAN O . -37.40 -13.78 -2.76
C4 MAN O . -38.09 -14.41 -3.97
C5 MAN O . -39.10 -15.45 -3.51
C6 MAN O . -39.80 -16.09 -4.71
O2 MAN O . -35.72 -15.52 -2.72
O3 MAN O . -36.40 -12.84 -3.19
O4 MAN O . -38.75 -13.39 -4.73
O5 MAN O . -38.46 -16.45 -2.74
O6 MAN O . -38.83 -16.73 -5.54
C1 NAG P . -48.15 -17.50 -14.24
C2 NAG P . -49.09 -18.67 -13.97
C3 NAG P . -48.26 -19.83 -13.44
C4 NAG P . -47.17 -20.17 -14.43
C5 NAG P . -46.31 -18.94 -14.68
C6 NAG P . -45.22 -19.21 -15.71
C7 NAG P . -51.39 -18.31 -13.25
C8 NAG P . -51.75 -18.75 -14.64
N2 NAG P . -50.09 -18.29 -12.98
O3 NAG P . -49.11 -20.98 -13.24
O4 NAG P . -46.35 -21.22 -13.91
O5 NAG P . -47.13 -17.87 -15.16
O6 NAG P . -44.44 -18.03 -15.91
O7 NAG P . -52.23 -17.99 -12.43
C1 NAG P . -46.57 -22.42 -14.66
C2 NAG P . -45.25 -23.18 -14.79
C3 NAG P . -45.46 -24.45 -15.60
C4 NAG P . -46.55 -25.28 -14.93
C5 NAG P . -47.82 -24.45 -14.81
C6 NAG P . -48.92 -25.25 -14.11
C7 NAG P . -43.13 -21.96 -14.83
C8 NAG P . -42.90 -22.51 -13.45
N2 NAG P . -44.26 -22.31 -15.41
O3 NAG P . -44.26 -25.22 -15.64
O4 NAG P . -46.81 -26.45 -15.71
O5 NAG P . -47.56 -23.26 -14.05
O6 NAG P . -49.20 -26.43 -14.87
O7 NAG P . -42.31 -21.23 -15.38
C1 NAG Q . -57.66 -4.64 -2.19
C2 NAG Q . -57.35 -6.08 -2.54
C3 NAG Q . -58.04 -6.43 -3.86
C4 NAG Q . -59.54 -6.18 -3.72
C5 NAG Q . -59.75 -4.73 -3.30
C6 NAG Q . -61.24 -4.43 -3.14
C7 NAG Q . -55.34 -7.24 -1.88
C8 NAG Q . -53.86 -7.41 -2.08
N2 NAG Q . -55.93 -6.34 -2.66
O3 NAG Q . -57.75 -7.80 -4.16
O4 NAG Q . -60.18 -6.37 -4.99
O5 NAG Q . -59.08 -4.44 -2.08
O6 NAG Q . -61.79 -5.29 -2.13
O7 NAG Q . -55.95 -7.88 -1.04
C1 NAG Q . -60.82 -7.66 -5.09
C2 NAG Q . -61.76 -7.64 -6.29
C3 NAG Q . -62.41 -9.01 -6.47
C4 NAG Q . -61.31 -10.05 -6.61
C5 NAG Q . -60.39 -10.00 -5.40
C6 NAG Q . -59.25 -11.00 -5.54
C7 NAG Q . -62.91 -5.63 -6.99
C8 NAG Q . -61.94 -5.62 -8.12
N2 NAG Q . -62.78 -6.64 -6.12
O3 NAG Q . -63.22 -9.00 -7.64
O4 NAG Q . -61.90 -11.35 -6.71
O5 NAG Q . -59.85 -8.68 -5.27
O6 NAG Q . -58.40 -10.92 -4.39
O7 NAG Q . -63.78 -4.78 -6.86
C1 NAG R . -54.50 11.82 -8.89
C2 NAG R . -53.67 12.86 -9.64
C3 NAG R . -54.39 14.19 -9.64
C4 NAG R . -55.76 14.00 -10.28
C5 NAG R . -56.53 12.93 -9.51
C6 NAG R . -57.90 12.67 -10.13
C7 NAG R . -51.24 12.77 -9.69
C8 NAG R . -49.96 12.96 -8.93
N2 NAG R . -52.36 13.00 -9.02
O3 NAG R . -53.63 15.15 -10.37
O4 NAG R . -56.50 15.24 -10.24
O5 NAG R . -55.78 11.71 -9.51
O6 NAG R . -58.58 11.66 -9.39
O7 NAG R . -51.25 12.41 -10.86
C1 NAG R . -57.27 15.68 -11.08
C2 NAG R . -58.48 16.17 -10.28
C3 NAG R . -59.49 16.79 -11.23
C4 NAG R . -58.84 17.91 -12.01
C5 NAG R . -57.62 17.38 -12.75
C6 NAG R . -56.91 18.48 -13.51
C7 NAG R . -60.35 14.72 -9.77
C8 NAG R . -61.09 15.52 -10.79
N2 NAG R . -59.08 15.07 -9.56
O3 NAG R . -60.61 17.30 -10.48
O4 NAG R . -59.76 18.46 -12.94
O5 NAG R . -56.72 16.78 -11.82
O6 NAG R . -56.48 19.49 -12.58
O7 NAG R . -60.87 13.80 -9.15
C1 NAG S . -15.76 26.26 -43.30
C2 NAG S . -16.46 27.61 -43.18
C3 NAG S . -17.95 27.36 -42.99
C4 NAG S . -18.49 26.52 -44.15
C5 NAG S . -17.69 25.21 -44.23
C6 NAG S . -18.11 24.36 -45.42
C7 NAG S . -15.37 29.53 -42.15
C8 NAG S . -14.90 30.14 -40.86
N2 NAG S . -15.96 28.34 -42.03
O3 NAG S . -18.65 28.61 -42.95
O4 NAG S . -19.86 26.23 -43.87
O5 NAG S . -16.30 25.50 -44.37
O6 NAG S . -17.89 25.07 -46.63
O7 NAG S . -15.23 30.07 -43.23
C1 NAG S . -20.70 26.49 -45.00
C2 NAG S . -21.84 25.48 -45.03
C3 NAG S . -22.70 25.72 -46.26
C4 NAG S . -23.21 27.15 -46.23
C5 NAG S . -22.02 28.11 -46.15
C6 NAG S . -22.50 29.55 -46.10
C7 NAG S . -21.63 23.26 -44.07
C8 NAG S . -22.52 23.78 -42.98
N2 NAG S . -21.33 24.12 -45.04
O3 NAG S . -23.80 24.81 -46.26
O4 NAG S . -23.98 27.41 -47.41
O5 NAG S . -21.24 27.82 -45.00
O6 NAG S . -23.32 29.75 -44.94
O7 NAG S . -21.19 22.11 -44.06
C1 NAG T . 2.14 9.04 -34.65
C2 NAG T . 3.48 8.33 -34.52
C3 NAG T . 4.58 9.37 -34.30
C4 NAG T . 4.56 10.37 -35.43
C5 NAG T . 3.18 11.02 -35.52
C6 NAG T . 3.08 12.01 -36.67
C7 NAG T . 3.63 6.08 -33.59
C8 NAG T . 3.52 5.25 -32.34
N2 NAG T . 3.42 7.39 -33.43
O3 NAG T . 5.86 8.72 -34.25
O4 NAG T . 5.56 11.38 -35.18
O5 NAG T . 2.19 10.00 -35.71
O6 NAG T . 1.76 12.57 -36.70
O7 NAG T . 3.87 5.58 -34.68
C1 NAG T . 6.41 11.50 -36.33
C2 NAG T . 6.89 12.94 -36.47
C3 NAG T . 7.74 13.08 -37.72
C4 NAG T . 8.90 12.08 -37.63
C5 NAG T . 8.35 10.67 -37.46
C6 NAG T . 9.48 9.66 -37.34
C7 NAG T . 5.58 14.82 -35.65
C8 NAG T . 4.38 15.68 -35.86
N2 NAG T . 5.77 13.85 -36.55
O3 NAG T . 8.26 14.40 -37.82
O4 NAG T . 9.67 12.15 -38.83
O5 NAG T . 7.54 10.62 -36.28
O6 NAG T . 10.31 9.99 -36.21
O7 NAG T . 6.35 15.00 -34.72
C1 NAG U . 27.54 28.92 -2.79
C2 NAG U . 28.47 27.93 -3.51
C3 NAG U . 29.14 27.00 -2.51
C4 NAG U . 29.88 27.85 -1.49
C5 NAG U . 28.93 28.83 -0.82
C6 NAG U . 29.63 29.72 0.18
C7 NAG U . 28.06 27.19 -5.79
C8 NAG U . 27.21 26.34 -6.70
N2 NAG U . 27.74 27.16 -4.51
O3 NAG U . 30.05 26.12 -3.17
O4 NAG U . 30.49 27.01 -0.49
O5 NAG U . 28.31 29.65 -1.83
O6 NAG U . 28.69 30.62 0.77
O7 NAG U . 28.98 27.86 -6.23
C1 NAG U . 31.90 27.28 -0.49
C2 NAG U . 32.62 26.26 0.39
C3 NAG U . 34.11 26.57 0.43
C4 NAG U . 34.64 26.57 -1.01
C5 NAG U . 33.84 27.58 -1.83
C6 NAG U . 34.32 27.63 -3.27
C7 NAG U . 31.54 25.20 2.28
C8 NAG U . 31.03 25.36 3.68
N2 NAG U . 32.09 26.28 1.74
O3 NAG U . 34.77 25.60 1.23
O4 NAG U . 36.04 26.94 -1.06
O5 NAG U . 32.45 27.26 -1.80
O6 NAG U . 34.17 26.34 -3.87
O7 NAG U . 31.45 24.14 1.68
C1 BMA U . 36.90 25.79 -1.17
C2 BMA U . 36.28 24.67 -1.99
C3 BMA U . 37.17 23.44 -1.86
C4 BMA U . 38.55 23.81 -2.39
C5 BMA U . 39.07 24.98 -1.56
C6 BMA U . 40.47 25.39 -2.03
O2 BMA U . 36.21 25.03 -3.37
O3 BMA U . 36.63 22.37 -2.63
O4 BMA U . 39.43 22.69 -2.29
O5 BMA U . 38.19 26.09 -1.69
O6 BMA U . 40.93 26.48 -1.23
C1 NAG V . 0.25 36.34 -12.33
C2 NAG V . -0.60 35.87 -13.53
C3 NAG V . -1.29 37.06 -14.19
C4 NAG V . -2.13 37.78 -13.14
C5 NAG V . -1.23 38.19 -11.97
C6 NAG V . -1.99 38.89 -10.84
C7 NAG V . -0.03 33.88 -14.80
C8 NAG V . 0.92 33.27 -15.80
N2 NAG V . 0.22 35.14 -14.48
O3 NAG V . -2.14 36.60 -15.25
O4 NAG V . -2.81 38.89 -13.72
O5 NAG V . -0.59 37.04 -11.42
O6 NAG V . -3.00 38.03 -10.33
O7 NAG V . -0.96 33.25 -14.31
C1 NAG V . -4.23 38.79 -13.44
C2 NAG V . -5.04 39.91 -14.07
C3 NAG V . -6.47 39.81 -13.58
C4 NAG V . -7.02 38.43 -13.91
C5 NAG V . -6.13 37.36 -13.30
C6 NAG V . -6.64 35.97 -13.64
C7 NAG V . -4.04 42.06 -14.63
C8 NAG V . -4.16 41.60 -16.05
N2 NAG V . -4.48 41.21 -13.71
O3 NAG V . -7.27 40.81 -14.22
O4 NAG V . -8.32 38.31 -13.34
O5 NAG V . -4.79 37.51 -13.76
O6 NAG V . -6.64 35.80 -15.07
O7 NAG V . -3.57 43.14 -14.34
C1 BMA V . -9.30 38.08 -14.37
C2 BMA V . -10.12 36.85 -13.99
C3 BMA V . -11.17 36.59 -15.07
C4 BMA V . -12.07 37.82 -15.19
C5 BMA V . -11.17 39.01 -15.51
C6 BMA V . -12.00 40.28 -15.65
O2 BMA V . -10.68 37.10 -12.70
O3 BMA V . -11.86 35.33 -14.91
O4 BMA V . -13.00 37.69 -16.27
O5 BMA V . -10.20 39.18 -14.48
O6 BMA V . -12.79 40.22 -16.83
C1 MAN V . -13.03 35.37 -14.05
C2 MAN V . -13.09 34.11 -13.20
C3 MAN V . -13.27 32.91 -14.11
C4 MAN V . -14.56 33.10 -14.90
C5 MAN V . -14.44 34.41 -15.69
C6 MAN V . -15.70 34.65 -16.51
O2 MAN V . -14.19 34.19 -12.29
O3 MAN V . -13.35 31.70 -13.34
O4 MAN V . -14.75 32.01 -15.80
O5 MAN V . -14.25 35.48 -14.78
O6 MAN V . -15.89 33.58 -17.43
C1 NAG W . 0.37 46.58 -20.32
C2 NAG W . 1.35 47.71 -20.62
C3 NAG W . 1.34 48.71 -19.48
C4 NAG W . -0.08 49.21 -19.27
C5 NAG W . -1.00 48.02 -19.02
C6 NAG W . -2.44 48.48 -18.85
C7 NAG W . 3.37 47.34 -21.94
C8 NAG W . 4.74 46.74 -21.97
N2 NAG W . 2.70 47.18 -20.80
O3 NAG W . 2.20 49.81 -19.78
O4 NAG W . -0.10 50.08 -18.13
O5 NAG W . -0.93 47.11 -20.11
O6 NAG W . -3.28 47.34 -18.61
O7 NAG W . 2.90 47.94 -22.89
C1 NAG W . -0.65 51.36 -18.51
C2 NAG W . -0.88 52.19 -17.26
C3 NAG W . -1.47 53.54 -17.65
C4 NAG W . -0.53 54.22 -18.63
C5 NAG W . -0.31 53.32 -19.84
C6 NAG W . 0.65 53.96 -20.82
C7 NAG W . -1.39 51.19 -15.11
C8 NAG W . 0.02 51.59 -14.75
N2 NAG W . -1.76 51.51 -16.34
O3 NAG W . -1.63 54.36 -16.48
O4 NAG W . -1.11 55.46 -19.06
O5 NAG W . 0.21 52.06 -19.41
O6 NAG W . 0.84 53.10 -21.95
O7 NAG W . -2.13 50.62 -14.32
C1 NAG X . 1.62 45.45 -28.56
C2 NAG X . 0.16 45.82 -28.29
C3 NAG X . -0.56 46.07 -29.61
C4 NAG X . 0.17 47.16 -30.37
C5 NAG X . 1.63 46.75 -30.57
C6 NAG X . 2.40 47.83 -31.31
C7 NAG X . -1.04 44.99 -26.35
C8 NAG X . -1.69 43.80 -25.71
N2 NAG X . -0.50 44.77 -27.54
O3 NAG X . -1.90 46.47 -29.34
O4 NAG X . -0.45 47.37 -31.64
O5 NAG X . 2.24 46.50 -29.30
O6 NAG X . 2.37 49.04 -30.55
O7 NAG X . -1.00 46.08 -25.81
C1 NAG X . -1.15 48.63 -31.61
C2 NAG X . -1.29 49.18 -33.02
C3 NAG X . -2.01 50.52 -32.98
C4 NAG X . -3.36 50.32 -32.31
C5 NAG X . -3.15 49.73 -30.92
C6 NAG X . -4.49 49.49 -30.22
C7 NAG X . 0.37 48.73 -34.74
C8 NAG X . -0.66 47.83 -35.34
N2 NAG X . 0.02 49.36 -33.63
O3 NAG X . -2.20 51.01 -34.31
O4 NAG X . -4.02 51.58 -32.19
O5 NAG X . -2.45 48.49 -31.02
O6 NAG X . -5.19 50.73 -30.10
O7 NAG X . 1.47 48.88 -35.25
C1 NAG Y . 35.74 44.05 -12.85
C2 NAG Y . 36.75 44.64 -11.86
C3 NAG Y . 36.09 45.66 -10.94
C4 NAG Y . 35.47 46.76 -11.81
C5 NAG Y . 34.51 46.10 -12.79
C6 NAG Y . 33.81 47.13 -13.67
C7 NAG Y . 37.22 43.61 -9.73
C8 NAG Y . 37.89 42.47 -9.00
N2 NAG Y . 37.35 43.60 -11.05
O3 NAG Y . 37.09 46.15 -10.05
O4 NAG Y . 34.72 47.74 -11.08
O5 NAG Y . 35.18 45.13 -13.59
O6 NAG Y . 33.07 48.03 -12.85
O7 NAG Y . 36.61 44.49 -9.15
C1 NAG Y . 35.47 48.87 -10.57
C2 NAG Y . 35.54 50.06 -11.53
C3 NAG Y . 36.26 51.21 -10.85
C4 NAG Y . 35.56 51.58 -9.56
C5 NAG Y . 35.49 50.35 -8.66
C6 NAG Y . 34.72 50.67 -7.38
C7 NAG Y . 35.76 49.82 -13.95
C8 NAG Y . 36.69 49.48 -15.07
N2 NAG Y . 36.30 49.75 -12.73
O3 NAG Y . 36.27 52.34 -11.73
O4 NAG Y . 36.27 52.62 -8.90
O5 NAG Y . 34.83 49.29 -9.35
O6 NAG Y . 34.68 49.51 -6.55
O7 NAG Y . 34.59 50.13 -14.13
C1 NAG Z . 12.09 31.84 -33.10
C2 NAG Z . 12.44 30.42 -33.57
C3 NAG Z . 13.75 30.43 -34.34
C4 NAG Z . 13.62 31.40 -35.51
C5 NAG Z . 13.25 32.78 -34.99
C6 NAG Z . 13.07 33.78 -36.13
C7 NAG Z . 11.73 28.45 -32.36
C8 NAG Z . 11.93 27.60 -31.14
N2 NAG Z . 12.52 29.52 -32.45
O3 NAG Z . 14.03 29.11 -34.83
O4 NAG Z . 14.84 31.46 -36.25
O5 NAG Z . 12.02 32.70 -34.24
O6 NAG Z . 12.71 35.06 -35.60
O7 NAG Z . 10.90 28.18 -33.20
C1 NAG Z . 14.65 30.80 -37.51
C2 NAG Z . 15.90 30.93 -38.37
C3 NAG Z . 15.66 30.25 -39.71
C4 NAG Z . 15.29 28.80 -39.48
C5 NAG Z . 14.06 28.73 -38.57
C6 NAG Z . 13.66 27.29 -38.29
C7 NAG Z . 17.38 32.85 -38.20
C8 NAG Z . 17.57 34.31 -38.48
N2 NAG Z . 16.22 32.33 -38.58
O3 NAG Z . 16.85 30.32 -40.51
O4 NAG Z . 15.01 28.16 -40.72
O5 NAG Z . 14.33 29.41 -37.34
O6 NAG Z . 13.36 26.63 -39.51
O7 NAG Z . 18.24 32.17 -37.65
C1 NAG AA . 18.93 39.02 -33.98
C2 NAG AA . 17.86 38.88 -35.07
C3 NAG AA . 18.48 39.17 -36.43
C4 NAG AA . 19.11 40.55 -36.41
C5 NAG AA . 20.13 40.63 -35.28
C6 NAG AA . 20.76 42.02 -35.16
C7 NAG AA . 16.03 37.28 -34.79
C8 NAG AA . 15.15 38.49 -34.59
N2 NAG AA . 17.32 37.53 -35.02
O3 NAG AA . 17.47 39.14 -37.44
O4 NAG AA . 19.74 40.79 -37.67
O5 NAG AA . 19.50 40.32 -34.04
O6 NAG AA . 19.74 42.98 -34.91
O7 NAG AA . 15.58 36.14 -34.75
C1 NAG AA . 19.28 42.04 -38.22
C2 NAG AA . 20.39 42.68 -39.04
C3 NAG AA . 19.94 44.04 -39.54
C4 NAG AA . 18.66 43.85 -40.34
C5 NAG AA . 17.60 43.17 -39.49
C6 NAG AA . 16.32 42.95 -40.27
C7 NAG AA . 22.74 42.20 -38.53
C8 NAG AA . 22.73 41.40 -39.80
N2 NAG AA . 21.58 42.79 -38.21
O3 NAG AA . 20.95 44.61 -40.39
O4 NAG AA . 18.19 45.13 -40.79
O5 NAG AA . 18.10 41.92 -39.01
O6 NAG AA . 15.82 44.21 -40.72
O7 NAG AA . 23.73 42.31 -37.83
C1 NAG BA . 29.15 51.52 -17.75
C2 NAG BA . 28.71 52.19 -16.45
C3 NAG BA . 28.36 53.64 -16.76
C4 NAG BA . 29.57 54.33 -17.40
C5 NAG BA . 29.98 53.55 -18.65
C6 NAG BA . 31.20 54.19 -19.31
C7 NAG BA . 27.57 50.97 -14.68
C8 NAG BA . 26.30 50.32 -14.24
N2 NAG BA . 27.55 51.53 -15.89
O3 NAG BA . 28.01 54.32 -15.55
O4 NAG BA . 29.19 55.65 -17.79
O5 NAG BA . 30.27 52.20 -18.32
O6 NAG BA . 32.30 54.18 -18.40
O7 NAG BA . 28.58 51.00 -13.98
C1 NAG BA . 29.84 56.61 -16.94
C2 NAG BA . 29.28 57.99 -17.27
C3 NAG BA . 29.95 59.05 -16.40
C4 NAG BA . 29.76 58.67 -14.95
C5 NAG BA . 30.31 57.27 -14.70
C6 NAG BA . 30.10 56.85 -13.24
C7 NAG BA . 28.43 58.55 -19.47
C8 NAG BA . 27.07 58.48 -18.83
N2 NAG BA . 29.46 58.31 -18.67
O3 NAG BA . 29.37 60.32 -16.66
O4 NAG BA . 30.45 59.61 -14.11
O5 NAG BA . 29.67 56.33 -15.56
O6 NAG BA . 28.70 56.86 -12.96
O7 NAG BA . 28.57 58.81 -20.65
C1 NAG CA . -7.30 -30.31 -40.22
C2 NAG CA . -8.71 -29.80 -39.91
C3 NAG CA . -9.57 -30.92 -39.29
C4 NAG CA . -9.48 -32.20 -40.11
C5 NAG CA . -8.01 -32.54 -40.35
C6 NAG CA . -7.86 -33.83 -41.14
C7 NAG CA . -9.27 -28.66 -37.80
C8 NAG CA . -9.98 -29.92 -37.41
N2 NAG CA . -8.68 -28.67 -39.01
O3 NAG CA . -10.92 -30.46 -39.18
O4 NAG CA . -9.99 -33.33 -39.40
O5 NAG CA . -7.37 -31.47 -41.03
O6 NAG CA . -6.46 -34.05 -41.30
O7 NAG CA . -9.23 -27.69 -37.05
C1 NAG CA . -11.10 -33.98 -40.06
C2 NAG CA . -11.12 -35.43 -39.59
C3 NAG CA . -12.30 -36.20 -40.21
C4 NAG CA . -13.61 -35.42 -40.29
C5 NAG CA . -13.43 -33.92 -40.57
C6 NAG CA . -14.75 -33.20 -40.66
C7 NAG CA . -9.06 -36.65 -39.04
C8 NAG CA . -9.48 -36.53 -37.59
N2 NAG CA . -9.88 -36.11 -39.94
O3 NAG CA . -12.36 -37.50 -39.60
O4 NAG CA . -14.56 -36.06 -41.14
O5 NAG CA . -12.35 -33.37 -39.78
O6 NAG CA . -15.43 -33.37 -39.42
O7 NAG CA . -8.02 -37.22 -39.35
C1 NAG DA . -1.74 -18.49 -43.86
C2 NAG DA . -0.35 -18.81 -44.40
C3 NAG DA . 0.22 -17.59 -45.08
C4 NAG DA . -0.73 -17.14 -46.18
C5 NAG DA . -2.10 -16.88 -45.59
C6 NAG DA . -3.11 -16.45 -46.66
C7 NAG DA . 1.11 -20.42 -43.30
C8 NAG DA . 1.99 -20.69 -42.11
N2 NAG DA . 0.53 -19.22 -43.32
O3 NAG DA . 1.50 -17.89 -45.64
O4 NAG DA . -0.22 -15.94 -46.79
O5 NAG DA . -2.58 -18.05 -44.93
O6 NAG DA . -4.38 -16.22 -46.05
O7 NAG DA . 0.94 -21.24 -44.18
C1 NAG DA . -0.10 -16.14 -48.21
C2 NAG DA . 0.72 -15.01 -48.81
C3 NAG DA . 0.81 -15.19 -50.32
C4 NAG DA . 1.41 -16.56 -50.61
C5 NAG DA . 0.56 -17.64 -49.95
C6 NAG DA . 1.15 -19.02 -50.21
C7 NAG DA . 0.80 -12.79 -47.80
C8 NAG DA . 2.19 -13.17 -47.39
N2 NAG DA . 0.13 -13.72 -48.49
O3 NAG DA . 1.64 -14.17 -50.88
O4 NAG DA . 1.42 -16.77 -52.03
O5 NAG DA . 0.49 -17.40 -48.54
O6 NAG DA . 0.34 -20.01 -49.57
O7 NAG DA . 0.32 -11.71 -47.54
C1 NAG EA . -14.27 -8.71 -43.75
C2 NAG EA . -14.95 -10.07 -43.87
C3 NAG EA . -15.09 -10.45 -45.33
C4 NAG EA . -15.85 -9.36 -46.07
C5 NAG EA . -15.15 -8.03 -45.88
C6 NAG EA . -15.90 -6.90 -46.55
C7 NAG EA . -14.74 -11.77 -42.16
C8 NAG EA . -13.84 -12.79 -41.51
N2 NAG EA . -14.20 -11.09 -43.17
O3 NAG EA . -15.78 -11.70 -45.44
O4 NAG EA . -15.93 -9.67 -47.46
O5 NAG EA . -15.02 -7.74 -44.48
O6 NAG EA . -15.20 -5.67 -46.36
O7 NAG EA . -15.88 -11.58 -41.78
C1 NAG EA . -17.27 -10.09 -47.79
C2 NAG EA . -17.67 -9.51 -49.14
C3 NAG EA . -19.09 -9.94 -49.47
C4 NAG EA . -19.17 -11.45 -49.43
C5 NAG EA . -18.71 -11.96 -48.06
C6 NAG EA . -18.75 -13.48 -48.02
C7 NAG EA . -18.59 -7.26 -49.32
C8 NAG EA . -18.31 -5.79 -49.23
N2 NAG EA . -17.56 -8.06 -49.10
O3 NAG EA . -19.45 -9.50 -50.79
O4 NAG EA . -20.52 -11.87 -49.67
O5 NAG EA . -17.39 -11.50 -47.80
O6 NAG EA . -20.09 -13.93 -48.25
O7 NAG EA . -19.70 -7.69 -49.56
C1 NAG FA . 1.39 -37.13 12.96
C2 NAG FA . -0.13 -37.28 12.86
C3 NAG FA . -0.74 -37.20 14.26
C4 NAG FA . -0.11 -38.29 15.13
C5 NAG FA . 1.40 -38.10 15.15
C6 NAG FA . 2.11 -39.19 15.95
C7 NAG FA . -1.38 -36.57 10.91
C8 NAG FA . -1.92 -35.42 10.12
N2 NAG FA . -0.70 -36.26 12.01
O3 NAG FA . -2.15 -37.41 14.18
O4 NAG FA . -0.62 -38.21 16.47
O5 NAG FA . 1.91 -38.15 13.81
O6 NAG FA . 3.51 -38.97 15.92
O7 NAG FA . -1.57 -37.73 10.58
C1 NAG FA . -1.52 -39.31 16.70
C2 NAG FA . -1.27 -39.93 18.07
C3 NAG FA . -2.20 -41.11 18.27
C4 NAG FA . -3.64 -40.65 18.13
C5 NAG FA . -3.80 -40.00 16.76
C6 NAG FA . -5.23 -39.49 16.53
C7 NAG FA . 0.91 -39.90 19.16
C8 NAG FA . 0.30 -38.87 20.07
N2 NAG FA . 0.10 -40.38 18.22
O3 NAG FA . -1.93 -41.68 19.57
O4 NAG FA . -4.56 -41.75 18.20
O5 NAG FA . -2.89 -38.92 16.60
O6 NAG FA . -5.55 -38.52 17.54
O7 NAG FA . 2.06 -40.27 19.27
C1 BMA FA . -5.15 -41.85 19.51
C2 BMA FA . -5.37 -40.50 20.18
C3 BMA FA . -5.77 -40.73 21.63
C4 BMA FA . -7.05 -41.57 21.61
C5 BMA FA . -6.76 -42.88 20.90
C6 BMA FA . -7.99 -43.78 20.88
O2 BMA FA . -6.43 -39.81 19.50
O3 BMA FA . -6.02 -39.48 22.27
O4 BMA FA . -7.46 -41.84 22.96
O5 BMA FA . -6.35 -42.60 19.56
O6 BMA FA . -7.67 -45.00 20.20
C1 NAG GA . 12.85 -22.80 -10.78
C2 NAG GA . 12.12 -22.33 -12.06
C3 NAG GA . 12.98 -22.67 -13.28
C4 NAG GA . 14.35 -22.03 -13.11
C5 NAG GA . 14.99 -22.52 -11.81
C6 NAG GA . 16.36 -21.88 -11.58
C7 NAG GA . 9.71 -22.20 -12.18
C8 NAG GA . 8.42 -22.97 -12.29
N2 NAG GA . 10.82 -22.94 -12.15
O3 NAG GA . 12.36 -22.16 -14.46
O4 NAG GA . 15.18 -22.36 -14.24
O5 NAG GA . 14.14 -22.20 -10.70
O6 NAG GA . 16.90 -22.37 -10.35
O7 NAG GA . 9.74 -20.99 -12.14
C1 NAG GA . 15.67 -21.13 -14.83
C2 NAG GA . 16.27 -21.39 -16.20
C3 NAG GA . 16.85 -20.10 -16.75
C4 NAG GA . 15.76 -19.04 -16.78
C5 NAG GA . 15.18 -18.87 -15.39
C6 NAG GA . 14.05 -17.84 -15.38
C7 NAG GA . 18.56 -22.13 -16.47
C8 NAG GA . 19.53 -23.26 -16.34
N2 NAG GA . 17.30 -22.40 -16.12
O3 NAG GA . 17.34 -20.32 -18.08
O4 NAG GA . 16.33 -17.81 -17.23
O5 NAG GA . 14.68 -20.11 -14.90
O6 NAG GA . 13.01 -18.26 -16.25
O7 NAG GA . 18.89 -21.04 -16.90
C1 BMA GA . 15.66 -16.80 -18.07
C2 BMA GA . 15.74 -15.33 -17.68
C3 BMA GA . 15.01 -14.51 -18.72
C4 BMA GA . 15.67 -14.75 -20.07
C5 BMA GA . 15.59 -16.25 -20.37
C6 BMA GA . 16.21 -16.56 -21.72
O2 BMA GA . 17.12 -14.93 -17.63
O3 BMA GA . 15.10 -13.12 -18.39
O4 BMA GA . 14.99 -14.02 -21.09
O5 BMA GA . 16.27 -16.97 -19.35
O6 BMA GA . 17.59 -16.17 -21.71
C1 NAG HA . 7.80 -55.63 5.30
C2 NAG HA . 8.36 -54.58 6.27
C3 NAG HA . 9.88 -54.45 6.11
C4 NAG HA . 10.55 -55.83 6.14
C5 NAG HA . 9.85 -56.75 5.15
C6 NAG HA . 10.49 -58.11 5.11
C7 NAG HA . 7.05 -52.62 6.99
C8 NAG HA . 6.47 -51.30 6.59
N2 NAG HA . 7.74 -53.29 6.04
O3 NAG HA . 10.39 -53.60 7.14
O4 NAG HA . 11.91 -55.76 5.67
O5 NAG HA . 8.47 -56.86 5.49
O6 NAG HA . 10.40 -58.67 6.41
O7 NAG HA . 6.90 -53.08 8.12
C1 NAG HA . 12.47 -57.04 5.35
C2 NAG HA . 13.49 -56.46 6.32
C3 NAG HA . 14.82 -57.22 6.25
C4 NAG HA . 14.70 -58.74 6.13
C5 NAG HA . 13.50 -59.19 5.28
C6 NAG HA . 13.44 -60.70 5.17
C7 NAG HA . 14.94 -54.57 5.72
C8 NAG HA . 15.02 -53.09 5.45
N2 NAG HA . 13.73 -55.06 6.04
O3 NAG HA . 15.68 -56.75 7.30
O4 NAG HA . 15.94 -59.35 5.76
O5 NAG HA . 12.32 -58.43 5.61
O6 NAG HA . 12.30 -61.02 4.38
O7 NAG HA . 15.93 -55.28 5.63
C1 NAG IA . -2.50 -39.32 -21.17
C2 NAG IA . -3.71 -38.87 -21.98
C3 NAG IA . -4.75 -39.98 -22.01
C4 NAG IA . -4.11 -41.24 -22.58
C5 NAG IA . -2.89 -41.61 -21.76
C6 NAG IA . -2.21 -42.84 -22.35
C7 NAG IA . -4.34 -36.51 -22.05
C8 NAG IA . -4.91 -35.36 -21.28
N2 NAG IA . -4.24 -37.66 -21.39
O3 NAG IA . -5.85 -39.61 -22.86
O4 NAG IA . -5.06 -42.31 -22.57
O5 NAG IA . -1.97 -40.53 -21.74
O6 NAG IA . -1.78 -42.55 -23.69
O7 NAG IA . -3.97 -36.40 -23.21
C1 NAG IA . -5.33 -42.86 -23.87
C2 NAG IA . -5.78 -44.30 -23.67
C3 NAG IA . -6.15 -44.97 -25.02
C4 NAG IA . -6.91 -44.08 -25.99
C5 NAG IA . -6.49 -42.60 -25.94
C6 NAG IA . -7.27 -41.76 -26.95
C7 NAG IA . -4.91 -45.70 -21.86
C8 NAG IA . -6.25 -45.55 -21.21
N2 NAG IA . -4.74 -45.09 -23.03
O3 NAG IA . -6.72 -46.25 -24.75
O4 NAG IA . -6.95 -44.63 -27.31
O5 NAG IA . -6.34 -42.14 -24.58
O6 NAG IA . -8.65 -41.87 -26.62
O7 NAG IA . -4.02 -46.36 -21.33
C1 NAG JA . 16.83 -27.06 -7.54
C2 NAG JA . 17.22 -27.97 -6.38
C3 NAG JA . 18.08 -27.22 -5.37
C4 NAG JA . 19.31 -26.67 -6.09
C5 NAG JA . 18.85 -25.79 -7.26
C6 NAG JA . 20.04 -25.25 -8.03
C7 NAG JA . 15.80 -28.30 -4.44
C8 NAG JA . 16.81 -27.45 -3.72
N2 NAG JA . 16.05 -28.52 -5.72
O3 NAG JA . 18.47 -28.12 -4.33
O4 NAG JA . 20.12 -25.90 -5.20
O5 NAG JA . 18.01 -26.55 -8.15
O6 NAG JA . 20.81 -26.33 -8.55
O7 NAG JA . 14.82 -28.76 -3.87
C1 NAG JA . 21.30 -26.68 -4.87
C2 NAG JA . 22.38 -25.76 -4.30
C3 NAG JA . 23.61 -26.59 -3.96
C4 NAG JA . 23.20 -27.70 -2.99
C5 NAG JA . 22.10 -28.55 -3.61
C6 NAG JA . 21.65 -29.65 -2.66
C7 NAG JA . 22.58 -23.44 -4.97
C8 NAG JA . 22.03 -23.13 -3.61
N2 NAG JA . 22.73 -24.73 -5.25
O3 NAG JA . 24.59 -25.76 -3.35
O4 NAG JA . 24.34 -28.53 -2.71
O5 NAG JA . 20.99 -27.72 -3.93
O6 NAG JA . 20.61 -30.41 -3.29
O7 NAG JA . 22.87 -22.57 -5.78
C1 NAG KA . -8.04 35.90 41.84
C2 NAG KA . -7.16 37.15 42.36
C3 NAG KA . -7.10 38.29 41.37
C4 NAG KA . -6.44 37.77 40.11
C5 NAG KA . -7.28 36.59 39.62
C6 NAG KA . -6.69 36.01 38.34
C7 NAG KA . -6.79 37.59 44.72
C8 NAG KA . -5.39 37.09 44.47
N2 NAG KA . -7.61 37.59 43.67
O3 NAG KA . -6.31 39.36 41.89
O4 NAG KA . -6.42 38.80 39.11
O5 NAG KA . -7.34 35.59 40.63
O6 NAG KA . -7.49 34.91 37.90
O7 NAG KA . -7.15 37.97 45.82
C1 NAG LA . -18.01 27.58 55.25
C2 NAG LA . -17.99 29.03 55.73
C3 NAG LA . -17.49 29.12 57.17
C4 NAG LA . -18.22 28.12 58.07
C5 NAG LA . -18.16 26.74 57.44
C6 NAG LA . -18.84 25.70 58.29
C7 NAG LA . -17.62 30.92 54.20
C8 NAG LA . -19.09 31.22 54.37
N2 NAG LA . -17.16 29.86 54.88
O3 NAG LA . -17.65 30.46 57.65
O4 NAG LA . -17.55 27.96 59.34
O5 NAG LA . -18.76 26.78 56.15
O6 NAG LA . -18.73 24.45 57.62
O7 NAG LA . -16.91 31.60 53.48
C1 NAG MA . -28.06 23.72 46.88
C2 NAG MA . -28.47 24.58 48.09
C3 NAG MA . -29.81 25.26 47.83
C4 NAG MA . -29.83 25.96 46.48
C5 NAG MA . -29.37 24.97 45.41
C6 NAG MA . -29.40 25.60 44.03
C7 NAG MA . -27.80 24.01 50.38
C8 NAG MA . -26.85 25.17 50.30
N2 NAG MA . -28.55 23.77 49.30
O3 NAG MA . -30.07 26.18 48.90
O4 NAG MA . -31.16 26.32 46.09
O5 NAG MA . -28.06 24.51 45.71
O6 NAG MA . -28.97 24.61 43.10
O7 NAG MA . -27.88 23.33 51.40
C1 NAG NA . -17.65 33.05 31.70
C2 NAG NA . -18.40 33.99 32.63
C3 NAG NA . -19.89 33.97 32.29
C4 NAG NA . -20.06 34.36 30.83
C5 NAG NA . -19.25 33.40 29.96
C6 NAG NA . -19.36 33.77 28.48
C7 NAG NA . -17.66 34.42 34.89
C8 NAG NA . -17.54 33.89 36.29
N2 NAG NA . -18.22 33.60 34.02
O3 NAG NA . -20.59 34.91 33.11
O4 NAG NA . -21.44 34.27 30.46
O5 NAG NA . -17.87 33.43 30.34
O6 NAG NA . -18.59 32.86 27.69
O7 NAG NA . -17.28 35.54 34.59
C1 NAG OA . -31.05 12.41 42.36
C2 NAG OA . -31.67 11.04 42.10
C3 NAG OA . -32.00 10.34 43.41
C4 NAG OA . -30.73 10.22 44.23
C5 NAG OA . -30.14 11.61 44.45
C6 NAG OA . -28.84 11.53 45.23
C7 NAG OA . -34.05 10.70 41.79
C8 NAG OA . -35.24 10.88 40.88
N2 NAG OA . -32.89 11.14 41.32
O3 NAG OA . -32.52 9.04 43.14
O4 NAG OA . -31.03 9.63 45.51
O5 NAG OA . -29.89 12.22 43.19
O6 NAG OA . -29.07 10.94 46.51
O7 NAG OA . -34.15 10.19 42.90
C1 NAG PA . -58.30 -13.56 -24.51
C2 NAG PA . -57.01 -14.24 -24.98
C3 NAG PA . -57.31 -15.35 -26.00
C4 NAG PA . -58.41 -16.27 -25.50
C5 NAG PA . -59.60 -15.43 -25.05
C6 NAG PA . -60.75 -16.30 -24.57
C7 NAG PA . -55.66 -13.36 -26.83
C8 NAG PA . -54.71 -12.28 -27.27
N2 NAG PA . -56.09 -13.28 -25.56
O3 NAG PA . -56.11 -16.07 -26.27
O4 NAG PA . -58.93 -17.11 -26.55
O5 NAG PA . -59.20 -14.53 -24.03
O6 NAG PA . -60.27 -17.06 -23.47
O7 NAG PA . -56.00 -14.25 -27.59
C1 NAG QA . -45.45 -7.75 -29.92
C2 NAG QA . -46.24 -8.88 -29.28
C3 NAG QA . -45.80 -10.22 -29.82
C4 NAG QA . -45.95 -10.19 -31.34
C5 NAG QA . -45.16 -9.04 -31.91
C6 NAG QA . -45.33 -8.98 -33.43
C7 NAG QA . -47.14 -8.66 -27.03
C8 NAG QA . -46.82 -8.63 -25.56
N2 NAG QA . -46.09 -8.82 -27.84
O3 NAG QA . -46.62 -11.26 -29.28
O4 NAG QA . -45.47 -11.43 -31.88
O5 NAG QA . -45.60 -7.81 -31.34
O6 NAG QA . -44.86 -10.19 -34.01
O7 NAG QA . -48.27 -8.54 -27.45
C1 NAG RA . -32.98 -4.48 -37.68
C2 NAG RA . -34.35 -3.79 -37.73
C3 NAG RA . -35.06 -4.22 -39.00
C4 NAG RA . -34.20 -3.88 -40.20
C5 NAG RA . -32.83 -4.55 -40.06
C6 NAG RA . -31.92 -4.19 -41.22
C7 NAG RA . -35.59 -3.23 -35.73
C8 NAG RA . -36.41 -3.74 -34.58
N2 NAG RA . -35.15 -4.15 -36.58
O3 NAG RA . -36.31 -3.52 -39.11
O4 NAG RA . -34.83 -4.33 -41.41
O5 NAG RA . -32.22 -4.15 -38.84
O6 NAG RA . -31.73 -2.77 -41.25
O7 NAG RA . -35.35 -2.04 -35.88
C1 NAG SA . -40.11 30.66 13.03
C2 NAG SA . -39.09 31.13 14.07
C3 NAG SA . -39.39 32.58 14.50
C4 NAG SA . -39.56 33.49 13.29
C5 NAG SA . -40.58 32.87 12.36
C6 NAG SA . -40.83 33.74 11.14
C7 NAG SA . -38.04 29.57 15.64
C8 NAG SA . -36.79 29.73 14.84
N2 NAG SA . -39.12 30.26 15.23
O3 NAG SA . -38.31 33.02 15.34
O4 NAG SA . -40.13 34.75 13.67
O5 NAG SA . -40.14 31.58 11.94
O6 NAG SA . -41.33 34.99 11.62
O7 NAG SA . -38.07 28.84 16.63
C1 NAG TA . -54.30 -5.26 4.38
C2 NAG TA . -54.86 -3.90 4.78
C3 NAG TA . -55.42 -3.94 6.20
C4 NAG TA . -56.34 -5.14 6.41
C5 NAG TA . -55.64 -6.40 5.93
C6 NAG TA . -56.50 -7.63 6.14
C7 NAG TA . -53.97 -1.80 3.88
C8 NAG TA . -55.23 -1.71 3.06
N2 NAG TA . -53.85 -2.87 4.67
O3 NAG TA . -56.10 -2.71 6.47
O4 NAG TA . -56.63 -5.37 7.79
O5 NAG TA . -55.28 -6.27 4.57
O6 NAG TA . -55.75 -8.75 5.67
O7 NAG TA . -53.11 -0.93 3.81
C1 NAG UA . -65.25 9.15 9.50
C2 NAG UA . -66.09 9.77 8.38
C3 NAG UA . -67.01 10.82 9.00
C4 NAG UA . -67.86 10.17 10.08
C5 NAG UA . -66.95 9.53 11.12
C6 NAG UA . -67.76 8.85 12.23
C7 NAG UA . -65.29 11.67 7.08
C8 NAG UA . -64.33 12.13 6.02
N2 NAG UA . -65.23 10.38 7.38
O3 NAG UA . -67.86 11.37 7.97
O4 NAG UA . -68.69 11.15 10.70
O5 NAG UA . -66.10 8.58 10.49
O6 NAG UA . -66.87 8.27 13.17
O7 NAG UA . -66.06 12.43 7.64
C1 NAG VA . -60.36 25.11 22.61
C2 NAG VA . -59.56 23.83 22.70
C3 NAG VA . -60.16 22.94 23.78
C4 NAG VA . -60.18 23.70 25.09
C5 NAG VA . -60.97 24.99 24.92
C6 NAG VA . -60.99 25.80 26.21
C7 NAG VA . -58.42 22.88 20.78
C8 NAG VA . -57.17 23.34 21.45
N2 NAG VA . -59.55 23.13 21.43
O3 NAG VA . -59.37 21.74 23.93
O4 NAG VA . -60.80 22.89 26.10
O5 NAG VA . -60.38 25.78 23.88
O6 NAG VA . -61.74 27.01 26.01
O7 NAG VA . -58.40 22.29 19.70
C1 NAG WA . -62.84 15.36 -2.34
C2 NAG WA . -63.85 14.40 -2.97
C3 NAG WA . -64.77 15.17 -3.91
C4 NAG WA . -65.44 16.28 -3.11
C5 NAG WA . -64.38 17.17 -2.47
C6 NAG WA . -65.03 18.28 -1.66
C7 NAG WA . -63.32 12.06 -3.39
C8 NAG WA . -62.56 11.08 -4.23
N2 NAG WA . -63.17 13.34 -3.70
O3 NAG WA . -65.76 14.28 -4.45
O4 NAG WA . -66.27 17.06 -3.99
O5 NAG WA . -63.53 16.39 -1.64
O6 NAG WA . -65.83 17.71 -0.62
O7 NAG WA . -64.04 11.71 -2.47
C1 NAG XA . -45.57 -3.02 10.78
C2 NAG XA . -46.02 -3.99 11.88
C3 NAG XA . -44.81 -4.54 12.61
C4 NAG XA . -43.89 -5.21 11.61
C5 NAG XA . -43.50 -4.20 10.53
C6 NAG XA . -42.59 -4.82 9.49
C7 NAG XA . -48.14 -3.79 13.03
C8 NAG XA . -48.55 -4.97 12.20
N2 NAG XA . -46.91 -3.35 12.84
O3 NAG XA . -45.23 -5.50 13.59
O4 NAG XA . -42.71 -5.68 12.27
O5 NAG XA . -44.68 -3.69 9.89
O6 NAG XA . -41.39 -5.30 10.12
O7 NAG XA . -48.91 -3.26 13.83
C1 NAG YA . 35.74 3.24 30.17
C2 NAG YA . 35.27 1.82 30.48
C3 NAG YA . 36.42 0.85 30.31
C4 NAG YA . 36.98 0.97 28.90
C5 NAG YA . 37.39 2.42 28.63
C6 NAG YA . 37.91 2.58 27.22
C7 NAG YA . 33.49 1.38 32.07
C8 NAG YA . 32.67 1.05 30.85
N2 NAG YA . 34.74 1.74 31.82
O3 NAG YA . 35.96 -0.49 30.53
O4 NAG YA . 38.11 0.11 28.74
O5 NAG YA . 36.27 3.29 28.84
O6 NAG YA . 38.28 3.96 27.01
O7 NAG YA . 33.04 1.31 33.19
C1 NAG ZA . 39.87 22.13 33.64
C2 NAG ZA . 40.46 22.86 32.43
C3 NAG ZA . 41.98 22.98 32.56
C4 NAG ZA . 42.38 23.54 33.93
C5 NAG ZA . 41.69 22.72 35.01
C6 NAG ZA . 42.06 23.21 36.40
C7 NAG ZA . 39.44 22.72 30.20
C8 NAG ZA . 39.00 24.14 30.41
N2 NAG ZA . 40.13 22.17 31.20
O3 NAG ZA . 42.47 23.82 31.50
O4 NAG ZA . 43.78 23.37 34.19
O5 NAG ZA . 40.28 22.79 34.84
O6 NAG ZA . 41.37 22.38 37.34
O7 NAG ZA . 39.18 22.12 29.17
C1 NAG AB . 34.41 29.01 25.17
C2 NAG AB . 34.19 30.52 25.04
C3 NAG AB . 34.98 31.04 23.84
C4 NAG AB . 36.44 30.67 24.02
C5 NAG AB . 36.58 29.17 24.19
C6 NAG AB . 38.04 28.77 24.36
C7 NAG AB . 32.14 31.62 25.75
C8 NAG AB . 32.95 32.12 26.89
N2 NAG AB . 32.78 30.84 24.87
O3 NAG AB . 34.84 32.45 23.73
O4 NAG AB . 37.18 31.11 22.87
O5 NAG AB . 35.81 28.73 25.30
O6 NAG AB . 38.78 29.18 23.22
O7 NAG AB . 30.95 31.89 25.62
C1 NAG BB . 33.47 9.30 16.59
C2 NAG BB . 34.89 9.77 16.84
C3 NAG BB . 35.43 10.53 15.63
C4 NAG BB . 35.34 9.63 14.42
C5 NAG BB . 33.91 9.16 14.23
C6 NAG BB . 33.78 8.23 13.03
C7 NAG BB . 35.71 10.28 19.07
C8 NAG BB . 35.67 11.25 20.22
N2 NAG BB . 34.97 10.61 18.03
O3 NAG BB . 36.80 10.90 15.86
O4 NAG BB . 35.78 10.34 13.26
O5 NAG BB . 33.45 8.49 15.41
O6 NAG BB . 34.22 8.91 11.85
O7 NAG BB . 36.39 9.26 19.10
C1 NAG CB . 24.22 34.32 21.19
C2 NAG CB . 22.85 34.64 21.78
C3 NAG CB . 22.92 35.89 22.67
C4 NAG CB . 24.07 35.80 23.67
C5 NAG CB . 25.35 35.45 22.92
C6 NAG CB . 26.54 35.37 23.85
C7 NAG CB . 21.19 35.99 20.58
C8 NAG CB . 21.50 37.08 21.55
N2 NAG CB . 21.86 34.85 20.73
O3 NAG CB . 21.65 36.05 23.33
O4 NAG CB . 24.34 37.07 24.28
O5 NAG CB . 25.18 34.21 22.23
O6 NAG CB . 27.67 35.04 23.06
O7 NAG CB . 20.36 36.15 19.68
C1 NAG DB . -3.99 26.31 -46.91
C2 NAG DB . -3.64 24.84 -46.65
C3 NAG DB . -2.15 24.59 -46.90
C4 NAG DB . -1.71 25.15 -48.25
C5 NAG DB . -2.16 26.60 -48.34
C6 NAG DB . -1.73 27.23 -49.65
C7 NAG DB . -4.83 23.48 -44.99
C8 NAG DB . -5.48 22.78 -46.16
N2 NAG DB . -3.97 24.45 -45.28
O3 NAG DB . -1.90 23.18 -46.82
O4 NAG DB . -0.29 25.21 -48.37
O5 NAG DB . -3.57 26.68 -48.21
O6 NAG DB . -0.31 27.17 -49.71
O7 NAG DB . -5.12 23.17 -43.84
C1 NAG EB . -14.30 40.65 -45.99
C2 NAG EB . -15.45 41.37 -45.28
C3 NAG EB . -16.50 41.75 -46.31
C4 NAG EB . -15.85 42.61 -47.39
C5 NAG EB . -14.68 41.85 -48.02
C6 NAG EB . -13.98 42.71 -49.05
C7 NAG EB . -16.06 40.90 -42.98
C8 NAG EB . -15.45 42.24 -42.68
N2 NAG EB . -16.04 40.53 -44.26
O3 NAG EB . -17.54 42.51 -45.67
O4 NAG EB . -16.80 42.94 -48.40
O5 NAG EB . -13.74 41.48 -47.01
O6 NAG EB . -12.89 41.97 -49.62
O7 NAG EB . -16.56 40.20 -42.11
C1 NAG FB . -19.52 11.06 -43.88
C2 NAG FB . -18.78 12.16 -44.63
C3 NAG FB . -19.17 12.08 -46.10
C4 NAG FB . -18.86 10.68 -46.62
C5 NAG FB . -19.60 9.64 -45.78
C6 NAG FB . -19.31 8.22 -46.26
C7 NAG FB . -18.14 14.25 -43.59
C8 NAG FB . -16.74 13.69 -43.62
N2 NAG FB . -19.09 13.47 -44.09
O3 NAG FB . -18.40 13.03 -46.85
O4 NAG FB . -19.28 10.57 -47.98
O5 NAG FB . -19.23 9.77 -44.41
O6 NAG FB . -19.73 8.08 -47.63
O7 NAG FB . -18.38 15.36 -43.15
C1 NAG GB . 31.13 19.58 -11.33
C2 NAG GB . 31.41 18.91 -9.98
C3 NAG GB . 32.84 18.38 -9.92
C4 NAG GB . 33.19 17.56 -11.16
C5 NAG GB . 32.83 18.37 -12.40
C6 NAG GB . 33.17 17.62 -13.67
C7 NAG GB . 30.28 19.61 -7.91
C8 NAG GB . 29.49 18.33 -8.02
N2 NAG GB . 31.17 19.83 -8.88
O3 NAG GB . 33.00 17.61 -8.72
O4 NAG GB . 34.59 17.33 -11.27
O5 NAG GB . 31.45 18.68 -12.38
O6 NAG GB . 34.57 17.37 -13.65
O7 NAG GB . 30.10 20.40 -7.00
C1 NAG HB . -16.95 39.74 -31.26
C2 NAG HB . -17.24 41.17 -31.72
C3 NAG HB . -18.38 41.73 -30.89
C4 NAG HB . -19.58 40.81 -30.99
C5 NAG HB . -19.20 39.41 -30.56
C6 NAG HB . -20.38 38.45 -30.70
C7 NAG HB . -15.52 42.61 -32.63
C8 NAG HB . -16.19 42.37 -33.95
N2 NAG HB . -16.06 42.00 -31.58
O3 NAG HB . -18.72 43.05 -31.35
O4 NAG HB . -20.64 41.31 -30.16
O5 NAG HB . -18.12 38.94 -31.36
O6 NAG HB . -21.46 38.90 -29.87
O7 NAG HB . -14.52 43.30 -32.52
C1 NAG IB . 19.94 50.13 -23.13
C2 NAG IB . 20.02 50.86 -24.47
C3 NAG IB . 21.40 51.47 -24.63
C4 NAG IB . 21.68 52.39 -23.44
C5 NAG IB . 21.54 51.60 -22.15
C6 NAG IB . 21.77 52.49 -20.94
C7 NAG IB . 18.75 50.13 -26.40
C8 NAG IB . 17.90 51.35 -26.14
N2 NAG IB . 19.76 49.94 -25.56
O3 NAG IB . 21.46 52.23 -25.83
O4 NAG IB . 23.01 52.91 -23.54
O5 NAG IB . 20.24 51.02 -22.06
O6 NAG IB . 21.63 51.74 -19.73
O7 NAG IB . 18.51 49.37 -27.32
C1 NAG JB . 2.90 40.67 -10.27
C2 NAG JB . 2.86 41.85 -9.31
C3 NAG JB . 1.74 41.66 -8.29
C4 NAG JB . 0.43 41.47 -9.03
C5 NAG JB . 0.56 40.30 -10.01
C6 NAG JB . -0.73 40.12 -10.79
C7 NAG JB . 4.82 43.14 -8.71
C8 NAG JB . 4.24 44.21 -9.58
N2 NAG JB . 4.12 42.02 -8.61
O3 NAG JB . 1.65 42.80 -7.44
O4 NAG JB . -0.62 41.21 -8.10
O5 NAG JB . 1.64 40.53 -10.91
O6 NAG JB . -1.00 41.33 -11.53
O7 NAG JB . 5.88 43.30 -8.12
C1 NAG KB . 38.97 23.88 -25.37
C2 NAG KB . 37.47 23.64 -25.37
C3 NAG KB . 37.16 22.18 -25.11
C4 NAG KB . 37.85 21.33 -26.16
C5 NAG KB . 39.35 21.63 -26.14
C6 NAG KB . 40.07 20.83 -27.21
C7 NAG KB . 36.16 23.72 -23.36
C8 NAG KB . 35.52 24.55 -22.29
N2 NAG KB . 36.83 24.39 -24.30
O3 NAG KB . 35.74 21.97 -25.17
O4 NAG KB . 37.64 19.94 -25.87
O5 NAG KB . 39.57 23.02 -26.34
O6 NAG KB . 41.48 21.13 -27.15
O7 NAG KB . 36.04 22.51 -23.39
C1 NAG LB . -11.01 -17.80 48.71
C2 NAG LB . -11.66 -16.85 49.72
C3 NAG LB . -12.96 -17.44 50.23
C4 NAG LB . -13.87 -17.72 49.05
C5 NAG LB . -13.17 -18.64 48.07
C6 NAG LB . -14.03 -18.89 46.84
C7 NAG LB . -10.34 -15.38 51.13
C8 NAG LB . -9.62 -14.27 51.84
N2 NAG LB . -10.77 -16.60 50.84
O3 NAG LB . -13.60 -16.51 51.12
O4 NAG LB . -15.09 -18.34 49.50
O5 NAG LB . -11.93 -18.04 47.65
O6 NAG LB . -14.31 -17.65 46.18
O7 NAG LB . -9.77 -16.01 52.01
C1 NAG MB . 5.26 -28.63 49.91
C2 NAG MB . 6.14 -29.75 49.38
C3 NAG MB . 5.63 -31.09 49.88
C4 NAG MB . 5.57 -31.07 51.40
C5 NAG MB . 4.70 -29.90 51.85
C6 NAG MB . 4.65 -29.82 53.37
C7 NAG MB . 7.35 -29.57 47.27
C8 NAG MB . 7.24 -29.57 45.78
N2 NAG MB . 6.20 -29.73 47.93
O3 NAG MB . 6.51 -32.14 49.46
O4 NAG MB . 5.02 -32.30 51.87
O5 NAG MB . 5.21 -28.68 51.33
O6 NAG MB . 4.11 -31.04 53.89
O7 NAG MB . 8.40 -29.43 47.86
C1 NAG NB . -9.81 -23.68 34.15
C2 NAG NB . -10.15 -25.02 34.83
C3 NAG NB . -10.29 -26.10 33.77
C4 NAG NB . -11.34 -25.65 32.76
C5 NAG NB . -10.96 -24.30 32.16
C6 NAG NB . -12.03 -23.83 31.18
C7 NAG NB . -9.38 -25.52 37.08
C8 NAG NB . -10.81 -25.33 37.49
N2 NAG NB . -9.12 -25.36 35.79
O3 NAG NB . -10.71 -27.32 34.38
O4 NAG NB . -11.45 -26.63 31.72
O5 NAG NB . -10.81 -23.33 33.20
O6 NAG NB . -13.28 -23.69 31.88
O7 NAG NB . -8.51 -25.81 37.89
C1 NAG OB . 16.36 -26.83 30.41
C2 NAG OB . 16.77 -25.43 30.85
C3 NAG OB . 18.22 -25.45 31.31
C4 NAG OB . 18.35 -26.47 32.44
C5 NAG OB . 17.88 -27.83 31.94
C6 NAG OB . 17.96 -28.88 33.05
C7 NAG OB . 15.80 -23.43 29.87
C8 NAG OB . 15.73 -22.53 28.67
N2 NAG OB . 16.61 -24.47 29.76
O3 NAG OB . 18.58 -24.15 31.80
O4 NAG OB . 19.72 -26.55 32.85
O5 NAG OB . 16.53 -27.74 31.48
O6 NAG OB . 17.53 -30.14 32.56
O7 NAG OB . 15.15 -23.21 30.89
C1 NAG PB . 9.58 -25.99 -44.40
C2 NAG PB . 9.50 -25.57 -45.87
C3 NAG PB . 10.11 -24.19 -46.03
C4 NAG PB . 9.41 -23.21 -45.10
C5 NAG PB . 9.48 -23.70 -43.67
C6 NAG PB . 8.72 -22.77 -42.73
C7 NAG PB . 9.66 -27.23 -47.69
C8 NAG PB . 8.19 -26.99 -47.89
N2 NAG PB . 10.22 -26.52 -46.71
O3 NAG PB . 9.97 -23.72 -47.37
O4 NAG PB . 10.02 -21.92 -45.19
O5 NAG PB . 8.93 -25.01 -43.58
O6 NAG PB . 7.35 -22.72 -43.12
O7 NAG PB . 10.29 -28.01 -48.38
C1 NAG QB . -19.47 -21.26 -23.90
C2 NAG QB . -20.68 -21.79 -23.13
C3 NAG QB . -20.36 -23.14 -22.49
C4 NAG QB . -19.74 -24.11 -23.49
C5 NAG QB . -18.58 -23.41 -24.18
C6 NAG QB . -17.89 -24.32 -25.18
C7 NAG QB . -22.31 -20.29 -22.06
C8 NAG QB . -22.57 -19.34 -20.92
N2 NAG QB . -21.09 -20.84 -22.10
O3 NAG QB . -21.57 -23.68 -21.92
O4 NAG QB . -19.16 -25.25 -22.86
O5 NAG QB . -19.04 -22.23 -24.83
O6 NAG QB . -17.42 -25.46 -24.48
O7 NAG QB . -23.17 -20.53 -22.90
C1 NAG RB . -10.76 -38.59 9.82
C2 NAG RB . -11.01 -37.86 11.15
C3 NAG RB . -11.88 -38.71 12.08
C4 NAG RB . -13.12 -39.23 11.37
C5 NAG RB . -12.70 -39.91 10.07
C6 NAG RB . -13.88 -40.48 9.32
C7 NAG RB . -9.38 -36.29 12.09
C8 NAG RB . -10.33 -35.20 11.69
N2 NAG RB . -9.76 -37.54 11.80
O3 NAG RB . -12.23 -37.93 13.23
O4 NAG RB . -13.77 -40.28 12.12
O5 NAG RB . -12.00 -38.97 9.25
O6 NAG RB . -14.77 -39.39 9.03
O7 NAG RB . -8.32 -36.04 12.65
C1 NAG SB . 19.06 -31.68 -18.74
C2 NAG SB . 19.55 -33.11 -18.90
C3 NAG SB . 20.85 -33.28 -18.14
C4 NAG SB . 21.87 -32.27 -18.65
C5 NAG SB . 21.29 -30.87 -18.50
C6 NAG SB . 22.27 -29.82 -19.03
C7 NAG SB . 17.99 -34.98 -19.13
C8 NAG SB . 17.00 -35.85 -18.44
N2 NAG SB . 18.56 -34.04 -18.38
O3 NAG SB . 21.36 -34.61 -18.35
O4 NAG SB . 23.08 -32.38 -17.89
O5 NAG SB . 20.06 -30.77 -19.20
O6 NAG SB . 21.69 -28.51 -18.86
O7 NAG SB . 18.26 -35.11 -20.31
C1 NAG TB . 14.78 -18.66 -34.39
C2 NAG TB . 14.92 -17.78 -35.62
C3 NAG TB . 16.23 -17.02 -35.55
C4 NAG TB . 16.27 -16.23 -34.26
C5 NAG TB . 16.09 -17.18 -33.07
C6 NAG TB . 16.11 -16.41 -31.75
C7 NAG TB . 15.87 -18.59 -37.70
C8 NAG TB . 17.06 -17.76 -37.34
N2 NAG TB . 14.87 -18.57 -36.83
O3 NAG TB . 16.34 -16.14 -36.67
O4 NAG TB . 17.54 -15.57 -34.14
O5 NAG TB . 14.85 -17.87 -33.20
O6 NAG TB . 15.93 -17.32 -30.67
O7 NAG TB . 15.84 -19.27 -38.71
C1 NAG UB . 14.67 -34.99 -24.97
C2 NAG UB . 15.77 -34.11 -25.54
C3 NAG UB . 15.70 -34.13 -27.06
C4 NAG UB . 15.81 -35.57 -27.54
C5 NAG UB . 14.70 -36.40 -26.91
C6 NAG UB . 14.80 -37.85 -27.33
C7 NAG UB . 16.64 -32.18 -24.36
C8 NAG UB . 16.39 -30.77 -23.91
N2 NAG UB . 15.67 -32.75 -25.05
O3 NAG UB . 16.78 -33.36 -27.60
O4 NAG UB . 15.69 -35.61 -28.96
O5 NAG UB . 14.79 -36.32 -25.48
O6 NAG UB . 16.07 -38.38 -26.93
O7 NAG UB . 17.68 -32.77 -24.09
C1 NAG VB . 14.04 -49.73 -9.99
C2 NAG VB . 15.17 -50.45 -10.72
C3 NAG VB . 15.22 -51.93 -10.33
C4 NAG VB . 15.20 -52.11 -8.82
C5 NAG VB . 14.03 -51.31 -8.24
C6 NAG VB . 13.93 -51.47 -6.74
C7 NAG VB . 15.92 -49.76 -12.95
C8 NAG VB . 17.16 -49.22 -12.28
N2 NAG VB . 15.02 -50.34 -12.16
O3 NAG VB . 16.40 -52.53 -10.90
O4 NAG VB . 14.93 -53.47 -8.44
O5 NAG VB . 14.18 -49.94 -8.59
O6 NAG VB . 15.15 -50.99 -6.18
O7 NAG VB . 15.78 -49.68 -14.16
C1 NAG WB . 1.43 -48.57 -18.77
C2 NAG WB . 2.05 -48.59 -20.16
C3 NAG WB . 1.36 -49.65 -21.01
C4 NAG WB . 1.48 -51.00 -20.31
C5 NAG WB . 0.89 -50.90 -18.92
C6 NAG WB . 1.02 -52.22 -18.17
C7 NAG WB . 3.00 -46.61 -21.20
C8 NAG WB . 4.32 -47.26 -20.93
N2 NAG WB . 1.93 -47.30 -20.81
O3 NAG WB . 1.98 -49.71 -22.30
O4 NAG WB . 0.79 -51.99 -21.07
O5 NAG WB . 1.55 -49.87 -18.17
O6 NAG WB . 2.41 -52.58 -18.06
O7 NAG WB . 2.89 -45.52 -21.74
C1 NAG XB . 14.02 -56.12 -2.76
C2 NAG XB . 14.99 -56.17 -1.59
C3 NAG XB . 16.32 -56.77 -2.03
C4 NAG XB . 16.06 -58.14 -2.62
C5 NAG XB . 15.06 -58.04 -3.76
C6 NAG XB . 14.75 -59.40 -4.35
C7 NAG XB . 14.93 -54.57 0.24
C8 NAG XB . 14.79 -53.78 1.50
N2 NAG XB . 15.22 -54.84 -1.03
O3 NAG XB . 17.20 -56.88 -0.91
O4 NAG XB . 17.28 -58.70 -3.11
O5 NAG XB . 13.85 -57.43 -3.29
O6 NAG XB . 14.19 -60.25 -3.34
O7 NAG XB . 15.37 -53.48 -0.13
C1 NAG YB . -16.14 -53.47 1.75
C2 NAG YB . -16.40 -52.12 1.07
C3 NAG YB . -17.53 -51.41 1.79
C4 NAG YB . -18.76 -52.30 1.78
C5 NAG YB . -18.42 -53.63 2.43
C6 NAG YB . -19.62 -54.58 2.40
C7 NAG YB . -14.64 -50.88 -0.03
C8 NAG YB . -13.40 -50.04 0.15
N2 NAG YB . -15.21 -51.31 1.09
O3 NAG YB . -17.84 -50.18 1.10
O4 NAG YB . -19.83 -51.67 2.50
O5 NAG YB . -17.33 -54.25 1.75
O6 NAG YB . -19.28 -55.82 3.03
O7 NAG YB . -15.09 -51.15 -1.13
#